data_1E79
#
_entry.id   1E79
#
_cell.length_a   267.200
_cell.length_b   107.200
_cell.length_c   135.900
_cell.angle_alpha   90.00
_cell.angle_beta   90.00
_cell.angle_gamma   90.00
#
_symmetry.space_group_name_H-M   'P 21 21 21'
#
loop_
_entity.id
_entity.type
_entity.pdbx_description
1 polymer 'ATP SYNTHASE ALPHA CHAIN HEART ISOFORM'
2 polymer 'ATP SYNTHASE BETA CHAIN'
3 polymer 'ATP SYNTHASE GAMMA CHAIN'
4 polymer 'ATP SYNTHASE DELTA CHAIN'
5 polymer 'ATP SYNTHASE EPSILON CHAIN'
6 non-polymer "ADENOSINE-5'-TRIPHOSPHATE"
7 non-polymer 'MAGNESIUM ION'
8 non-polymer "ADENOSINE-5'-DIPHOSPHATE"
9 non-polymer GLYCEROL
10 non-polymer DICYCLOHEXYLUREA
11 non-polymer 'SULFATE ION'
12 water water
#
loop_
_entity_poly.entity_id
_entity_poly.type
_entity_poly.pdbx_seq_one_letter_code
_entity_poly.pdbx_strand_id
1 'polypeptide(L)'
;QKTGTAEVSSILEERILGADTSVDLEETGRVLSIGDGIARVHGLRNVQAEEMVEFSSGLKGMSLNLEPDNVGVVVFGNDK
LIKEGDIVKRTGAIVDVPVGEELLGRVVDALGNAIDGKGPIGSKARRRVGLKAPGIIPRISVREPMQTGIKAVDSLVPIG
RGQRELIIGDRQTGKTSIAIDTIINQKRFNDGTDEKKKLYCIYVAIGQKRSTVAQLVKRLTDADAMKYTIVVSATASDAA
PLQYLAPYSGCSMGEYFRDNGKHALIIYDDLSKQAVAYRQMSLLLRRPPGREAYPGDVFYLHSRLLERAAKMNDAFGGGS
LTALPVIETQAGDVSAYIPTNVISITDGQIFLETELFYKGIRPAINVGLSVSRVGSAAQTRAMKQVAGTMKLELAQYREV
AAFAQFGSDLDAATQQLLSRGVRLTELLKQGQYSPMAIEEQVAVIYAGVRGYLDKLEPSKITKFENAFLSHVISQHQALL
GKIRTDGKISEESDAKLKEIVTNFLAGFEA
;
A,B,C
2 'polypeptide(L)'
;AAQASPSPKAGATTGRIVAVIGAVVDVQFDEGLPPILNALEVQGRETRLVLEVAQHLGESTVRTIAMDGTEGLVRGQKVL
DSGAPIRIPVGPETLGRIMNVIGEPIDERGPIKTKQFAAIHAEAPEFVEMSVEQEILVTGIKVVDLLAPYAKGGKIGLFG
GAGVGKTVLIMELINNVAKAHGGYSVFAGVGERTREGNDLYHEMIESGVINLKDATSKVALVYGQMNEPPGARARVALTG
LTVAEYFRDQEGQDVLLFIDNIFRFTQAGSEVSALLGRIPSAVGYQPTLATDMGTMQERITTTKKGSITSVQAIYVPADD
LTDPAPATTFAHLDATTVLSRAIAELGIYPAVDPLDSTSRIMDPNIVGSEHYDVARGVQKILQDYKSLQDIIAILGMDEL
SEEDKLTVSRARKIQRFLSQPFQVAEVFTGHLGKLVPLKETIKGFQQILAGEYDHLPEQAFYMVGPIEEAVAKADKLAEE
HS
;
D,E,F
3 'polypeptide(L)'
;ATLKDITRRLKSIKNIQKITKSMKMVAAAKYARAERELKPARVYGVGSLALYEKADIKTPEDKKKHLIIGVSSDRGLCGA
IHSSVAKQMKSEAANLAAAGKEVKIIGVGDKIRSILHRTHSDQFLVTFKEVGRRPPTFGDASVIALELLNSGYEFDEGSI
IFNRFRSVISYKTEEKPIFSLDTISSAESMSIYDDIDADVLRNYQEYSLANIIYYSLKESTTSEQSARMTAMDNASKNAS
EMIDKLTLTFNRTRQAVITKELIEIISGAAAL
;
G
4 'polypeptide(L)'
;AEAAAAQAPAAGPGQMSFTFASPTQVFFNSANVRQVDVPTQTGAFGILAAHVPTLQVLRPGLVVVHAEDGTTSKYFVSSG
SVTVNADSSVQLLAEEAVTLDMLDLGAAKANLEKAQSELLGAADEATRAEIQIRIEANEALVKALE
;
H
5 'polypeptide(L)' VAYWRQAGLSYIRYSQICAKAVRDALKTEFKANAMKTSGSTIKIVKVKKE I
#
# COMPACT_ATOMS: atom_id res chain seq x y z
N ALA A 19 -43.41 52.09 8.38
CA ALA A 19 -42.73 53.25 9.00
C ALA A 19 -41.30 53.39 8.49
N ASP A 20 -40.41 53.96 9.30
CA ASP A 20 -39.02 54.11 8.84
C ASP A 20 -38.13 52.99 9.33
N THR A 21 -37.16 52.63 8.51
CA THR A 21 -36.25 51.53 8.80
C THR A 21 -36.98 50.41 9.53
N SER A 22 -38.24 50.23 9.19
CA SER A 22 -39.11 49.24 9.82
C SER A 22 -38.68 47.81 9.54
N VAL A 23 -38.17 47.56 8.35
CA VAL A 23 -37.71 46.27 7.89
C VAL A 23 -38.46 45.09 8.50
N ASP A 24 -39.42 44.58 7.73
CA ASP A 24 -40.13 43.37 8.15
C ASP A 24 -39.12 42.23 8.24
N LEU A 25 -38.71 41.84 9.43
CA LEU A 25 -37.73 40.77 9.57
C LEU A 25 -38.39 39.41 9.41
N GLU A 26 -39.69 39.40 9.21
CA GLU A 26 -40.43 38.15 9.10
C GLU A 26 -40.48 37.58 7.70
N GLU A 27 -40.79 38.39 6.70
CA GLU A 27 -40.91 37.87 5.34
C GLU A 27 -39.82 38.38 4.42
N THR A 28 -38.90 39.18 4.95
CA THR A 28 -37.81 39.72 4.17
C THR A 28 -36.56 39.80 5.04
N GLY A 29 -35.42 39.99 4.38
CA GLY A 29 -34.16 40.08 5.09
C GLY A 29 -33.16 40.94 4.34
N ARG A 30 -31.99 41.11 4.94
CA ARG A 30 -30.93 41.91 4.33
C ARG A 30 -29.61 41.17 4.33
N VAL A 31 -28.95 41.09 3.18
CA VAL A 31 -27.67 40.39 3.09
C VAL A 31 -26.66 40.97 4.07
N LEU A 32 -26.12 40.11 4.93
CA LEU A 32 -25.07 40.51 5.86
C LEU A 32 -23.72 40.35 5.18
N SER A 33 -23.58 39.29 4.39
CA SER A 33 -22.34 39.01 3.67
C SER A 33 -22.63 38.08 2.49
N ILE A 34 -21.79 38.12 1.47
CA ILE A 34 -21.98 37.30 0.28
C ILE A 34 -20.65 36.90 -0.34
N GLY A 35 -20.49 35.61 -0.62
CA GLY A 35 -19.26 35.13 -1.24
C GLY A 35 -19.33 33.63 -1.57
N ASP A 36 -18.66 33.22 -2.63
CA ASP A 36 -18.59 31.84 -3.05
C ASP A 36 -19.95 31.15 -3.10
N GLY A 37 -20.94 31.81 -3.68
CA GLY A 37 -22.28 31.27 -3.86
C GLY A 37 -23.07 31.22 -2.56
N ILE A 38 -22.54 31.84 -1.51
CA ILE A 38 -23.23 31.84 -0.22
C ILE A 38 -23.54 33.26 0.23
N ALA A 39 -24.79 33.50 0.57
CA ALA A 39 -25.21 34.78 1.13
C ALA A 39 -25.73 34.54 2.55
N ARG A 40 -25.12 35.21 3.50
CA ARG A 40 -25.61 35.13 4.90
C ARG A 40 -26.69 36.20 5.03
N VAL A 41 -27.89 35.83 5.46
CA VAL A 41 -28.96 36.83 5.51
C VAL A 41 -29.55 37.04 6.89
N HIS A 42 -29.71 38.32 7.24
CA HIS A 42 -30.33 38.76 8.48
C HIS A 42 -31.84 38.82 8.30
N GLY A 43 -32.62 38.36 9.26
CA GLY A 43 -34.07 38.41 9.18
C GLY A 43 -34.73 37.17 8.65
N LEU A 44 -35.68 37.34 7.72
CA LEU A 44 -36.40 36.20 7.15
C LEU A 44 -36.79 35.24 8.28
N ARG A 45 -37.37 35.77 9.35
CA ARG A 45 -37.71 34.93 10.50
C ARG A 45 -38.68 33.83 10.15
N ASN A 46 -39.50 34.02 9.12
CA ASN A 46 -40.49 33.03 8.77
C ASN A 46 -40.07 32.04 7.69
N VAL A 47 -38.91 32.19 7.05
CA VAL A 47 -38.52 31.24 6.03
C VAL A 47 -38.48 29.82 6.57
N GLN A 48 -38.83 28.87 5.72
CA GLN A 48 -38.75 27.46 6.04
C GLN A 48 -37.42 26.88 5.56
N ALA A 49 -36.94 25.88 6.27
CA ALA A 49 -35.69 25.23 5.84
C ALA A 49 -35.91 24.71 4.42
N GLU A 50 -34.99 24.98 3.51
CA GLU A 50 -35.05 24.52 2.13
C GLU A 50 -35.87 25.43 1.22
N GLU A 51 -36.43 26.53 1.72
CA GLU A 51 -37.29 27.37 0.90
C GLU A 51 -36.53 28.22 -0.11
N MET A 52 -37.12 28.37 -1.30
CA MET A 52 -36.61 29.20 -2.37
C MET A 52 -36.98 30.66 -2.18
N VAL A 53 -35.97 31.50 -1.94
CA VAL A 53 -36.21 32.94 -1.74
C VAL A 53 -35.67 33.71 -2.93
N GLU A 54 -35.88 35.02 -2.97
CA GLU A 54 -35.47 35.80 -4.14
C GLU A 54 -34.75 37.09 -3.77
N PHE A 55 -33.62 37.35 -4.43
CA PHE A 55 -32.81 38.54 -4.22
C PHE A 55 -33.32 39.74 -5.01
N SER A 56 -32.86 40.93 -4.66
CA SER A 56 -33.24 42.16 -5.35
C SER A 56 -33.02 42.05 -6.86
N SER A 57 -31.90 41.47 -7.25
CA SER A 57 -31.51 41.35 -8.65
C SER A 57 -32.41 40.41 -9.42
N GLY A 58 -33.22 39.63 -8.69
CA GLY A 58 -34.11 38.67 -9.35
C GLY A 58 -33.53 37.26 -9.22
N LEU A 59 -32.27 37.15 -8.82
CA LEU A 59 -31.66 35.84 -8.61
C LEU A 59 -32.39 35.03 -7.54
N LYS A 60 -32.46 33.71 -7.73
CA LYS A 60 -33.06 32.81 -6.75
C LYS A 60 -32.00 32.27 -5.79
N GLY A 61 -32.43 31.79 -4.63
CA GLY A 61 -31.55 31.22 -3.63
C GLY A 61 -32.27 30.24 -2.73
N MET A 62 -31.59 29.19 -2.27
CA MET A 62 -32.25 28.24 -1.38
C MET A 62 -31.72 28.36 0.05
N SER A 63 -32.63 28.44 1.01
CA SER A 63 -32.29 28.54 2.42
C SER A 63 -31.94 27.17 2.99
N LEU A 64 -30.66 26.80 2.97
CA LEU A 64 -30.27 25.47 3.43
C LEU A 64 -29.84 25.44 4.89
N ASN A 65 -29.44 26.58 5.42
CA ASN A 65 -29.02 26.67 6.82
C ASN A 65 -29.87 27.72 7.54
N LEU A 66 -30.68 27.30 8.51
CA LEU A 66 -31.42 28.26 9.32
C LEU A 66 -30.69 28.30 10.69
N GLU A 67 -30.03 29.41 10.96
CA GLU A 67 -29.26 29.54 12.21
C GLU A 67 -29.88 30.64 13.06
N PRO A 68 -29.54 30.70 14.32
CA PRO A 68 -30.09 31.67 15.26
C PRO A 68 -30.08 33.09 14.76
N ASP A 69 -28.99 33.58 14.15
CA ASP A 69 -28.94 34.97 13.72
C ASP A 69 -28.68 35.16 12.23
N ASN A 70 -28.94 34.16 11.41
CA ASN A 70 -28.73 34.31 9.97
C ASN A 70 -29.29 33.11 9.23
N VAL A 71 -29.52 33.30 7.94
CA VAL A 71 -29.95 32.23 7.06
C VAL A 71 -28.82 32.08 6.02
N GLY A 72 -28.30 30.88 5.88
CA GLY A 72 -27.25 30.64 4.87
C GLY A 72 -27.98 30.27 3.57
N VAL A 73 -27.89 31.14 2.57
CA VAL A 73 -28.62 30.91 1.33
C VAL A 73 -27.69 30.57 0.18
N VAL A 74 -27.92 29.46 -0.51
CA VAL A 74 -27.08 29.12 -1.66
C VAL A 74 -27.64 29.75 -2.92
N VAL A 75 -26.78 30.43 -3.66
CA VAL A 75 -27.13 31.21 -4.83
C VAL A 75 -27.21 30.47 -6.16
N PHE A 76 -28.35 30.67 -6.84
CA PHE A 76 -28.61 30.11 -8.15
C PHE A 76 -28.16 31.08 -9.24
N GLY A 77 -26.87 31.39 -9.31
CA GLY A 77 -26.35 32.30 -10.31
C GLY A 77 -25.01 32.91 -9.90
N ASN A 78 -24.66 34.02 -10.54
CA ASN A 78 -23.41 34.73 -10.30
C ASN A 78 -23.52 35.64 -9.08
N ASP A 79 -22.67 35.47 -8.08
CA ASP A 79 -22.80 36.30 -6.88
C ASP A 79 -22.45 37.77 -7.14
N LYS A 80 -21.91 38.08 -8.29
CA LYS A 80 -21.59 39.49 -8.61
C LYS A 80 -22.83 40.38 -8.57
N LEU A 81 -24.01 39.81 -8.71
CA LEU A 81 -25.26 40.56 -8.71
C LEU A 81 -25.85 40.74 -7.32
N ILE A 82 -25.14 40.31 -6.29
CA ILE A 82 -25.61 40.42 -4.92
C ILE A 82 -24.59 41.13 -4.03
N LYS A 83 -25.07 42.10 -3.26
CA LYS A 83 -24.16 42.83 -2.38
C LYS A 83 -24.69 42.92 -0.96
N GLU A 84 -23.80 43.33 -0.06
CA GLU A 84 -24.16 43.57 1.33
C GLU A 84 -25.40 44.49 1.34
N GLY A 85 -26.41 44.16 2.12
CA GLY A 85 -27.59 44.96 2.24
C GLY A 85 -28.67 44.73 1.22
N ASP A 86 -28.48 43.82 0.26
CA ASP A 86 -29.54 43.61 -0.73
C ASP A 86 -30.76 42.99 -0.05
N ILE A 87 -31.95 43.40 -0.51
CA ILE A 87 -33.18 42.90 0.08
C ILE A 87 -33.47 41.50 -0.45
N VAL A 88 -33.90 40.61 0.42
CA VAL A 88 -34.22 39.23 0.05
C VAL A 88 -35.65 38.95 0.47
N LYS A 89 -36.45 38.30 -0.38
CA LYS A 89 -37.84 38.09 -0.02
C LYS A 89 -38.33 36.65 -0.17
N ARG A 90 -39.28 36.30 0.68
CA ARG A 90 -40.04 35.07 0.55
C ARG A 90 -41.11 35.39 -0.53
N THR A 91 -41.34 34.52 -1.49
CA THR A 91 -42.34 34.83 -2.51
C THR A 91 -43.42 33.77 -2.58
N GLY A 92 -43.39 32.84 -1.64
CA GLY A 92 -44.39 31.76 -1.63
C GLY A 92 -44.01 30.72 -2.68
N ALA A 93 -42.79 30.81 -3.19
CA ALA A 93 -42.28 29.90 -4.19
C ALA A 93 -42.27 28.44 -3.74
N ILE A 94 -42.33 27.56 -4.73
CA ILE A 94 -42.27 26.12 -4.55
C ILE A 94 -41.22 25.58 -5.52
N VAL A 95 -40.33 24.71 -5.04
CA VAL A 95 -39.32 24.16 -5.94
C VAL A 95 -39.87 22.92 -6.63
N ASP A 96 -40.47 23.15 -7.79
CA ASP A 96 -41.05 22.11 -8.62
C ASP A 96 -40.72 22.33 -10.09
N VAL A 97 -40.96 21.32 -10.91
CA VAL A 97 -40.67 21.41 -12.33
C VAL A 97 -41.87 21.05 -13.19
N PRO A 98 -41.86 21.50 -14.42
CA PRO A 98 -42.86 21.12 -15.41
C PRO A 98 -42.77 19.61 -15.61
N VAL A 99 -43.89 18.96 -15.90
CA VAL A 99 -43.88 17.49 -16.04
C VAL A 99 -44.89 17.10 -17.11
N GLY A 100 -44.80 15.92 -17.70
CA GLY A 100 -45.72 15.48 -18.74
C GLY A 100 -45.02 15.16 -20.05
N GLU A 101 -45.76 14.60 -21.01
CA GLU A 101 -45.21 14.22 -22.30
C GLU A 101 -44.74 15.39 -23.12
N GLU A 102 -45.12 16.61 -22.76
CA GLU A 102 -44.70 17.81 -23.47
C GLU A 102 -43.18 17.99 -23.42
N LEU A 103 -42.55 17.31 -22.46
CA LEU A 103 -41.11 17.41 -22.27
C LEU A 103 -40.34 16.50 -23.22
N LEU A 104 -41.03 15.48 -23.75
CA LEU A 104 -40.39 14.57 -24.69
C LEU A 104 -39.83 15.32 -25.89
N GLY A 105 -38.63 14.98 -26.33
CA GLY A 105 -38.00 15.61 -27.47
C GLY A 105 -37.39 16.97 -27.19
N ARG A 106 -37.36 17.43 -25.94
CA ARG A 106 -36.80 18.74 -25.64
C ARG A 106 -35.56 18.66 -24.75
N VAL A 107 -34.79 19.75 -24.73
CA VAL A 107 -33.64 19.85 -23.84
C VAL A 107 -33.92 20.98 -22.83
N VAL A 108 -33.89 20.65 -21.55
CA VAL A 108 -34.18 21.59 -20.50
C VAL A 108 -33.06 21.73 -19.47
N ASP A 109 -33.09 22.83 -18.72
CA ASP A 109 -32.11 23.09 -17.67
C ASP A 109 -32.55 22.37 -16.38
N ALA A 110 -31.75 22.48 -15.34
CA ALA A 110 -32.09 21.80 -14.09
C ALA A 110 -33.50 22.07 -13.61
N LEU A 111 -34.13 23.18 -13.99
CA LEU A 111 -35.44 23.54 -13.48
C LEU A 111 -36.60 23.45 -14.45
N GLY A 112 -36.46 22.85 -15.61
CA GLY A 112 -37.57 22.72 -16.54
C GLY A 112 -37.56 23.75 -17.66
N ASN A 113 -36.69 24.75 -17.60
CA ASN A 113 -36.59 25.75 -18.63
C ASN A 113 -35.99 25.18 -19.92
N ALA A 114 -36.64 25.46 -21.04
CA ALA A 114 -36.14 25.04 -22.34
C ALA A 114 -34.82 25.76 -22.65
N ILE A 115 -33.83 25.03 -23.14
CA ILE A 115 -32.56 25.64 -23.51
C ILE A 115 -32.21 25.29 -24.96
N ASP A 116 -33.11 24.56 -25.61
CA ASP A 116 -32.89 24.13 -26.99
C ASP A 116 -33.32 25.17 -28.02
N GLY A 117 -33.87 26.30 -27.61
CA GLY A 117 -34.30 27.35 -28.51
C GLY A 117 -35.59 27.07 -29.24
N LYS A 118 -36.39 26.11 -28.77
CA LYS A 118 -37.63 25.75 -29.43
C LYS A 118 -38.87 26.31 -28.77
N GLY A 119 -38.73 27.26 -27.87
CA GLY A 119 -39.87 27.89 -27.21
C GLY A 119 -40.33 27.17 -25.96
N PRO A 120 -41.45 27.62 -25.42
CA PRO A 120 -42.04 27.13 -24.21
C PRO A 120 -42.47 25.67 -24.23
N ILE A 121 -42.25 24.99 -23.10
CA ILE A 121 -42.75 23.62 -22.94
C ILE A 121 -44.25 23.81 -22.68
N GLY A 122 -45.14 23.28 -23.48
CA GLY A 122 -46.57 23.53 -23.24
C GLY A 122 -47.12 22.57 -22.20
N SER A 123 -46.46 22.50 -21.06
CA SER A 123 -46.78 21.59 -19.98
C SER A 123 -48.04 21.94 -19.22
N LYS A 124 -48.89 20.93 -18.97
CA LYS A 124 -50.12 21.12 -18.24
C LYS A 124 -49.93 20.89 -16.74
N ALA A 125 -48.90 20.15 -16.36
CA ALA A 125 -48.69 19.85 -14.95
C ALA A 125 -47.27 20.15 -14.48
N ARG A 126 -47.11 20.23 -13.17
CA ARG A 126 -45.83 20.43 -12.51
C ARG A 126 -45.72 19.46 -11.33
N ARG A 127 -44.53 19.29 -10.80
CA ARG A 127 -44.35 18.40 -9.64
C ARG A 127 -43.15 18.78 -8.80
N ARG A 128 -43.30 18.70 -7.48
CA ARG A 128 -42.19 19.01 -6.58
C ARG A 128 -40.97 18.17 -6.94
N VAL A 129 -39.78 18.75 -6.81
CA VAL A 129 -38.58 17.99 -7.11
C VAL A 129 -38.23 17.12 -5.91
N GLY A 130 -38.66 17.60 -4.73
CA GLY A 130 -38.42 16.88 -3.49
C GLY A 130 -39.68 16.15 -3.04
N LEU A 131 -39.69 14.83 -3.17
CA LEU A 131 -40.82 14.02 -2.74
C LEU A 131 -40.35 12.70 -2.16
N LYS A 132 -41.22 12.10 -1.35
CA LYS A 132 -40.91 10.82 -0.71
C LYS A 132 -41.08 9.70 -1.72
N ALA A 133 -40.18 8.73 -1.71
CA ALA A 133 -40.31 7.58 -2.61
C ALA A 133 -41.45 6.68 -2.14
N PRO A 134 -42.07 5.96 -3.06
CA PRO A 134 -43.10 5.00 -2.75
C PRO A 134 -42.60 4.08 -1.63
N GLY A 135 -43.46 3.78 -0.67
CA GLY A 135 -43.12 2.92 0.45
C GLY A 135 -43.02 1.46 0.04
N ILE A 136 -43.04 0.59 1.04
CA ILE A 136 -42.97 -0.84 0.91
C ILE A 136 -44.20 -1.46 0.26
N ILE A 137 -45.41 -1.04 0.65
CA ILE A 137 -46.64 -1.67 0.21
C ILE A 137 -47.09 -1.54 -1.23
N PRO A 138 -47.05 -0.39 -1.84
CA PRO A 138 -47.54 -0.15 -3.18
C PRO A 138 -46.67 -0.70 -4.29
N ARG A 139 -45.74 -1.59 -3.95
CA ARG A 139 -44.82 -2.12 -4.93
C ARG A 139 -45.01 -3.61 -5.19
N ILE A 140 -44.51 -4.04 -6.36
CA ILE A 140 -44.56 -5.43 -6.78
C ILE A 140 -43.17 -5.81 -7.30
N SER A 141 -42.78 -7.06 -7.09
CA SER A 141 -41.49 -7.57 -7.51
C SER A 141 -41.12 -7.15 -8.93
N VAL A 142 -39.85 -6.88 -9.17
CA VAL A 142 -39.38 -6.49 -10.50
C VAL A 142 -39.41 -7.71 -11.41
N ARG A 143 -40.12 -7.62 -12.54
CA ARG A 143 -40.19 -8.77 -13.42
C ARG A 143 -40.33 -8.46 -14.90
N GLU A 144 -40.36 -7.20 -15.29
CA GLU A 144 -40.45 -6.89 -16.72
C GLU A 144 -39.07 -6.49 -17.24
N PRO A 145 -38.63 -7.11 -18.31
CA PRO A 145 -37.35 -6.83 -18.93
C PRO A 145 -37.21 -5.37 -19.32
N MET A 146 -36.05 -4.80 -19.05
CA MET A 146 -35.73 -3.44 -19.54
C MET A 146 -34.54 -3.68 -20.49
N GLN A 147 -34.85 -4.10 -21.69
CA GLN A 147 -33.82 -4.51 -22.66
C GLN A 147 -32.90 -3.39 -23.07
N THR A 148 -31.60 -3.60 -22.84
CA THR A 148 -30.62 -2.58 -23.24
C THR A 148 -30.25 -2.77 -24.71
N GLY A 149 -30.36 -4.00 -25.21
CA GLY A 149 -29.98 -4.29 -26.59
C GLY A 149 -28.50 -4.65 -26.66
N ILE A 150 -27.83 -4.63 -25.50
CA ILE A 150 -26.42 -4.98 -25.40
C ILE A 150 -26.31 -6.41 -24.88
N LYS A 151 -25.71 -7.29 -25.66
CA LYS A 151 -25.59 -8.70 -25.32
C LYS A 151 -25.04 -8.99 -23.93
N ALA A 152 -23.88 -8.45 -23.61
CA ALA A 152 -23.25 -8.71 -22.31
C ALA A 152 -24.20 -8.39 -21.15
N VAL A 153 -24.96 -7.31 -21.30
CA VAL A 153 -25.88 -6.89 -20.26
C VAL A 153 -27.19 -7.67 -20.26
N ASP A 154 -27.88 -7.73 -21.39
CA ASP A 154 -29.18 -8.42 -21.41
C ASP A 154 -29.05 -9.88 -21.03
N SER A 155 -27.86 -10.46 -21.22
CA SER A 155 -27.68 -11.87 -20.91
C SER A 155 -27.04 -12.14 -19.57
N LEU A 156 -26.00 -11.39 -19.19
CA LEU A 156 -25.28 -11.69 -17.95
C LEU A 156 -25.49 -10.70 -16.83
N VAL A 157 -26.03 -9.52 -17.07
CA VAL A 157 -26.34 -8.55 -16.02
C VAL A 157 -27.69 -7.90 -16.32
N PRO A 158 -28.74 -8.68 -16.42
CA PRO A 158 -30.07 -8.29 -16.80
C PRO A 158 -30.74 -7.27 -15.91
N ILE A 159 -31.37 -6.27 -16.54
CA ILE A 159 -32.11 -5.23 -15.86
C ILE A 159 -33.62 -5.43 -16.05
N GLY A 160 -34.37 -5.20 -14.99
CA GLY A 160 -35.83 -5.27 -15.02
C GLY A 160 -36.42 -3.88 -14.78
N ARG A 161 -37.66 -3.67 -15.22
CA ARG A 161 -38.31 -2.38 -15.05
C ARG A 161 -38.57 -2.09 -13.58
N GLY A 162 -37.94 -1.04 -13.06
CA GLY A 162 -38.11 -0.69 -11.66
C GLY A 162 -36.81 -0.90 -10.86
N GLN A 163 -35.85 -1.51 -11.52
CA GLN A 163 -34.54 -1.79 -10.92
C GLN A 163 -33.66 -0.54 -10.91
N ARG A 164 -32.67 -0.55 -10.03
CA ARG A 164 -31.62 0.45 -9.99
C ARG A 164 -30.29 -0.31 -10.23
N GLU A 165 -29.76 -0.17 -11.43
CA GLU A 165 -28.49 -0.81 -11.79
C GLU A 165 -27.45 0.29 -12.04
N LEU A 166 -26.30 0.20 -11.42
CA LEU A 166 -25.25 1.22 -11.57
C LEU A 166 -24.28 0.93 -12.72
N ILE A 167 -23.89 1.98 -13.44
CA ILE A 167 -22.87 1.92 -14.46
C ILE A 167 -21.60 2.52 -13.84
N ILE A 168 -20.58 1.71 -13.59
CA ILE A 168 -19.40 2.25 -12.88
C ILE A 168 -18.10 1.86 -13.54
N GLY A 169 -17.14 2.77 -13.57
CA GLY A 169 -15.83 2.57 -14.14
C GLY A 169 -15.00 3.85 -14.18
N ASP A 170 -13.73 3.73 -14.56
CA ASP A 170 -12.86 4.89 -14.68
C ASP A 170 -13.25 5.75 -15.89
N ARG A 171 -12.64 6.93 -15.95
CA ARG A 171 -12.90 7.87 -17.03
C ARG A 171 -12.69 7.18 -18.38
N GLN A 172 -13.50 7.50 -19.37
CA GLN A 172 -13.32 7.01 -20.73
C GLN A 172 -13.37 5.51 -20.88
N THR A 173 -14.13 4.80 -20.04
CA THR A 173 -14.23 3.35 -20.16
C THR A 173 -15.49 2.92 -20.88
N GLY A 174 -16.35 3.83 -21.32
CA GLY A 174 -17.55 3.51 -22.06
C GLY A 174 -18.86 3.60 -21.31
N LYS A 175 -18.87 4.30 -20.18
CA LYS A 175 -20.08 4.39 -19.35
C LYS A 175 -21.24 5.06 -20.05
N THR A 176 -21.03 6.26 -20.61
CA THR A 176 -22.15 6.94 -21.28
C THR A 176 -22.68 6.13 -22.45
N SER A 177 -21.78 5.51 -23.22
CA SER A 177 -22.19 4.71 -24.37
C SER A 177 -23.18 3.63 -23.98
N ILE A 178 -23.00 3.01 -22.81
CA ILE A 178 -23.94 1.98 -22.35
C ILE A 178 -25.35 2.59 -22.27
N ALA A 179 -25.43 3.78 -21.71
CA ALA A 179 -26.68 4.47 -21.50
C ALA A 179 -27.32 4.88 -22.82
N ILE A 180 -26.54 5.42 -23.73
CA ILE A 180 -27.03 5.85 -25.04
C ILE A 180 -27.52 4.71 -25.90
N ASP A 181 -26.80 3.59 -25.94
CA ASP A 181 -27.27 2.43 -26.71
C ASP A 181 -28.58 1.90 -26.15
N THR A 182 -28.74 2.00 -24.84
CA THR A 182 -29.97 1.58 -24.16
C THR A 182 -31.13 2.48 -24.57
N ILE A 183 -30.89 3.79 -24.65
CA ILE A 183 -31.92 4.73 -25.07
C ILE A 183 -32.32 4.45 -26.54
N ILE A 184 -31.32 4.28 -27.38
CA ILE A 184 -31.55 4.02 -28.80
C ILE A 184 -32.32 2.73 -29.03
N ASN A 185 -32.09 1.73 -28.19
CA ASN A 185 -32.76 0.45 -28.30
C ASN A 185 -34.26 0.51 -28.11
N GLN A 186 -34.76 1.47 -27.35
CA GLN A 186 -36.19 1.48 -27.04
C GLN A 186 -37.08 1.78 -28.22
N LYS A 187 -36.52 2.39 -29.26
CA LYS A 187 -37.28 2.75 -30.45
C LYS A 187 -38.07 1.58 -31.02
N ARG A 188 -37.50 0.39 -30.92
CA ARG A 188 -38.14 -0.81 -31.43
C ARG A 188 -39.45 -1.09 -30.70
N PHE A 189 -39.57 -0.59 -29.46
CA PHE A 189 -40.81 -0.81 -28.71
C PHE A 189 -41.73 0.41 -28.85
N ASN A 190 -41.13 1.59 -28.82
CA ASN A 190 -41.88 2.82 -28.94
C ASN A 190 -42.51 2.98 -30.31
N ASP A 191 -42.00 2.29 -31.33
CA ASP A 191 -42.59 2.35 -32.67
C ASP A 191 -43.54 1.16 -32.88
N GLY A 192 -43.62 0.28 -31.90
CA GLY A 192 -44.49 -0.90 -31.97
C GLY A 192 -45.90 -0.55 -31.53
N THR A 193 -46.74 -1.57 -31.34
CA THR A 193 -48.13 -1.36 -30.94
C THR A 193 -48.41 -1.78 -29.50
N ASP A 194 -47.63 -2.72 -28.99
CA ASP A 194 -47.81 -3.18 -27.60
C ASP A 194 -47.34 -2.08 -26.65
N GLU A 195 -48.24 -1.20 -26.26
CA GLU A 195 -47.88 -0.07 -25.40
C GLU A 195 -47.27 -0.47 -24.08
N LYS A 196 -47.42 -1.72 -23.68
CA LYS A 196 -46.87 -2.19 -22.41
C LYS A 196 -45.34 -2.18 -22.44
N LYS A 197 -44.78 -2.45 -23.61
CA LYS A 197 -43.32 -2.50 -23.73
C LYS A 197 -42.74 -1.11 -24.00
N LYS A 198 -43.58 -0.11 -24.15
CA LYS A 198 -43.07 1.25 -24.40
C LYS A 198 -42.24 1.73 -23.22
N LEU A 199 -41.23 2.55 -23.50
CA LEU A 199 -40.36 3.04 -22.44
C LEU A 199 -39.85 4.45 -22.72
N TYR A 200 -40.26 5.41 -21.90
CA TYR A 200 -39.80 6.78 -22.03
C TYR A 200 -38.47 6.94 -21.32
N CYS A 201 -37.60 7.75 -21.92
CA CYS A 201 -36.24 7.91 -21.43
C CYS A 201 -35.96 9.32 -20.96
N ILE A 202 -35.19 9.40 -19.88
CA ILE A 202 -34.76 10.67 -19.32
C ILE A 202 -33.26 10.59 -19.07
N TYR A 203 -32.52 11.45 -19.77
CA TYR A 203 -31.06 11.49 -19.61
C TYR A 203 -30.70 12.75 -18.83
N VAL A 204 -30.13 12.58 -17.64
CA VAL A 204 -29.76 13.74 -16.83
C VAL A 204 -28.27 14.04 -16.94
N ALA A 205 -27.90 15.20 -17.49
CA ALA A 205 -26.48 15.56 -17.58
C ALA A 205 -26.13 16.42 -16.36
N ILE A 206 -25.02 16.10 -15.72
CA ILE A 206 -24.60 16.80 -14.51
C ILE A 206 -23.12 17.14 -14.55
N GLY A 207 -22.76 18.42 -14.69
CA GLY A 207 -21.37 18.85 -14.69
C GLY A 207 -20.64 18.65 -15.99
N GLN A 208 -21.31 18.22 -17.05
CA GLN A 208 -20.65 18.00 -18.34
C GLN A 208 -20.46 19.34 -19.07
N LYS A 209 -19.67 19.36 -20.13
CA LYS A 209 -19.54 20.61 -20.91
C LYS A 209 -20.62 20.64 -21.98
N ARG A 210 -21.05 21.82 -22.37
CA ARG A 210 -22.13 22.00 -23.32
C ARG A 210 -21.92 21.35 -24.67
N SER A 211 -20.73 21.40 -25.25
CA SER A 211 -20.56 20.75 -26.57
C SER A 211 -20.75 19.25 -26.50
N THR A 212 -20.34 18.62 -25.40
CA THR A 212 -20.52 17.18 -25.22
C THR A 212 -22.00 16.82 -25.20
N VAL A 213 -22.80 17.64 -24.51
CA VAL A 213 -24.23 17.35 -24.44
C VAL A 213 -24.88 17.56 -25.80
N ALA A 214 -24.38 18.52 -26.58
CA ALA A 214 -24.95 18.77 -27.90
C ALA A 214 -24.58 17.64 -28.84
N GLN A 215 -23.39 17.06 -28.64
CA GLN A 215 -23.00 15.89 -29.45
C GLN A 215 -23.98 14.77 -29.14
N LEU A 216 -24.21 14.63 -27.85
CA LEU A 216 -25.08 13.61 -27.28
C LEU A 216 -26.46 13.69 -27.92
N VAL A 217 -27.06 14.89 -27.90
CA VAL A 217 -28.39 15.05 -28.48
C VAL A 217 -28.38 14.80 -29.99
N LYS A 218 -27.30 15.21 -30.66
CA LYS A 218 -27.17 14.98 -32.10
C LYS A 218 -27.32 13.49 -32.38
N ARG A 219 -26.61 12.70 -31.58
CA ARG A 219 -26.65 11.25 -31.69
C ARG A 219 -28.08 10.74 -31.56
N LEU A 220 -28.70 11.10 -30.44
CA LEU A 220 -30.06 10.67 -30.16
C LEU A 220 -31.00 11.14 -31.27
N THR A 221 -30.75 12.34 -31.77
CA THR A 221 -31.55 12.88 -32.86
C THR A 221 -31.33 12.07 -34.15
N ASP A 222 -30.09 11.76 -34.49
CA ASP A 222 -29.81 11.00 -35.70
C ASP A 222 -30.29 9.56 -35.60
N ALA A 223 -30.44 9.07 -34.37
CA ALA A 223 -30.93 7.71 -34.16
C ALA A 223 -32.46 7.73 -34.03
N ASP A 224 -33.00 8.94 -34.11
CA ASP A 224 -34.44 9.15 -33.97
C ASP A 224 -34.95 8.78 -32.59
N ALA A 225 -34.10 8.94 -31.57
CA ALA A 225 -34.50 8.61 -30.21
C ALA A 225 -34.96 9.84 -29.43
N MET A 226 -34.66 11.05 -29.89
CA MET A 226 -35.07 12.23 -29.14
C MET A 226 -36.58 12.30 -28.90
N LYS A 227 -37.40 11.91 -29.86
CA LYS A 227 -38.84 12.03 -29.76
C LYS A 227 -39.44 11.44 -28.50
N TYR A 228 -38.77 10.50 -27.87
CA TYR A 228 -39.26 9.87 -26.65
C TYR A 228 -38.28 10.05 -25.50
N THR A 229 -37.36 11.01 -25.65
CA THR A 229 -36.38 11.27 -24.61
C THR A 229 -36.45 12.72 -24.12
N ILE A 230 -36.18 12.90 -22.84
CA ILE A 230 -36.11 14.22 -22.22
C ILE A 230 -34.64 14.42 -21.80
N VAL A 231 -34.01 15.49 -22.24
CA VAL A 231 -32.62 15.73 -21.84
C VAL A 231 -32.62 16.84 -20.79
N VAL A 232 -32.22 16.52 -19.57
CA VAL A 232 -32.17 17.52 -18.48
C VAL A 232 -30.69 17.84 -18.24
N SER A 233 -30.30 19.09 -18.41
CA SER A 233 -28.88 19.40 -18.32
C SER A 233 -28.50 20.54 -17.41
N ALA A 234 -27.60 20.24 -16.50
CA ALA A 234 -27.01 21.21 -15.57
C ALA A 234 -25.48 21.13 -15.76
N THR A 235 -24.99 21.90 -16.72
CA THR A 235 -23.60 21.81 -17.14
C THR A 235 -22.57 22.45 -16.22
N ALA A 236 -21.30 22.29 -16.59
CA ALA A 236 -20.16 22.70 -15.81
C ALA A 236 -20.13 24.15 -15.37
N SER A 237 -20.72 25.07 -16.13
CA SER A 237 -20.72 26.47 -15.73
C SER A 237 -22.01 26.80 -14.99
N ASP A 238 -22.87 25.79 -14.77
CA ASP A 238 -24.08 26.06 -13.99
C ASP A 238 -23.71 26.07 -12.50
N ALA A 239 -24.33 26.95 -11.73
CA ALA A 239 -24.07 27.04 -10.30
C ALA A 239 -24.31 25.71 -9.59
N ALA A 240 -23.53 25.44 -8.56
CA ALA A 240 -23.61 24.19 -7.82
C ALA A 240 -25.02 23.75 -7.49
N PRO A 241 -25.83 24.60 -6.91
CA PRO A 241 -27.19 24.30 -6.51
C PRO A 241 -28.00 23.66 -7.64
N LEU A 242 -27.90 24.22 -8.84
CA LEU A 242 -28.60 23.65 -9.99
C LEU A 242 -28.11 22.25 -10.32
N GLN A 243 -26.80 22.02 -10.22
CA GLN A 243 -26.26 20.68 -10.46
C GLN A 243 -26.76 19.73 -9.39
N TYR A 244 -27.10 20.31 -8.24
CA TYR A 244 -27.60 19.54 -7.11
C TYR A 244 -29.03 19.07 -7.31
N LEU A 245 -29.88 19.90 -7.91
CA LEU A 245 -31.27 19.57 -8.13
C LEU A 245 -31.53 18.71 -9.36
N ALA A 246 -30.79 18.96 -10.42
CA ALA A 246 -30.95 18.30 -11.70
C ALA A 246 -31.45 16.88 -11.62
N PRO A 247 -30.78 16.03 -10.88
CA PRO A 247 -31.14 14.62 -10.73
C PRO A 247 -32.53 14.46 -10.18
N TYR A 248 -32.91 15.29 -9.20
CA TYR A 248 -34.25 15.18 -8.61
C TYR A 248 -35.32 15.72 -9.55
N SER A 249 -34.96 16.67 -10.41
CA SER A 249 -35.89 17.20 -11.39
C SER A 249 -36.24 16.15 -12.44
N GLY A 250 -35.20 15.51 -13.00
CA GLY A 250 -35.45 14.44 -13.96
C GLY A 250 -36.24 13.33 -13.28
N CYS A 251 -35.89 13.04 -12.02
CA CYS A 251 -36.60 11.99 -11.29
C CYS A 251 -38.11 12.28 -11.28
N SER A 252 -38.47 13.51 -10.90
CA SER A 252 -39.87 13.89 -10.85
C SER A 252 -40.53 13.84 -12.21
N MET A 253 -39.76 14.05 -13.29
CA MET A 253 -40.32 13.96 -14.63
C MET A 253 -40.62 12.50 -14.99
N GLY A 254 -39.79 11.61 -14.43
CA GLY A 254 -39.96 10.18 -14.70
C GLY A 254 -41.09 9.62 -13.86
N GLU A 255 -41.28 10.20 -12.68
CA GLU A 255 -42.31 9.74 -11.75
C GLU A 255 -43.70 9.99 -12.32
N TYR A 256 -43.79 10.95 -13.23
CA TYR A 256 -45.06 11.25 -13.90
C TYR A 256 -45.51 10.00 -14.65
N PHE A 257 -44.57 9.41 -15.41
CA PHE A 257 -44.87 8.19 -16.15
C PHE A 257 -45.12 7.04 -15.17
N ARG A 258 -44.19 6.84 -14.25
CA ARG A 258 -44.31 5.77 -13.26
C ARG A 258 -45.69 5.73 -12.63
N ASP A 259 -46.21 6.87 -12.19
CA ASP A 259 -47.48 6.93 -11.49
C ASP A 259 -48.70 6.96 -12.40
N ASN A 260 -48.53 7.08 -13.72
CA ASN A 260 -49.68 7.10 -14.61
C ASN A 260 -49.71 5.91 -15.55
N GLY A 261 -49.35 4.73 -15.04
CA GLY A 261 -49.40 3.50 -15.77
C GLY A 261 -48.43 3.36 -16.92
N LYS A 262 -47.35 4.14 -16.95
CA LYS A 262 -46.36 4.02 -18.01
C LYS A 262 -44.99 3.71 -17.40
N HIS A 263 -44.00 3.52 -18.27
CA HIS A 263 -42.65 3.19 -17.86
C HIS A 263 -41.60 4.19 -18.31
N ALA A 264 -40.75 4.60 -17.37
CA ALA A 264 -39.68 5.53 -17.69
C ALA A 264 -38.32 4.95 -17.26
N LEU A 265 -37.30 5.41 -17.96
CA LEU A 265 -35.92 5.05 -17.73
C LEU A 265 -35.14 6.34 -17.50
N ILE A 266 -34.50 6.46 -16.35
CA ILE A 266 -33.75 7.69 -16.07
C ILE A 266 -32.27 7.38 -15.96
N ILE A 267 -31.44 8.25 -16.53
CA ILE A 267 -29.99 8.07 -16.49
C ILE A 267 -29.33 9.24 -15.77
N TYR A 268 -28.56 8.96 -14.72
CA TYR A 268 -27.88 10.02 -13.98
C TYR A 268 -26.38 9.99 -14.29
N ASP A 269 -25.96 10.83 -15.23
CA ASP A 269 -24.57 10.86 -15.69
C ASP A 269 -23.87 12.17 -15.34
N ASP A 270 -23.14 12.20 -14.23
CA ASP A 270 -22.98 11.09 -13.31
C ASP A 270 -23.24 11.57 -11.88
N LEU A 271 -23.35 10.67 -10.92
CA LEU A 271 -23.65 11.11 -9.55
C LEU A 271 -22.37 11.57 -8.86
N SER A 272 -21.24 11.23 -9.47
CA SER A 272 -19.95 11.67 -8.97
C SER A 272 -19.86 13.20 -8.97
N LYS A 273 -20.35 13.80 -10.05
CA LYS A 273 -20.28 15.26 -10.19
C LYS A 273 -21.35 15.95 -9.35
N GLN A 274 -22.48 15.26 -9.16
CA GLN A 274 -23.53 15.82 -8.30
C GLN A 274 -23.01 15.90 -6.87
N ALA A 275 -22.37 14.83 -6.41
CA ALA A 275 -21.83 14.81 -5.04
C ALA A 275 -20.78 15.89 -4.87
N VAL A 276 -20.01 16.19 -5.93
CA VAL A 276 -18.99 17.23 -5.82
C VAL A 276 -19.61 18.61 -5.60
N ALA A 277 -20.71 18.88 -6.28
CA ALA A 277 -21.41 20.16 -6.13
C ALA A 277 -22.04 20.27 -4.75
N TYR A 278 -22.70 19.21 -4.30
CA TYR A 278 -23.27 19.19 -2.95
C TYR A 278 -22.18 19.42 -1.90
N ARG A 279 -21.00 18.82 -2.13
CA ARG A 279 -19.89 19.02 -1.20
C ARG A 279 -19.49 20.48 -1.18
N GLN A 280 -19.42 21.10 -2.36
CA GLN A 280 -19.02 22.50 -2.42
C GLN A 280 -19.87 23.34 -1.48
N MET A 281 -21.18 23.24 -1.63
CA MET A 281 -22.15 23.95 -0.84
C MET A 281 -22.07 23.63 0.66
N SER A 282 -21.79 22.37 1.00
CA SER A 282 -21.73 22.01 2.42
C SER A 282 -20.49 22.61 3.08
N LEU A 283 -19.35 22.49 2.40
CA LEU A 283 -18.10 23.03 2.94
C LEU A 283 -18.18 24.55 3.12
N LEU A 284 -18.82 25.23 2.17
CA LEU A 284 -18.93 26.68 2.23
C LEU A 284 -20.00 27.14 3.21
N LEU A 285 -20.91 26.24 3.57
CA LEU A 285 -21.90 26.59 4.60
C LEU A 285 -21.30 26.23 5.96
N ARG A 286 -20.11 25.65 5.86
CA ARG A 286 -19.29 25.24 6.98
C ARG A 286 -19.85 24.07 7.77
N ARG A 287 -20.50 23.15 7.09
CA ARG A 287 -20.94 21.90 7.74
C ARG A 287 -19.70 21.03 7.88
N PRO A 288 -19.64 20.19 8.88
CA PRO A 288 -18.50 19.34 9.17
C PRO A 288 -18.11 18.46 8.00
N PRO A 289 -16.83 18.46 7.68
CA PRO A 289 -16.22 17.67 6.63
C PRO A 289 -15.84 16.28 7.14
N GLY A 290 -16.05 15.27 6.30
CA GLY A 290 -15.70 13.90 6.66
C GLY A 290 -14.75 13.31 5.61
N ARG A 291 -14.88 12.01 5.35
CA ARG A 291 -14.06 11.32 4.39
C ARG A 291 -14.08 12.02 3.02
N GLU A 292 -12.90 12.33 2.51
CA GLU A 292 -12.76 13.01 1.22
C GLU A 292 -13.46 14.37 1.25
N ALA A 293 -13.68 14.87 2.46
CA ALA A 293 -14.30 16.15 2.72
C ALA A 293 -15.79 16.18 2.45
N TYR A 294 -16.43 15.04 2.22
CA TYR A 294 -17.87 15.00 2.02
C TYR A 294 -18.60 15.13 3.36
N PRO A 295 -19.80 15.65 3.33
CA PRO A 295 -20.65 15.83 4.49
C PRO A 295 -21.24 14.48 4.89
N GLY A 296 -21.66 14.37 6.14
CA GLY A 296 -22.20 13.11 6.63
C GLY A 296 -23.52 12.74 6.00
N ASP A 297 -24.13 13.65 5.26
CA ASP A 297 -25.40 13.38 4.60
C ASP A 297 -25.29 13.11 3.11
N VAL A 298 -24.10 12.90 2.56
CA VAL A 298 -23.95 12.62 1.15
C VAL A 298 -24.50 11.25 0.76
N PHE A 299 -24.54 10.31 1.69
CA PHE A 299 -25.11 8.99 1.37
C PHE A 299 -26.62 9.14 1.20
N TYR A 300 -27.20 9.86 2.16
CA TYR A 300 -28.61 10.18 2.24
C TYR A 300 -29.07 10.91 0.98
N LEU A 301 -28.16 11.72 0.45
CA LEU A 301 -28.36 12.45 -0.79
C LEU A 301 -28.72 11.51 -1.95
N HIS A 302 -27.91 10.47 -2.12
CA HIS A 302 -28.15 9.50 -3.18
C HIS A 302 -29.20 8.47 -2.86
N SER A 303 -29.33 8.04 -1.61
CA SER A 303 -30.30 7.02 -1.23
C SER A 303 -31.74 7.46 -1.42
N ARG A 304 -32.05 8.72 -1.11
CA ARG A 304 -33.44 9.16 -1.31
C ARG A 304 -33.74 9.37 -2.79
N LEU A 305 -32.69 9.60 -3.59
CA LEU A 305 -32.86 9.78 -5.03
C LEU A 305 -33.17 8.44 -5.71
N LEU A 306 -32.35 7.43 -5.43
CA LEU A 306 -32.51 6.13 -6.06
C LEU A 306 -33.65 5.29 -5.56
N GLU A 307 -34.16 5.53 -4.35
CA GLU A 307 -35.32 4.76 -3.87
C GLU A 307 -36.56 5.19 -4.64
N ARG A 308 -36.53 6.41 -5.22
CA ARG A 308 -37.69 6.86 -5.97
C ARG A 308 -37.90 6.04 -7.23
N ALA A 309 -36.88 5.30 -7.66
CA ALA A 309 -37.08 4.35 -8.77
C ALA A 309 -37.86 3.16 -8.22
N ALA A 310 -38.87 2.68 -8.92
CA ALA A 310 -39.65 1.56 -8.38
C ALA A 310 -40.65 0.96 -9.37
N LYS A 311 -41.12 -0.22 -9.02
CA LYS A 311 -42.12 -0.95 -9.77
C LYS A 311 -43.42 -0.98 -8.98
N MET A 312 -44.44 -0.26 -9.47
CA MET A 312 -45.72 -0.18 -8.77
C MET A 312 -46.60 -1.41 -9.00
N ASN A 313 -47.52 -1.64 -8.08
CA ASN A 313 -48.47 -2.74 -8.23
C ASN A 313 -49.63 -2.32 -9.15
N ASP A 314 -50.58 -3.23 -9.37
CA ASP A 314 -51.72 -2.96 -10.24
C ASP A 314 -52.58 -1.83 -9.68
N ALA A 315 -52.90 -1.90 -8.40
CA ALA A 315 -53.74 -0.88 -7.76
C ALA A 315 -53.15 0.51 -7.94
N PHE A 316 -51.86 0.59 -8.26
CA PHE A 316 -51.24 1.91 -8.44
C PHE A 316 -51.02 2.25 -9.89
N GLY A 317 -51.47 1.36 -10.78
CA GLY A 317 -51.38 1.61 -12.21
C GLY A 317 -50.39 0.71 -12.91
N GLY A 318 -49.57 -0.01 -12.14
CA GLY A 318 -48.60 -0.92 -12.72
C GLY A 318 -47.40 -0.23 -13.36
N GLY A 319 -47.34 1.10 -13.37
CA GLY A 319 -46.24 1.83 -13.96
C GLY A 319 -44.90 1.52 -13.32
N SER A 320 -43.83 2.13 -13.84
CA SER A 320 -42.50 1.89 -13.30
C SER A 320 -41.52 3.00 -13.67
N LEU A 321 -40.39 2.97 -12.97
CA LEU A 321 -39.29 3.90 -13.20
C LEU A 321 -37.98 3.19 -12.89
N THR A 322 -37.19 2.97 -13.92
CA THR A 322 -35.92 2.28 -13.84
C THR A 322 -34.76 3.26 -13.83
N ALA A 323 -33.76 3.03 -12.97
CA ALA A 323 -32.66 3.97 -12.90
C ALA A 323 -31.30 3.41 -13.26
N LEU A 324 -30.55 4.20 -14.03
CA LEU A 324 -29.18 3.84 -14.37
C LEU A 324 -28.21 4.94 -13.97
N PRO A 325 -27.91 5.01 -12.69
CA PRO A 325 -26.95 5.95 -12.14
C PRO A 325 -25.56 5.67 -12.70
N VAL A 326 -24.74 6.69 -12.85
CA VAL A 326 -23.38 6.51 -13.32
C VAL A 326 -22.39 7.06 -12.30
N ILE A 327 -21.35 6.29 -12.02
CA ILE A 327 -20.30 6.72 -11.08
C ILE A 327 -18.95 6.63 -11.78
N GLU A 328 -18.12 7.65 -11.61
CA GLU A 328 -16.77 7.61 -12.16
C GLU A 328 -15.78 7.24 -11.06
N THR A 329 -15.06 6.14 -11.24
CA THR A 329 -14.06 5.75 -10.26
C THR A 329 -12.72 6.38 -10.69
N GLN A 330 -11.75 6.35 -9.77
CA GLN A 330 -10.43 6.90 -10.06
C GLN A 330 -9.44 5.74 -9.95
N ALA A 331 -8.74 5.42 -11.04
CA ALA A 331 -7.78 4.32 -10.95
C ALA A 331 -8.42 3.07 -10.39
N GLY A 332 -9.62 2.75 -10.85
CA GLY A 332 -10.35 1.56 -10.52
C GLY A 332 -10.62 1.32 -9.05
N ASP A 333 -10.68 2.35 -8.22
CA ASP A 333 -10.93 2.17 -6.80
C ASP A 333 -12.42 2.17 -6.48
N VAL A 334 -13.05 1.00 -6.54
CA VAL A 334 -14.47 0.92 -6.23
C VAL A 334 -14.73 1.06 -4.74
N SER A 335 -13.68 1.13 -3.93
CA SER A 335 -13.86 1.25 -2.48
C SER A 335 -13.74 2.69 -2.01
N ALA A 336 -13.71 3.61 -2.96
CA ALA A 336 -13.67 5.04 -2.60
C ALA A 336 -15.04 5.37 -1.99
N TYR A 337 -15.18 6.50 -1.32
CA TYR A 337 -16.40 6.84 -0.62
C TYR A 337 -17.67 6.89 -1.44
N ILE A 338 -17.75 7.79 -2.42
CA ILE A 338 -18.99 7.92 -3.19
C ILE A 338 -19.36 6.62 -3.89
N PRO A 339 -18.42 6.00 -4.57
CA PRO A 339 -18.62 4.71 -5.21
C PRO A 339 -19.17 3.70 -4.22
N THR A 340 -18.56 3.58 -3.04
CA THR A 340 -19.03 2.65 -2.03
C THR A 340 -20.51 2.90 -1.72
N ASN A 341 -20.89 4.16 -1.55
CA ASN A 341 -22.27 4.51 -1.23
C ASN A 341 -23.24 4.05 -2.31
N VAL A 342 -22.96 4.42 -3.57
CA VAL A 342 -23.88 4.07 -4.65
C VAL A 342 -23.88 2.60 -4.98
N ILE A 343 -22.76 1.90 -4.83
CA ILE A 343 -22.77 0.45 -5.04
C ILE A 343 -23.71 -0.23 -4.04
N SER A 344 -23.76 0.25 -2.80
CA SER A 344 -24.58 -0.45 -1.81
C SER A 344 -26.05 -0.07 -1.95
N ILE A 345 -26.33 1.12 -2.45
CA ILE A 345 -27.71 1.56 -2.63
C ILE A 345 -28.42 0.72 -3.69
N THR A 346 -27.77 0.56 -4.83
CA THR A 346 -28.30 -0.09 -6.00
C THR A 346 -28.56 -1.58 -5.88
N ASP A 347 -29.33 -2.11 -6.83
CA ASP A 347 -29.69 -3.50 -6.93
C ASP A 347 -28.63 -4.34 -7.66
N GLY A 348 -27.64 -3.68 -8.24
CA GLY A 348 -26.61 -4.40 -8.99
C GLY A 348 -25.69 -3.42 -9.69
N GLN A 349 -24.62 -3.90 -10.32
CA GLN A 349 -23.68 -3.00 -10.94
C GLN A 349 -23.02 -3.60 -12.17
N ILE A 350 -22.74 -2.74 -13.14
CA ILE A 350 -22.02 -3.08 -14.35
C ILE A 350 -20.65 -2.41 -14.27
N PHE A 351 -19.61 -3.20 -14.00
CA PHE A 351 -18.27 -2.64 -13.85
C PHE A 351 -17.53 -2.62 -15.19
N LEU A 352 -16.95 -1.47 -15.51
CA LEU A 352 -16.18 -1.33 -16.75
C LEU A 352 -14.68 -1.25 -16.43
N GLU A 353 -13.83 -1.75 -17.31
CA GLU A 353 -12.39 -1.71 -17.04
C GLU A 353 -11.55 -1.28 -18.24
N THR A 354 -10.55 -0.47 -17.97
CA THR A 354 -9.62 0.07 -18.95
C THR A 354 -8.83 -1.02 -19.66
N GLU A 355 -8.31 -1.95 -18.87
CA GLU A 355 -7.51 -3.06 -19.40
C GLU A 355 -8.34 -3.88 -20.37
N LEU A 356 -9.60 -4.15 -20.02
CA LEU A 356 -10.49 -4.86 -20.91
C LEU A 356 -10.67 -4.11 -22.22
N PHE A 357 -10.92 -2.81 -22.10
CA PHE A 357 -11.16 -1.92 -23.22
C PHE A 357 -10.03 -1.94 -24.23
N TYR A 358 -8.79 -1.65 -23.83
CA TYR A 358 -7.68 -1.63 -24.78
C TYR A 358 -7.24 -2.99 -25.28
N LYS A 359 -7.76 -4.04 -24.69
CA LYS A 359 -7.44 -5.41 -25.07
C LYS A 359 -8.34 -5.85 -26.22
N GLY A 360 -9.40 -5.08 -26.46
CA GLY A 360 -10.34 -5.44 -27.53
C GLY A 360 -11.72 -5.78 -27.01
N ILE A 361 -11.88 -5.94 -25.70
CA ILE A 361 -13.17 -6.26 -25.09
C ILE A 361 -14.02 -5.00 -24.94
N ARG A 362 -14.96 -4.82 -25.86
CA ARG A 362 -15.83 -3.63 -25.84
C ARG A 362 -17.24 -4.03 -26.27
N PRO A 363 -18.22 -3.73 -25.45
CA PRO A 363 -18.13 -3.01 -24.21
C PRO A 363 -17.20 -3.63 -23.19
N ALA A 364 -16.49 -2.81 -22.44
CA ALA A 364 -15.48 -3.26 -21.49
C ALA A 364 -16.04 -3.76 -20.18
N ILE A 365 -17.10 -4.58 -20.23
CA ILE A 365 -17.75 -5.06 -19.02
C ILE A 365 -17.09 -6.29 -18.42
N ASN A 366 -16.89 -6.24 -17.10
CA ASN A 366 -16.30 -7.39 -16.40
C ASN A 366 -17.46 -8.31 -15.96
N VAL A 367 -17.67 -9.33 -16.77
CA VAL A 367 -18.73 -10.32 -16.53
C VAL A 367 -18.52 -11.06 -15.23
N GLY A 368 -17.28 -11.07 -14.73
CA GLY A 368 -16.97 -11.73 -13.48
C GLY A 368 -17.52 -11.04 -12.25
N LEU A 369 -17.46 -9.71 -12.19
CA LEU A 369 -17.89 -8.95 -11.04
C LEU A 369 -19.25 -8.29 -11.20
N SER A 370 -19.59 -7.89 -12.42
CA SER A 370 -20.87 -7.23 -12.65
C SER A 370 -22.00 -8.11 -12.14
N VAL A 371 -23.06 -7.49 -11.64
CA VAL A 371 -24.16 -8.27 -11.13
C VAL A 371 -25.49 -7.53 -11.17
N SER A 372 -26.52 -8.35 -11.13
CA SER A 372 -27.90 -7.91 -11.10
C SER A 372 -28.65 -8.77 -10.08
N ARG A 373 -28.95 -8.22 -8.91
CA ARG A 373 -29.63 -9.04 -7.90
C ARG A 373 -31.00 -9.47 -8.41
N VAL A 374 -31.57 -8.72 -9.34
CA VAL A 374 -32.86 -9.07 -9.94
C VAL A 374 -32.66 -10.28 -10.85
N GLY A 375 -31.51 -10.33 -11.51
CA GLY A 375 -31.09 -11.39 -12.38
C GLY A 375 -32.17 -12.02 -13.23
N SER A 376 -32.26 -13.33 -13.13
CA SER A 376 -33.13 -14.20 -13.90
C SER A 376 -34.56 -13.73 -14.04
N ALA A 377 -35.09 -13.09 -13.02
CA ALA A 377 -36.50 -12.68 -13.02
C ALA A 377 -36.80 -11.58 -14.02
N ALA A 378 -35.77 -10.95 -14.58
CA ALA A 378 -35.96 -9.84 -15.51
C ALA A 378 -35.69 -10.19 -16.96
N GLN A 379 -35.46 -11.46 -17.28
CA GLN A 379 -35.17 -11.83 -18.66
C GLN A 379 -36.20 -12.78 -19.25
N THR A 380 -36.40 -12.72 -20.55
CA THR A 380 -37.34 -13.56 -21.27
C THR A 380 -36.90 -15.02 -21.33
N ARG A 381 -37.86 -15.92 -21.53
CA ARG A 381 -37.55 -17.33 -21.62
C ARG A 381 -36.41 -17.61 -22.61
N ALA A 382 -36.52 -17.06 -23.81
CA ALA A 382 -35.49 -17.23 -24.82
C ALA A 382 -34.11 -17.04 -24.22
N MET A 383 -33.86 -15.84 -23.69
CA MET A 383 -32.58 -15.52 -23.09
C MET A 383 -32.25 -16.46 -21.93
N LYS A 384 -33.23 -16.77 -21.09
CA LYS A 384 -33.02 -17.67 -19.96
C LYS A 384 -32.52 -19.03 -20.44
N GLN A 385 -32.90 -19.39 -21.66
CA GLN A 385 -32.54 -20.69 -22.22
C GLN A 385 -31.06 -20.82 -22.53
N VAL A 386 -30.37 -19.72 -22.79
CA VAL A 386 -28.95 -19.79 -23.15
C VAL A 386 -28.05 -19.07 -22.15
N ALA A 387 -28.56 -18.02 -21.53
CA ALA A 387 -27.79 -17.21 -20.60
C ALA A 387 -27.08 -18.03 -19.53
N GLY A 388 -27.81 -18.92 -18.87
CA GLY A 388 -27.26 -19.73 -17.81
C GLY A 388 -26.04 -20.53 -18.28
N THR A 389 -26.13 -21.09 -19.50
CA THR A 389 -25.04 -21.90 -20.01
C THR A 389 -23.81 -21.05 -20.32
N MET A 390 -24.05 -19.88 -20.92
CA MET A 390 -22.94 -19.00 -21.27
C MET A 390 -22.26 -18.54 -19.98
N LYS A 391 -23.10 -18.25 -18.98
CA LYS A 391 -22.60 -17.82 -17.68
C LYS A 391 -21.68 -18.86 -17.08
N LEU A 392 -22.13 -20.12 -17.13
CA LEU A 392 -21.33 -21.20 -16.58
C LEU A 392 -20.03 -21.43 -17.35
N GLU A 393 -20.08 -21.43 -18.67
CA GLU A 393 -18.88 -21.68 -19.46
C GLU A 393 -17.85 -20.57 -19.39
N LEU A 394 -18.28 -19.33 -19.21
CA LEU A 394 -17.33 -18.22 -19.10
C LEU A 394 -16.69 -18.24 -17.72
N ALA A 395 -17.45 -18.69 -16.73
CA ALA A 395 -16.94 -18.81 -15.37
C ALA A 395 -15.82 -19.85 -15.33
N GLN A 396 -16.03 -20.96 -16.04
CA GLN A 396 -15.06 -22.03 -16.11
C GLN A 396 -13.80 -21.58 -16.85
N TYR A 397 -14.02 -20.72 -17.85
CA TYR A 397 -12.92 -20.18 -18.64
C TYR A 397 -12.02 -19.27 -17.81
N ARG A 398 -12.63 -18.47 -16.94
CA ARG A 398 -11.92 -17.52 -16.11
C ARG A 398 -10.92 -18.15 -15.16
N GLU A 399 -11.21 -19.36 -14.69
CA GLU A 399 -10.32 -20.06 -13.77
C GLU A 399 -9.03 -20.52 -14.46
N VAL A 400 -9.14 -20.76 -15.75
CA VAL A 400 -8.05 -21.31 -16.55
C VAL A 400 -7.40 -20.29 -17.46
N ALA A 401 -8.07 -19.17 -17.70
CA ALA A 401 -7.59 -18.12 -18.57
C ALA A 401 -6.10 -17.83 -18.46
N ALA A 402 -5.52 -18.03 -17.29
CA ALA A 402 -4.10 -17.74 -17.08
C ALA A 402 -3.18 -18.67 -17.85
N PHE A 403 -3.71 -19.78 -18.37
CA PHE A 403 -2.88 -20.74 -19.10
C PHE A 403 -2.91 -20.51 -20.60
N ALA A 404 -3.70 -19.57 -21.07
CA ALA A 404 -3.82 -19.27 -22.50
C ALA A 404 -2.47 -19.27 -23.21
N GLN A 405 -1.50 -18.53 -22.69
CA GLN A 405 -0.19 -18.44 -23.33
C GLN A 405 0.84 -19.27 -22.59
N PHE A 406 0.39 -20.18 -21.74
CA PHE A 406 1.27 -21.06 -20.99
C PHE A 406 0.63 -22.44 -20.80
N GLY A 407 0.09 -23.00 -21.89
CA GLY A 407 -0.57 -24.29 -21.80
C GLY A 407 -0.14 -25.25 -22.90
N SER A 408 1.10 -25.71 -22.82
CA SER A 408 1.63 -26.67 -23.80
C SER A 408 1.24 -28.09 -23.40
N ASP A 409 1.45 -28.39 -22.13
CA ASP A 409 1.19 -29.70 -21.56
C ASP A 409 -0.26 -29.86 -21.09
N LEU A 410 -1.16 -29.03 -21.59
CA LEU A 410 -2.56 -29.07 -21.21
C LEU A 410 -3.24 -30.37 -21.60
N ASP A 411 -4.35 -30.65 -20.91
CA ASP A 411 -5.16 -31.84 -21.23
C ASP A 411 -6.35 -31.42 -22.08
N ALA A 412 -6.98 -32.38 -22.74
CA ALA A 412 -8.09 -32.12 -23.63
C ALA A 412 -9.17 -31.23 -23.03
N ALA A 413 -9.67 -31.59 -21.86
CA ALA A 413 -10.75 -30.84 -21.23
C ALA A 413 -10.39 -29.37 -21.02
N THR A 414 -9.36 -29.08 -20.24
CA THR A 414 -8.98 -27.71 -19.98
C THR A 414 -8.67 -26.96 -21.27
N GLN A 415 -8.22 -27.70 -22.29
CA GLN A 415 -7.93 -27.04 -23.57
C GLN A 415 -9.22 -26.67 -24.28
N GLN A 416 -10.27 -27.45 -24.04
CA GLN A 416 -11.58 -27.17 -24.62
C GLN A 416 -12.26 -25.99 -23.92
N LEU A 417 -12.02 -25.84 -22.62
CA LEU A 417 -12.58 -24.71 -21.88
C LEU A 417 -11.98 -23.40 -22.39
N LEU A 418 -10.70 -23.44 -22.74
CA LEU A 418 -10.03 -22.26 -23.26
C LEU A 418 -10.65 -21.80 -24.57
N SER A 419 -10.87 -22.75 -25.47
CA SER A 419 -11.43 -22.47 -26.78
C SER A 419 -12.87 -22.01 -26.72
N ARG A 420 -13.67 -22.62 -25.85
CA ARG A 420 -15.07 -22.17 -25.73
C ARG A 420 -15.08 -20.72 -25.23
N GLY A 421 -14.37 -20.45 -24.15
CA GLY A 421 -14.28 -19.14 -23.54
C GLY A 421 -13.81 -18.03 -24.43
N VAL A 422 -12.67 -18.21 -25.10
CA VAL A 422 -12.15 -17.15 -25.97
C VAL A 422 -13.21 -16.77 -27.00
N ARG A 423 -14.02 -17.74 -27.39
CA ARG A 423 -15.05 -17.52 -28.39
C ARG A 423 -16.31 -16.90 -27.83
N LEU A 424 -16.76 -17.39 -26.68
CA LEU A 424 -17.96 -16.77 -26.07
C LEU A 424 -17.62 -15.31 -25.75
N THR A 425 -16.36 -15.06 -25.43
CA THR A 425 -15.85 -13.73 -25.13
C THR A 425 -15.92 -12.83 -26.36
N GLU A 426 -15.62 -13.40 -27.53
CA GLU A 426 -15.70 -12.61 -28.76
C GLU A 426 -17.15 -12.28 -29.07
N LEU A 427 -18.06 -13.20 -28.77
CA LEU A 427 -19.47 -13.00 -29.04
C LEU A 427 -20.10 -11.98 -28.10
N LEU A 428 -19.35 -11.52 -27.09
CA LEU A 428 -19.92 -10.52 -26.18
C LEU A 428 -19.44 -9.13 -26.60
N LYS A 429 -18.47 -9.10 -27.51
CA LYS A 429 -18.02 -7.82 -28.05
C LYS A 429 -19.19 -7.24 -28.85
N GLN A 430 -19.24 -5.93 -29.02
CA GLN A 430 -20.34 -5.31 -29.76
C GLN A 430 -19.97 -3.88 -30.10
N GLY A 431 -20.30 -3.43 -31.29
CA GLY A 431 -20.00 -2.06 -31.71
C GLY A 431 -21.02 -1.09 -31.12
N GLN A 432 -20.74 0.20 -31.20
CA GLN A 432 -21.62 1.21 -30.67
C GLN A 432 -22.82 1.52 -31.57
N TYR A 433 -23.87 2.05 -30.96
CA TYR A 433 -25.06 2.52 -31.64
C TYR A 433 -25.81 1.46 -32.42
N SER A 434 -25.72 0.22 -31.97
CA SER A 434 -26.40 -0.86 -32.66
C SER A 434 -26.90 -1.93 -31.71
N PRO A 435 -27.80 -1.53 -30.82
CA PRO A 435 -28.46 -2.43 -29.88
C PRO A 435 -29.19 -3.50 -30.69
N MET A 436 -29.22 -4.72 -30.19
CA MET A 436 -29.84 -5.82 -30.90
C MET A 436 -31.17 -6.30 -30.35
N ALA A 437 -32.01 -6.77 -31.28
CA ALA A 437 -33.30 -7.36 -30.87
C ALA A 437 -32.99 -8.60 -30.04
N ILE A 438 -33.86 -9.00 -29.15
CA ILE A 438 -33.57 -10.15 -28.29
C ILE A 438 -33.38 -11.43 -29.08
N GLU A 439 -34.15 -11.61 -30.15
CA GLU A 439 -34.05 -12.82 -30.96
C GLU A 439 -32.66 -12.89 -31.62
N GLU A 440 -32.12 -11.72 -31.92
CA GLU A 440 -30.80 -11.61 -32.55
C GLU A 440 -29.71 -11.96 -31.55
N GLN A 441 -29.84 -11.45 -30.33
CA GLN A 441 -28.88 -11.75 -29.27
C GLN A 441 -28.81 -13.25 -29.01
N VAL A 442 -29.96 -13.90 -28.85
CA VAL A 442 -29.98 -15.33 -28.53
C VAL A 442 -29.48 -16.20 -29.69
N ALA A 443 -29.81 -15.84 -30.93
CA ALA A 443 -29.34 -16.62 -32.07
C ALA A 443 -27.82 -16.70 -32.11
N VAL A 444 -27.13 -15.59 -31.84
CA VAL A 444 -25.66 -15.60 -31.88
C VAL A 444 -25.09 -16.29 -30.64
N ILE A 445 -25.75 -16.14 -29.50
CA ILE A 445 -25.25 -16.76 -28.27
C ILE A 445 -25.46 -18.27 -28.33
N TYR A 446 -26.57 -18.68 -28.94
CA TYR A 446 -26.90 -20.09 -29.07
C TYR A 446 -25.82 -20.80 -29.90
N ALA A 447 -25.46 -20.20 -31.03
CA ALA A 447 -24.45 -20.74 -31.92
C ALA A 447 -23.17 -21.11 -31.15
N GLY A 448 -22.59 -20.13 -30.48
CA GLY A 448 -21.36 -20.33 -29.73
C GLY A 448 -21.53 -21.34 -28.61
N VAL A 449 -22.64 -21.24 -27.90
CA VAL A 449 -22.87 -22.14 -26.76
C VAL A 449 -23.04 -23.58 -27.20
N ARG A 450 -23.44 -23.81 -28.45
CA ARG A 450 -23.58 -25.18 -28.94
C ARG A 450 -22.35 -25.61 -29.71
N GLY A 451 -21.31 -24.77 -29.68
CA GLY A 451 -20.04 -25.03 -30.28
C GLY A 451 -19.93 -25.00 -31.78
N TYR A 452 -20.82 -24.33 -32.51
CA TYR A 452 -20.71 -24.29 -33.97
C TYR A 452 -19.53 -23.45 -34.43
N LEU A 453 -18.90 -22.71 -33.51
CA LEU A 453 -17.79 -21.85 -33.89
C LEU A 453 -16.50 -22.20 -33.18
N ASP A 454 -16.45 -23.33 -32.51
CA ASP A 454 -15.25 -23.71 -31.77
C ASP A 454 -14.03 -23.87 -32.65
N LYS A 455 -14.20 -24.13 -33.94
CA LYS A 455 -13.06 -24.31 -34.83
C LYS A 455 -12.68 -23.03 -35.56
N LEU A 456 -13.57 -22.04 -35.54
CA LEU A 456 -13.30 -20.77 -36.21
C LEU A 456 -12.27 -19.97 -35.44
N GLU A 457 -11.38 -19.26 -36.14
CA GLU A 457 -10.35 -18.47 -35.47
C GLU A 457 -10.95 -17.25 -34.77
N PRO A 458 -10.67 -17.12 -33.50
CA PRO A 458 -11.18 -16.08 -32.64
C PRO A 458 -11.23 -14.71 -33.26
N SER A 459 -10.16 -14.30 -33.93
CA SER A 459 -10.08 -12.96 -34.49
C SER A 459 -11.06 -12.72 -35.63
N LYS A 460 -11.68 -13.76 -36.16
CA LYS A 460 -12.63 -13.57 -37.26
C LYS A 460 -14.07 -13.52 -36.80
N ILE A 461 -14.34 -13.91 -35.56
CA ILE A 461 -15.68 -13.98 -35.01
C ILE A 461 -16.49 -12.70 -35.14
N THR A 462 -15.93 -11.55 -34.78
CA THR A 462 -16.62 -10.27 -34.92
C THR A 462 -17.15 -10.08 -36.34
N LYS A 463 -16.27 -10.34 -37.30
CA LYS A 463 -16.63 -10.19 -38.72
C LYS A 463 -17.68 -11.24 -39.09
N PHE A 464 -17.53 -12.43 -38.51
CA PHE A 464 -18.48 -13.50 -38.75
C PHE A 464 -19.86 -13.13 -38.22
N GLU A 465 -19.93 -12.65 -36.98
CA GLU A 465 -21.21 -12.30 -36.36
C GLU A 465 -21.93 -11.23 -37.18
N ASN A 466 -21.15 -10.25 -37.62
CA ASN A 466 -21.67 -9.16 -38.44
C ASN A 466 -22.34 -9.67 -39.71
N ALA A 467 -21.58 -10.38 -40.53
CA ALA A 467 -22.05 -10.94 -41.78
C ALA A 467 -23.21 -11.90 -41.56
N PHE A 468 -23.07 -12.76 -40.55
CA PHE A 468 -24.09 -13.75 -40.24
C PHE A 468 -25.43 -13.10 -39.92
N LEU A 469 -25.39 -12.03 -39.13
CA LEU A 469 -26.62 -11.35 -38.71
C LEU A 469 -27.33 -10.71 -39.89
N SER A 470 -26.57 -10.12 -40.81
CA SER A 470 -27.20 -9.51 -41.99
C SER A 470 -27.94 -10.59 -42.79
N HIS A 471 -27.27 -11.72 -42.98
CA HIS A 471 -27.81 -12.85 -43.71
C HIS A 471 -29.13 -13.35 -43.13
N VAL A 472 -29.17 -13.66 -41.83
CA VAL A 472 -30.41 -14.13 -41.21
C VAL A 472 -31.47 -13.04 -41.15
N ILE A 473 -31.08 -11.79 -40.94
CA ILE A 473 -32.12 -10.73 -40.95
C ILE A 473 -32.65 -10.60 -42.38
N SER A 474 -31.76 -10.74 -43.35
CA SER A 474 -32.13 -10.67 -44.76
C SER A 474 -32.91 -11.90 -45.22
N GLN A 475 -32.31 -13.07 -45.23
CA GLN A 475 -32.94 -14.28 -45.72
C GLN A 475 -33.68 -15.14 -44.72
N HIS A 476 -33.66 -14.85 -43.41
CA HIS A 476 -34.35 -15.74 -42.48
C HIS A 476 -35.20 -15.09 -41.41
N GLN A 477 -36.02 -14.11 -41.77
CA GLN A 477 -36.93 -13.51 -40.79
C GLN A 477 -37.91 -14.54 -40.23
N ALA A 478 -38.15 -15.60 -41.00
CA ALA A 478 -39.04 -16.65 -40.54
C ALA A 478 -38.47 -17.27 -39.27
N LEU A 479 -37.20 -17.65 -39.36
CA LEU A 479 -36.47 -18.24 -38.25
C LEU A 479 -36.47 -17.30 -37.04
N LEU A 480 -36.08 -16.05 -37.28
CA LEU A 480 -36.06 -15.05 -36.22
C LEU A 480 -37.45 -14.83 -35.64
N GLY A 481 -38.47 -14.86 -36.51
CA GLY A 481 -39.84 -14.67 -36.09
C GLY A 481 -40.31 -15.76 -35.13
N LYS A 482 -39.97 -17.01 -35.39
CA LYS A 482 -40.37 -18.12 -34.54
C LYS A 482 -39.68 -18.07 -33.18
N ILE A 483 -38.39 -17.76 -33.17
CA ILE A 483 -37.67 -17.68 -31.89
C ILE A 483 -38.41 -16.70 -30.97
N ARG A 484 -39.01 -15.70 -31.62
CA ARG A 484 -39.82 -14.70 -30.93
C ARG A 484 -41.11 -15.35 -30.45
N THR A 485 -41.99 -15.67 -31.39
CA THR A 485 -43.28 -16.27 -31.11
C THR A 485 -43.20 -17.48 -30.18
N ASP A 486 -42.42 -18.49 -30.50
CA ASP A 486 -42.30 -19.66 -29.64
C ASP A 486 -41.73 -19.24 -28.28
N GLY A 487 -40.99 -18.14 -28.27
CA GLY A 487 -40.35 -17.66 -27.04
C GLY A 487 -39.29 -18.67 -26.60
N LYS A 488 -38.44 -19.06 -27.54
CA LYS A 488 -37.35 -20.00 -27.31
C LYS A 488 -36.89 -20.60 -28.64
N ILE A 489 -35.83 -21.40 -28.57
CA ILE A 489 -35.34 -22.08 -29.76
C ILE A 489 -35.75 -23.56 -29.68
N SER A 490 -36.75 -23.91 -30.46
CA SER A 490 -37.29 -25.26 -30.48
C SER A 490 -36.36 -26.24 -31.19
N GLU A 491 -36.80 -27.49 -31.27
CA GLU A 491 -36.02 -28.51 -31.98
C GLU A 491 -35.93 -28.14 -33.46
N GLU A 492 -37.04 -27.61 -33.97
CA GLU A 492 -37.12 -27.16 -35.35
C GLU A 492 -36.17 -25.99 -35.58
N SER A 493 -36.29 -24.97 -34.72
CA SER A 493 -35.42 -23.81 -34.84
C SER A 493 -33.95 -24.21 -34.76
N ASP A 494 -33.66 -25.13 -33.84
CA ASP A 494 -32.28 -25.59 -33.66
C ASP A 494 -31.77 -26.23 -34.95
N ALA A 495 -32.61 -27.06 -35.54
CA ALA A 495 -32.22 -27.73 -36.79
C ALA A 495 -31.95 -26.66 -37.86
N LYS A 496 -32.85 -25.68 -37.92
CA LYS A 496 -32.75 -24.59 -38.87
C LYS A 496 -31.47 -23.79 -38.67
N LEU A 497 -31.09 -23.55 -37.43
CA LEU A 497 -29.88 -22.78 -37.11
C LEU A 497 -28.61 -23.51 -37.53
N LYS A 498 -28.45 -24.76 -37.09
CA LYS A 498 -27.28 -25.54 -37.40
C LYS A 498 -26.94 -25.56 -38.88
N GLU A 499 -27.94 -25.67 -39.73
CA GLU A 499 -27.73 -25.74 -41.17
C GLU A 499 -27.32 -24.39 -41.75
N ILE A 500 -27.80 -23.30 -41.15
CA ILE A 500 -27.42 -21.99 -41.67
C ILE A 500 -25.96 -21.72 -41.30
N VAL A 501 -25.64 -21.95 -40.03
CA VAL A 501 -24.30 -21.66 -39.55
C VAL A 501 -23.24 -22.58 -40.11
N THR A 502 -23.46 -23.89 -40.23
CA THR A 502 -22.40 -24.73 -40.80
C THR A 502 -22.16 -24.45 -42.26
N ASN A 503 -23.17 -24.06 -43.05
CA ASN A 503 -22.91 -23.76 -44.46
C ASN A 503 -22.42 -22.33 -44.66
N PHE A 504 -22.96 -21.39 -43.90
CA PHE A 504 -22.51 -20.00 -44.02
C PHE A 504 -21.06 -19.93 -43.55
N LEU A 505 -20.77 -20.65 -42.47
CA LEU A 505 -19.41 -20.65 -41.93
C LEU A 505 -18.41 -21.17 -42.95
N ALA A 506 -18.72 -22.29 -43.60
CA ALA A 506 -17.78 -22.85 -44.56
C ALA A 506 -17.46 -21.85 -45.68
N GLY A 507 -18.49 -21.17 -46.17
CA GLY A 507 -18.30 -20.16 -47.21
C GLY A 507 -17.50 -18.98 -46.69
N PHE A 508 -17.78 -18.59 -45.45
CA PHE A 508 -17.06 -17.48 -44.82
C PHE A 508 -15.58 -17.80 -44.67
N GLU A 509 -15.21 -19.06 -44.51
CA GLU A 509 -13.81 -19.44 -44.34
C GLU A 509 -13.13 -19.76 -45.67
N ALA A 510 -13.85 -19.67 -46.77
CA ALA A 510 -13.32 -20.01 -48.09
C ALA A 510 -12.02 -19.30 -48.40
N ALA B 19 -24.65 39.37 48.89
CA ALA B 19 -26.10 39.43 49.21
C ALA B 19 -26.68 38.07 49.54
N ASP B 20 -25.94 37.00 49.20
CA ASP B 20 -26.49 35.68 49.46
C ASP B 20 -26.56 35.37 50.97
N THR B 21 -27.36 34.34 51.13
CA THR B 21 -27.68 33.58 52.32
C THR B 21 -27.82 32.14 51.80
N SER B 22 -27.42 31.98 50.53
CA SER B 22 -27.52 30.74 49.79
C SER B 22 -26.21 30.11 49.35
N VAL B 23 -26.13 29.59 48.14
CA VAL B 23 -25.12 28.80 47.51
C VAL B 23 -23.66 29.22 47.50
N ASP B 24 -22.80 28.20 47.59
CA ASP B 24 -21.36 28.27 47.65
C ASP B 24 -20.63 27.76 46.40
N LEU B 25 -19.93 28.62 45.68
CA LEU B 25 -19.26 28.19 44.45
C LEU B 25 -17.78 27.87 44.58
N GLU B 26 -17.25 27.71 45.79
CA GLU B 26 -15.85 27.33 45.97
C GLU B 26 -15.78 25.79 46.02
N GLU B 27 -16.81 25.23 46.64
CA GLU B 27 -16.98 23.81 46.84
C GLU B 27 -18.05 23.22 45.93
N THR B 28 -18.77 24.04 45.20
CA THR B 28 -19.89 23.54 44.37
C THR B 28 -19.91 24.22 43.02
N GLY B 29 -20.52 23.57 42.02
CA GLY B 29 -20.62 24.08 40.67
C GLY B 29 -21.97 23.76 40.04
N ARG B 30 -22.17 24.03 38.75
CA ARG B 30 -23.51 23.81 38.17
C ARG B 30 -23.62 23.20 36.81
N VAL B 31 -22.64 23.10 35.94
CA VAL B 31 -22.78 22.46 34.63
C VAL B 31 -23.37 23.39 33.58
N LEU B 32 -22.49 23.91 32.74
CA LEU B 32 -22.85 24.82 31.67
C LEU B 32 -23.32 24.09 30.42
N SER B 33 -22.75 22.91 30.21
CA SER B 33 -23.02 22.11 29.03
C SER B 33 -22.47 20.70 29.18
N ILE B 34 -23.03 19.76 28.43
CA ILE B 34 -22.64 18.36 28.52
C ILE B 34 -22.91 17.70 27.18
N GLY B 35 -21.93 16.94 26.71
CA GLY B 35 -21.98 16.26 25.42
C GLY B 35 -20.53 16.01 24.96
N ASP B 36 -20.34 15.05 24.06
CA ASP B 36 -19.01 14.72 23.58
C ASP B 36 -18.12 14.26 24.73
N GLY B 37 -18.70 13.56 25.70
CA GLY B 37 -17.98 13.01 26.82
C GLY B 37 -17.62 13.94 27.94
N ILE B 38 -17.50 15.23 27.67
CA ILE B 38 -17.09 16.20 28.68
C ILE B 38 -18.16 17.15 29.18
N ALA B 39 -18.14 17.35 30.50
CA ALA B 39 -19.03 18.31 31.14
C ALA B 39 -18.27 19.57 31.52
N ARG B 40 -18.80 20.73 31.16
CA ARG B 40 -18.18 22.00 31.56
C ARG B 40 -18.93 22.53 32.78
N VAL B 41 -18.18 22.84 33.84
CA VAL B 41 -18.80 23.31 35.06
C VAL B 41 -18.43 24.73 35.46
N HIS B 42 -19.47 25.48 35.84
CA HIS B 42 -19.33 26.83 36.38
C HIS B 42 -19.10 26.68 37.88
N GLY B 43 -18.16 27.39 38.48
CA GLY B 43 -17.89 27.26 39.90
C GLY B 43 -16.71 26.35 40.24
N LEU B 44 -16.88 25.53 41.27
CA LEU B 44 -15.87 24.62 41.79
C LEU B 44 -14.52 25.32 41.99
N ARG B 45 -14.57 26.60 42.33
CA ARG B 45 -13.43 27.46 42.47
C ARG B 45 -12.25 26.90 43.23
N ASN B 46 -12.50 25.97 44.14
CA ASN B 46 -11.42 25.37 44.91
C ASN B 46 -11.06 23.96 44.49
N VAL B 47 -11.63 23.43 43.40
CA VAL B 47 -11.26 22.05 43.03
C VAL B 47 -9.78 21.99 42.65
N GLN B 48 -9.23 20.79 42.78
CA GLN B 48 -7.86 20.50 42.42
C GLN B 48 -7.80 19.81 41.04
N ALA B 49 -6.70 19.98 40.34
CA ALA B 49 -6.58 19.25 39.06
C ALA B 49 -6.55 17.76 39.39
N GLU B 50 -7.39 16.98 38.76
CA GLU B 50 -7.47 15.54 38.95
C GLU B 50 -8.25 15.14 40.19
N GLU B 51 -9.10 16.04 40.67
CA GLU B 51 -9.92 15.77 41.84
C GLU B 51 -11.25 15.14 41.41
N MET B 52 -11.75 14.21 42.21
CA MET B 52 -13.02 13.57 41.94
C MET B 52 -14.18 14.50 42.32
N VAL B 53 -15.20 14.59 41.49
CA VAL B 53 -16.37 15.41 41.77
C VAL B 53 -17.63 14.55 41.71
N GLU B 54 -18.75 15.04 42.24
CA GLU B 54 -19.96 14.24 42.25
C GLU B 54 -21.14 14.97 41.62
N PHE B 55 -21.82 14.30 40.71
CA PHE B 55 -22.99 14.89 40.05
C PHE B 55 -24.26 14.59 40.83
N SER B 56 -25.22 15.51 40.77
CA SER B 56 -26.48 15.33 41.48
C SER B 56 -27.08 13.96 41.20
N SER B 57 -26.74 13.38 40.04
CA SER B 57 -27.23 12.05 39.70
C SER B 57 -26.47 10.93 40.38
N GLY B 58 -25.47 11.23 41.20
CA GLY B 58 -24.72 10.20 41.91
C GLY B 58 -23.54 9.67 41.11
N LEU B 59 -23.40 10.18 39.89
CA LEU B 59 -22.29 9.82 39.02
C LEU B 59 -21.01 10.50 39.49
N LYS B 60 -19.85 9.95 39.20
CA LYS B 60 -18.59 10.59 39.55
C LYS B 60 -17.84 11.05 38.30
N GLY B 61 -16.97 12.03 38.47
CA GLY B 61 -16.16 12.56 37.39
C GLY B 61 -14.83 13.08 37.90
N MET B 62 -13.89 13.33 37.00
CA MET B 62 -12.58 13.84 37.34
C MET B 62 -12.36 15.23 36.72
N SER B 63 -11.86 16.16 37.52
CA SER B 63 -11.52 17.49 37.02
C SER B 63 -10.25 17.43 36.16
N LEU B 64 -10.42 17.56 34.86
CA LEU B 64 -9.32 17.48 33.91
C LEU B 64 -8.73 18.84 33.61
N ASN B 65 -9.59 19.72 33.09
CA ASN B 65 -9.23 21.05 32.67
C ASN B 65 -9.68 22.14 33.64
N LEU B 66 -8.74 22.87 34.24
CA LEU B 66 -9.08 24.00 35.09
C LEU B 66 -8.89 25.28 34.28
N GLU B 67 -9.98 25.85 33.81
CA GLU B 67 -9.93 27.08 33.02
C GLU B 67 -10.44 28.27 33.83
N PRO B 68 -10.17 29.47 33.36
CA PRO B 68 -10.52 30.71 34.02
C PRO B 68 -11.99 30.83 34.35
N ASP B 69 -12.88 30.31 33.51
CA ASP B 69 -14.31 30.48 33.72
C ASP B 69 -15.10 29.20 33.76
N ASN B 70 -14.45 28.05 33.92
CA ASN B 70 -15.13 26.77 33.96
C ASN B 70 -14.14 25.65 34.24
N VAL B 71 -14.66 24.50 34.65
CA VAL B 71 -13.88 23.29 34.84
C VAL B 71 -14.44 22.19 33.93
N GLY B 72 -13.54 21.58 33.17
CA GLY B 72 -13.94 20.49 32.25
C GLY B 72 -13.76 19.16 33.00
N VAL B 73 -14.82 18.38 33.07
CA VAL B 73 -14.82 17.12 33.81
C VAL B 73 -15.05 15.90 32.93
N VAL B 74 -14.28 14.86 33.19
CA VAL B 74 -14.39 13.57 32.50
C VAL B 74 -15.38 12.71 33.31
N VAL B 75 -16.48 12.31 32.71
CA VAL B 75 -17.54 11.57 33.39
C VAL B 75 -17.37 10.07 33.36
N PHE B 76 -17.29 9.45 34.53
CA PHE B 76 -17.12 8.01 34.64
C PHE B 76 -18.45 7.28 34.65
N GLY B 77 -19.19 7.40 33.56
CA GLY B 77 -20.51 6.77 33.42
C GLY B 77 -21.23 7.41 32.24
N ASN B 78 -22.51 7.15 32.07
CA ASN B 78 -23.29 7.67 30.96
C ASN B 78 -23.65 9.15 31.07
N ASP B 79 -23.38 9.86 29.98
CA ASP B 79 -23.67 11.28 29.85
C ASP B 79 -25.16 11.58 30.00
N LYS B 80 -26.00 10.70 29.50
CA LYS B 80 -27.44 10.90 29.55
C LYS B 80 -27.96 11.19 30.95
N LEU B 81 -27.13 11.01 31.97
CA LEU B 81 -27.55 11.23 33.34
C LEU B 81 -27.13 12.59 33.88
N ILE B 82 -26.64 13.48 33.02
CA ILE B 82 -26.23 14.82 33.43
C ILE B 82 -26.89 15.86 32.52
N LYS B 83 -27.41 16.91 33.13
CA LYS B 83 -28.07 17.96 32.37
C LYS B 83 -27.54 19.35 32.75
N GLU B 84 -27.66 20.27 31.79
CA GLU B 84 -27.23 21.65 32.08
C GLU B 84 -27.95 22.10 33.35
N GLY B 85 -27.23 22.69 34.29
CA GLY B 85 -27.82 23.18 35.52
C GLY B 85 -27.68 22.25 36.71
N ASP B 86 -27.33 20.99 36.51
CA ASP B 86 -27.19 20.05 37.61
C ASP B 86 -26.10 20.46 38.59
N ILE B 87 -26.26 20.06 39.85
CA ILE B 87 -25.28 20.43 40.88
C ILE B 87 -24.06 19.51 40.83
N VAL B 88 -22.89 20.08 41.05
CA VAL B 88 -21.65 19.31 41.08
C VAL B 88 -20.86 19.64 42.34
N LYS B 89 -20.38 18.64 43.07
CA LYS B 89 -19.66 18.92 44.31
C LYS B 89 -18.27 18.32 44.38
N ARG B 90 -17.39 19.03 45.10
CA ARG B 90 -16.04 18.55 45.35
C ARG B 90 -16.08 17.35 46.32
N THR B 91 -15.08 16.51 46.22
CA THR B 91 -14.92 15.41 47.18
C THR B 91 -13.64 15.71 47.98
N GLY B 92 -12.84 16.63 47.45
CA GLY B 92 -11.59 17.03 48.05
C GLY B 92 -10.47 16.01 47.83
N ALA B 93 -10.75 14.96 47.06
CA ALA B 93 -9.76 13.92 46.84
C ALA B 93 -9.35 13.73 45.39
N ILE B 94 -8.05 13.57 45.16
CA ILE B 94 -7.58 13.24 43.80
C ILE B 94 -8.08 11.83 43.52
N VAL B 95 -8.52 11.54 42.31
CA VAL B 95 -9.08 10.24 41.97
C VAL B 95 -8.34 9.10 42.65
N ASP B 96 -9.05 8.31 43.44
CA ASP B 96 -8.47 7.16 44.13
C ASP B 96 -9.48 6.00 44.19
N VAL B 97 -9.02 4.86 44.68
CA VAL B 97 -9.85 3.67 44.79
C VAL B 97 -9.61 2.94 46.11
N PRO B 98 -10.54 2.08 46.45
CA PRO B 98 -10.46 1.22 47.62
C PRO B 98 -9.34 0.21 47.40
N VAL B 99 -8.61 -0.15 48.44
CA VAL B 99 -7.46 -1.06 48.28
C VAL B 99 -7.26 -1.90 49.52
N GLY B 100 -6.66 -3.07 49.39
CA GLY B 100 -6.39 -3.96 50.50
C GLY B 100 -6.87 -5.38 50.24
N GLU B 101 -6.73 -6.24 51.24
CA GLU B 101 -7.14 -7.64 51.14
C GLU B 101 -8.64 -7.83 51.10
N GLU B 102 -9.42 -6.86 51.57
CA GLU B 102 -10.87 -6.99 51.54
C GLU B 102 -11.36 -7.02 50.10
N LEU B 103 -10.47 -6.80 49.13
CA LEU B 103 -10.84 -6.82 47.73
C LEU B 103 -10.76 -8.22 47.11
N LEU B 104 -9.97 -9.10 47.71
CA LEU B 104 -9.77 -10.45 47.22
C LEU B 104 -11.07 -11.26 47.21
N GLY B 105 -11.38 -11.86 46.08
CA GLY B 105 -12.56 -12.68 45.92
C GLY B 105 -13.76 -11.87 45.42
N ARG B 106 -13.57 -10.57 45.24
CA ARG B 106 -14.62 -9.68 44.80
C ARG B 106 -14.47 -9.23 43.35
N VAL B 107 -15.61 -8.85 42.77
CA VAL B 107 -15.65 -8.32 41.41
C VAL B 107 -16.13 -6.87 41.51
N VAL B 108 -15.29 -5.94 41.07
CA VAL B 108 -15.62 -4.53 41.15
C VAL B 108 -15.60 -3.83 39.80
N ASP B 109 -16.17 -2.63 39.76
CA ASP B 109 -16.12 -1.84 38.52
C ASP B 109 -14.80 -1.06 38.55
N ALA B 110 -14.62 -0.10 37.63
CA ALA B 110 -13.37 0.64 37.57
C ALA B 110 -13.17 1.60 38.73
N LEU B 111 -14.25 2.03 39.38
CA LEU B 111 -14.12 2.95 40.51
C LEU B 111 -13.90 2.23 41.83
N GLY B 112 -14.10 0.91 41.88
CA GLY B 112 -13.92 0.18 43.13
C GLY B 112 -15.24 -0.29 43.73
N ASN B 113 -16.38 0.03 43.10
CA ASN B 113 -17.67 -0.40 43.60
C ASN B 113 -17.90 -1.89 43.30
N ALA B 114 -18.51 -2.60 44.22
CA ALA B 114 -18.86 -4.00 44.07
C ALA B 114 -19.93 -4.21 42.99
N ILE B 115 -19.78 -5.23 42.15
CA ILE B 115 -20.79 -5.53 41.15
C ILE B 115 -21.14 -7.02 41.19
N ASP B 116 -20.58 -7.71 42.18
CA ASP B 116 -20.85 -9.13 42.35
C ASP B 116 -22.08 -9.36 43.22
N GLY B 117 -22.65 -8.30 43.75
CA GLY B 117 -23.83 -8.36 44.60
C GLY B 117 -23.57 -8.94 45.98
N LYS B 118 -22.32 -8.91 46.46
CA LYS B 118 -22.00 -9.48 47.75
C LYS B 118 -21.83 -8.46 48.86
N GLY B 119 -22.39 -7.28 48.66
CA GLY B 119 -22.33 -6.22 49.66
C GLY B 119 -21.11 -5.33 49.46
N PRO B 120 -21.03 -4.29 50.26
CA PRO B 120 -19.96 -3.32 50.24
C PRO B 120 -18.60 -3.93 50.52
N ILE B 121 -17.55 -3.29 50.00
CA ILE B 121 -16.19 -3.75 50.29
C ILE B 121 -15.82 -3.12 51.64
N GLY B 122 -15.39 -3.90 52.62
CA GLY B 122 -15.05 -3.30 53.92
C GLY B 122 -13.62 -2.76 53.90
N SER B 123 -13.31 -1.95 52.91
CA SER B 123 -11.95 -1.43 52.76
C SER B 123 -11.58 -0.38 53.78
N LYS B 124 -10.36 -0.48 54.32
CA LYS B 124 -9.86 0.48 55.29
C LYS B 124 -8.86 1.43 54.68
N ALA B 125 -8.21 1.06 53.58
CA ALA B 125 -7.26 1.96 52.93
C ALA B 125 -7.69 2.25 51.50
N ARG B 126 -7.20 3.35 50.97
CA ARG B 126 -7.50 3.81 49.62
C ARG B 126 -6.22 4.29 48.94
N ARG B 127 -6.21 4.27 47.60
CA ARG B 127 -4.98 4.73 46.92
C ARG B 127 -5.26 5.43 45.61
N ARG B 128 -4.51 6.52 45.37
CA ARG B 128 -4.64 7.28 44.14
C ARG B 128 -4.27 6.42 42.93
N VAL B 129 -4.99 6.60 41.84
CA VAL B 129 -4.76 5.81 40.64
C VAL B 129 -3.61 6.31 39.81
N GLY B 130 -3.13 7.53 40.04
CA GLY B 130 -2.06 8.05 39.21
C GLY B 130 -0.71 8.18 39.89
N LEU B 131 -0.45 7.36 40.90
CA LEU B 131 0.83 7.47 41.60
C LEU B 131 1.96 7.16 40.64
N LYS B 132 3.10 7.81 40.82
CA LYS B 132 4.23 7.59 39.93
C LYS B 132 4.95 6.32 40.32
N ALA B 133 5.55 5.60 39.36
CA ALA B 133 6.25 4.37 39.69
C ALA B 133 7.51 4.65 40.51
N PRO B 134 7.93 3.69 41.30
CA PRO B 134 9.15 3.79 42.09
C PRO B 134 10.31 4.21 41.19
N GLY B 135 11.29 4.92 41.72
CA GLY B 135 12.42 5.39 40.92
C GLY B 135 13.50 4.31 40.90
N ILE B 136 14.74 4.71 40.58
CA ILE B 136 15.85 3.79 40.51
C ILE B 136 16.23 3.08 41.78
N ILE B 137 16.37 3.77 42.91
CA ILE B 137 16.88 3.18 44.13
C ILE B 137 16.12 2.02 44.74
N PRO B 138 14.84 2.14 44.98
CA PRO B 138 14.00 1.17 45.62
C PRO B 138 13.94 -0.21 44.97
N ARG B 139 14.41 -0.33 43.74
CA ARG B 139 14.29 -1.56 42.99
C ARG B 139 15.52 -2.47 43.06
N ILE B 140 15.33 -3.69 42.55
CA ILE B 140 16.40 -4.66 42.39
C ILE B 140 16.00 -5.62 41.25
N SER B 141 16.94 -6.13 40.48
CA SER B 141 16.62 -7.04 39.38
C SER B 141 15.73 -8.20 39.80
N VAL B 142 14.74 -8.53 38.95
CA VAL B 142 13.82 -9.62 39.28
C VAL B 142 14.58 -10.91 39.50
N ARG B 143 14.15 -11.74 40.46
CA ARG B 143 14.94 -12.92 40.78
C ARG B 143 14.10 -14.06 41.35
N GLU B 144 12.79 -13.94 41.36
CA GLU B 144 11.92 -15.00 41.84
C GLU B 144 10.99 -15.40 40.70
N PRO B 145 10.88 -16.68 40.44
CA PRO B 145 10.03 -17.20 39.39
C PRO B 145 8.56 -16.86 39.62
N MET B 146 7.89 -16.63 38.50
CA MET B 146 6.43 -16.45 38.54
C MET B 146 5.94 -17.57 37.59
N GLN B 147 5.63 -18.68 38.26
CA GLN B 147 5.26 -19.90 37.56
C GLN B 147 3.87 -19.80 36.97
N THR B 148 3.80 -19.92 35.65
CA THR B 148 2.52 -19.91 34.96
C THR B 148 1.89 -21.30 35.04
N GLY B 149 2.76 -22.32 35.11
CA GLY B 149 2.28 -23.71 35.13
C GLY B 149 2.16 -24.20 33.69
N ILE B 150 2.58 -23.33 32.77
CA ILE B 150 2.55 -23.66 31.35
C ILE B 150 3.94 -24.06 30.88
N LYS B 151 4.07 -25.33 30.51
CA LYS B 151 5.36 -25.89 30.10
C LYS B 151 6.10 -25.01 29.11
N ALA B 152 5.41 -24.58 28.05
CA ALA B 152 6.05 -23.76 27.01
C ALA B 152 6.59 -22.46 27.57
N VAL B 153 5.83 -21.80 28.43
CA VAL B 153 6.26 -20.54 29.04
C VAL B 153 7.33 -20.77 30.10
N ASP B 154 7.08 -21.67 31.04
CA ASP B 154 8.01 -21.88 32.15
C ASP B 154 9.37 -22.41 31.74
N SER B 155 9.43 -23.08 30.60
CA SER B 155 10.70 -23.63 30.12
C SER B 155 11.40 -22.72 29.13
N LEU B 156 10.71 -22.20 28.11
CA LEU B 156 11.36 -21.37 27.11
C LEU B 156 11.18 -19.87 27.26
N VAL B 157 10.20 -19.38 27.98
CA VAL B 157 9.99 -17.94 28.15
C VAL B 157 9.64 -17.63 29.61
N PRO B 158 10.55 -17.99 30.49
CA PRO B 158 10.40 -17.86 31.92
C PRO B 158 10.13 -16.45 32.40
N ILE B 159 9.17 -16.30 33.30
CA ILE B 159 8.82 -14.98 33.85
C ILE B 159 9.28 -14.86 35.30
N GLY B 160 9.62 -13.64 35.72
CA GLY B 160 10.05 -13.38 37.08
C GLY B 160 9.15 -12.35 37.77
N ARG B 161 9.12 -12.38 39.10
CA ARG B 161 8.30 -11.45 39.87
C ARG B 161 8.81 -10.03 39.80
N GLY B 162 7.97 -9.12 39.29
CA GLY B 162 8.38 -7.72 39.13
C GLY B 162 8.51 -7.35 37.65
N GLN B 163 8.59 -8.37 36.79
CA GLN B 163 8.72 -8.20 35.36
C GLN B 163 7.41 -7.72 34.71
N ARG B 164 7.54 -7.27 33.47
CA ARG B 164 6.45 -6.91 32.60
C ARG B 164 6.61 -7.80 31.35
N GLU B 165 5.68 -8.71 31.12
CA GLU B 165 5.82 -9.59 29.95
C GLU B 165 4.57 -9.46 29.09
N LEU B 166 4.74 -9.08 27.83
CA LEU B 166 3.62 -8.87 26.93
C LEU B 166 3.05 -10.14 26.33
N ILE B 167 1.73 -10.21 26.24
CA ILE B 167 1.04 -11.32 25.57
C ILE B 167 0.44 -10.69 24.30
N ILE B 168 1.02 -11.03 23.16
CA ILE B 168 0.60 -10.38 21.89
C ILE B 168 0.29 -11.40 20.82
N GLY B 169 -0.75 -11.14 20.04
CA GLY B 169 -1.16 -12.02 18.96
C GLY B 169 -2.57 -11.69 18.49
N ASP B 170 -2.94 -12.14 17.29
CA ASP B 170 -4.28 -11.90 16.76
C ASP B 170 -5.34 -12.46 17.69
N ARG B 171 -6.60 -12.16 17.40
CA ARG B 171 -7.68 -12.69 18.25
C ARG B 171 -7.78 -14.21 18.06
N GLN B 172 -8.34 -14.90 19.04
CA GLN B 172 -8.50 -16.34 19.00
C GLN B 172 -7.19 -17.09 18.90
N THR B 173 -6.12 -16.56 19.48
CA THR B 173 -4.82 -17.26 19.44
C THR B 173 -4.53 -17.84 20.81
N GLY B 174 -5.36 -17.46 21.80
CA GLY B 174 -5.22 -17.98 23.15
C GLY B 174 -4.50 -17.08 24.13
N LYS B 175 -4.63 -15.77 23.96
CA LYS B 175 -3.96 -14.82 24.85
C LYS B 175 -4.54 -14.87 26.25
N THR B 176 -5.85 -14.81 26.37
CA THR B 176 -6.55 -14.82 27.65
C THR B 176 -6.34 -16.13 28.41
N SER B 177 -6.29 -17.23 27.68
CA SER B 177 -6.13 -18.56 28.25
C SER B 177 -4.81 -18.70 29.00
N ILE B 178 -3.76 -18.09 28.46
CA ILE B 178 -2.45 -18.08 29.12
C ILE B 178 -2.66 -17.41 30.49
N ALA B 179 -3.42 -16.31 30.44
CA ALA B 179 -3.69 -15.54 31.64
C ALA B 179 -4.50 -16.33 32.67
N ILE B 180 -5.50 -17.08 32.22
CA ILE B 180 -6.32 -17.88 33.13
C ILE B 180 -5.57 -19.03 33.78
N ASP B 181 -4.79 -19.80 33.02
CA ASP B 181 -4.07 -20.93 33.60
C ASP B 181 -3.03 -20.43 34.60
N THR B 182 -2.46 -19.26 34.32
CA THR B 182 -1.50 -18.66 35.24
C THR B 182 -2.16 -18.32 36.57
N ILE B 183 -3.40 -17.83 36.53
CA ILE B 183 -4.09 -17.50 37.77
C ILE B 183 -4.37 -18.78 38.56
N ILE B 184 -5.03 -19.74 37.95
CA ILE B 184 -5.32 -21.02 38.58
C ILE B 184 -4.06 -21.67 39.15
N ASN B 185 -2.92 -21.47 38.50
CA ASN B 185 -1.69 -22.12 38.91
C ASN B 185 -1.26 -21.77 40.33
N GLN B 186 -1.48 -20.54 40.73
CA GLN B 186 -1.05 -20.00 42.00
C GLN B 186 -1.59 -20.70 43.23
N LYS B 187 -2.69 -21.44 43.09
CA LYS B 187 -3.29 -22.13 44.23
C LYS B 187 -2.31 -23.04 44.96
N ARG B 188 -1.35 -23.61 44.25
CA ARG B 188 -0.39 -24.51 44.89
C ARG B 188 0.39 -23.81 45.99
N PHE B 189 0.71 -22.54 45.79
CA PHE B 189 1.47 -21.77 46.76
C PHE B 189 0.57 -21.07 47.77
N ASN B 190 -0.49 -20.44 47.30
CA ASN B 190 -1.40 -19.70 48.18
C ASN B 190 -2.06 -20.59 49.22
N ASP B 191 -2.09 -21.90 48.98
CA ASP B 191 -2.66 -22.81 49.97
C ASP B 191 -1.61 -23.21 51.00
N GLY B 192 -0.35 -22.90 50.70
CA GLY B 192 0.74 -23.16 51.66
C GLY B 192 0.63 -22.13 52.79
N THR B 193 1.73 -21.87 53.47
CA THR B 193 1.70 -20.90 54.58
C THR B 193 2.82 -19.88 54.47
N ASP B 194 3.79 -20.15 53.61
CA ASP B 194 4.90 -19.23 53.38
C ASP B 194 4.43 -18.05 52.52
N GLU B 195 4.20 -16.91 53.16
CA GLU B 195 3.70 -15.72 52.52
C GLU B 195 4.59 -15.15 51.42
N LYS B 196 5.88 -15.47 51.46
CA LYS B 196 6.81 -14.96 50.47
C LYS B 196 6.71 -15.69 49.14
N LYS B 197 6.07 -16.86 49.14
CA LYS B 197 5.94 -17.59 47.87
C LYS B 197 4.55 -17.51 47.29
N LYS B 198 3.63 -16.84 47.99
CA LYS B 198 2.28 -16.68 47.47
C LYS B 198 2.19 -15.58 46.42
N LEU B 199 1.13 -15.67 45.61
CA LEU B 199 0.94 -14.69 44.54
C LEU B 199 -0.53 -14.30 44.46
N TYR B 200 -0.81 -13.04 44.78
CA TYR B 200 -2.17 -12.50 44.70
C TYR B 200 -2.44 -12.04 43.28
N CYS B 201 -3.67 -12.24 42.79
CA CYS B 201 -3.97 -11.93 41.40
C CYS B 201 -4.98 -10.82 41.19
N ILE B 202 -4.74 -10.04 40.13
CA ILE B 202 -5.62 -8.97 39.70
C ILE B 202 -5.91 -9.15 38.20
N TYR B 203 -7.15 -9.47 37.86
CA TYR B 203 -7.52 -9.61 36.46
C TYR B 203 -8.30 -8.39 36.01
N VAL B 204 -7.71 -7.55 35.17
CA VAL B 204 -8.41 -6.37 34.69
C VAL B 204 -9.06 -6.56 33.33
N ALA B 205 -10.40 -6.62 33.31
CA ALA B 205 -11.14 -6.79 32.07
C ALA B 205 -11.39 -5.44 31.40
N ILE B 206 -10.94 -5.27 30.17
CA ILE B 206 -11.16 -3.98 29.49
C ILE B 206 -11.80 -4.17 28.13
N GLY B 207 -13.04 -3.75 27.99
CA GLY B 207 -13.76 -3.81 26.73
C GLY B 207 -14.33 -5.15 26.36
N GLN B 208 -14.02 -6.20 27.11
CA GLN B 208 -14.55 -7.53 26.84
C GLN B 208 -16.07 -7.55 26.99
N LYS B 209 -16.67 -8.69 26.64
CA LYS B 209 -18.12 -8.85 26.85
C LYS B 209 -18.36 -9.18 28.33
N ARG B 210 -19.43 -8.67 28.88
CA ARG B 210 -19.75 -8.88 30.29
C ARG B 210 -19.99 -10.36 30.59
N SER B 211 -20.57 -11.06 29.63
CA SER B 211 -20.84 -12.49 29.81
C SER B 211 -19.52 -13.26 29.95
N THR B 212 -18.55 -12.82 29.15
CA THR B 212 -17.21 -13.41 29.20
C THR B 212 -16.61 -13.27 30.59
N VAL B 213 -16.80 -12.10 31.20
CA VAL B 213 -16.25 -11.89 32.55
C VAL B 213 -17.02 -12.70 33.57
N ALA B 214 -18.34 -12.80 33.42
CA ALA B 214 -19.12 -13.62 34.36
C ALA B 214 -18.66 -15.07 34.27
N GLN B 215 -18.48 -15.54 33.04
CA GLN B 215 -18.03 -16.93 32.86
C GLN B 215 -16.65 -17.13 33.44
N LEU B 216 -15.82 -16.09 33.37
CA LEU B 216 -14.48 -16.10 33.93
C LEU B 216 -14.52 -16.35 35.43
N VAL B 217 -15.24 -15.49 36.16
CA VAL B 217 -15.32 -15.63 37.61
C VAL B 217 -15.89 -16.98 38.01
N LYS B 218 -16.91 -17.44 37.31
CA LYS B 218 -17.47 -18.78 37.58
C LYS B 218 -16.35 -19.82 37.48
N ARG B 219 -15.57 -19.76 36.41
CA ARG B 219 -14.46 -20.71 36.20
C ARG B 219 -13.42 -20.57 37.30
N LEU B 220 -13.10 -19.34 37.72
CA LEU B 220 -12.09 -19.19 38.78
C LEU B 220 -12.65 -19.70 40.11
N THR B 221 -13.95 -19.52 40.28
CA THR B 221 -14.65 -19.98 41.47
C THR B 221 -14.67 -21.51 41.51
N ASP B 222 -14.87 -22.13 40.36
CA ASP B 222 -14.88 -23.58 40.26
C ASP B 222 -13.49 -24.16 40.44
N ALA B 223 -12.46 -23.33 40.45
CA ALA B 223 -11.09 -23.85 40.63
C ALA B 223 -10.58 -23.41 42.01
N ASP B 224 -11.42 -22.70 42.75
CA ASP B 224 -11.05 -22.21 44.07
C ASP B 224 -9.87 -21.24 43.95
N ALA B 225 -9.87 -20.50 42.84
CA ALA B 225 -8.85 -19.48 42.62
C ALA B 225 -9.36 -18.07 42.87
N MET B 226 -10.68 -17.86 42.90
CA MET B 226 -11.22 -16.53 43.14
C MET B 226 -10.78 -15.95 44.48
N LYS B 227 -10.69 -16.78 45.50
CA LYS B 227 -10.37 -16.33 46.85
C LYS B 227 -9.10 -15.49 46.93
N TYR B 228 -8.23 -15.53 45.93
CA TYR B 228 -6.99 -14.76 45.96
C TYR B 228 -6.88 -13.85 44.73
N THR B 229 -8.03 -13.62 44.10
CA THR B 229 -8.08 -12.80 42.89
C THR B 229 -9.01 -11.61 43.03
N ILE B 230 -8.65 -10.49 42.42
CA ILE B 230 -9.53 -9.32 42.33
C ILE B 230 -9.88 -9.12 40.85
N VAL B 231 -11.16 -9.07 40.50
CA VAL B 231 -11.56 -8.84 39.11
C VAL B 231 -12.07 -7.41 38.96
N VAL B 232 -11.41 -6.64 38.08
CA VAL B 232 -11.80 -5.25 37.84
C VAL B 232 -12.40 -5.20 36.44
N SER B 233 -13.67 -4.81 36.34
CA SER B 233 -14.36 -4.94 35.06
C SER B 233 -14.93 -3.66 34.50
N ALA B 234 -14.53 -3.34 33.28
CA ALA B 234 -15.06 -2.21 32.53
C ALA B 234 -15.26 -2.70 31.09
N THR B 235 -16.37 -3.41 30.92
CA THR B 235 -16.70 -4.10 29.69
C THR B 235 -17.26 -3.21 28.59
N ALA B 236 -17.41 -3.77 27.41
CA ALA B 236 -17.81 -3.14 26.19
C ALA B 236 -18.93 -2.13 26.25
N SER B 237 -19.83 -2.20 27.23
CA SER B 237 -20.91 -1.25 27.34
C SER B 237 -20.65 -0.16 28.37
N ASP B 238 -19.50 -0.20 29.04
CA ASP B 238 -19.15 0.86 29.98
C ASP B 238 -18.54 2.03 29.19
N ALA B 239 -18.81 3.25 29.63
CA ALA B 239 -18.33 4.44 28.96
C ALA B 239 -16.81 4.48 28.88
N ALA B 240 -16.28 4.98 27.79
CA ALA B 240 -14.85 5.01 27.51
C ALA B 240 -13.99 5.37 28.71
N PRO B 241 -14.35 6.40 29.45
CA PRO B 241 -13.63 6.88 30.61
C PRO B 241 -13.43 5.80 31.66
N LEU B 242 -14.42 4.93 31.84
CA LEU B 242 -14.31 3.83 32.81
C LEU B 242 -13.28 2.82 32.32
N GLN B 243 -13.30 2.55 31.01
CA GLN B 243 -12.36 1.59 30.42
C GLN B 243 -10.94 2.14 30.44
N TYR B 244 -10.85 3.47 30.33
CA TYR B 244 -9.54 4.11 30.39
C TYR B 244 -8.97 3.99 31.80
N LEU B 245 -9.83 4.08 32.80
CA LEU B 245 -9.43 4.08 34.19
C LEU B 245 -9.12 2.71 34.77
N ALA B 246 -9.85 1.68 34.35
CA ALA B 246 -9.73 0.37 34.91
C ALA B 246 -8.33 -0.08 35.28
N PRO B 247 -7.41 -0.06 34.35
CA PRO B 247 -6.05 -0.52 34.53
C PRO B 247 -5.32 0.21 35.64
N TYR B 248 -5.41 1.54 35.65
CA TYR B 248 -4.76 2.30 36.74
C TYR B 248 -5.33 1.86 38.08
N SER B 249 -6.63 1.65 38.15
CA SER B 249 -7.27 1.21 39.38
C SER B 249 -6.78 -0.15 39.84
N GLY B 250 -6.79 -1.12 38.92
CA GLY B 250 -6.29 -2.46 39.24
C GLY B 250 -4.85 -2.31 39.71
N CYS B 251 -4.08 -1.50 38.97
CA CYS B 251 -2.68 -1.28 39.30
C CYS B 251 -2.50 -0.81 40.74
N SER B 252 -3.33 0.15 41.15
CA SER B 252 -3.25 0.67 42.52
C SER B 252 -3.48 -0.46 43.52
N MET B 253 -4.44 -1.33 43.21
CA MET B 253 -4.74 -2.46 44.10
C MET B 253 -3.56 -3.43 44.16
N GLY B 254 -2.83 -3.57 43.05
CA GLY B 254 -1.66 -4.44 43.03
C GLY B 254 -0.51 -3.85 43.84
N GLU B 255 -0.38 -2.53 43.77
CA GLU B 255 0.68 -1.81 44.45
C GLU B 255 0.59 -1.97 45.97
N TYR B 256 -0.61 -2.14 46.48
CA TYR B 256 -0.85 -2.33 47.91
C TYR B 256 -0.04 -3.54 48.40
N PHE B 257 -0.05 -4.61 47.61
CA PHE B 257 0.71 -5.80 47.94
C PHE B 257 2.19 -5.52 47.70
N ARG B 258 2.46 -4.90 46.55
CA ARG B 258 3.84 -4.60 46.17
C ARG B 258 4.57 -3.85 47.28
N ASP B 259 3.89 -2.92 47.94
CA ASP B 259 4.52 -2.12 48.98
C ASP B 259 4.44 -2.69 50.38
N ASN B 260 3.80 -3.84 50.56
CA ASN B 260 3.73 -4.43 51.90
C ASN B 260 4.41 -5.79 51.97
N GLY B 261 5.52 -5.95 51.26
CA GLY B 261 6.30 -7.17 51.29
C GLY B 261 5.61 -8.36 50.69
N LYS B 262 4.55 -8.18 49.91
CA LYS B 262 3.87 -9.30 49.27
C LYS B 262 4.01 -9.22 47.75
N HIS B 263 3.43 -10.18 47.06
CA HIS B 263 3.56 -10.24 45.61
C HIS B 263 2.22 -10.33 44.91
N ALA B 264 2.06 -9.51 43.87
CA ALA B 264 0.81 -9.53 43.11
C ALA B 264 1.08 -9.64 41.61
N LEU B 265 0.12 -10.20 40.92
CA LEU B 265 0.16 -10.41 39.49
C LEU B 265 -1.00 -9.62 38.88
N ILE B 266 -0.72 -8.84 37.84
CA ILE B 266 -1.79 -8.09 37.20
C ILE B 266 -1.79 -8.35 35.69
N ILE B 267 -3.00 -8.66 35.21
CA ILE B 267 -3.25 -8.94 33.80
C ILE B 267 -4.07 -7.79 33.22
N TYR B 268 -3.62 -7.17 32.13
CA TYR B 268 -4.41 -6.09 31.53
C TYR B 268 -5.00 -6.64 30.23
N ASP B 269 -6.23 -7.13 30.31
CA ASP B 269 -6.86 -7.78 29.16
C ASP B 269 -8.05 -7.02 28.59
N ASP B 270 -7.81 -6.20 27.57
CA ASP B 270 -6.48 -5.97 27.01
C ASP B 270 -6.20 -4.48 26.88
N LEU B 271 -4.95 -4.11 26.58
CA LEU B 271 -4.58 -2.71 26.44
C LEU B 271 -4.93 -2.12 25.08
N SER B 272 -5.13 -2.94 24.06
CA SER B 272 -5.55 -2.46 22.75
C SER B 272 -6.87 -1.69 22.86
N LYS B 273 -7.80 -2.30 23.59
CA LYS B 273 -9.12 -1.73 23.80
C LYS B 273 -9.06 -0.51 24.71
N GLN B 274 -8.14 -0.54 25.68
CA GLN B 274 -8.02 0.64 26.55
C GLN B 274 -7.54 1.81 25.68
N ALA B 275 -6.58 1.52 24.80
CA ALA B 275 -6.06 2.54 23.90
C ALA B 275 -7.11 3.07 22.94
N VAL B 276 -8.09 2.24 22.49
CA VAL B 276 -9.12 2.79 21.61
C VAL B 276 -10.06 3.68 22.43
N ALA B 277 -10.29 3.30 23.67
CA ALA B 277 -11.18 4.09 24.54
C ALA B 277 -10.57 5.48 24.76
N TYR B 278 -9.27 5.50 25.05
CA TYR B 278 -8.57 6.75 25.27
C TYR B 278 -8.53 7.56 23.98
N ARG B 279 -8.37 6.88 22.85
CA ARG B 279 -8.42 7.61 21.57
C ARG B 279 -9.78 8.31 21.45
N GLN B 280 -10.85 7.62 21.84
CA GLN B 280 -12.19 8.18 21.80
C GLN B 280 -12.29 9.44 22.66
N MET B 281 -11.73 9.37 23.87
CA MET B 281 -11.73 10.51 24.77
C MET B 281 -10.95 11.67 24.16
N SER B 282 -9.78 11.36 23.59
CA SER B 282 -8.93 12.36 22.99
C SER B 282 -9.55 13.03 21.78
N LEU B 283 -10.14 12.25 20.86
CA LEU B 283 -10.76 12.87 19.68
C LEU B 283 -11.93 13.75 20.07
N LEU B 284 -12.76 13.32 21.03
CA LEU B 284 -13.88 14.15 21.46
C LEU B 284 -13.39 15.42 22.13
N LEU B 285 -12.21 15.38 22.73
CA LEU B 285 -11.59 16.56 23.33
C LEU B 285 -10.94 17.42 22.23
N ARG B 286 -10.96 16.91 21.01
CA ARG B 286 -10.38 17.58 19.86
C ARG B 286 -8.87 17.69 19.93
N ARG B 287 -8.21 16.70 20.51
CA ARG B 287 -6.73 16.71 20.54
C ARG B 287 -6.23 16.19 19.19
N PRO B 288 -5.10 16.69 18.73
CA PRO B 288 -4.53 16.39 17.43
C PRO B 288 -4.18 14.92 17.25
N PRO B 289 -4.89 14.26 16.36
CA PRO B 289 -4.71 12.87 16.01
C PRO B 289 -3.43 12.66 15.23
N GLY B 290 -2.73 11.56 15.48
CA GLY B 290 -1.50 11.27 14.76
C GLY B 290 -1.65 9.92 14.04
N ARG B 291 -0.58 9.14 14.06
CA ARG B 291 -0.57 7.82 13.45
C ARG B 291 -1.79 7.02 13.90
N GLU B 292 -2.51 6.44 12.96
CA GLU B 292 -3.71 5.66 13.21
C GLU B 292 -4.72 6.43 14.06
N ALA B 293 -4.57 7.74 14.11
CA ALA B 293 -5.48 8.64 14.80
C ALA B 293 -5.37 8.63 16.32
N TYR B 294 -4.33 7.98 16.84
CA TYR B 294 -4.07 7.97 18.27
C TYR B 294 -3.41 9.29 18.66
N PRO B 295 -3.68 9.75 19.86
CA PRO B 295 -3.11 10.97 20.40
C PRO B 295 -1.62 10.79 20.63
N GLY B 296 -0.82 11.84 20.49
CA GLY B 296 0.62 11.76 20.68
C GLY B 296 0.99 11.14 22.01
N ASP B 297 0.05 11.08 22.96
CA ASP B 297 0.38 10.56 24.28
C ASP B 297 -0.12 9.15 24.54
N VAL B 298 -0.33 8.35 23.50
CA VAL B 298 -0.72 6.96 23.73
C VAL B 298 0.47 6.18 24.31
N PHE B 299 1.68 6.55 23.90
CA PHE B 299 2.87 5.86 24.44
C PHE B 299 2.85 6.02 25.96
N TYR B 300 2.73 7.27 26.39
CA TYR B 300 2.68 7.62 27.79
C TYR B 300 1.53 6.98 28.54
N LEU B 301 0.40 6.77 27.89
CA LEU B 301 -0.75 6.12 28.54
C LEU B 301 -0.31 4.78 29.10
N HIS B 302 0.43 4.01 28.29
CA HIS B 302 0.89 2.70 28.72
C HIS B 302 2.21 2.73 29.46
N SER B 303 3.13 3.64 29.16
CA SER B 303 4.42 3.64 29.84
C SER B 303 4.29 3.89 31.35
N ARG B 304 3.57 4.93 31.76
CA ARG B 304 3.46 5.21 33.19
C ARG B 304 2.78 4.06 33.92
N LEU B 305 1.87 3.38 33.23
CA LEU B 305 1.16 2.25 33.78
C LEU B 305 2.06 1.07 34.07
N LEU B 306 2.76 0.57 33.06
CA LEU B 306 3.57 -0.64 33.21
C LEU B 306 4.84 -0.40 33.99
N GLU B 307 5.22 0.88 34.14
CA GLU B 307 6.39 1.21 34.97
C GLU B 307 6.08 0.91 36.44
N ARG B 308 4.79 0.80 36.77
CA ARG B 308 4.41 0.54 38.16
C ARG B 308 4.55 -0.92 38.50
N ALA B 309 4.68 -1.79 37.49
CA ALA B 309 5.01 -3.20 37.81
C ALA B 309 6.51 -3.17 38.14
N ALA B 310 6.90 -3.63 39.32
CA ALA B 310 8.29 -3.56 39.74
C ALA B 310 8.67 -4.58 40.80
N LYS B 311 9.98 -4.74 40.96
CA LYS B 311 10.56 -5.61 41.99
C LYS B 311 11.22 -4.72 43.04
N MET B 312 10.74 -4.79 44.27
CA MET B 312 11.31 -3.93 45.32
C MET B 312 12.45 -4.62 46.04
N ASN B 313 13.49 -3.89 46.42
CA ASN B 313 14.58 -4.52 47.19
C ASN B 313 14.14 -4.76 48.63
N ASP B 314 14.98 -5.43 49.42
CA ASP B 314 14.63 -5.77 50.80
C ASP B 314 14.42 -4.54 51.66
N ALA B 315 15.22 -3.50 51.43
CA ALA B 315 15.04 -2.27 52.22
C ALA B 315 13.64 -1.70 52.04
N PHE B 316 12.91 -2.13 51.03
CA PHE B 316 11.58 -1.66 50.75
C PHE B 316 10.53 -2.76 50.90
N GLY B 317 10.88 -3.82 51.62
CA GLY B 317 9.94 -4.90 51.91
C GLY B 317 10.07 -6.13 51.06
N GLY B 318 10.80 -6.06 49.94
CA GLY B 318 10.98 -7.19 49.06
C GLY B 318 9.75 -7.59 48.26
N GLY B 319 8.67 -6.82 48.31
CA GLY B 319 7.48 -7.18 47.55
C GLY B 319 7.65 -6.94 46.06
N SER B 320 6.66 -7.33 45.26
CA SER B 320 6.72 -7.12 43.82
C SER B 320 5.32 -7.03 43.21
N LEU B 321 5.28 -6.56 41.98
CA LEU B 321 4.09 -6.48 41.16
C LEU B 321 4.51 -6.89 39.74
N THR B 322 3.97 -7.99 39.26
CA THR B 322 4.26 -8.54 37.94
C THR B 322 3.09 -8.22 37.01
N ALA B 323 3.38 -7.78 35.79
CA ALA B 323 2.33 -7.40 34.85
C ALA B 323 2.35 -8.16 33.53
N LEU B 324 1.16 -8.61 33.15
CA LEU B 324 0.93 -9.30 31.90
C LEU B 324 -0.04 -8.51 31.00
N PRO B 325 0.47 -7.46 30.39
CA PRO B 325 -0.30 -6.66 29.45
C PRO B 325 -0.66 -7.52 28.24
N VAL B 326 -1.90 -7.40 27.77
CA VAL B 326 -2.31 -8.15 26.58
C VAL B 326 -2.51 -7.14 25.45
N ILE B 327 -2.01 -7.50 24.27
CA ILE B 327 -2.18 -6.65 23.09
C ILE B 327 -2.74 -7.48 21.95
N GLU B 328 -3.72 -6.94 21.22
CA GLU B 328 -4.30 -7.65 20.09
C GLU B 328 -3.81 -7.05 18.77
N THR B 329 -3.18 -7.87 17.93
CA THR B 329 -2.73 -7.40 16.63
C THR B 329 -3.76 -7.75 15.54
N GLN B 330 -3.53 -7.14 14.38
CA GLN B 330 -4.34 -7.40 13.20
C GLN B 330 -3.50 -8.15 12.17
N ALA B 331 -3.97 -9.32 11.76
CA ALA B 331 -3.27 -10.14 10.78
C ALA B 331 -1.77 -10.16 11.08
N GLY B 332 -1.42 -10.44 12.32
CA GLY B 332 -0.06 -10.57 12.78
C GLY B 332 0.85 -9.38 12.60
N ASP B 333 0.31 -8.17 12.55
CA ASP B 333 1.13 -6.98 12.36
C ASP B 333 1.71 -6.44 13.66
N VAL B 334 2.87 -6.95 14.05
CA VAL B 334 3.50 -6.55 15.31
C VAL B 334 4.40 -5.33 15.13
N SER B 335 4.21 -4.62 14.02
CA SER B 335 5.04 -3.41 13.80
C SER B 335 4.13 -2.20 13.77
N ALA B 336 2.84 -2.48 14.03
CA ALA B 336 1.86 -1.38 14.13
C ALA B 336 2.27 -0.47 15.30
N TYR B 337 1.62 0.66 15.41
CA TYR B 337 1.93 1.68 16.41
C TYR B 337 1.86 1.19 17.85
N ILE B 338 0.69 0.72 18.26
CA ILE B 338 0.47 0.31 19.64
C ILE B 338 1.39 -0.81 20.09
N PRO B 339 1.45 -1.89 19.34
CA PRO B 339 2.28 -3.04 19.60
C PRO B 339 3.75 -2.65 19.73
N THR B 340 4.18 -1.76 18.83
CA THR B 340 5.56 -1.29 18.89
C THR B 340 5.75 -0.43 20.14
N ASN B 341 4.73 0.34 20.50
CA ASN B 341 4.83 1.10 21.76
C ASN B 341 5.08 0.15 22.93
N VAL B 342 4.17 -0.82 23.08
CA VAL B 342 4.29 -1.74 24.21
C VAL B 342 5.54 -2.60 24.16
N ILE B 343 5.96 -3.12 23.02
CA ILE B 343 7.20 -3.87 22.95
C ILE B 343 8.30 -3.05 23.66
N SER B 344 8.30 -1.74 23.36
CA SER B 344 9.35 -0.90 23.94
C SER B 344 9.07 -0.49 25.37
N ILE B 345 7.94 -0.90 25.95
CA ILE B 345 7.69 -0.63 27.36
C ILE B 345 8.13 -1.85 28.18
N THR B 346 7.57 -2.99 27.81
CA THR B 346 7.76 -4.22 28.56
C THR B 346 9.16 -4.81 28.47
N ASP B 347 9.38 -5.88 29.23
CA ASP B 347 10.65 -6.55 29.31
C ASP B 347 10.79 -7.79 28.43
N GLY B 348 9.88 -8.01 27.50
CA GLY B 348 9.93 -9.18 26.62
C GLY B 348 8.51 -9.46 26.12
N GLN B 349 8.35 -10.51 25.32
CA GLN B 349 7.05 -10.81 24.75
C GLN B 349 6.82 -12.30 24.51
N ILE B 350 5.56 -12.69 24.67
CA ILE B 350 5.09 -14.01 24.30
C ILE B 350 4.18 -13.82 23.08
N PHE B 351 4.68 -14.20 21.91
CA PHE B 351 3.94 -14.06 20.67
C PHE B 351 3.07 -15.29 20.40
N LEU B 352 1.79 -15.09 20.10
CA LEU B 352 0.91 -16.18 19.70
C LEU B 352 0.62 -16.11 18.20
N GLU B 353 0.65 -17.25 17.52
CA GLU B 353 0.45 -17.27 16.08
C GLU B 353 -0.75 -18.09 15.62
N THR B 354 -1.61 -17.46 14.84
CA THR B 354 -2.79 -18.07 14.26
C THR B 354 -2.50 -19.41 13.59
N GLU B 355 -1.53 -19.42 12.66
CA GLU B 355 -1.18 -20.66 11.98
C GLU B 355 -0.77 -21.77 12.93
N LEU B 356 -0.02 -21.52 14.00
CA LEU B 356 0.33 -22.58 14.94
C LEU B 356 -0.96 -23.09 15.60
N PHE B 357 -1.81 -22.12 15.95
CA PHE B 357 -3.09 -22.42 16.57
C PHE B 357 -4.00 -23.18 15.61
N TYR B 358 -4.13 -22.67 14.39
CA TYR B 358 -5.01 -23.26 13.39
C TYR B 358 -4.41 -24.54 12.82
N LYS B 359 -3.46 -25.09 13.57
CA LYS B 359 -2.75 -26.30 13.20
C LYS B 359 -2.73 -27.28 14.37
N GLY B 360 -3.17 -26.79 15.54
CA GLY B 360 -3.21 -27.60 16.74
C GLY B 360 -2.14 -27.30 17.76
N ILE B 361 -1.02 -26.69 17.37
CA ILE B 361 0.02 -26.39 18.37
C ILE B 361 -0.55 -25.43 19.41
N ARG B 362 -0.98 -25.98 20.54
CA ARG B 362 -1.56 -25.17 21.60
C ARG B 362 -0.95 -25.49 22.96
N PRO B 363 -0.46 -24.48 23.64
CA PRO B 363 -0.52 -23.10 23.23
C PRO B 363 0.25 -22.77 21.96
N ALA B 364 -0.29 -21.81 21.21
CA ALA B 364 0.26 -21.36 19.95
C ALA B 364 1.44 -20.41 20.11
N ILE B 365 2.42 -20.77 20.94
CA ILE B 365 3.56 -19.89 21.15
C ILE B 365 4.64 -20.04 20.10
N ASN B 366 5.05 -18.91 19.53
CA ASN B 366 6.16 -18.86 18.59
C ASN B 366 7.46 -18.76 19.39
N VAL B 367 8.07 -19.90 19.66
CA VAL B 367 9.29 -19.98 20.45
C VAL B 367 10.46 -19.24 19.84
N GLY B 368 10.40 -18.95 18.54
CA GLY B 368 11.47 -18.23 17.86
C GLY B 368 11.48 -16.76 18.21
N LEU B 369 10.31 -16.12 18.19
CA LEU B 369 10.22 -14.69 18.50
C LEU B 369 10.20 -14.42 19.99
N SER B 370 9.28 -15.04 20.73
CA SER B 370 9.16 -14.87 22.16
C SER B 370 10.50 -14.71 22.87
N VAL B 371 10.55 -13.82 23.86
CA VAL B 371 11.76 -13.61 24.65
C VAL B 371 11.39 -13.23 26.08
N SER B 372 12.34 -13.45 26.99
CA SER B 372 12.21 -13.09 28.39
C SER B 372 13.57 -13.20 29.07
N ARG B 373 14.41 -12.20 28.87
CA ARG B 373 15.74 -12.14 29.41
C ARG B 373 15.77 -12.03 30.93
N VAL B 374 15.05 -11.06 31.51
CA VAL B 374 15.11 -10.88 32.96
C VAL B 374 14.43 -12.05 33.69
N GLY B 375 13.54 -12.74 33.00
CA GLY B 375 12.84 -13.88 33.59
C GLY B 375 13.72 -15.11 33.57
N SER B 376 14.52 -15.24 32.51
CA SER B 376 15.44 -16.37 32.36
C SER B 376 16.42 -16.42 33.52
N ALA B 377 16.87 -15.26 33.95
CA ALA B 377 17.81 -15.17 35.07
C ALA B 377 17.12 -15.53 36.39
N ALA B 378 15.80 -15.47 36.41
CA ALA B 378 15.03 -15.77 37.62
C ALA B 378 14.31 -17.10 37.51
N GLN B 379 14.94 -18.06 36.85
CA GLN B 379 14.32 -19.36 36.65
C GLN B 379 14.99 -20.44 37.50
N THR B 380 14.19 -21.37 37.98
CA THR B 380 14.61 -22.50 38.79
C THR B 380 15.77 -23.25 38.14
N ARG B 381 16.73 -23.70 38.94
CA ARG B 381 17.87 -24.44 38.42
C ARG B 381 17.42 -25.74 37.76
N ALA B 382 16.49 -26.45 38.40
CA ALA B 382 15.97 -27.70 37.88
C ALA B 382 15.47 -27.56 36.44
N MET B 383 14.68 -26.53 36.19
CA MET B 383 14.17 -26.27 34.83
C MET B 383 15.34 -25.89 33.92
N LYS B 384 16.26 -25.09 34.48
CA LYS B 384 17.43 -24.66 33.74
C LYS B 384 18.23 -25.86 33.21
N GLN B 385 18.31 -26.91 34.02
CA GLN B 385 19.06 -28.10 33.67
C GLN B 385 18.49 -28.87 32.49
N VAL B 386 17.21 -28.77 32.19
CA VAL B 386 16.64 -29.48 31.05
C VAL B 386 16.16 -28.59 29.93
N ALA B 387 15.67 -27.39 30.23
CA ALA B 387 15.15 -26.49 29.22
C ALA B 387 16.25 -25.83 28.40
N GLY B 388 17.46 -25.78 28.96
CA GLY B 388 18.59 -25.21 28.20
C GLY B 388 18.81 -26.04 26.94
N THR B 389 19.07 -27.33 27.12
CA THR B 389 19.28 -28.22 25.99
C THR B 389 18.04 -28.28 25.11
N MET B 390 16.86 -28.24 25.71
CA MET B 390 15.64 -28.25 24.90
C MET B 390 15.61 -27.03 23.98
N LYS B 391 15.97 -25.87 24.53
CA LYS B 391 16.00 -24.65 23.71
C LYS B 391 16.92 -24.83 22.52
N LEU B 392 18.16 -25.22 22.78
CA LEU B 392 19.16 -25.45 21.74
C LEU B 392 18.66 -26.42 20.67
N GLU B 393 18.21 -27.58 21.11
CA GLU B 393 17.73 -28.62 20.21
C GLU B 393 16.51 -28.16 19.43
N LEU B 394 15.54 -27.60 20.14
CA LEU B 394 14.31 -27.11 19.51
C LEU B 394 14.65 -26.04 18.48
N ALA B 395 15.76 -25.33 18.73
CA ALA B 395 16.23 -24.31 17.80
C ALA B 395 16.78 -24.99 16.55
N GLN B 396 17.70 -25.93 16.78
CA GLN B 396 18.29 -26.70 15.69
C GLN B 396 17.19 -27.26 14.80
N TYR B 397 16.10 -27.71 15.42
CA TYR B 397 14.95 -28.24 14.67
C TYR B 397 14.34 -27.12 13.83
N ARG B 398 14.18 -25.96 14.46
CA ARG B 398 13.61 -24.78 13.84
C ARG B 398 14.50 -24.25 12.72
N GLU B 399 15.72 -24.77 12.63
CA GLU B 399 16.68 -24.32 11.63
C GLU B 399 16.31 -24.80 10.23
N VAL B 400 15.09 -24.46 9.82
CA VAL B 400 14.52 -24.78 8.53
C VAL B 400 14.16 -26.26 8.41
N ALA B 401 12.93 -26.57 8.84
CA ALA B 401 12.43 -27.93 8.82
C ALA B 401 11.08 -28.03 8.11
N ALA B 402 10.79 -27.06 7.23
CA ALA B 402 9.54 -27.10 6.46
C ALA B 402 9.68 -28.18 5.38
N PHE B 403 10.88 -28.73 5.32
CA PHE B 403 11.29 -29.72 4.36
C PHE B 403 10.90 -31.16 4.68
N ALA B 404 10.33 -31.43 5.84
CA ALA B 404 10.00 -32.79 6.25
C ALA B 404 9.81 -33.73 5.07
N GLN B 405 8.65 -33.78 4.48
CA GLN B 405 8.31 -34.64 3.36
C GLN B 405 9.48 -35.21 2.58
N PHE B 406 10.02 -36.34 3.01
CA PHE B 406 11.07 -37.08 2.34
C PHE B 406 11.50 -38.30 3.16
N GLY B 407 11.30 -38.23 4.47
CA GLY B 407 11.68 -39.30 5.37
C GLY B 407 13.08 -39.82 5.07
N SER B 408 13.17 -41.06 4.60
CA SER B 408 14.42 -41.72 4.31
C SER B 408 15.21 -41.06 3.19
N ASP B 409 14.85 -39.84 2.82
CA ASP B 409 15.56 -39.14 1.75
C ASP B 409 16.59 -38.16 2.29
N LEU B 410 16.35 -37.61 3.47
CA LEU B 410 17.28 -36.64 4.06
C LEU B 410 18.59 -37.32 4.44
N ASP B 411 19.50 -36.55 5.03
CA ASP B 411 20.80 -37.05 5.46
C ASP B 411 20.68 -38.04 6.60
N ALA B 412 21.56 -37.93 7.59
CA ALA B 412 21.54 -38.83 8.74
C ALA B 412 21.17 -38.09 10.02
N ALA B 413 22.00 -37.13 10.40
CA ALA B 413 21.78 -36.36 11.62
C ALA B 413 20.64 -35.36 11.46
N THR B 414 20.23 -35.10 10.23
CA THR B 414 19.15 -34.14 9.98
C THR B 414 17.78 -34.78 10.15
N GLN B 415 17.70 -36.09 9.93
CA GLN B 415 16.45 -36.80 10.16
C GLN B 415 16.31 -37.02 11.68
N GLN B 416 17.44 -36.83 12.35
CA GLN B 416 17.54 -36.96 13.80
C GLN B 416 17.04 -35.67 14.47
N LEU B 417 17.23 -34.55 13.78
CA LEU B 417 16.76 -33.26 14.31
C LEU B 417 15.25 -33.18 14.19
N LEU B 418 14.72 -33.75 13.12
CA LEU B 418 13.26 -33.79 12.94
C LEU B 418 12.72 -34.82 13.93
N SER B 419 13.62 -35.69 14.37
CA SER B 419 13.25 -36.72 15.36
C SER B 419 12.93 -36.03 16.68
N ARG B 420 13.95 -35.45 17.31
CA ARG B 420 13.76 -34.74 18.57
C ARG B 420 12.69 -33.65 18.42
N GLY B 421 12.92 -32.77 17.45
CA GLY B 421 12.06 -31.65 17.18
C GLY B 421 10.58 -31.93 17.28
N VAL B 422 10.09 -32.91 16.53
CA VAL B 422 8.66 -33.23 16.58
C VAL B 422 8.26 -33.79 17.93
N ARG B 423 9.17 -34.51 18.58
CA ARG B 423 8.91 -35.08 19.90
C ARG B 423 8.81 -33.96 20.94
N LEU B 424 9.86 -33.14 21.00
CA LEU B 424 9.87 -32.02 21.93
C LEU B 424 8.66 -31.12 21.68
N THR B 425 8.35 -30.89 20.40
CA THR B 425 7.18 -30.08 20.07
C THR B 425 5.94 -30.68 20.70
N GLU B 426 5.79 -32.00 20.67
CA GLU B 426 4.62 -32.63 21.27
C GLU B 426 4.61 -32.46 22.79
N LEU B 427 5.77 -32.36 23.42
CA LEU B 427 5.83 -32.17 24.86
C LEU B 427 5.32 -30.79 25.26
N LEU B 428 5.52 -29.80 24.39
CA LEU B 428 5.09 -28.44 24.72
C LEU B 428 3.60 -28.22 24.53
N LYS B 429 2.89 -29.23 24.04
CA LYS B 429 1.43 -29.05 23.93
C LYS B 429 0.82 -29.23 25.33
N GLN B 430 -0.23 -28.50 25.61
CA GLN B 430 -0.88 -28.61 26.93
C GLN B 430 -2.34 -28.22 26.79
N GLY B 431 -3.21 -28.86 27.56
CA GLY B 431 -4.63 -28.49 27.55
C GLY B 431 -4.81 -27.30 28.51
N GLN B 432 -6.05 -26.85 28.62
CA GLN B 432 -6.44 -25.75 29.47
C GLN B 432 -6.91 -26.20 30.85
N TYR B 433 -6.75 -25.33 31.83
CA TYR B 433 -7.22 -25.57 33.18
C TYR B 433 -6.46 -26.69 33.89
N SER B 434 -5.21 -26.91 33.50
CA SER B 434 -4.41 -27.92 34.20
C SER B 434 -2.94 -27.57 34.30
N PRO B 435 -2.65 -26.44 34.91
CA PRO B 435 -1.30 -25.95 35.11
C PRO B 435 -0.48 -26.97 35.90
N MET B 436 0.80 -27.09 35.58
CA MET B 436 1.65 -28.09 36.18
C MET B 436 2.71 -27.54 37.14
N ALA B 437 2.93 -28.28 38.23
CA ALA B 437 3.99 -27.89 39.17
C ALA B 437 5.31 -27.89 38.41
N ILE B 438 6.25 -27.01 38.77
CA ILE B 438 7.51 -27.00 38.02
C ILE B 438 8.21 -28.35 38.08
N GLU B 439 8.15 -29.06 39.21
CA GLU B 439 8.81 -30.35 39.33
C GLU B 439 8.26 -31.38 38.36
N GLU B 440 6.96 -31.33 38.06
CA GLU B 440 6.41 -32.27 37.08
C GLU B 440 6.86 -31.87 35.68
N GLN B 441 6.96 -30.56 35.46
CA GLN B 441 7.43 -30.04 34.18
C GLN B 441 8.80 -30.57 33.83
N VAL B 442 9.77 -30.44 34.75
CA VAL B 442 11.11 -30.93 34.41
C VAL B 442 11.10 -32.45 34.23
N ALA B 443 10.28 -33.17 35.00
CA ALA B 443 10.21 -34.62 34.82
C ALA B 443 9.86 -34.98 33.38
N VAL B 444 8.79 -34.39 32.81
CA VAL B 444 8.42 -34.73 31.44
C VAL B 444 9.42 -34.17 30.43
N ILE B 445 9.97 -33.00 30.69
CA ILE B 445 10.95 -32.44 29.74
C ILE B 445 12.24 -33.24 29.78
N TYR B 446 12.55 -33.77 30.97
CA TYR B 446 13.72 -34.62 31.13
C TYR B 446 13.58 -35.86 30.22
N ALA B 447 12.37 -36.39 30.15
CA ALA B 447 12.08 -37.56 29.34
C ALA B 447 12.41 -37.35 27.87
N GLY B 448 11.98 -36.23 27.31
CA GLY B 448 12.21 -35.93 25.91
C GLY B 448 13.63 -35.46 25.60
N VAL B 449 14.20 -34.66 26.49
CA VAL B 449 15.54 -34.11 26.26
C VAL B 449 16.64 -35.13 26.45
N ARG B 450 16.37 -36.24 27.13
CA ARG B 450 17.38 -37.27 27.35
C ARG B 450 17.29 -38.40 26.35
N GLY B 451 16.30 -38.41 25.47
CA GLY B 451 16.16 -39.41 24.44
C GLY B 451 15.08 -40.44 24.62
N TYR B 452 14.52 -40.59 25.81
CA TYR B 452 13.51 -41.58 26.11
C TYR B 452 12.24 -41.49 25.29
N LEU B 453 12.16 -40.68 24.25
CA LEU B 453 10.96 -40.62 23.43
C LEU B 453 11.29 -40.86 21.94
N ASP B 454 12.58 -40.83 21.62
CA ASP B 454 13.04 -40.98 20.25
C ASP B 454 12.46 -42.18 19.53
N LYS B 455 12.27 -43.29 20.22
CA LYS B 455 11.77 -44.52 19.60
C LYS B 455 10.25 -44.61 19.62
N LEU B 456 9.57 -43.61 20.19
CA LEU B 456 8.11 -43.64 20.24
C LEU B 456 7.51 -43.05 18.98
N GLU B 457 6.24 -43.34 18.76
CA GLU B 457 5.50 -42.83 17.60
C GLU B 457 4.96 -41.44 17.92
N PRO B 458 5.35 -40.45 17.18
CA PRO B 458 4.96 -39.06 17.36
C PRO B 458 3.57 -38.91 17.95
N SER B 459 2.60 -39.66 17.44
CA SER B 459 1.22 -39.62 17.90
C SER B 459 1.04 -40.31 19.24
N LYS B 460 2.13 -40.64 19.92
CA LYS B 460 2.07 -41.33 21.19
C LYS B 460 2.67 -40.55 22.35
N ILE B 461 3.37 -39.47 22.06
CA ILE B 461 4.03 -38.68 23.09
C ILE B 461 3.08 -38.14 24.14
N THR B 462 1.87 -37.76 23.76
CA THR B 462 0.93 -37.23 24.78
C THR B 462 0.44 -38.36 25.66
N LYS B 463 0.19 -39.53 25.07
CA LYS B 463 -0.24 -40.69 25.85
C LYS B 463 0.88 -41.09 26.81
N PHE B 464 2.12 -40.96 26.31
CA PHE B 464 3.27 -41.29 27.15
C PHE B 464 3.33 -40.31 28.32
N GLU B 465 3.41 -39.03 27.99
CA GLU B 465 3.50 -37.98 28.99
C GLU B 465 2.46 -38.14 30.10
N ASN B 466 1.19 -38.27 29.71
CA ASN B 466 0.12 -38.39 30.69
C ASN B 466 0.28 -39.64 31.56
N ALA B 467 0.67 -40.75 30.94
CA ALA B 467 0.85 -41.99 31.68
C ALA B 467 2.08 -41.90 32.57
N PHE B 468 3.14 -41.29 32.03
CA PHE B 468 4.37 -41.14 32.78
C PHE B 468 4.17 -40.28 34.02
N LEU B 469 3.45 -39.17 33.85
CA LEU B 469 3.20 -38.24 34.94
C LEU B 469 2.35 -38.84 36.05
N SER B 470 1.28 -39.56 35.73
CA SER B 470 0.47 -40.14 36.82
C SER B 470 1.26 -41.22 37.53
N HIS B 471 2.20 -41.85 36.81
CA HIS B 471 3.05 -42.86 37.42
C HIS B 471 4.03 -42.24 38.40
N VAL B 472 4.61 -41.09 38.06
CA VAL B 472 5.56 -40.47 38.98
C VAL B 472 4.85 -39.76 40.12
N ILE B 473 3.71 -39.13 39.84
CA ILE B 473 2.95 -38.46 40.89
C ILE B 473 2.60 -39.45 41.99
N SER B 474 2.15 -40.63 41.58
CA SER B 474 1.67 -41.66 42.46
C SER B 474 2.74 -42.51 43.12
N GLN B 475 3.86 -42.75 42.47
CA GLN B 475 4.88 -43.63 43.04
C GLN B 475 6.18 -42.94 43.41
N HIS B 476 6.42 -41.71 42.96
CA HIS B 476 7.70 -41.08 43.24
C HIS B 476 7.60 -39.68 43.81
N GLN B 477 6.57 -39.45 44.63
CA GLN B 477 6.37 -38.17 45.30
C GLN B 477 7.67 -37.70 45.94
N ALA B 478 8.35 -38.59 46.64
CA ALA B 478 9.61 -38.24 47.30
C ALA B 478 10.58 -37.61 46.31
N LEU B 479 10.80 -38.29 45.19
CA LEU B 479 11.72 -37.76 44.17
C LEU B 479 11.24 -36.39 43.70
N LEU B 480 9.96 -36.31 43.36
CA LEU B 480 9.38 -35.03 42.94
C LEU B 480 9.59 -33.99 44.05
N GLY B 481 9.41 -34.42 45.29
CA GLY B 481 9.57 -33.54 46.44
C GLY B 481 10.96 -32.91 46.49
N LYS B 482 11.98 -33.73 46.28
CA LYS B 482 13.37 -33.30 46.33
C LYS B 482 13.72 -32.32 45.23
N ILE B 483 13.29 -32.60 44.00
CA ILE B 483 13.55 -31.68 42.89
C ILE B 483 12.94 -30.33 43.22
N ARG B 484 11.69 -30.38 43.70
CA ARG B 484 11.00 -29.16 44.11
C ARG B 484 11.80 -28.47 45.22
N THR B 485 11.74 -29.03 46.41
CA THR B 485 12.43 -28.52 47.58
C THR B 485 13.83 -28.02 47.31
N ASP B 486 14.62 -28.74 46.51
CA ASP B 486 15.98 -28.31 46.22
C ASP B 486 16.02 -27.32 45.07
N GLY B 487 15.01 -27.38 44.21
CA GLY B 487 14.95 -26.50 43.04
C GLY B 487 16.06 -26.85 42.05
N LYS B 488 16.57 -28.08 42.16
CA LYS B 488 17.66 -28.54 41.31
C LYS B 488 17.62 -30.05 41.13
N ILE B 489 18.11 -30.52 39.98
CA ILE B 489 18.20 -31.96 39.73
C ILE B 489 19.60 -32.43 40.16
N SER B 490 19.68 -32.99 41.36
CA SER B 490 20.97 -33.49 41.86
C SER B 490 21.42 -34.70 41.04
N GLU B 491 22.73 -34.94 40.99
CA GLU B 491 23.25 -36.12 40.27
C GLU B 491 22.59 -37.38 40.84
N GLU B 492 22.22 -37.28 42.12
CA GLU B 492 21.50 -38.35 42.80
C GLU B 492 20.11 -38.49 42.18
N SER B 493 19.35 -37.39 42.25
CA SER B 493 18.02 -37.33 41.67
C SER B 493 18.04 -37.66 40.18
N ASP B 494 19.13 -37.34 39.50
CA ASP B 494 19.24 -37.63 38.07
C ASP B 494 19.25 -39.14 37.84
N ALA B 495 20.22 -39.79 38.47
CA ALA B 495 20.37 -41.24 38.35
C ALA B 495 19.07 -41.95 38.74
N LYS B 496 18.40 -41.40 39.72
CA LYS B 496 17.12 -41.95 40.19
C LYS B 496 16.02 -41.73 39.15
N LEU B 497 16.07 -40.56 38.52
CA LEU B 497 15.10 -40.21 37.48
C LEU B 497 15.36 -41.08 36.26
N LYS B 498 16.65 -41.34 36.02
CA LYS B 498 17.04 -42.18 34.91
C LYS B 498 16.38 -43.55 34.98
N GLU B 499 16.35 -44.11 36.19
CA GLU B 499 15.77 -45.43 36.41
C GLU B 499 14.26 -45.44 36.29
N ILE B 500 13.61 -44.39 36.76
CA ILE B 500 12.16 -44.29 36.71
C ILE B 500 11.64 -44.27 35.28
N VAL B 501 12.29 -43.48 34.43
CA VAL B 501 11.86 -43.37 33.04
C VAL B 501 12.22 -44.61 32.25
N THR B 502 13.42 -45.15 32.46
CA THR B 502 13.85 -46.35 31.76
C THR B 502 12.86 -47.49 31.98
N ASN B 503 12.57 -47.80 33.24
CA ASN B 503 11.65 -48.88 33.56
C ASN B 503 10.25 -48.58 33.02
N PHE B 504 9.76 -47.37 33.26
CA PHE B 504 8.42 -47.02 32.80
C PHE B 504 8.31 -47.12 31.28
N LEU B 505 9.29 -46.55 30.58
CA LEU B 505 9.28 -46.60 29.11
C LEU B 505 9.19 -48.05 28.66
N ALA B 506 9.91 -48.90 29.38
CA ALA B 506 9.97 -50.33 29.09
C ALA B 506 8.62 -51.00 29.18
N GLY B 507 7.87 -50.73 30.23
CA GLY B 507 6.56 -51.34 30.42
C GLY B 507 5.43 -50.58 29.74
N PHE B 508 5.74 -49.47 29.09
CA PHE B 508 4.69 -48.69 28.44
C PHE B 508 4.27 -49.32 27.13
N GLU B 509 3.00 -49.75 27.06
CA GLU B 509 2.54 -50.35 25.80
C GLU B 509 1.95 -49.26 24.90
N ALA B 510 2.80 -48.67 24.08
CA ALA B 510 2.41 -47.60 23.17
C ALA B 510 1.01 -47.84 22.59
N ALA C 19 4.08 66.20 26.15
CA ALA C 19 5.27 66.77 25.44
C ALA C 19 6.18 65.69 24.86
N ASP C 20 6.14 64.47 25.39
CA ASP C 20 6.98 63.40 24.83
C ASP C 20 6.23 62.65 23.73
N THR C 21 6.57 62.92 22.48
CA THR C 21 5.89 62.25 21.38
C THR C 21 6.80 61.30 20.61
N SER C 22 7.62 60.54 21.34
CA SER C 22 8.54 59.60 20.71
C SER C 22 7.93 58.19 20.66
N VAL C 23 6.79 58.03 21.33
CA VAL C 23 6.14 56.71 21.39
C VAL C 23 4.69 56.79 20.95
N ASP C 24 4.47 57.48 19.81
CA ASP C 24 3.12 57.51 19.23
C ASP C 24 2.81 56.14 18.63
N LEU C 25 1.57 55.86 18.25
CA LEU C 25 1.24 54.53 17.71
C LEU C 25 1.23 54.43 16.21
N GLU C 26 1.89 55.34 15.51
CA GLU C 26 2.01 55.29 14.06
C GLU C 26 3.38 54.77 13.64
N GLU C 27 4.43 55.21 14.33
CA GLU C 27 5.78 54.77 14.00
C GLU C 27 6.32 53.77 15.01
N THR C 28 5.56 53.48 16.06
CA THR C 28 5.99 52.55 17.09
C THR C 28 4.80 51.69 17.53
N GLY C 29 5.13 50.64 18.26
CA GLY C 29 4.08 49.76 18.77
C GLY C 29 4.56 49.09 20.06
N ARG C 30 3.68 48.28 20.63
CA ARG C 30 4.06 47.52 21.82
C ARG C 30 3.59 46.08 21.69
N VAL C 31 4.41 45.16 22.18
CA VAL C 31 4.13 43.73 22.10
C VAL C 31 2.88 43.38 22.89
N LEU C 32 1.90 42.79 22.21
CA LEU C 32 0.67 42.34 22.86
C LEU C 32 0.93 40.99 23.51
N SER C 33 1.63 40.13 22.76
CA SER C 33 1.98 38.80 23.20
C SER C 33 3.15 38.30 22.35
N ILE C 34 3.87 37.33 22.89
CA ILE C 34 5.02 36.79 22.15
C ILE C 34 5.21 35.33 22.48
N GLY C 35 5.35 34.52 21.43
CA GLY C 35 5.52 33.08 21.60
C GLY C 35 5.88 32.41 20.28
N ASP C 36 6.88 31.52 20.34
CA ASP C 36 7.31 30.77 19.18
C ASP C 36 7.70 31.64 18.00
N GLY C 37 8.53 32.65 18.22
CA GLY C 37 9.02 33.52 17.18
C GLY C 37 7.97 34.42 16.56
N ILE C 38 6.78 34.45 17.15
CA ILE C 38 5.72 35.32 16.66
C ILE C 38 5.37 36.40 17.67
N ALA C 39 5.53 37.67 17.29
CA ALA C 39 5.11 38.75 18.18
C ALA C 39 3.86 39.42 17.60
N ARG C 40 2.85 39.59 18.43
CA ARG C 40 1.63 40.29 18.02
C ARG C 40 1.78 41.73 18.54
N VAL C 41 1.80 42.70 17.64
CA VAL C 41 2.07 44.08 18.05
C VAL C 41 0.89 45.02 17.90
N HIS C 42 0.67 45.81 18.94
CA HIS C 42 -0.34 46.84 18.98
C HIS C 42 0.26 48.16 18.46
N GLY C 43 -0.44 48.86 17.59
CA GLY C 43 0.05 50.11 17.02
C GLY C 43 0.72 49.94 15.67
N LEU C 44 1.89 50.55 15.49
CA LEU C 44 2.61 50.48 14.22
C LEU C 44 1.63 50.76 13.08
N ARG C 45 0.73 51.71 13.30
CA ARG C 45 -0.30 52.04 12.33
C ARG C 45 0.22 52.33 10.94
N ASN C 46 1.40 52.94 10.83
CA ASN C 46 1.96 53.29 9.54
C ASN C 46 2.91 52.25 8.97
N VAL C 47 3.03 51.08 9.60
CA VAL C 47 3.96 50.06 9.12
C VAL C 47 3.52 49.47 7.80
N GLN C 48 4.48 49.10 6.97
CA GLN C 48 4.25 48.51 5.66
C GLN C 48 4.29 46.98 5.73
N ALA C 49 3.55 46.33 4.83
CA ALA C 49 3.62 44.86 4.74
C ALA C 49 5.04 44.50 4.31
N GLU C 50 5.67 43.60 5.07
CA GLU C 50 7.02 43.15 4.74
C GLU C 50 8.09 44.14 5.16
N GLU C 51 7.75 45.08 6.04
CA GLU C 51 8.69 46.06 6.54
C GLU C 51 9.46 45.50 7.74
N MET C 52 10.75 45.81 7.79
CA MET C 52 11.58 45.41 8.91
C MET C 52 11.23 46.30 10.11
N VAL C 53 11.13 45.70 11.28
CA VAL C 53 10.86 46.43 12.51
C VAL C 53 11.92 46.04 13.54
N GLU C 54 12.01 46.76 14.65
CA GLU C 54 13.05 46.43 15.63
C GLU C 54 12.50 46.37 17.05
N PHE C 55 12.93 45.35 17.79
CA PHE C 55 12.50 45.21 19.18
C PHE C 55 13.49 45.93 20.11
N SER C 56 12.93 46.38 21.24
CA SER C 56 13.72 47.08 22.24
C SER C 56 15.07 46.39 22.46
N SER C 57 15.06 45.08 22.36
CA SER C 57 16.21 44.23 22.57
C SER C 57 17.31 44.31 21.52
N GLY C 58 17.13 45.03 20.43
CA GLY C 58 18.14 45.07 19.36
C GLY C 58 17.81 44.04 18.27
N LEU C 59 16.88 43.17 18.58
CA LEU C 59 16.40 42.11 17.70
C LEU C 59 15.49 42.64 16.59
N LYS C 60 15.69 42.15 15.37
CA LYS C 60 14.87 42.55 14.25
C LYS C 60 13.75 41.54 13.96
N GLY C 61 12.74 42.01 13.26
CA GLY C 61 11.57 41.24 12.90
C GLY C 61 10.90 41.81 11.66
N MET C 62 10.02 41.02 11.06
CA MET C 62 9.36 41.44 9.82
C MET C 62 7.84 41.38 9.93
N SER C 63 7.19 42.43 9.46
CA SER C 63 5.75 42.56 9.47
C SER C 63 5.10 41.77 8.33
N LEU C 64 4.49 40.64 8.67
CA LEU C 64 3.86 39.81 7.65
C LEU C 64 2.35 39.91 7.66
N ASN C 65 1.73 39.90 8.83
CA ASN C 65 0.28 40.01 8.96
C ASN C 65 -0.14 41.42 9.37
N LEU C 66 -0.84 42.13 8.50
CA LEU C 66 -1.37 43.44 8.86
C LEU C 66 -2.88 43.32 9.12
N GLU C 67 -3.24 43.16 10.38
CA GLU C 67 -4.63 43.01 10.78
C GLU C 67 -5.14 44.29 11.42
N PRO C 68 -6.45 44.45 11.46
CA PRO C 68 -7.11 45.61 11.98
C PRO C 68 -6.72 45.98 13.40
N ASP C 69 -6.46 45.01 14.26
CA ASP C 69 -6.13 45.30 15.66
C ASP C 69 -4.70 45.00 16.05
N ASN C 70 -3.90 44.41 15.18
CA ASN C 70 -2.53 44.05 15.54
C ASN C 70 -1.67 43.80 14.31
N VAL C 71 -0.36 43.89 14.50
CA VAL C 71 0.56 43.50 13.42
C VAL C 71 1.19 42.16 13.82
N GLY C 72 1.19 41.20 12.91
CA GLY C 72 1.81 39.89 13.16
C GLY C 72 3.28 39.98 12.74
N VAL C 73 4.18 39.85 13.71
CA VAL C 73 5.60 40.00 13.42
C VAL C 73 6.41 38.72 13.62
N VAL C 74 7.22 38.45 12.62
CA VAL C 74 8.12 37.31 12.53
C VAL C 74 9.51 37.73 12.99
N VAL C 75 10.03 37.08 14.03
CA VAL C 75 11.28 37.47 14.64
C VAL C 75 12.51 36.76 14.09
N PHE C 76 13.52 37.55 13.72
CA PHE C 76 14.77 37.06 13.19
C PHE C 76 15.82 36.80 14.26
N GLY C 77 15.50 35.99 15.25
CA GLY C 77 16.45 35.64 16.30
C GLY C 77 15.75 34.98 17.47
N ASN C 78 16.47 34.84 18.58
CA ASN C 78 15.90 34.23 19.77
C ASN C 78 14.83 35.10 20.40
N ASP C 79 13.59 34.64 20.39
CA ASP C 79 12.47 35.42 20.92
C ASP C 79 12.45 35.50 22.44
N LYS C 80 13.30 34.75 23.12
CA LYS C 80 13.27 34.75 24.58
C LYS C 80 13.51 36.15 25.13
N LEU C 81 14.09 37.01 24.31
CA LEU C 81 14.43 38.36 24.69
C LEU C 81 13.28 39.34 24.63
N ILE C 82 12.14 38.94 24.08
CA ILE C 82 10.99 39.82 23.97
C ILE C 82 9.94 39.55 25.04
N LYS C 83 9.34 40.60 25.60
CA LYS C 83 8.32 40.44 26.62
C LYS C 83 7.07 41.27 26.30
N GLU C 84 5.95 40.93 26.94
CA GLU C 84 4.72 41.72 26.75
C GLU C 84 5.00 43.19 27.09
N GLY C 85 4.56 44.10 26.23
CA GLY C 85 4.75 45.51 26.50
C GLY C 85 5.96 46.14 25.86
N ASP C 86 6.96 45.37 25.45
CA ASP C 86 8.14 45.95 24.81
C ASP C 86 7.76 46.93 23.70
N ILE C 87 8.67 47.84 23.42
CA ILE C 87 8.52 48.82 22.37
C ILE C 87 8.99 48.20 21.04
N VAL C 88 8.20 48.45 20.00
CA VAL C 88 8.59 48.02 18.65
C VAL C 88 8.67 49.24 17.75
N LYS C 89 9.74 49.38 16.98
CA LYS C 89 9.93 50.55 16.14
C LYS C 89 9.99 50.24 14.65
N ARG C 90 9.33 51.08 13.86
CA ARG C 90 9.40 51.01 12.40
C ARG C 90 10.82 51.37 11.94
N THR C 91 11.20 50.86 10.81
CA THR C 91 12.51 51.14 10.20
C THR C 91 12.27 51.91 8.91
N GLY C 92 11.02 51.78 8.44
CA GLY C 92 10.60 52.41 7.19
C GLY C 92 11.17 51.71 5.99
N ALA C 93 11.80 50.55 6.17
CA ALA C 93 12.39 49.84 5.05
C ALA C 93 11.92 48.40 4.88
N ILE C 94 11.58 48.05 3.65
CA ILE C 94 11.21 46.67 3.31
C ILE C 94 12.48 45.83 3.49
N VAL C 95 12.36 44.61 4.01
CA VAL C 95 13.52 43.78 4.29
C VAL C 95 14.53 43.76 3.15
N ASP C 96 15.79 44.01 3.48
CA ASP C 96 16.89 43.99 2.52
C ASP C 96 18.17 43.48 3.17
N VAL C 97 19.24 43.32 2.41
CA VAL C 97 20.53 42.86 2.92
C VAL C 97 21.69 43.54 2.18
N PRO C 98 22.85 43.50 2.80
CA PRO C 98 24.08 44.04 2.24
C PRO C 98 24.44 43.32 0.95
N VAL C 99 25.11 43.98 0.01
CA VAL C 99 25.38 43.33 -1.28
C VAL C 99 26.62 43.89 -1.95
N GLY C 100 27.34 43.07 -2.72
CA GLY C 100 28.52 43.52 -3.42
C GLY C 100 29.70 42.55 -3.32
N GLU C 101 30.83 42.96 -3.90
CA GLU C 101 32.02 42.12 -3.91
C GLU C 101 32.67 41.96 -2.55
N GLU C 102 32.37 42.84 -1.59
CA GLU C 102 32.98 42.74 -0.27
C GLU C 102 32.55 41.47 0.46
N LEU C 103 31.58 40.74 -0.07
CA LEU C 103 31.10 39.52 0.55
C LEU C 103 31.85 38.28 0.08
N LEU C 104 32.67 38.39 -0.96
CA LEU C 104 33.43 37.25 -1.47
C LEU C 104 34.51 36.83 -0.47
N GLY C 105 34.56 35.54 -0.16
CA GLY C 105 35.54 35.02 0.79
C GLY C 105 35.02 35.12 2.21
N ARG C 106 33.77 35.57 2.39
CA ARG C 106 33.23 35.74 3.73
C ARG C 106 32.07 34.80 4.04
N VAL C 107 31.89 34.53 5.33
CA VAL C 107 30.77 33.70 5.77
C VAL C 107 29.79 34.61 6.55
N VAL C 108 28.54 34.66 6.11
CA VAL C 108 27.56 35.53 6.76
C VAL C 108 26.29 34.79 7.16
N ASP C 109 25.47 35.43 8.02
CA ASP C 109 24.20 34.82 8.41
C ASP C 109 23.12 35.24 7.43
N ALA C 110 21.86 34.91 7.67
CA ALA C 110 20.79 35.21 6.74
C ALA C 110 20.57 36.71 6.54
N LEU C 111 21.01 37.52 7.49
CA LEU C 111 20.78 38.96 7.41
C LEU C 111 21.96 39.70 6.82
N GLY C 112 23.05 39.03 6.54
CA GLY C 112 24.24 39.64 5.95
C GLY C 112 25.33 39.93 6.96
N ASN C 113 25.16 39.50 8.21
CA ASN C 113 26.18 39.77 9.23
C ASN C 113 27.30 38.74 9.19
N ALA C 114 28.53 39.21 9.33
CA ALA C 114 29.69 38.33 9.34
C ALA C 114 29.63 37.37 10.54
N ILE C 115 29.96 36.11 10.33
CA ILE C 115 30.02 35.15 11.42
C ILE C 115 31.32 34.36 11.37
N ASP C 116 32.24 34.78 10.52
CA ASP C 116 33.51 34.07 10.37
C ASP C 116 34.58 34.64 11.29
N GLY C 117 34.27 35.69 12.02
CA GLY C 117 35.17 36.30 12.98
C GLY C 117 36.24 37.17 12.33
N LYS C 118 36.06 37.54 11.07
CA LYS C 118 37.00 38.37 10.35
C LYS C 118 36.59 39.83 10.31
N GLY C 119 35.58 40.22 11.08
CA GLY C 119 35.14 41.59 11.17
C GLY C 119 33.94 41.95 10.31
N PRO C 120 33.51 43.20 10.40
CA PRO C 120 32.40 43.76 9.67
C PRO C 120 32.56 43.73 8.16
N ILE C 121 31.47 43.49 7.44
CA ILE C 121 31.51 43.54 5.97
C ILE C 121 31.28 45.00 5.56
N GLY C 122 32.28 45.60 4.94
CA GLY C 122 32.16 47.01 4.56
C GLY C 122 31.47 47.17 3.22
N SER C 123 30.27 46.61 3.08
CA SER C 123 29.56 46.72 1.80
C SER C 123 29.02 48.14 1.60
N LYS C 124 29.09 48.60 0.36
CA LYS C 124 28.65 49.94 0.00
C LYS C 124 27.30 49.95 -0.71
N ALA C 125 26.51 48.89 -0.56
CA ALA C 125 25.20 48.84 -1.21
C ALA C 125 24.31 47.77 -0.62
N ARG C 126 23.00 47.96 -0.73
CA ARG C 126 22.03 47.01 -0.22
C ARG C 126 20.97 46.67 -1.24
N ARG C 127 20.27 45.55 -1.02
CA ARG C 127 19.26 45.12 -1.98
C ARG C 127 18.10 44.39 -1.32
N ARG C 128 16.88 44.64 -1.80
CA ARG C 128 15.71 43.98 -1.23
C ARG C 128 15.75 42.48 -1.50
N VAL C 129 15.37 41.69 -0.49
CA VAL C 129 15.38 40.24 -0.62
C VAL C 129 14.21 39.70 -1.43
N GLY C 130 13.16 40.49 -1.64
CA GLY C 130 11.97 40.06 -2.34
C GLY C 130 11.73 40.58 -3.73
N LEU C 131 12.69 41.26 -4.35
CA LEU C 131 12.51 41.78 -5.70
C LEU C 131 12.03 40.70 -6.66
N LYS C 132 11.11 41.06 -7.55
CA LYS C 132 10.57 40.13 -8.55
C LYS C 132 11.62 39.85 -9.61
N ALA C 133 11.57 38.68 -10.23
CA ALA C 133 12.54 38.36 -11.27
C ALA C 133 12.27 39.20 -12.52
N PRO C 134 13.31 39.36 -13.32
CA PRO C 134 13.24 40.06 -14.59
C PRO C 134 12.20 39.39 -15.46
N GLY C 135 11.46 40.15 -16.26
CA GLY C 135 10.46 39.57 -17.14
C GLY C 135 11.06 39.14 -18.47
N ILE C 136 10.21 39.08 -19.49
CA ILE C 136 10.57 38.65 -20.83
C ILE C 136 11.63 39.49 -21.50
N ILE C 137 11.47 40.80 -21.54
CA ILE C 137 12.35 41.68 -22.29
C ILE C 137 13.80 41.71 -21.91
N PRO C 138 14.15 41.86 -20.66
CA PRO C 138 15.51 41.94 -20.19
C PRO C 138 16.34 40.67 -20.36
N ARG C 139 15.74 39.56 -20.75
CA ARG C 139 16.43 38.29 -20.86
C ARG C 139 16.84 37.96 -22.29
N ILE C 140 17.66 36.91 -22.43
CA ILE C 140 18.02 36.37 -23.72
C ILE C 140 18.35 34.89 -23.55
N SER C 141 18.01 34.06 -24.51
CA SER C 141 18.23 32.63 -24.45
C SER C 141 19.52 32.20 -23.78
N VAL C 142 19.45 31.20 -22.90
CA VAL C 142 20.64 30.67 -22.25
C VAL C 142 21.53 30.01 -23.31
N ARG C 143 22.81 30.40 -23.36
CA ARG C 143 23.71 29.89 -24.38
C ARG C 143 25.15 29.72 -23.95
N GLU C 144 25.54 30.27 -22.81
CA GLU C 144 26.93 30.14 -22.37
C GLU C 144 27.04 28.94 -21.42
N PRO C 145 27.99 28.07 -21.68
CA PRO C 145 28.23 26.90 -20.86
C PRO C 145 28.55 27.25 -19.42
N MET C 146 28.00 26.48 -18.50
CA MET C 146 28.32 26.56 -17.08
C MET C 146 28.83 25.13 -16.74
N GLN C 147 30.12 24.97 -16.99
CA GLN C 147 30.81 23.71 -16.83
C GLN C 147 30.94 23.31 -15.37
N THR C 148 30.33 22.18 -15.02
CA THR C 148 30.45 21.66 -13.67
C THR C 148 31.81 20.95 -13.57
N GLY C 149 32.27 20.48 -14.72
CA GLY C 149 33.51 19.72 -14.80
C GLY C 149 33.24 18.24 -14.53
N ILE C 150 31.97 17.86 -14.50
CA ILE C 150 31.53 16.49 -14.28
C ILE C 150 31.05 15.92 -15.62
N LYS C 151 31.75 14.93 -16.14
CA LYS C 151 31.42 14.33 -17.42
C LYS C 151 29.94 14.04 -17.60
N ALA C 152 29.35 13.32 -16.66
CA ALA C 152 27.95 12.92 -16.75
C ALA C 152 27.02 14.11 -16.81
N VAL C 153 27.35 15.18 -16.09
CA VAL C 153 26.51 16.36 -16.11
C VAL C 153 26.74 17.15 -17.39
N ASP C 154 28.00 17.50 -17.66
CA ASP C 154 28.34 18.34 -18.80
C ASP C 154 27.98 17.72 -20.14
N SER C 155 27.83 16.40 -20.20
CA SER C 155 27.48 15.75 -21.46
C SER C 155 26.01 15.38 -21.54
N LEU C 156 25.48 14.78 -20.49
CA LEU C 156 24.11 14.31 -20.50
C LEU C 156 23.08 15.37 -20.11
N VAL C 157 23.37 16.16 -19.09
CA VAL C 157 22.45 17.18 -18.62
C VAL C 157 23.17 18.50 -18.43
N PRO C 158 23.59 19.09 -19.54
CA PRO C 158 24.35 20.32 -19.57
C PRO C 158 23.62 21.51 -18.98
N ILE C 159 24.38 22.34 -18.27
CA ILE C 159 23.90 23.56 -17.67
C ILE C 159 24.52 24.79 -18.33
N GLY C 160 23.71 25.80 -18.55
CA GLY C 160 24.15 27.05 -19.17
C GLY C 160 23.99 28.21 -18.20
N ARG C 161 24.62 29.34 -18.47
CA ARG C 161 24.59 30.47 -17.55
C ARG C 161 23.23 31.14 -17.50
N GLY C 162 22.64 31.16 -16.31
CA GLY C 162 21.30 31.74 -16.15
C GLY C 162 20.26 30.62 -16.05
N GLN C 163 20.71 29.39 -16.21
CA GLN C 163 19.81 28.23 -16.08
C GLN C 163 19.58 27.92 -14.60
N ARG C 164 18.61 27.09 -14.32
CA ARG C 164 18.34 26.55 -13.00
C ARG C 164 18.36 25.01 -13.18
N GLU C 165 19.10 24.30 -12.35
CA GLU C 165 19.19 22.84 -12.51
C GLU C 165 19.14 22.20 -11.12
N LEU C 166 18.11 21.39 -10.88
CA LEU C 166 17.91 20.80 -9.56
C LEU C 166 18.80 19.60 -9.30
N ILE C 167 19.30 19.49 -8.06
CA ILE C 167 20.07 18.32 -7.62
C ILE C 167 19.19 17.62 -6.57
N ILE C 168 18.65 16.45 -6.92
CA ILE C 168 17.69 15.80 -6.02
C ILE C 168 18.04 14.34 -5.78
N GLY C 169 17.71 13.82 -4.60
CA GLY C 169 18.04 12.42 -4.28
C GLY C 169 17.99 12.20 -2.77
N ASP C 170 17.90 10.95 -2.34
CA ASP C 170 17.85 10.64 -0.91
C ASP C 170 19.10 11.17 -0.21
N ARG C 171 19.08 11.17 1.13
CA ARG C 171 20.27 11.58 1.86
C ARG C 171 21.46 10.71 1.44
N GLN C 172 22.66 11.27 1.43
CA GLN C 172 23.88 10.55 1.15
C GLN C 172 24.01 9.96 -0.23
N THR C 173 23.39 10.53 -1.26
CA THR C 173 23.49 10.00 -2.61
C THR C 173 24.53 10.76 -3.42
N GLY C 174 25.02 11.88 -2.89
CA GLY C 174 26.06 12.66 -3.52
C GLY C 174 25.68 14.06 -3.96
N LYS C 175 24.57 14.59 -3.48
CA LYS C 175 24.05 15.88 -3.85
C LYS C 175 24.98 17.05 -3.55
N THR C 176 25.39 17.22 -2.31
CA THR C 176 26.27 18.34 -1.95
C THR C 176 27.57 18.30 -2.74
N SER C 177 28.11 17.10 -2.93
CA SER C 177 29.33 16.87 -3.67
C SER C 177 29.34 17.41 -5.08
N ILE C 178 28.22 17.30 -5.79
CA ILE C 178 28.12 17.83 -7.13
C ILE C 178 28.30 19.35 -7.11
N ALA C 179 27.69 20.00 -6.12
CA ALA C 179 27.76 21.46 -6.02
C ALA C 179 29.13 21.96 -5.60
N ILE C 180 29.82 21.20 -4.75
CA ILE C 180 31.15 21.63 -4.30
C ILE C 180 32.13 21.55 -5.47
N ASP C 181 32.18 20.38 -6.11
CA ASP C 181 33.06 20.21 -7.26
C ASP C 181 32.79 21.31 -8.29
N THR C 182 31.51 21.61 -8.49
CA THR C 182 31.12 22.64 -9.42
C THR C 182 31.72 24.00 -9.05
N ILE C 183 31.76 24.29 -7.75
CA ILE C 183 32.32 25.56 -7.28
C ILE C 183 33.84 25.55 -7.55
N ILE C 184 34.48 24.48 -7.11
CA ILE C 184 35.92 24.32 -7.28
C ILE C 184 36.33 24.40 -8.74
N ASN C 185 35.49 23.91 -9.63
CA ASN C 185 35.77 23.90 -11.06
C ASN C 185 35.99 25.29 -11.65
N GLN C 186 35.31 26.29 -11.12
CA GLN C 186 35.41 27.64 -11.69
C GLN C 186 36.78 28.26 -11.53
N LYS C 187 37.59 27.73 -10.62
CA LYS C 187 38.92 28.28 -10.37
C LYS C 187 39.73 28.40 -11.66
N ARG C 188 39.44 27.57 -12.65
CA ARG C 188 40.15 27.65 -13.93
C ARG C 188 39.97 29.05 -14.54
N PHE C 189 38.72 29.50 -14.52
CA PHE C 189 38.37 30.76 -15.14
C PHE C 189 38.62 31.94 -14.21
N ASN C 190 38.43 31.72 -12.90
CA ASN C 190 38.60 32.82 -11.94
C ASN C 190 40.05 33.23 -11.78
N ASP C 191 40.97 32.33 -12.10
CA ASP C 191 42.39 32.63 -12.05
C ASP C 191 42.87 33.02 -13.46
N GLY C 192 42.01 32.79 -14.44
CA GLY C 192 42.33 33.08 -15.84
C GLY C 192 42.34 34.56 -16.13
N THR C 193 42.50 34.90 -17.41
CA THR C 193 42.56 36.29 -17.85
C THR C 193 41.25 36.71 -18.52
N ASP C 194 40.53 35.76 -19.11
CA ASP C 194 39.25 36.10 -19.74
C ASP C 194 38.18 36.40 -18.69
N GLU C 195 37.89 37.68 -18.51
CA GLU C 195 36.91 38.13 -17.53
C GLU C 195 35.50 37.63 -17.80
N LYS C 196 35.15 37.44 -19.07
CA LYS C 196 33.81 37.00 -19.42
C LYS C 196 33.54 35.60 -18.86
N LYS C 197 34.60 34.83 -18.65
CA LYS C 197 34.48 33.45 -18.20
C LYS C 197 34.38 33.33 -16.69
N LYS C 198 34.67 34.41 -15.97
CA LYS C 198 34.63 34.38 -14.52
C LYS C 198 33.24 33.98 -14.03
N LEU C 199 33.15 33.47 -12.82
CA LEU C 199 31.91 33.02 -12.21
C LEU C 199 32.06 32.98 -10.69
N TYR C 200 31.41 33.92 -10.02
CA TYR C 200 31.46 34.02 -8.56
C TYR C 200 30.46 33.06 -7.95
N CYS C 201 30.77 32.51 -6.78
CA CYS C 201 29.88 31.49 -6.23
C CYS C 201 29.25 31.85 -4.91
N ILE C 202 28.03 31.34 -4.71
CA ILE C 202 27.27 31.57 -3.50
C ILE C 202 26.76 30.23 -2.97
N TYR C 203 27.15 29.87 -1.76
CA TYR C 203 26.68 28.61 -1.16
C TYR C 203 25.76 28.94 0.01
N VAL C 204 24.45 28.69 -0.17
CA VAL C 204 23.49 28.97 0.89
C VAL C 204 23.22 27.70 1.69
N ALA C 205 23.57 27.72 2.97
CA ALA C 205 23.35 26.56 3.85
C ALA C 205 22.07 26.78 4.65
N ILE C 206 21.13 25.85 4.53
CA ILE C 206 19.86 25.95 5.23
C ILE C 206 19.58 24.72 6.10
N GLY C 207 19.36 24.91 7.39
CA GLY C 207 18.98 23.84 8.28
C GLY C 207 20.07 22.84 8.60
N GLN C 208 21.25 23.03 8.02
CA GLN C 208 22.35 22.10 8.25
C GLN C 208 22.92 22.25 9.66
N LYS C 209 23.87 21.37 9.97
CA LYS C 209 24.61 21.39 11.23
C LYS C 209 25.84 22.29 11.06
N ARG C 210 26.02 23.26 11.95
CA ARG C 210 27.15 24.18 11.90
C ARG C 210 28.49 23.52 11.63
N SER C 211 28.82 22.43 12.30
CA SER C 211 30.11 21.77 12.06
C SER C 211 30.18 21.29 10.60
N THR C 212 29.03 20.96 10.03
CA THR C 212 29.08 20.51 8.63
C THR C 212 29.44 21.69 7.73
N VAL C 213 28.88 22.87 8.03
CA VAL C 213 29.18 24.06 7.23
C VAL C 213 30.65 24.43 7.37
N ALA C 214 31.19 24.32 8.60
CA ALA C 214 32.62 24.62 8.81
C ALA C 214 33.50 23.67 8.03
N GLN C 215 33.24 22.36 8.07
CA GLN C 215 34.08 21.46 7.27
C GLN C 215 34.06 21.94 5.81
N LEU C 216 32.86 22.21 5.33
CA LEU C 216 32.61 22.70 3.99
C LEU C 216 33.48 23.90 3.64
N VAL C 217 33.41 24.99 4.44
CA VAL C 217 34.22 26.15 4.13
C VAL C 217 35.71 25.83 4.26
N LYS C 218 36.08 24.88 5.11
CA LYS C 218 37.48 24.47 5.19
C LYS C 218 37.86 23.74 3.90
N ARG C 219 36.91 23.02 3.32
CA ARG C 219 37.16 22.31 2.06
C ARG C 219 37.38 23.31 0.92
N LEU C 220 36.56 24.36 0.87
CA LEU C 220 36.67 25.38 -0.16
C LEU C 220 37.93 26.21 -0.01
N THR C 221 38.33 26.48 1.23
CA THR C 221 39.57 27.23 1.49
C THR C 221 40.76 26.42 0.98
N ASP C 222 40.86 25.18 1.43
CA ASP C 222 41.95 24.30 0.98
C ASP C 222 42.02 24.25 -0.54
N ALA C 223 40.87 24.26 -1.22
CA ALA C 223 40.86 24.18 -2.68
C ALA C 223 41.15 25.56 -3.30
N ASP C 224 41.17 26.59 -2.47
CA ASP C 224 41.42 27.95 -2.91
C ASP C 224 40.27 28.50 -3.72
N ALA C 225 39.06 28.11 -3.30
CA ALA C 225 37.84 28.56 -3.96
C ALA C 225 37.06 29.55 -3.10
N MET C 226 37.41 29.64 -1.83
CA MET C 226 36.72 30.52 -0.90
C MET C 226 36.82 31.98 -1.31
N LYS C 227 37.90 32.33 -1.99
CA LYS C 227 38.14 33.70 -2.43
C LYS C 227 37.10 34.19 -3.43
N TYR C 228 36.39 33.29 -4.10
CA TYR C 228 35.38 33.73 -5.08
C TYR C 228 33.99 33.25 -4.70
N THR C 229 33.82 32.85 -3.44
CA THR C 229 32.54 32.36 -2.97
C THR C 229 32.01 33.12 -1.77
N ILE C 230 30.69 33.27 -1.70
CA ILE C 230 30.03 33.84 -0.55
C ILE C 230 29.23 32.68 0.11
N VAL C 231 29.39 32.53 1.40
CA VAL C 231 28.68 31.49 2.14
C VAL C 231 27.63 32.11 3.05
N VAL C 232 26.37 31.75 2.81
CA VAL C 232 25.24 32.25 3.59
C VAL C 232 24.69 31.10 4.41
N SER C 233 24.79 31.22 5.74
CA SER C 233 24.47 30.12 6.63
C SER C 233 23.38 30.42 7.63
N ALA C 234 22.29 29.66 7.52
CA ALA C 234 21.18 29.69 8.47
C ALA C 234 21.02 28.24 8.96
N THR C 235 21.81 27.89 9.96
CA THR C 235 21.91 26.53 10.47
C THR C 235 20.78 26.10 11.38
N ALA C 236 20.79 24.81 11.72
CA ALA C 236 19.74 24.14 12.44
C ALA C 236 19.23 24.83 13.69
N SER C 237 20.06 25.60 14.40
CA SER C 237 19.64 26.27 15.61
C SER C 237 19.27 27.72 15.37
N ASP C 238 19.26 28.16 14.12
CA ASP C 238 18.80 29.50 13.79
C ASP C 238 17.27 29.48 13.67
N ALA C 239 16.61 30.52 14.14
CA ALA C 239 15.16 30.59 14.12
C ALA C 239 14.58 30.35 12.72
N ALA C 240 13.36 29.84 12.69
CA ALA C 240 12.65 29.51 11.49
C ALA C 240 12.65 30.57 10.41
N PRO C 241 12.32 31.78 10.74
CA PRO C 241 12.28 32.91 9.83
C PRO C 241 13.66 33.21 9.25
N LEU C 242 14.70 32.89 10.04
CA LEU C 242 16.06 33.11 9.52
C LEU C 242 16.35 32.10 8.41
N GLN C 243 15.94 30.85 8.67
CA GLN C 243 16.13 29.80 7.66
C GLN C 243 15.24 30.04 6.43
N TYR C 244 14.10 30.69 6.64
CA TYR C 244 13.21 30.97 5.50
C TYR C 244 13.80 32.05 4.61
N LEU C 245 14.42 33.05 5.21
CA LEU C 245 14.99 34.18 4.49
C LEU C 245 16.27 33.84 3.74
N ALA C 246 17.15 33.08 4.38
CA ALA C 246 18.46 32.73 3.84
C ALA C 246 18.54 32.63 2.34
N PRO C 247 17.68 31.87 1.71
CA PRO C 247 17.71 31.66 0.27
C PRO C 247 17.48 32.96 -0.47
N TYR C 248 16.54 33.80 -0.02
CA TYR C 248 16.29 35.08 -0.69
C TYR C 248 17.45 36.05 -0.52
N SER C 249 18.07 36.01 0.65
CA SER C 249 19.22 36.87 0.92
C SER C 249 20.38 36.60 -0.02
N GLY C 250 20.80 35.35 -0.12
CA GLY C 250 21.90 34.96 -1.00
C GLY C 250 21.57 35.26 -2.45
N CYS C 251 20.29 35.10 -2.80
CA CYS C 251 19.86 35.38 -4.17
C CYS C 251 20.06 36.85 -4.51
N SER C 252 19.80 37.74 -3.55
CA SER C 252 20.03 39.18 -3.79
C SER C 252 21.52 39.42 -3.98
N MET C 253 22.33 38.80 -3.12
CA MET C 253 23.78 38.92 -3.30
C MET C 253 24.17 38.45 -4.69
N GLY C 254 23.42 37.48 -5.20
CA GLY C 254 23.67 36.98 -6.55
C GLY C 254 23.20 37.95 -7.62
N GLU C 255 22.05 38.61 -7.40
CA GLU C 255 21.55 39.54 -8.41
C GLU C 255 22.50 40.71 -8.59
N TYR C 256 23.28 41.04 -7.56
CA TYR C 256 24.27 42.11 -7.71
C TYR C 256 25.19 41.82 -8.90
N PHE C 257 25.69 40.59 -8.99
CA PHE C 257 26.55 40.22 -10.12
C PHE C 257 25.74 40.26 -11.41
N ARG C 258 24.64 39.50 -11.44
CA ARG C 258 23.76 39.36 -12.56
C ARG C 258 23.44 40.68 -13.26
N ASP C 259 23.27 41.73 -12.48
CA ASP C 259 22.89 43.03 -13.04
C ASP C 259 24.06 43.95 -13.30
N ASN C 260 25.27 43.59 -12.89
CA ASN C 260 26.45 44.42 -13.13
C ASN C 260 27.42 43.77 -14.11
N GLY C 261 26.89 43.18 -15.17
CA GLY C 261 27.64 42.56 -16.22
C GLY C 261 28.46 41.34 -15.87
N LYS C 262 28.23 40.71 -14.73
CA LYS C 262 28.95 39.52 -14.31
C LYS C 262 28.06 38.29 -14.18
N HIS C 263 28.69 37.17 -13.85
CA HIS C 263 27.99 35.90 -13.72
C HIS C 263 28.22 35.25 -12.37
N ALA C 264 27.12 34.81 -11.75
CA ALA C 264 27.24 34.19 -10.43
C ALA C 264 26.51 32.84 -10.44
N LEU C 265 26.94 31.97 -9.55
CA LEU C 265 26.39 30.63 -9.40
C LEU C 265 25.88 30.47 -7.97
N ILE C 266 24.62 30.05 -7.82
CA ILE C 266 24.09 29.89 -6.47
C ILE C 266 23.61 28.48 -6.17
N ILE C 267 23.89 28.04 -4.94
CA ILE C 267 23.47 26.74 -4.46
C ILE C 267 22.62 26.90 -3.21
N TYR C 268 21.43 26.33 -3.22
CA TYR C 268 20.53 26.40 -2.08
C TYR C 268 20.49 25.00 -1.46
N ASP C 269 21.29 24.78 -0.42
CA ASP C 269 21.40 23.45 0.17
C ASP C 269 20.90 23.40 1.60
N ASP C 270 19.64 23.01 1.80
CA ASP C 270 18.74 22.62 0.74
C ASP C 270 17.36 23.25 0.91
N LEU C 271 16.53 23.17 -0.12
CA LEU C 271 15.18 23.70 -0.06
C LEU C 271 14.20 22.82 0.69
N SER C 272 14.48 21.54 0.91
CA SER C 272 13.56 20.72 1.70
C SER C 272 13.40 21.31 3.11
N LYS C 273 14.53 21.67 3.70
CA LYS C 273 14.56 22.22 5.05
C LYS C 273 14.04 23.65 5.09
N GLN C 274 14.23 24.39 3.99
CA GLN C 274 13.66 25.73 3.93
C GLN C 274 12.14 25.64 3.91
N ALA C 275 11.61 24.60 3.26
CA ALA C 275 10.15 24.47 3.21
C ALA C 275 9.63 24.09 4.60
N VAL C 276 10.38 23.29 5.36
CA VAL C 276 9.93 22.90 6.69
C VAL C 276 9.88 24.12 7.61
N ALA C 277 10.85 25.01 7.49
CA ALA C 277 10.85 26.25 8.28
C ALA C 277 9.71 27.15 7.84
N TYR C 278 9.47 27.25 6.52
CA TYR C 278 8.35 28.07 6.05
C TYR C 278 7.07 27.54 6.69
N ARG C 279 6.85 26.24 6.58
CA ARG C 279 5.70 25.59 7.20
C ARG C 279 5.59 25.93 8.68
N GLN C 280 6.69 25.90 9.43
CA GLN C 280 6.65 26.24 10.85
C GLN C 280 6.15 27.67 11.04
N MET C 281 6.86 28.62 10.46
CA MET C 281 6.51 30.04 10.57
C MET C 281 5.08 30.29 10.13
N SER C 282 4.64 29.67 9.05
CA SER C 282 3.30 29.88 8.53
C SER C 282 2.21 29.34 9.47
N LEU C 283 2.42 28.14 10.00
CA LEU C 283 1.45 27.55 10.92
C LEU C 283 1.38 28.35 12.22
N LEU C 284 2.52 28.87 12.67
CA LEU C 284 2.54 29.64 13.91
C LEU C 284 1.86 30.99 13.72
N LEU C 285 1.79 31.46 12.48
CA LEU C 285 1.04 32.67 12.15
C LEU C 285 -0.44 32.34 12.02
N ARG C 286 -0.80 31.08 12.25
CA ARG C 286 -2.16 30.60 12.16
C ARG C 286 -2.69 30.52 10.75
N ARG C 287 -1.82 30.50 9.74
CA ARG C 287 -2.34 30.33 8.36
C ARG C 287 -2.67 28.84 8.23
N PRO C 288 -3.90 28.52 7.89
CA PRO C 288 -4.37 27.15 7.78
C PRO C 288 -3.50 26.32 6.88
N PRO C 289 -3.07 25.17 7.35
CA PRO C 289 -2.23 24.24 6.64
C PRO C 289 -2.89 23.75 5.35
N GLY C 290 -2.07 23.30 4.41
CA GLY C 290 -2.54 22.76 3.15
C GLY C 290 -2.07 21.31 2.99
N ARG C 291 -1.85 20.93 1.74
CA ARG C 291 -1.41 19.56 1.46
C ARG C 291 -0.15 19.22 2.24
N GLU C 292 -0.13 18.01 2.82
CA GLU C 292 0.97 17.52 3.63
C GLU C 292 1.38 18.48 4.74
N ALA C 293 0.47 19.29 5.23
CA ALA C 293 0.68 20.24 6.30
C ALA C 293 1.47 21.46 5.86
N TYR C 294 1.92 21.53 4.61
CA TYR C 294 2.61 22.74 4.15
C TYR C 294 1.60 23.81 3.79
N PRO C 295 2.04 25.06 3.82
CA PRO C 295 1.21 26.19 3.38
C PRO C 295 0.71 25.85 1.99
N GLY C 296 -0.51 26.25 1.65
CA GLY C 296 -1.04 25.92 0.33
C GLY C 296 -0.20 26.54 -0.78
N ASP C 297 0.77 27.39 -0.47
CA ASP C 297 1.58 28.03 -1.48
C ASP C 297 3.06 27.67 -1.43
N VAL C 298 3.43 26.44 -1.07
CA VAL C 298 4.82 26.03 -1.08
C VAL C 298 5.44 26.19 -2.46
N PHE C 299 4.70 25.89 -3.52
CA PHE C 299 5.26 26.03 -4.87
C PHE C 299 5.76 27.46 -5.08
N TYR C 300 4.87 28.42 -4.81
CA TYR C 300 5.21 29.83 -4.98
C TYR C 300 6.40 30.21 -4.12
N LEU C 301 6.59 29.55 -2.99
CA LEU C 301 7.75 29.82 -2.15
C LEU C 301 9.04 29.67 -2.96
N HIS C 302 9.13 28.56 -3.70
CA HIS C 302 10.30 28.24 -4.49
C HIS C 302 10.29 28.77 -5.92
N SER C 303 9.15 28.87 -6.57
CA SER C 303 9.11 29.32 -7.97
C SER C 303 9.65 30.74 -8.09
N ARG C 304 9.17 31.57 -7.22
CA ARG C 304 9.50 32.97 -7.01
C ARG C 304 10.99 33.21 -6.89
N LEU C 305 11.65 32.40 -6.08
CA LEU C 305 13.06 32.46 -5.80
C LEU C 305 13.93 32.08 -6.99
N LEU C 306 13.53 31.00 -7.66
CA LEU C 306 14.34 30.41 -8.73
C LEU C 306 14.19 31.15 -10.04
N GLU C 307 13.04 31.82 -10.22
CA GLU C 307 12.85 32.66 -11.40
C GLU C 307 13.90 33.77 -11.38
N ARG C 308 14.45 34.06 -10.20
CA ARG C 308 15.44 35.14 -10.10
C ARG C 308 16.76 34.77 -10.75
N ALA C 309 16.98 33.47 -10.95
CA ALA C 309 18.18 33.04 -11.69
C ALA C 309 17.86 33.27 -13.17
N ALA C 310 18.67 34.07 -13.85
CA ALA C 310 18.36 34.37 -15.26
C ALA C 310 19.59 34.78 -16.06
N LYS C 311 19.41 34.77 -17.37
CA LYS C 311 20.41 35.25 -18.31
C LYS C 311 19.95 36.63 -18.80
N MET C 312 20.75 37.66 -18.61
CA MET C 312 20.33 39.01 -19.02
C MET C 312 20.80 39.34 -20.43
N ASN C 313 20.08 40.19 -21.14
CA ASN C 313 20.50 40.56 -22.50
C ASN C 313 21.58 41.62 -22.45
N ASP C 314 22.25 41.86 -23.57
CA ASP C 314 23.32 42.86 -23.61
C ASP C 314 22.82 44.23 -23.21
N ALA C 315 21.61 44.58 -23.67
CA ALA C 315 21.04 45.88 -23.28
C ALA C 315 20.99 45.99 -21.76
N PHE C 316 20.94 44.86 -21.07
CA PHE C 316 20.86 44.86 -19.61
C PHE C 316 22.17 44.49 -18.94
N GLY C 317 23.26 44.47 -19.70
CA GLY C 317 24.58 44.18 -19.14
C GLY C 317 25.06 42.79 -19.55
N GLY C 318 24.13 41.92 -19.95
CA GLY C 318 24.44 40.58 -20.38
C GLY C 318 24.96 39.68 -19.28
N GLY C 319 24.77 40.08 -18.02
CA GLY C 319 25.23 39.25 -16.91
C GLY C 319 24.26 38.11 -16.64
N SER C 320 24.51 37.34 -15.57
CA SER C 320 23.60 36.24 -15.27
C SER C 320 23.78 35.62 -13.90
N LEU C 321 22.75 34.88 -13.51
CA LEU C 321 22.77 34.18 -12.22
C LEU C 321 22.30 32.75 -12.47
N THR C 322 23.14 31.79 -12.12
CA THR C 322 22.80 30.37 -12.31
C THR C 322 22.50 29.75 -10.96
N ALA C 323 21.47 28.92 -10.87
CA ALA C 323 21.06 28.32 -9.61
C ALA C 323 20.97 26.80 -9.65
N LEU C 324 21.44 26.20 -8.56
CA LEU C 324 21.41 24.79 -8.34
C LEU C 324 20.77 24.52 -6.96
N PRO C 325 19.46 24.48 -6.93
CA PRO C 325 18.70 24.16 -5.73
C PRO C 325 18.86 22.68 -5.39
N VAL C 326 18.69 22.32 -4.12
CA VAL C 326 18.81 20.93 -3.71
C VAL C 326 17.54 20.45 -2.99
N ILE C 327 17.05 19.28 -3.38
CA ILE C 327 15.85 18.71 -2.75
C ILE C 327 16.21 17.30 -2.24
N GLU C 328 15.85 17.00 -1.02
CA GLU C 328 16.11 15.69 -0.44
C GLU C 328 14.84 14.83 -0.51
N THR C 329 14.92 13.72 -1.21
CA THR C 329 13.80 12.79 -1.31
C THR C 329 13.78 11.82 -0.12
N GLN C 330 12.64 11.14 0.00
CA GLN C 330 12.45 10.11 1.00
C GLN C 330 12.18 8.77 0.31
N ALA C 331 13.13 7.85 0.44
CA ALA C 331 13.01 6.52 -0.14
C ALA C 331 13.05 6.54 -1.66
N GLY C 332 13.81 7.45 -2.25
CA GLY C 332 13.98 7.57 -3.68
C GLY C 332 12.72 7.95 -4.43
N ASP C 333 11.80 8.66 -3.80
CA ASP C 333 10.55 9.03 -4.44
C ASP C 333 10.54 10.40 -5.10
N VAL C 334 11.15 10.52 -6.28
CA VAL C 334 11.14 11.75 -7.04
C VAL C 334 9.70 12.18 -7.39
N SER C 335 8.78 11.23 -7.41
CA SER C 335 7.42 11.54 -7.83
C SER C 335 6.55 12.20 -6.79
N ALA C 336 7.01 12.37 -5.56
CA ALA C 336 6.15 12.98 -4.54
C ALA C 336 5.85 14.44 -4.85
N TYR C 337 5.07 15.04 -3.99
CA TYR C 337 4.58 16.40 -4.08
C TYR C 337 5.65 17.48 -4.04
N ILE C 338 6.38 17.57 -2.93
CA ILE C 338 7.42 18.60 -2.82
C ILE C 338 8.41 18.54 -3.97
N PRO C 339 8.95 17.38 -4.26
CA PRO C 339 9.88 17.13 -5.34
C PRO C 339 9.32 17.48 -6.71
N THR C 340 8.10 17.09 -7.06
CA THR C 340 7.55 17.44 -8.37
C THR C 340 7.31 18.94 -8.48
N ASN C 341 6.93 19.59 -7.38
CA ASN C 341 6.77 21.04 -7.38
C ASN C 341 8.04 21.72 -7.91
N VAL C 342 9.13 21.48 -7.20
CA VAL C 342 10.42 22.09 -7.54
C VAL C 342 10.89 21.69 -8.92
N ILE C 343 10.72 20.42 -9.30
CA ILE C 343 11.09 20.02 -10.66
C ILE C 343 10.31 20.86 -11.66
N SER C 344 9.05 21.15 -11.32
CA SER C 344 8.19 21.87 -12.26
C SER C 344 8.61 23.34 -12.36
N ILE C 345 9.61 23.72 -11.58
CA ILE C 345 10.12 25.09 -11.64
C ILE C 345 11.42 25.16 -12.42
N THR C 346 12.36 24.29 -12.08
CA THR C 346 13.70 24.32 -12.64
C THR C 346 13.81 23.96 -14.10
N ASP C 347 14.97 24.26 -14.69
CA ASP C 347 15.23 23.99 -16.10
C ASP C 347 15.92 22.62 -16.25
N GLY C 348 15.50 21.69 -15.41
CA GLY C 348 16.06 20.35 -15.41
C GLY C 348 16.34 19.88 -13.97
N GLN C 349 16.79 18.63 -13.87
CA GLN C 349 17.14 18.05 -12.59
C GLN C 349 18.17 16.93 -12.76
N ILE C 350 18.98 16.78 -11.73
CA ILE C 350 19.95 15.70 -11.64
C ILE C 350 19.49 14.74 -10.53
N PHE C 351 18.96 13.59 -10.91
CA PHE C 351 18.46 12.62 -9.95
C PHE C 351 19.48 11.54 -9.63
N LEU C 352 19.74 11.35 -8.34
CA LEU C 352 20.69 10.38 -7.83
C LEU C 352 20.00 9.31 -7.00
N GLU C 353 20.36 8.04 -7.17
CA GLU C 353 19.77 6.96 -6.38
C GLU C 353 20.83 6.18 -5.60
N THR C 354 20.45 5.73 -4.41
CA THR C 354 21.35 4.97 -3.56
C THR C 354 21.76 3.64 -4.17
N GLU C 355 20.89 3.01 -4.95
CA GLU C 355 21.26 1.72 -5.56
C GLU C 355 22.45 1.90 -6.49
N LEU C 356 22.45 2.92 -7.33
CA LEU C 356 23.53 3.15 -8.28
C LEU C 356 24.81 3.56 -7.53
N PHE C 357 24.62 4.38 -6.51
CA PHE C 357 25.75 4.86 -5.71
C PHE C 357 26.50 3.66 -5.13
N TYR C 358 25.79 2.64 -4.66
CA TYR C 358 26.44 1.47 -4.09
C TYR C 358 26.98 0.47 -5.11
N LYS C 359 26.42 0.43 -6.31
CA LYS C 359 26.91 -0.46 -7.35
C LYS C 359 28.23 0.05 -7.94
N GLY C 360 28.62 1.28 -7.60
CA GLY C 360 29.82 1.86 -8.15
C GLY C 360 29.52 2.96 -9.17
N ILE C 361 28.24 3.16 -9.51
CA ILE C 361 27.94 4.26 -10.45
C ILE C 361 27.94 5.58 -9.66
N ARG C 362 29.06 6.28 -9.73
CA ARG C 362 29.25 7.59 -9.09
C ARG C 362 29.95 8.50 -10.10
N PRO C 363 29.40 9.67 -10.33
CA PRO C 363 28.20 10.19 -9.70
C PRO C 363 26.98 9.32 -9.93
N ALA C 364 26.14 9.12 -8.91
CA ALA C 364 25.01 8.21 -9.00
C ALA C 364 23.82 8.70 -9.79
N ILE C 365 24.03 9.23 -10.98
CA ILE C 365 22.96 9.77 -11.80
C ILE C 365 22.13 8.73 -12.53
N ASN C 366 20.81 8.86 -12.45
CA ASN C 366 19.86 8.04 -13.20
C ASN C 366 19.55 8.81 -14.50
N VAL C 367 20.02 8.33 -15.62
CA VAL C 367 19.93 9.02 -16.90
C VAL C 367 18.54 9.22 -17.44
N GLY C 368 17.69 8.21 -17.40
CA GLY C 368 16.32 8.35 -17.89
C GLY C 368 15.53 9.40 -17.13
N LEU C 369 15.71 9.49 -15.81
CA LEU C 369 14.94 10.41 -14.98
C LEU C 369 15.50 11.81 -14.86
N SER C 370 16.76 12.03 -15.19
CA SER C 370 17.33 13.37 -15.16
C SER C 370 17.09 14.02 -16.53
N VAL C 371 17.12 15.35 -16.58
CA VAL C 371 17.02 16.06 -17.84
C VAL C 371 17.65 17.46 -17.71
N SER C 372 17.81 18.09 -18.85
CA SER C 372 18.25 19.45 -19.01
C SER C 372 17.27 20.06 -20.03
N ARG C 373 16.70 21.19 -19.68
CA ARG C 373 15.71 21.84 -20.54
C ARG C 373 16.37 22.84 -21.48
N VAL C 374 17.70 22.95 -21.40
CA VAL C 374 18.41 23.84 -22.31
C VAL C 374 19.09 23.03 -23.41
N GLY C 375 19.50 21.80 -23.10
CA GLY C 375 20.11 20.92 -24.06
C GLY C 375 21.46 21.33 -24.57
N SER C 376 21.74 20.97 -25.84
CA SER C 376 23.03 21.23 -26.44
C SER C 376 23.31 22.71 -26.62
N ALA C 377 22.28 23.54 -26.42
CA ALA C 377 22.49 24.99 -26.55
C ALA C 377 23.39 25.48 -25.43
N ALA C 378 23.60 24.66 -24.41
CA ALA C 378 24.48 25.00 -23.29
C ALA C 378 25.83 24.31 -23.39
N GLN C 379 26.07 23.64 -24.51
CA GLN C 379 27.31 22.91 -24.72
C GLN C 379 28.16 23.54 -25.80
N THR C 380 29.47 23.33 -25.75
CA THR C 380 30.35 23.77 -26.84
C THR C 380 30.06 22.87 -28.05
N ARG C 381 30.52 23.24 -29.24
CA ARG C 381 30.29 22.38 -30.41
C ARG C 381 30.99 21.04 -30.19
N ALA C 382 32.20 21.11 -29.63
CA ALA C 382 32.96 19.89 -29.36
C ALA C 382 32.13 18.89 -28.53
N MET C 383 31.67 19.32 -27.35
CA MET C 383 30.90 18.40 -26.50
C MET C 383 29.66 17.91 -27.23
N LYS C 384 29.05 18.77 -28.04
CA LYS C 384 27.88 18.37 -28.81
C LYS C 384 28.28 17.33 -29.86
N GLN C 385 29.51 17.45 -30.35
CA GLN C 385 30.00 16.54 -31.39
C GLN C 385 30.18 15.13 -30.83
N VAL C 386 30.40 14.97 -29.54
CA VAL C 386 30.55 13.63 -28.97
C VAL C 386 29.37 13.17 -28.13
N ALA C 387 28.56 14.07 -27.59
CA ALA C 387 27.48 13.67 -26.70
C ALA C 387 26.07 13.84 -27.23
N GLY C 388 25.89 14.41 -28.40
CA GLY C 388 24.65 14.69 -29.03
C GLY C 388 23.52 13.70 -28.91
N THR C 389 23.74 12.41 -29.13
CA THR C 389 22.63 11.45 -29.08
C THR C 389 22.78 10.46 -27.94
N MET C 390 23.81 10.63 -27.13
CA MET C 390 24.15 9.75 -26.03
C MET C 390 23.11 9.63 -24.95
N LYS C 391 22.33 10.68 -24.65
CA LYS C 391 21.37 10.58 -23.57
C LYS C 391 20.22 9.63 -23.89
N LEU C 392 19.62 9.79 -25.07
CA LEU C 392 18.51 8.92 -25.47
C LEU C 392 19.01 7.49 -25.58
N GLU C 393 20.15 7.33 -26.22
CA GLU C 393 20.80 6.03 -26.42
C GLU C 393 21.05 5.32 -25.10
N LEU C 394 21.55 6.05 -24.10
CA LEU C 394 21.80 5.42 -22.80
C LEU C 394 20.47 5.05 -22.13
N ALA C 395 19.41 5.82 -22.41
CA ALA C 395 18.11 5.48 -21.85
C ALA C 395 17.62 4.16 -22.46
N GLN C 396 17.73 4.05 -23.78
CA GLN C 396 17.32 2.82 -24.46
C GLN C 396 18.18 1.65 -23.99
N TYR C 397 19.48 1.90 -23.82
CA TYR C 397 20.38 0.86 -23.34
C TYR C 397 19.89 0.25 -22.02
N ARG C 398 19.52 1.11 -21.06
CA ARG C 398 19.12 0.56 -19.76
C ARG C 398 17.83 -0.25 -19.84
N GLU C 399 16.93 0.16 -20.72
CA GLU C 399 15.68 -0.56 -20.97
C GLU C 399 15.98 -1.96 -21.51
N VAL C 400 16.69 -2.01 -22.64
CA VAL C 400 16.97 -3.32 -23.24
C VAL C 400 17.81 -4.19 -22.33
N ALA C 401 18.71 -3.59 -21.55
CA ALA C 401 19.53 -4.40 -20.65
C ALA C 401 18.65 -5.17 -19.66
N ALA C 402 17.67 -4.49 -19.07
CA ALA C 402 16.77 -5.14 -18.14
C ALA C 402 15.99 -6.28 -18.80
N PHE C 403 15.52 -6.05 -20.01
CA PHE C 403 14.74 -7.00 -20.77
C PHE C 403 15.53 -8.20 -21.26
N ALA C 404 16.82 -8.03 -21.54
CA ALA C 404 17.64 -9.12 -22.04
C ALA C 404 17.93 -10.15 -20.95
N GLN C 405 17.85 -9.74 -19.69
CA GLN C 405 18.09 -10.67 -18.58
C GLN C 405 17.14 -11.86 -18.67
N PHE C 406 16.21 -11.81 -19.61
CA PHE C 406 15.24 -12.88 -19.80
C PHE C 406 15.75 -13.95 -20.76
N GLY C 407 17.07 -14.08 -20.83
CA GLY C 407 17.77 -15.05 -21.61
C GLY C 407 17.45 -15.08 -23.09
N SER C 408 16.46 -14.31 -23.53
CA SER C 408 16.04 -14.28 -24.91
C SER C 408 17.23 -14.20 -25.88
N ASP C 409 17.04 -14.76 -27.07
CA ASP C 409 18.09 -14.70 -28.09
C ASP C 409 18.32 -13.22 -28.46
N LEU C 410 19.58 -12.82 -28.56
CA LEU C 410 19.86 -11.43 -28.90
C LEU C 410 20.49 -11.30 -30.27
N ASP C 411 19.90 -10.45 -31.11
CA ASP C 411 20.48 -10.24 -32.44
C ASP C 411 21.75 -9.41 -32.29
N ALA C 412 22.52 -9.27 -33.36
CA ALA C 412 23.76 -8.51 -33.32
C ALA C 412 23.52 -7.07 -32.88
N ALA C 413 22.39 -6.52 -33.32
CA ALA C 413 22.03 -5.14 -33.02
C ALA C 413 21.90 -4.86 -31.53
N THR C 414 21.21 -5.71 -30.78
CA THR C 414 21.05 -5.46 -29.35
C THR C 414 22.34 -5.75 -28.60
N GLN C 415 23.07 -6.76 -29.02
CA GLN C 415 24.35 -7.10 -28.39
C GLN C 415 25.33 -5.94 -28.50
N GLN C 416 25.31 -5.25 -29.63
CA GLN C 416 26.16 -4.09 -29.85
C GLN C 416 25.73 -2.93 -28.96
N LEU C 417 24.41 -2.77 -28.79
CA LEU C 417 23.90 -1.71 -27.92
C LEU C 417 24.32 -1.98 -26.47
N LEU C 418 24.22 -3.25 -26.07
CA LEU C 418 24.62 -3.61 -24.72
C LEU C 418 26.11 -3.32 -24.53
N SER C 419 26.92 -3.77 -25.50
CA SER C 419 28.35 -3.55 -25.43
C SER C 419 28.68 -2.06 -25.29
N ARG C 420 28.08 -1.26 -26.16
CA ARG C 420 28.29 0.19 -26.14
C ARG C 420 27.82 0.84 -24.83
N GLY C 421 26.65 0.44 -24.35
CA GLY C 421 26.09 1.00 -23.13
C GLY C 421 26.93 0.71 -21.89
N VAL C 422 27.41 -0.52 -21.75
CA VAL C 422 28.22 -0.90 -20.59
C VAL C 422 29.54 -0.15 -20.55
N ARG C 423 30.10 0.16 -21.71
CA ARG C 423 31.39 0.85 -21.77
C ARG C 423 31.22 2.34 -21.43
N LEU C 424 30.21 2.96 -22.02
CA LEU C 424 29.93 4.37 -21.75
C LEU C 424 29.59 4.56 -20.27
N THR C 425 28.87 3.60 -19.71
CA THR C 425 28.52 3.67 -18.28
C THR C 425 29.79 3.82 -17.45
N GLU C 426 30.84 3.07 -17.81
CA GLU C 426 32.11 3.17 -17.13
C GLU C 426 32.81 4.51 -17.37
N LEU C 427 32.77 5.04 -18.58
CA LEU C 427 33.46 6.29 -18.88
C LEU C 427 32.82 7.47 -18.16
N LEU C 428 31.55 7.35 -17.78
CA LEU C 428 30.91 8.47 -17.06
C LEU C 428 31.16 8.33 -15.58
N LYS C 429 31.83 7.26 -15.14
CA LYS C 429 32.18 7.21 -13.70
C LYS C 429 33.22 8.30 -13.44
N GLN C 430 33.21 8.90 -12.28
CA GLN C 430 34.15 9.97 -11.96
C GLN C 430 34.34 10.09 -10.45
N GLY C 431 35.59 10.22 -10.03
CA GLY C 431 35.90 10.40 -8.61
C GLY C 431 35.61 11.85 -8.21
N GLN C 432 35.77 12.13 -6.92
CA GLN C 432 35.47 13.45 -6.37
C GLN C 432 36.67 14.38 -6.35
N TYR C 433 36.39 15.68 -6.27
CA TYR C 433 37.35 16.73 -6.11
C TYR C 433 38.33 16.94 -7.24
N SER C 434 37.98 16.55 -8.46
CA SER C 434 38.89 16.80 -9.59
C SER C 434 38.11 17.04 -10.88
N PRO C 435 37.44 18.16 -10.96
CA PRO C 435 36.63 18.54 -12.10
C PRO C 435 37.52 18.64 -13.33
N MET C 436 37.05 18.15 -14.47
CA MET C 436 37.82 18.13 -15.69
C MET C 436 37.52 19.29 -16.64
N ALA C 437 38.57 19.74 -17.32
CA ALA C 437 38.45 20.76 -18.35
C ALA C 437 37.65 20.17 -19.52
N ILE C 438 36.86 21.00 -20.19
CA ILE C 438 35.98 20.53 -21.25
C ILE C 438 36.68 19.79 -22.37
N GLU C 439 37.85 20.26 -22.79
CA GLU C 439 38.54 19.57 -23.89
C GLU C 439 38.95 18.17 -23.45
N GLU C 440 39.22 17.96 -22.18
CA GLU C 440 39.61 16.67 -21.64
C GLU C 440 38.42 15.71 -21.57
N GLN C 441 37.26 16.21 -21.17
CA GLN C 441 36.04 15.40 -21.19
C GLN C 441 35.76 14.99 -22.64
N VAL C 442 35.84 15.97 -23.54
CA VAL C 442 35.58 15.67 -24.95
C VAL C 442 36.50 14.54 -25.41
N ALA C 443 37.77 14.63 -25.00
CA ALA C 443 38.72 13.60 -25.44
C ALA C 443 38.34 12.22 -24.92
N VAL C 444 38.02 12.08 -23.63
CA VAL C 444 37.66 10.74 -23.15
C VAL C 444 36.29 10.34 -23.66
N ILE C 445 35.33 11.24 -23.84
CA ILE C 445 34.03 10.80 -24.36
C ILE C 445 34.23 10.17 -25.75
N TYR C 446 34.96 10.88 -26.59
CA TYR C 446 35.29 10.48 -27.95
C TYR C 446 35.72 9.02 -28.07
N ALA C 447 36.66 8.61 -27.23
CA ALA C 447 37.18 7.25 -27.32
C ALA C 447 36.08 6.21 -27.18
N GLY C 448 35.00 6.52 -26.46
CA GLY C 448 33.91 5.56 -26.28
C GLY C 448 32.85 5.65 -27.35
N VAL C 449 32.33 6.85 -27.56
CA VAL C 449 31.29 7.12 -28.54
C VAL C 449 31.70 6.78 -29.96
N ARG C 450 33.01 6.80 -30.24
CA ARG C 450 33.48 6.47 -31.59
C ARG C 450 33.70 4.97 -31.75
N GLY C 451 33.45 4.19 -30.70
CA GLY C 451 33.53 2.76 -30.73
C GLY C 451 34.86 2.12 -30.42
N TYR C 452 35.93 2.89 -30.29
CA TYR C 452 37.26 2.35 -30.06
C TYR C 452 37.39 1.45 -28.85
N LEU C 453 36.46 1.51 -27.90
CA LEU C 453 36.59 0.69 -26.70
C LEU C 453 35.66 -0.50 -26.64
N ASP C 454 34.85 -0.73 -27.66
CA ASP C 454 33.91 -1.83 -27.67
C ASP C 454 34.52 -3.19 -27.38
N LYS C 455 35.82 -3.38 -27.61
CA LYS C 455 36.42 -4.68 -27.38
C LYS C 455 37.31 -4.71 -26.15
N LEU C 456 37.41 -3.60 -25.45
CA LEU C 456 38.18 -3.56 -24.20
C LEU C 456 37.31 -4.08 -23.06
N GLU C 457 37.87 -4.94 -22.22
CA GLU C 457 37.13 -5.47 -21.07
C GLU C 457 36.64 -4.31 -20.22
N PRO C 458 35.36 -4.26 -19.94
CA PRO C 458 34.72 -3.19 -19.20
C PRO C 458 35.39 -2.85 -17.89
N SER C 459 35.95 -3.83 -17.20
CA SER C 459 36.63 -3.59 -15.93
C SER C 459 37.97 -2.88 -16.13
N LYS C 460 38.38 -2.72 -17.38
CA LYS C 460 39.63 -2.02 -17.68
C LYS C 460 39.40 -0.56 -18.08
N ILE C 461 38.16 -0.19 -18.38
CA ILE C 461 37.86 1.15 -18.87
C ILE C 461 38.28 2.30 -17.98
N THR C 462 38.21 2.15 -16.67
CA THR C 462 38.63 3.24 -15.78
C THR C 462 40.15 3.42 -15.81
N LYS C 463 40.89 2.31 -15.82
CA LYS C 463 42.35 2.41 -15.88
C LYS C 463 42.77 3.01 -17.22
N PHE C 464 42.10 2.58 -18.28
CA PHE C 464 42.40 3.11 -19.61
C PHE C 464 42.26 4.63 -19.62
N GLU C 465 41.13 5.10 -19.12
CA GLU C 465 40.85 6.53 -19.14
C GLU C 465 41.91 7.32 -18.38
N ASN C 466 42.26 6.87 -17.19
CA ASN C 466 43.28 7.53 -16.38
C ASN C 466 44.61 7.65 -17.14
N ALA C 467 45.00 6.59 -17.85
CA ALA C 467 46.27 6.62 -18.56
C ALA C 467 46.17 7.40 -19.87
N PHE C 468 45.08 7.20 -20.60
CA PHE C 468 44.85 7.90 -21.86
C PHE C 468 44.90 9.41 -21.64
N LEU C 469 44.18 9.84 -20.60
CA LEU C 469 44.10 11.25 -20.26
C LEU C 469 45.45 11.83 -19.87
N SER C 470 46.18 11.17 -18.94
CA SER C 470 47.50 11.73 -18.62
C SER C 470 48.35 11.78 -19.88
N HIS C 471 48.20 10.78 -20.77
CA HIS C 471 48.96 10.78 -22.01
C HIS C 471 48.70 12.03 -22.85
N VAL C 472 47.47 12.24 -23.29
CA VAL C 472 47.15 13.40 -24.11
C VAL C 472 47.50 14.72 -23.43
N ILE C 473 47.42 14.79 -22.11
CA ILE C 473 47.75 16.02 -21.40
C ILE C 473 49.25 16.25 -21.34
N SER C 474 50.00 15.16 -21.31
CA SER C 474 51.44 15.22 -21.22
C SER C 474 52.09 15.54 -22.56
N GLN C 475 51.59 14.89 -23.60
CA GLN C 475 52.18 15.02 -24.92
C GLN C 475 51.29 15.64 -25.98
N HIS C 476 50.00 15.88 -25.70
CA HIS C 476 49.15 16.44 -26.75
C HIS C 476 48.44 17.71 -26.34
N GLN C 477 49.17 18.63 -25.73
CA GLN C 477 48.66 19.92 -25.32
C GLN C 477 48.16 20.75 -26.49
N ALA C 478 48.77 20.57 -27.65
CA ALA C 478 48.38 21.33 -28.84
C ALA C 478 47.00 20.87 -29.31
N LEU C 479 46.78 19.57 -29.31
CA LEU C 479 45.49 19.01 -29.73
C LEU C 479 44.40 19.47 -28.74
N LEU C 480 44.71 19.33 -27.45
CA LEU C 480 43.77 19.71 -26.41
C LEU C 480 43.46 21.20 -26.50
N GLY C 481 44.51 21.98 -26.78
CA GLY C 481 44.39 23.43 -26.86
C GLY C 481 43.61 23.86 -28.09
N LYS C 482 43.68 23.07 -29.15
CA LYS C 482 42.97 23.48 -30.37
C LYS C 482 41.47 23.24 -30.18
N ILE C 483 41.14 22.09 -29.58
CA ILE C 483 39.76 21.74 -29.31
C ILE C 483 39.13 22.78 -28.40
N ARG C 484 39.88 23.24 -27.41
CA ARG C 484 39.38 24.23 -26.47
C ARG C 484 39.26 25.62 -27.09
N THR C 485 40.19 25.97 -27.96
CA THR C 485 40.22 27.26 -28.63
C THR C 485 39.16 27.38 -29.69
N ASP C 486 39.05 26.39 -30.57
CA ASP C 486 38.03 26.38 -31.60
C ASP C 486 36.67 26.00 -31.01
N GLY C 487 36.68 25.46 -29.80
CA GLY C 487 35.45 25.00 -29.16
C GLY C 487 34.77 23.92 -30.00
N LYS C 488 35.57 23.16 -30.73
CA LYS C 488 35.05 22.14 -31.64
C LYS C 488 36.12 21.12 -32.02
N ILE C 489 35.72 20.07 -32.70
CA ILE C 489 36.63 19.07 -33.23
C ILE C 489 36.70 19.19 -34.76
N SER C 490 37.77 19.84 -35.22
CA SER C 490 37.98 20.02 -36.66
C SER C 490 38.31 18.70 -37.32
N GLU C 491 38.19 18.63 -38.63
CA GLU C 491 38.53 17.40 -39.37
C GLU C 491 39.95 16.97 -39.04
N GLU C 492 40.81 17.95 -38.85
CA GLU C 492 42.21 17.77 -38.51
C GLU C 492 42.35 17.24 -37.09
N SER C 493 41.63 17.87 -36.15
CA SER C 493 41.68 17.40 -34.76
C SER C 493 41.09 15.99 -34.69
N ASP C 494 40.08 15.75 -35.53
CA ASP C 494 39.44 14.44 -35.56
C ASP C 494 40.42 13.38 -36.05
N ALA C 495 41.13 13.69 -37.13
CA ALA C 495 42.10 12.77 -37.69
C ALA C 495 43.22 12.45 -36.71
N LYS C 496 43.59 13.40 -35.86
CA LYS C 496 44.69 13.17 -34.93
C LYS C 496 44.25 12.33 -33.75
N LEU C 497 42.99 12.46 -33.32
CA LEU C 497 42.50 11.70 -32.18
C LEU C 497 42.42 10.20 -32.52
N LYS C 498 41.98 9.93 -33.73
CA LYS C 498 41.84 8.55 -34.20
C LYS C 498 43.19 7.86 -34.12
N GLU C 499 44.21 8.54 -34.64
CA GLU C 499 45.58 8.03 -34.62
C GLU C 499 46.05 7.81 -33.21
N ILE C 500 45.71 8.72 -32.29
CA ILE C 500 46.11 8.58 -30.89
C ILE C 500 45.42 7.45 -30.16
N VAL C 501 44.10 7.32 -30.29
CA VAL C 501 43.39 6.28 -29.55
C VAL C 501 43.69 4.87 -30.06
N THR C 502 43.63 4.67 -31.37
CA THR C 502 43.89 3.32 -31.90
C THR C 502 45.25 2.82 -31.45
N ASN C 503 46.29 3.64 -31.63
CA ASN C 503 47.64 3.26 -31.26
C ASN C 503 47.80 3.08 -29.75
N PHE C 504 47.40 4.07 -28.97
CA PHE C 504 47.48 3.98 -27.51
C PHE C 504 46.78 2.74 -26.97
N LEU C 505 45.61 2.42 -27.53
CA LEU C 505 44.79 1.29 -27.11
C LEU C 505 45.57 -0.02 -27.29
N ALA C 506 46.10 -0.15 -28.51
CA ALA C 506 46.88 -1.32 -28.88
C ALA C 506 48.00 -1.52 -27.87
N GLY C 507 48.70 -0.44 -27.55
CA GLY C 507 49.78 -0.52 -26.56
C GLY C 507 49.20 -0.96 -25.22
N PHE C 508 48.11 -0.31 -24.80
CA PHE C 508 47.46 -0.59 -23.54
C PHE C 508 47.05 -2.04 -23.41
N GLU C 509 46.59 -2.64 -24.51
CA GLU C 509 46.18 -4.03 -24.47
C GLU C 509 47.36 -4.98 -24.65
N ALA C 510 48.56 -4.46 -24.88
CA ALA C 510 49.73 -5.33 -25.03
C ALA C 510 49.81 -6.27 -23.84
N THR D 13 -16.14 56.06 -5.65
CA THR D 13 -16.02 55.76 -4.20
C THR D 13 -14.56 55.56 -3.81
N THR D 14 -14.23 55.92 -2.58
CA THR D 14 -12.87 55.75 -2.09
C THR D 14 -12.85 54.81 -0.89
N GLY D 15 -11.89 53.89 -0.86
CA GLY D 15 -11.78 52.95 0.24
C GLY D 15 -10.46 53.10 0.99
N ARG D 16 -10.37 52.36 2.09
CA ARG D 16 -9.20 52.32 2.94
C ARG D 16 -8.85 50.88 3.31
N ILE D 17 -7.62 50.48 2.99
CA ILE D 17 -7.12 49.16 3.35
C ILE D 17 -7.17 48.99 4.87
N VAL D 18 -7.84 47.95 5.34
CA VAL D 18 -7.91 47.66 6.76
C VAL D 18 -7.11 46.43 7.14
N ALA D 19 -6.69 45.63 6.15
CA ALA D 19 -5.94 44.42 6.43
C ALA D 19 -5.16 43.92 5.21
N VAL D 20 -3.99 43.36 5.48
CA VAL D 20 -3.13 42.79 4.46
C VAL D 20 -2.50 41.48 4.94
N ILE D 21 -2.80 40.38 4.29
CA ILE D 21 -2.17 39.09 4.56
C ILE D 21 -1.79 38.46 3.20
N GLY D 22 -0.50 38.56 2.85
CA GLY D 22 -0.03 38.06 1.57
C GLY D 22 -0.75 38.76 0.42
N ALA D 23 -1.34 37.98 -0.48
CA ALA D 23 -2.05 38.49 -1.63
C ALA D 23 -3.49 38.91 -1.33
N VAL D 24 -3.96 38.63 -0.12
CA VAL D 24 -5.35 38.94 0.22
C VAL D 24 -5.43 40.25 0.99
N VAL D 25 -6.22 41.19 0.45
CA VAL D 25 -6.38 42.51 1.03
C VAL D 25 -7.83 42.88 1.30
N ASP D 26 -8.10 43.30 2.52
CA ASP D 26 -9.39 43.78 2.95
C ASP D 26 -9.45 45.31 2.88
N VAL D 27 -10.49 45.82 2.24
CA VAL D 27 -10.66 47.25 2.08
C VAL D 27 -11.99 47.69 2.68
N GLN D 28 -12.03 48.88 3.27
CA GLN D 28 -13.29 49.37 3.84
C GLN D 28 -13.84 50.54 3.04
N PHE D 29 -15.13 50.52 2.75
CA PHE D 29 -15.78 51.60 2.02
C PHE D 29 -16.82 52.33 2.86
N ASP D 30 -16.64 53.66 3.02
CA ASP D 30 -17.61 54.44 3.78
C ASP D 30 -18.94 54.58 3.06
N GLU D 31 -18.92 54.74 1.74
CA GLU D 31 -20.17 54.92 1.00
C GLU D 31 -20.48 53.78 0.06
N GLY D 32 -20.18 53.95 -1.22
CA GLY D 32 -20.45 52.92 -2.22
C GLY D 32 -19.59 51.67 -1.98
N LEU D 33 -20.23 50.52 -2.06
CA LEU D 33 -19.54 49.23 -1.90
C LEU D 33 -19.47 48.57 -3.28
N PRO D 34 -18.28 48.36 -3.77
CA PRO D 34 -18.03 47.76 -5.06
C PRO D 34 -18.43 46.29 -5.08
N PRO D 35 -19.12 45.90 -6.12
CA PRO D 35 -19.62 44.54 -6.31
C PRO D 35 -18.51 43.54 -6.59
N ILE D 36 -18.75 42.29 -6.20
CA ILE D 36 -17.83 41.19 -6.46
C ILE D 36 -17.35 41.24 -7.91
N LEU D 37 -16.05 41.11 -8.13
CA LEU D 37 -15.40 41.10 -9.42
C LEU D 37 -14.94 42.47 -9.90
N ASN D 38 -15.33 43.54 -9.22
CA ASN D 38 -14.89 44.87 -9.66
C ASN D 38 -13.40 45.06 -9.43
N ALA D 39 -12.78 45.91 -10.24
CA ALA D 39 -11.37 46.21 -10.08
C ALA D 39 -11.17 47.49 -9.27
N LEU D 40 -10.36 47.39 -8.22
CA LEU D 40 -10.03 48.54 -7.40
C LEU D 40 -8.57 48.95 -7.68
N GLU D 41 -8.32 50.24 -7.78
CA GLU D 41 -6.97 50.75 -8.01
C GLU D 41 -6.39 51.24 -6.68
N VAL D 42 -5.22 50.74 -6.30
CA VAL D 42 -4.62 51.21 -5.05
C VAL D 42 -3.89 52.53 -5.30
N GLN D 43 -4.10 53.50 -4.41
CA GLN D 43 -3.42 54.78 -4.55
C GLN D 43 -2.06 54.76 -3.85
N GLY D 44 -1.17 55.60 -4.31
CA GLY D 44 0.16 55.77 -3.78
C GLY D 44 1.15 54.70 -4.22
N ARG D 45 1.18 54.33 -5.50
CA ARG D 45 2.14 53.31 -5.93
C ARG D 45 2.85 53.61 -7.22
N GLU D 46 4.13 53.24 -7.25
CA GLU D 46 5.02 53.42 -8.39
C GLU D 46 4.41 52.83 -9.66
N THR D 47 3.81 51.65 -9.52
CA THR D 47 3.19 50.98 -10.66
C THR D 47 1.77 50.56 -10.30
N ARG D 48 0.93 50.45 -11.33
CA ARG D 48 -0.47 50.13 -11.15
C ARG D 48 -0.73 48.84 -10.38
N LEU D 49 -1.38 48.99 -9.22
CA LEU D 49 -1.72 47.82 -8.40
C LEU D 49 -3.23 47.65 -8.37
N VAL D 50 -3.72 46.55 -8.94
CA VAL D 50 -5.16 46.32 -9.00
C VAL D 50 -5.59 45.27 -7.99
N LEU D 51 -6.73 45.50 -7.34
CA LEU D 51 -7.30 44.52 -6.41
C LEU D 51 -8.65 44.03 -6.98
N GLU D 52 -8.88 42.72 -6.99
CA GLU D 52 -10.18 42.22 -7.49
C GLU D 52 -11.06 41.83 -6.32
N VAL D 53 -12.28 42.36 -6.27
CA VAL D 53 -13.24 42.05 -5.21
C VAL D 53 -13.74 40.61 -5.30
N ALA D 54 -13.56 39.83 -4.24
CA ALA D 54 -13.97 38.43 -4.23
C ALA D 54 -15.19 38.18 -3.35
N GLN D 55 -15.27 38.92 -2.25
CA GLN D 55 -16.33 38.74 -1.28
C GLN D 55 -16.68 40.06 -0.57
N HIS D 56 -17.89 40.11 -0.04
CA HIS D 56 -18.32 41.23 0.81
C HIS D 56 -18.43 40.67 2.24
N LEU D 57 -17.45 40.96 3.08
CA LEU D 57 -17.40 40.38 4.41
C LEU D 57 -18.46 40.89 5.36
N GLY D 58 -19.10 42.01 5.04
CA GLY D 58 -20.06 42.65 5.92
C GLY D 58 -19.42 43.94 6.46
N GLU D 59 -20.18 44.70 7.23
CA GLU D 59 -19.66 45.93 7.81
C GLU D 59 -18.89 46.77 6.80
N SER D 60 -19.47 46.91 5.61
CA SER D 60 -18.89 47.73 4.57
C SER D 60 -17.48 47.35 4.19
N THR D 61 -17.08 46.12 4.46
CA THR D 61 -15.72 45.69 4.13
C THR D 61 -15.75 44.60 3.05
N VAL D 62 -14.85 44.70 2.08
CA VAL D 62 -14.77 43.69 1.04
C VAL D 62 -13.41 42.99 1.10
N ARG D 63 -13.38 41.72 0.68
CA ARG D 63 -12.12 40.98 0.64
C ARG D 63 -11.65 40.93 -0.82
N THR D 64 -10.37 41.14 -1.07
CA THR D 64 -9.88 41.17 -2.44
C THR D 64 -8.60 40.38 -2.67
N ILE D 65 -8.32 40.10 -3.95
CA ILE D 65 -7.04 39.49 -4.28
C ILE D 65 -6.29 40.49 -5.18
N ALA D 66 -5.04 40.72 -4.82
CA ALA D 66 -4.16 41.66 -5.50
C ALA D 66 -3.61 41.07 -6.79
N MET D 67 -3.37 41.88 -7.80
CA MET D 67 -2.88 41.38 -9.09
C MET D 67 -1.38 41.55 -9.23
N ASP D 68 -0.73 42.00 -8.18
CA ASP D 68 0.73 42.19 -8.14
C ASP D 68 1.14 42.20 -6.66
N GLY D 69 2.41 42.26 -6.33
CA GLY D 69 2.88 42.18 -4.96
C GLY D 69 2.20 43.14 -4.01
N THR D 70 2.12 42.80 -2.73
CA THR D 70 1.52 43.67 -1.72
C THR D 70 2.55 44.27 -0.78
N GLU D 71 3.83 43.99 -0.98
CA GLU D 71 4.87 44.61 -0.14
C GLU D 71 4.70 46.12 -0.25
N GLY D 72 4.89 46.86 0.85
CA GLY D 72 4.78 48.30 0.85
C GLY D 72 3.42 48.83 1.26
N LEU D 73 2.37 48.04 1.15
CA LEU D 73 1.03 48.50 1.52
C LEU D 73 0.97 48.78 3.02
N VAL D 74 0.15 49.75 3.39
CA VAL D 74 -0.03 50.18 4.78
C VAL D 74 -1.50 50.21 5.14
N ARG D 75 -1.86 49.96 6.40
CA ARG D 75 -3.28 50.03 6.77
C ARG D 75 -3.73 51.50 6.75
N GLY D 76 -4.79 51.78 6.00
CA GLY D 76 -5.31 53.13 5.87
C GLY D 76 -5.06 53.68 4.47
N GLN D 77 -4.33 52.93 3.65
CA GLN D 77 -4.06 53.38 2.28
C GLN D 77 -5.34 53.40 1.45
N LYS D 78 -5.49 54.47 0.68
CA LYS D 78 -6.66 54.74 -0.13
C LYS D 78 -6.81 53.82 -1.33
N VAL D 79 -8.05 53.43 -1.63
CA VAL D 79 -8.32 52.56 -2.76
C VAL D 79 -9.53 53.07 -3.54
N LEU D 80 -9.43 53.11 -4.86
CA LEU D 80 -10.52 53.59 -5.70
C LEU D 80 -11.19 52.45 -6.46
N ASP D 81 -12.50 52.52 -6.54
CA ASP D 81 -13.26 51.53 -7.32
C ASP D 81 -13.31 52.04 -8.77
N SER D 82 -12.88 51.23 -9.72
CA SER D 82 -12.91 51.65 -11.12
C SER D 82 -14.34 51.57 -11.66
N GLY D 83 -15.20 50.91 -10.89
CA GLY D 83 -16.60 50.76 -11.26
C GLY D 83 -16.82 49.68 -12.29
N ALA D 84 -15.93 48.68 -12.29
CA ALA D 84 -16.05 47.57 -13.25
C ALA D 84 -14.93 46.56 -13.05
N PRO D 85 -15.11 45.37 -13.59
CA PRO D 85 -14.13 44.29 -13.55
C PRO D 85 -12.91 44.68 -14.38
N ILE D 86 -11.82 43.95 -14.25
CA ILE D 86 -10.62 44.26 -15.04
C ILE D 86 -10.96 44.29 -16.53
N ARG D 87 -10.64 45.38 -17.23
CA ARG D 87 -10.91 45.46 -18.66
C ARG D 87 -9.63 45.63 -19.44
N ILE D 88 -9.45 44.84 -20.49
CA ILE D 88 -8.24 44.84 -21.29
C ILE D 88 -8.48 45.15 -22.76
N PRO D 89 -7.42 45.47 -23.46
CA PRO D 89 -7.44 45.75 -24.88
C PRO D 89 -7.71 44.46 -25.64
N VAL D 90 -8.55 44.54 -26.66
CA VAL D 90 -8.82 43.40 -27.52
C VAL D 90 -8.91 43.90 -28.96
N GLY D 91 -8.57 43.06 -29.92
CA GLY D 91 -8.61 43.48 -31.31
C GLY D 91 -7.24 43.35 -31.96
N PRO D 92 -7.22 43.61 -33.25
CA PRO D 92 -6.04 43.51 -34.09
C PRO D 92 -4.84 44.23 -33.50
N GLU D 93 -5.06 45.19 -32.62
CA GLU D 93 -3.95 45.94 -32.03
C GLU D 93 -3.17 45.12 -31.01
N THR D 94 -3.70 43.96 -30.60
CA THR D 94 -2.95 43.14 -29.65
C THR D 94 -2.00 42.18 -30.37
N LEU D 95 -2.21 41.98 -31.66
CA LEU D 95 -1.36 41.06 -32.42
C LEU D 95 0.10 41.51 -32.43
N GLY D 96 0.99 40.56 -32.11
CA GLY D 96 2.42 40.83 -32.10
C GLY D 96 2.87 41.49 -30.80
N ARG D 97 1.92 41.84 -29.95
CA ARG D 97 2.19 42.46 -28.67
C ARG D 97 2.16 41.43 -27.52
N ILE D 98 2.75 41.80 -26.39
CA ILE D 98 2.71 41.04 -25.17
C ILE D 98 1.99 41.86 -24.08
N MET D 99 0.91 41.33 -23.53
CA MET D 99 0.20 41.98 -22.44
C MET D 99 0.38 41.16 -21.14
N ASN D 100 0.03 41.77 -20.02
CA ASN D 100 0.03 41.10 -18.73
C ASN D 100 -1.41 40.84 -18.31
N VAL D 101 -1.66 40.39 -17.09
CA VAL D 101 -2.99 40.08 -16.61
C VAL D 101 -3.97 41.23 -16.84
N ILE D 102 -3.48 42.45 -16.61
CA ILE D 102 -4.39 43.59 -16.66
C ILE D 102 -4.31 44.38 -17.96
N GLY D 103 -3.88 43.74 -19.04
CA GLY D 103 -3.85 44.32 -20.36
C GLY D 103 -2.81 45.38 -20.61
N GLU D 104 -1.83 45.52 -19.72
CA GLU D 104 -0.75 46.49 -19.95
C GLU D 104 0.30 45.80 -20.82
N PRO D 105 0.90 46.53 -21.73
CA PRO D 105 1.98 46.05 -22.57
C PRO D 105 3.21 45.75 -21.71
N ILE D 106 3.90 44.66 -22.03
CA ILE D 106 5.11 44.29 -21.28
C ILE D 106 6.26 44.04 -22.23
N ASP D 107 6.11 44.52 -23.46
CA ASP D 107 7.11 44.36 -24.49
C ASP D 107 7.90 45.66 -24.70
N GLU D 108 7.64 46.64 -23.85
CA GLU D 108 8.35 47.91 -23.95
C GLU D 108 8.18 48.57 -25.31
N ARG D 109 6.99 48.42 -25.91
CA ARG D 109 6.70 49.00 -27.21
C ARG D 109 5.60 50.05 -27.17
N GLY D 110 5.15 50.43 -25.99
CA GLY D 110 4.14 51.47 -25.84
C GLY D 110 2.71 50.97 -25.74
N PRO D 111 1.78 51.91 -25.68
CA PRO D 111 0.37 51.68 -25.57
C PRO D 111 -0.22 50.77 -26.63
N ILE D 112 -1.20 49.97 -26.22
CA ILE D 112 -1.90 49.09 -27.15
C ILE D 112 -3.10 49.90 -27.68
N LYS D 113 -2.93 50.56 -28.81
CA LYS D 113 -3.94 51.47 -29.33
C LYS D 113 -5.15 50.77 -29.94
N THR D 114 -5.92 50.11 -29.09
CA THR D 114 -7.14 49.43 -29.48
C THR D 114 -8.33 50.39 -29.46
N LYS D 115 -9.35 50.07 -30.24
CA LYS D 115 -10.55 50.90 -30.27
C LYS D 115 -11.58 50.39 -29.27
N GLN D 116 -11.36 49.17 -28.76
CA GLN D 116 -12.29 48.59 -27.81
C GLN D 116 -11.56 47.90 -26.66
N PHE D 117 -12.26 47.78 -25.54
CA PHE D 117 -11.76 47.08 -24.36
C PHE D 117 -12.79 46.03 -23.96
N ALA D 118 -12.38 45.06 -23.15
CA ALA D 118 -13.34 44.01 -22.77
C ALA D 118 -13.02 43.44 -21.40
N ALA D 119 -14.06 43.15 -20.63
CA ALA D 119 -13.94 42.56 -19.30
C ALA D 119 -13.41 41.13 -19.43
N ILE D 120 -12.52 40.75 -18.50
CA ILE D 120 -11.96 39.39 -18.54
C ILE D 120 -12.88 38.36 -17.90
N HIS D 121 -13.99 38.78 -17.33
CA HIS D 121 -14.99 37.88 -16.77
C HIS D 121 -16.22 37.96 -17.67
N ALA D 122 -16.66 36.85 -18.21
CA ALA D 122 -17.81 36.86 -19.11
C ALA D 122 -18.64 35.59 -18.99
N GLU D 123 -19.90 35.66 -19.36
CA GLU D 123 -20.75 34.47 -19.33
C GLU D 123 -20.32 33.55 -20.47
N ALA D 124 -20.49 32.25 -20.28
CA ALA D 124 -20.09 31.29 -21.32
C ALA D 124 -21.19 31.19 -22.37
N PRO D 125 -20.82 30.85 -23.58
CA PRO D 125 -21.76 30.68 -24.69
C PRO D 125 -22.86 29.71 -24.28
N GLU D 126 -24.08 29.96 -24.74
CA GLU D 126 -25.21 29.13 -24.36
C GLU D 126 -25.18 27.79 -25.10
N PHE D 127 -26.03 26.88 -24.68
CA PHE D 127 -26.12 25.57 -25.31
C PHE D 127 -26.59 25.69 -26.75
N VAL D 128 -27.35 26.74 -27.07
CA VAL D 128 -27.82 26.90 -28.45
C VAL D 128 -26.70 27.46 -29.33
N GLU D 129 -25.56 27.79 -28.74
CA GLU D 129 -24.45 28.32 -29.53
C GLU D 129 -23.44 27.25 -29.91
N MET D 130 -23.64 26.01 -29.47
CA MET D 130 -22.69 24.95 -29.74
C MET D 130 -22.70 24.44 -31.18
N SER D 131 -21.56 23.92 -31.59
CA SER D 131 -21.35 23.29 -32.87
C SER D 131 -20.95 21.81 -32.70
N VAL D 132 -21.46 20.94 -33.55
CA VAL D 132 -21.13 19.52 -33.48
C VAL D 132 -20.22 19.10 -34.62
N GLU D 133 -19.98 19.96 -35.59
CA GLU D 133 -19.11 19.55 -36.71
C GLU D 133 -17.75 19.11 -36.17
N GLN D 134 -17.16 18.09 -36.77
CA GLN D 134 -15.84 17.66 -36.32
C GLN D 134 -15.04 16.99 -37.42
N GLU D 135 -13.90 17.61 -37.73
CA GLU D 135 -12.98 17.21 -38.75
C GLU D 135 -11.56 17.04 -38.21
N ILE D 136 -10.85 16.10 -38.81
CA ILE D 136 -9.48 15.78 -38.46
C ILE D 136 -8.52 16.93 -38.71
N LEU D 137 -7.64 17.15 -37.77
CA LEU D 137 -6.55 18.11 -37.86
C LEU D 137 -5.26 17.27 -37.73
N VAL D 138 -4.61 17.00 -38.85
CA VAL D 138 -3.40 16.19 -38.87
C VAL D 138 -2.24 17.00 -38.31
N THR D 139 -1.44 16.40 -37.44
CA THR D 139 -0.34 17.15 -36.82
C THR D 139 1.03 16.77 -37.38
N GLY D 140 1.09 15.55 -37.93
CA GLY D 140 2.35 15.04 -38.46
C GLY D 140 3.05 14.21 -37.38
N ILE D 141 2.42 14.14 -36.21
CA ILE D 141 2.95 13.35 -35.10
C ILE D 141 2.25 11.98 -35.09
N LYS D 142 3.05 10.96 -35.36
CA LYS D 142 2.58 9.60 -35.53
C LYS D 142 1.63 9.10 -34.45
N VAL D 143 1.96 9.19 -33.17
CA VAL D 143 1.09 8.66 -32.13
C VAL D 143 -0.24 9.38 -32.05
N VAL D 144 -0.19 10.71 -32.17
CA VAL D 144 -1.40 11.52 -32.07
C VAL D 144 -2.31 11.24 -33.26
N ASP D 145 -1.81 11.52 -34.46
CA ASP D 145 -2.58 11.31 -35.69
C ASP D 145 -3.15 9.89 -35.76
N LEU D 146 -2.41 8.92 -35.24
CA LEU D 146 -2.85 7.53 -35.29
C LEU D 146 -3.84 7.16 -34.20
N LEU D 147 -3.48 7.34 -32.93
CA LEU D 147 -4.26 6.82 -31.83
C LEU D 147 -5.35 7.71 -31.30
N ALA D 148 -5.11 9.00 -31.18
CA ALA D 148 -6.08 9.96 -30.66
C ALA D 148 -5.96 11.28 -31.40
N PRO D 149 -6.40 11.28 -32.64
CA PRO D 149 -6.33 12.42 -33.54
C PRO D 149 -7.08 13.63 -33.01
N TYR D 150 -6.50 14.81 -33.25
CA TYR D 150 -7.11 16.06 -32.87
C TYR D 150 -8.17 16.45 -33.90
N ALA D 151 -9.04 17.37 -33.51
CA ALA D 151 -10.10 17.81 -34.40
C ALA D 151 -10.08 19.34 -34.52
N LYS D 152 -10.41 19.82 -35.70
CA LYS D 152 -10.44 21.26 -35.98
C LYS D 152 -11.53 21.90 -35.14
N GLY D 153 -11.20 22.97 -34.43
CA GLY D 153 -12.18 23.63 -33.58
C GLY D 153 -12.52 22.82 -32.33
N GLY D 154 -11.75 21.78 -32.03
CA GLY D 154 -12.00 20.97 -30.85
C GLY D 154 -11.12 21.35 -29.66
N LYS D 155 -11.45 20.78 -28.50
CA LYS D 155 -10.68 21.01 -27.29
C LYS D 155 -9.65 19.89 -27.09
N ILE D 156 -8.38 20.29 -27.03
CA ILE D 156 -7.28 19.34 -26.87
C ILE D 156 -6.53 19.59 -25.58
N GLY D 157 -6.26 18.52 -24.82
CA GLY D 157 -5.53 18.67 -23.56
C GLY D 157 -4.28 17.80 -23.52
N LEU D 158 -3.17 18.35 -23.04
CA LEU D 158 -1.92 17.59 -22.96
C LEU D 158 -1.55 17.44 -21.48
N PHE D 159 -1.77 16.25 -20.94
CA PHE D 159 -1.52 15.95 -19.55
C PHE D 159 -0.09 15.43 -19.34
N GLY D 160 0.51 15.83 -18.22
CA GLY D 160 1.85 15.35 -17.93
C GLY D 160 2.39 15.80 -16.58
N GLY D 161 3.00 14.87 -15.87
CA GLY D 161 3.68 15.18 -14.60
C GLY D 161 4.81 16.17 -14.94
N ALA D 162 5.63 16.52 -13.96
CA ALA D 162 6.69 17.51 -14.20
C ALA D 162 7.81 16.99 -15.08
N GLY D 163 8.08 17.69 -16.18
CA GLY D 163 9.18 17.38 -17.06
C GLY D 163 9.00 16.20 -17.98
N VAL D 164 7.77 15.90 -18.43
CA VAL D 164 7.63 14.74 -19.31
C VAL D 164 7.45 15.09 -20.76
N GLY D 165 7.24 16.36 -21.11
CA GLY D 165 7.16 16.76 -22.50
C GLY D 165 6.00 17.62 -22.92
N LYS D 166 5.23 18.18 -22.00
CA LYS D 166 4.06 18.98 -22.34
C LYS D 166 4.40 20.14 -23.26
N THR D 167 5.36 20.94 -22.81
CA THR D 167 5.74 22.16 -23.51
C THR D 167 6.41 21.90 -24.84
N VAL D 168 7.27 20.89 -24.89
CA VAL D 168 7.95 20.54 -26.15
C VAL D 168 6.89 20.14 -27.18
N LEU D 169 5.82 19.49 -26.71
CA LEU D 169 4.75 19.07 -27.61
C LEU D 169 3.95 20.27 -28.12
N ILE D 170 3.66 21.21 -27.22
CA ILE D 170 2.90 22.39 -27.61
C ILE D 170 3.73 23.26 -28.55
N MET D 171 5.04 23.33 -28.35
CA MET D 171 5.90 24.12 -29.22
C MET D 171 5.98 23.49 -30.61
N GLU D 172 6.02 22.16 -30.65
CA GLU D 172 6.03 21.43 -31.90
C GLU D 172 4.71 21.65 -32.65
N LEU D 173 3.58 21.55 -31.95
CA LEU D 173 2.29 21.76 -32.58
C LEU D 173 2.16 23.19 -33.11
N ILE D 174 2.70 24.17 -32.39
CA ILE D 174 2.63 25.55 -32.88
C ILE D 174 3.41 25.62 -34.20
N ASN D 175 4.54 24.94 -34.23
CA ASN D 175 5.41 24.91 -35.39
C ASN D 175 4.75 24.24 -36.60
N ASN D 176 4.02 23.16 -36.39
CA ASN D 176 3.40 22.39 -37.45
C ASN D 176 1.99 22.79 -37.83
N VAL D 177 1.31 23.54 -36.98
CA VAL D 177 -0.09 23.88 -37.25
C VAL D 177 -0.32 25.37 -37.35
N ALA D 178 0.34 26.14 -36.49
CA ALA D 178 0.10 27.58 -36.40
C ALA D 178 0.89 28.41 -37.38
N LYS D 179 1.96 27.85 -37.96
CA LYS D 179 2.75 28.60 -38.96
C LYS D 179 1.95 28.63 -40.27
N ALA D 180 1.39 27.47 -40.60
CA ALA D 180 0.59 27.35 -41.81
C ALA D 180 -0.73 28.10 -41.67
N HIS D 181 -1.29 28.03 -40.47
CA HIS D 181 -2.55 28.65 -40.12
C HIS D 181 -2.77 30.03 -40.71
N GLY D 182 -3.89 30.23 -41.38
CA GLY D 182 -4.21 31.51 -42.00
C GLY D 182 -4.98 32.47 -41.11
N GLY D 183 -5.45 32.03 -39.96
CA GLY D 183 -6.19 32.89 -39.06
C GLY D 183 -5.28 33.55 -38.03
N TYR D 184 -5.78 33.69 -36.79
CA TYR D 184 -4.99 34.30 -35.75
C TYR D 184 -4.76 33.33 -34.58
N SER D 185 -3.64 33.51 -33.89
CA SER D 185 -3.31 32.69 -32.74
C SER D 185 -3.19 33.52 -31.46
N VAL D 186 -3.52 32.89 -30.34
CA VAL D 186 -3.33 33.46 -29.03
C VAL D 186 -2.56 32.45 -28.17
N PHE D 187 -1.49 32.93 -27.55
CA PHE D 187 -0.71 32.10 -26.65
C PHE D 187 -0.78 32.72 -25.25
N ALA D 188 -1.27 31.95 -24.29
CA ALA D 188 -1.33 32.42 -22.91
C ALA D 188 -0.28 31.73 -22.05
N GLY D 189 0.69 32.49 -21.56
CA GLY D 189 1.70 31.92 -20.66
C GLY D 189 1.13 32.03 -19.23
N VAL D 190 0.72 30.91 -18.66
CA VAL D 190 0.06 30.93 -17.35
C VAL D 190 0.87 30.22 -16.28
N GLY D 191 1.49 30.99 -15.39
CA GLY D 191 2.28 30.46 -14.29
C GLY D 191 3.40 29.52 -14.73
N GLU D 192 3.98 29.77 -15.90
CA GLU D 192 5.07 28.90 -16.36
C GLU D 192 6.41 29.63 -16.32
N ARG D 193 7.38 29.22 -17.12
CA ARG D 193 8.72 29.79 -17.07
C ARG D 193 8.88 31.09 -17.85
N THR D 194 9.39 32.10 -17.17
CA THR D 194 9.62 33.39 -17.84
C THR D 194 10.61 33.16 -18.97
N ARG D 195 11.65 32.38 -18.68
CA ARG D 195 12.62 32.05 -19.74
C ARG D 195 11.89 31.49 -20.96
N GLU D 196 10.86 30.67 -20.76
CA GLU D 196 10.13 30.11 -21.89
C GLU D 196 9.44 31.20 -22.71
N GLY D 197 8.95 32.24 -22.06
CA GLY D 197 8.30 33.35 -22.72
C GLY D 197 9.28 34.15 -23.57
N ASN D 198 10.51 34.32 -23.12
CA ASN D 198 11.50 35.07 -23.90
C ASN D 198 12.00 34.23 -25.08
N ASP D 199 12.06 32.94 -24.93
CA ASP D 199 12.32 31.96 -25.88
C ASP D 199 11.31 32.01 -27.04
N LEU D 200 10.06 31.77 -26.69
CA LEU D 200 8.96 31.72 -27.62
C LEU D 200 8.88 33.00 -28.46
N TYR D 201 8.94 34.11 -27.75
CA TYR D 201 8.89 35.44 -28.34
C TYR D 201 9.94 35.67 -29.42
N HIS D 202 11.19 35.30 -29.15
CA HIS D 202 12.24 35.48 -30.16
C HIS D 202 12.09 34.43 -31.25
N GLU D 203 11.57 33.26 -30.88
CA GLU D 203 11.32 32.18 -31.83
C GLU D 203 10.36 32.68 -32.91
N MET D 204 9.31 33.36 -32.44
CA MET D 204 8.23 33.81 -33.31
C MET D 204 8.62 35.00 -34.17
N ILE D 205 9.54 35.82 -33.66
CA ILE D 205 10.05 36.93 -34.46
C ILE D 205 10.86 36.36 -35.62
N GLU D 206 11.66 35.33 -35.31
CA GLU D 206 12.45 34.67 -36.34
C GLU D 206 11.55 34.07 -37.41
N SER D 207 10.52 33.33 -37.00
CA SER D 207 9.62 32.72 -37.97
C SER D 207 8.72 33.77 -38.62
N GLY D 208 8.90 35.04 -38.26
CA GLY D 208 8.05 36.08 -38.82
C GLY D 208 6.60 35.92 -38.39
N VAL D 209 6.34 34.99 -37.49
CA VAL D 209 4.95 34.79 -37.00
C VAL D 209 4.56 36.05 -36.25
N ILE D 210 5.56 36.69 -35.66
CA ILE D 210 5.41 37.98 -35.01
C ILE D 210 6.25 38.99 -35.78
N ASN D 211 5.68 40.15 -36.12
CA ASN D 211 6.45 41.16 -36.84
C ASN D 211 6.45 42.49 -36.10
N LEU D 212 7.64 42.92 -35.68
CA LEU D 212 7.80 44.16 -34.94
C LEU D 212 7.83 45.40 -35.82
N LYS D 213 7.96 45.23 -37.13
CA LYS D 213 8.07 46.38 -38.03
C LYS D 213 6.82 46.72 -38.80
N ASP D 214 6.20 45.74 -39.44
CA ASP D 214 4.95 45.99 -40.16
C ASP D 214 3.79 45.52 -39.30
N ALA D 215 2.63 45.27 -39.89
CA ALA D 215 1.47 44.82 -39.13
C ALA D 215 0.98 43.46 -39.62
N THR D 216 1.91 42.55 -39.86
CA THR D 216 1.57 41.21 -40.33
C THR D 216 1.64 40.17 -39.22
N SER D 217 1.59 40.59 -37.97
CA SER D 217 1.67 39.63 -36.85
C SER D 217 0.40 38.79 -36.82
N LYS D 218 0.55 37.49 -36.58
CA LYS D 218 -0.60 36.57 -36.58
C LYS D 218 -0.84 35.97 -35.21
N VAL D 219 -0.08 36.41 -34.20
CA VAL D 219 -0.23 35.87 -32.86
C VAL D 219 -0.21 36.96 -31.80
N ALA D 220 -1.10 36.83 -30.82
CA ALA D 220 -1.14 37.72 -29.67
C ALA D 220 -0.57 36.99 -28.44
N LEU D 221 0.23 37.69 -27.64
CA LEU D 221 0.85 37.05 -26.47
C LEU D 221 0.37 37.66 -25.16
N VAL D 222 0.05 36.79 -24.20
CA VAL D 222 -0.37 37.17 -22.86
C VAL D 222 0.38 36.31 -21.84
N TYR D 223 0.97 36.96 -20.84
CA TYR D 223 1.83 36.27 -19.89
C TYR D 223 1.64 36.72 -18.44
N GLY D 224 1.75 35.74 -17.57
CA GLY D 224 1.65 35.86 -16.11
C GLY D 224 2.33 34.58 -15.57
N GLN D 225 3.63 34.64 -15.38
CA GLN D 225 4.40 33.47 -15.03
C GLN D 225 4.59 33.22 -13.54
N MET D 226 5.36 32.18 -13.22
CA MET D 226 5.54 31.73 -11.85
C MET D 226 6.37 32.69 -11.02
N ASN D 227 6.73 33.84 -11.59
CA ASN D 227 7.41 34.88 -10.83
C ASN D 227 6.35 35.79 -10.19
N GLU D 228 5.12 35.70 -10.67
CA GLU D 228 4.03 36.53 -10.16
C GLU D 228 3.30 35.88 -9.00
N PRO D 229 2.72 36.70 -8.14
CA PRO D 229 1.90 36.30 -7.02
C PRO D 229 0.64 35.64 -7.54
N PRO D 230 -0.06 34.92 -6.71
CA PRO D 230 -1.24 34.14 -7.03
C PRO D 230 -2.39 34.86 -7.67
N GLY D 231 -2.72 36.08 -7.26
CA GLY D 231 -3.85 36.79 -7.89
C GLY D 231 -3.64 36.89 -9.40
N ALA D 232 -2.42 37.26 -9.79
CA ALA D 232 -2.10 37.40 -11.22
C ALA D 232 -2.15 36.06 -11.94
N ARG D 233 -1.65 35.00 -11.30
CA ARG D 233 -1.71 33.70 -11.97
C ARG D 233 -3.15 33.18 -12.03
N ALA D 234 -4.04 33.68 -11.17
CA ALA D 234 -5.40 33.17 -11.15
C ALA D 234 -6.29 33.85 -12.20
N ARG D 235 -5.83 34.97 -12.76
CA ARG D 235 -6.64 35.69 -13.73
C ARG D 235 -6.02 35.82 -15.11
N VAL D 236 -4.72 35.57 -15.29
CA VAL D 236 -4.10 35.70 -16.58
C VAL D 236 -4.72 34.78 -17.63
N ALA D 237 -5.17 33.61 -17.22
CA ALA D 237 -5.80 32.69 -18.17
C ALA D 237 -7.04 33.37 -18.75
N LEU D 238 -7.79 34.03 -17.87
CA LEU D 238 -9.00 34.73 -18.30
C LEU D 238 -8.62 35.81 -19.31
N THR D 239 -7.54 36.54 -19.00
CA THR D 239 -7.06 37.60 -19.87
C THR D 239 -6.82 37.07 -21.28
N GLY D 240 -6.05 35.99 -21.38
CA GLY D 240 -5.75 35.38 -22.65
C GLY D 240 -6.97 34.86 -23.39
N LEU D 241 -7.92 34.23 -22.69
CA LEU D 241 -9.07 33.70 -23.42
C LEU D 241 -9.99 34.84 -23.83
N THR D 242 -9.92 35.94 -23.08
CA THR D 242 -10.72 37.13 -23.42
C THR D 242 -10.26 37.69 -24.76
N VAL D 243 -8.94 37.71 -24.98
CA VAL D 243 -8.40 38.14 -26.27
C VAL D 243 -8.90 37.21 -27.37
N ALA D 244 -8.84 35.90 -27.11
CA ALA D 244 -9.28 34.92 -28.10
C ALA D 244 -10.75 35.06 -28.45
N GLU D 245 -11.60 35.35 -27.47
CA GLU D 245 -13.03 35.48 -27.71
C GLU D 245 -13.36 36.58 -28.72
N TYR D 246 -12.64 37.70 -28.66
CA TYR D 246 -12.86 38.79 -29.60
C TYR D 246 -12.64 38.31 -31.03
N PHE D 247 -11.53 37.60 -31.26
CA PHE D 247 -11.25 37.10 -32.61
C PHE D 247 -12.38 36.18 -33.06
N ARG D 248 -12.79 35.29 -32.16
CA ARG D 248 -13.87 34.36 -32.50
C ARG D 248 -15.15 35.09 -32.87
N ASP D 249 -15.62 36.00 -32.03
CA ASP D 249 -16.87 36.68 -32.20
C ASP D 249 -16.85 37.93 -33.05
N GLN D 250 -15.92 38.85 -32.76
CA GLN D 250 -15.89 40.12 -33.48
C GLN D 250 -15.11 40.05 -34.78
N GLU D 251 -14.89 38.85 -35.28
CA GLU D 251 -14.19 38.65 -36.55
C GLU D 251 -14.52 37.30 -37.16
N GLY D 252 -15.00 36.36 -36.37
CA GLY D 252 -15.38 35.04 -36.85
C GLY D 252 -14.22 34.17 -37.27
N GLN D 253 -13.31 34.72 -38.08
CA GLN D 253 -12.17 33.99 -38.62
C GLN D 253 -11.52 33.07 -37.59
N ASP D 254 -11.07 31.90 -38.04
CA ASP D 254 -10.48 30.86 -37.27
C ASP D 254 -9.41 31.27 -36.26
N VAL D 255 -9.54 30.74 -35.05
CA VAL D 255 -8.60 31.07 -33.99
C VAL D 255 -7.95 29.86 -33.33
N LEU D 256 -6.65 29.96 -33.10
CA LEU D 256 -5.87 28.97 -32.38
C LEU D 256 -5.60 29.51 -30.98
N LEU D 257 -5.77 28.68 -29.97
CA LEU D 257 -5.53 29.16 -28.60
C LEU D 257 -4.69 28.15 -27.83
N PHE D 258 -3.49 28.57 -27.45
CA PHE D 258 -2.56 27.71 -26.73
C PHE D 258 -2.35 28.25 -25.31
N ILE D 259 -2.48 27.36 -24.34
CA ILE D 259 -2.33 27.72 -22.93
C ILE D 259 -1.34 26.80 -22.23
N ASP D 260 -0.25 27.38 -21.74
CA ASP D 260 0.72 26.62 -20.93
C ASP D 260 0.91 27.40 -19.63
N ASN D 261 0.39 26.92 -18.54
CA ASN D 261 -0.29 25.64 -18.34
C ASN D 261 -1.56 25.95 -17.54
N ILE D 262 -2.73 25.47 -17.95
CA ILE D 262 -3.95 25.92 -17.26
C ILE D 262 -4.16 25.37 -15.89
N PHE D 263 -3.36 24.38 -15.47
CA PHE D 263 -3.43 23.88 -14.09
C PHE D 263 -3.16 25.05 -13.14
N ARG D 264 -2.16 25.84 -13.50
CA ARG D 264 -1.69 26.98 -12.75
C ARG D 264 -2.81 27.93 -12.33
N PHE D 265 -3.92 27.92 -13.05
CA PHE D 265 -5.11 28.71 -12.70
C PHE D 265 -5.72 28.11 -11.41
N THR D 266 -5.78 26.78 -11.39
CA THR D 266 -6.35 26.08 -10.25
C THR D 266 -5.44 26.13 -9.02
N GLN D 267 -4.14 26.09 -9.26
CA GLN D 267 -3.17 26.15 -8.16
C GLN D 267 -3.18 27.54 -7.54
N ALA D 268 -3.30 28.55 -8.39
CA ALA D 268 -3.32 29.94 -7.90
C ALA D 268 -4.48 30.07 -6.91
N GLY D 269 -5.63 29.57 -7.34
CA GLY D 269 -6.84 29.62 -6.54
C GLY D 269 -6.63 28.96 -5.19
N SER D 270 -5.88 27.87 -5.16
CA SER D 270 -5.68 27.16 -3.90
C SER D 270 -4.64 27.86 -3.03
N GLU D 271 -3.78 28.67 -3.63
CA GLU D 271 -2.79 29.38 -2.81
C GLU D 271 -3.49 30.36 -1.87
N VAL D 272 -4.64 30.89 -2.28
CA VAL D 272 -5.32 31.90 -1.47
C VAL D 272 -6.60 31.43 -0.81
N SER D 273 -7.03 30.21 -1.09
CA SER D 273 -8.29 29.68 -0.61
C SER D 273 -8.49 29.83 0.89
N ALA D 274 -7.54 29.35 1.69
CA ALA D 274 -7.65 29.45 3.15
C ALA D 274 -7.70 30.91 3.59
N LEU D 275 -6.93 31.76 2.93
CA LEU D 275 -6.95 33.19 3.23
C LEU D 275 -8.32 33.78 2.90
N LEU D 276 -9.00 33.16 1.94
CA LEU D 276 -10.35 33.61 1.57
C LEU D 276 -11.36 33.03 2.55
N GLY D 277 -10.87 32.30 3.55
CA GLY D 277 -11.70 31.76 4.60
C GLY D 277 -12.41 30.46 4.31
N ARG D 278 -11.97 29.68 3.33
CA ARG D 278 -12.66 28.44 3.00
C ARG D 278 -12.12 27.25 3.80
N ILE D 279 -13.01 26.29 4.06
CA ILE D 279 -12.62 25.00 4.64
C ILE D 279 -12.04 24.24 3.44
N PRO D 280 -10.90 23.64 3.58
CA PRO D 280 -10.26 22.88 2.52
C PRO D 280 -11.09 21.67 2.09
N SER D 281 -11.04 21.37 0.79
CA SER D 281 -11.70 20.18 0.26
C SER D 281 -10.65 19.07 0.23
N ALA D 282 -10.89 17.97 -0.47
CA ALA D 282 -9.88 16.90 -0.50
C ALA D 282 -8.58 17.40 -1.13
N VAL D 283 -7.48 16.83 -0.66
CA VAL D 283 -6.14 17.08 -1.12
C VAL D 283 -5.72 18.53 -1.03
N GLY D 284 -6.29 19.26 -0.07
CA GLY D 284 -5.89 20.65 0.13
C GLY D 284 -6.41 21.64 -0.89
N TYR D 285 -7.36 21.26 -1.74
CA TYR D 285 -7.89 22.21 -2.71
C TYR D 285 -9.13 22.94 -2.17
N GLN D 286 -9.43 24.03 -2.84
CA GLN D 286 -10.59 24.87 -2.64
C GLN D 286 -11.85 24.10 -2.99
N PRO D 287 -12.89 24.24 -2.21
CA PRO D 287 -14.16 23.55 -2.40
C PRO D 287 -14.83 23.89 -3.72
N THR D 288 -14.41 24.99 -4.35
CA THR D 288 -14.98 25.46 -5.59
C THR D 288 -14.19 25.05 -6.82
N LEU D 289 -13.30 24.07 -6.70
CA LEU D 289 -12.45 23.69 -7.84
C LEU D 289 -13.24 23.47 -9.12
N ALA D 290 -14.26 22.62 -9.07
CA ALA D 290 -15.05 22.26 -10.22
C ALA D 290 -15.81 23.41 -10.85
N THR D 291 -16.54 24.17 -10.03
CA THR D 291 -17.30 25.30 -10.55
C THR D 291 -16.36 26.39 -11.02
N ASP D 292 -15.27 26.63 -10.29
CA ASP D 292 -14.32 27.66 -10.74
C ASP D 292 -13.87 27.31 -12.17
N MET D 293 -13.50 26.03 -12.30
CA MET D 293 -13.00 25.51 -13.56
C MET D 293 -14.05 25.53 -14.66
N GLY D 294 -15.29 25.27 -14.33
CA GLY D 294 -16.36 25.20 -15.31
C GLY D 294 -16.67 26.52 -15.98
N THR D 295 -16.79 27.59 -15.18
CA THR D 295 -17.13 28.90 -15.70
C THR D 295 -16.00 29.48 -16.55
N MET D 296 -14.82 28.92 -16.44
CA MET D 296 -13.69 29.40 -17.25
C MET D 296 -13.59 28.55 -18.51
N GLN D 297 -13.56 27.23 -18.31
CA GLN D 297 -13.45 26.29 -19.41
C GLN D 297 -14.60 26.39 -20.40
N GLU D 298 -15.80 26.68 -19.94
CA GLU D 298 -16.95 26.75 -20.84
C GLU D 298 -16.84 27.92 -21.80
N ARG D 299 -15.87 28.81 -21.57
CA ARG D 299 -15.66 29.94 -22.48
C ARG D 299 -14.68 29.56 -23.59
N ILE D 300 -13.86 28.56 -23.31
CA ILE D 300 -12.89 28.08 -24.31
C ILE D 300 -13.60 27.07 -25.21
N THR D 301 -14.22 27.58 -26.28
CA THR D 301 -15.02 26.72 -27.13
C THR D 301 -15.37 27.35 -28.48
N THR D 302 -15.55 26.45 -29.45
CA THR D 302 -16.03 26.85 -30.78
C THR D 302 -17.53 27.14 -30.61
N THR D 303 -18.06 28.04 -31.42
CA THR D 303 -19.47 28.36 -31.41
C THR D 303 -19.92 28.53 -32.86
N LYS D 304 -21.19 28.82 -33.04
CA LYS D 304 -21.72 29.02 -34.40
C LYS D 304 -21.12 30.27 -35.02
N LYS D 305 -20.77 31.25 -34.20
CA LYS D 305 -20.17 32.48 -34.72
C LYS D 305 -18.77 32.23 -35.27
N GLY D 306 -17.98 31.41 -34.60
CA GLY D 306 -16.61 31.17 -35.06
C GLY D 306 -15.95 30.01 -34.34
N SER D 307 -14.82 29.56 -34.88
CA SER D 307 -14.10 28.43 -34.34
C SER D 307 -12.85 28.80 -33.56
N ILE D 308 -12.60 28.03 -32.51
CA ILE D 308 -11.41 28.09 -31.69
C ILE D 308 -10.86 26.67 -31.54
N THR D 309 -9.63 26.47 -31.94
CA THR D 309 -8.93 25.19 -31.76
C THR D 309 -8.05 25.37 -30.52
N SER D 310 -8.45 24.79 -29.39
CA SER D 310 -7.71 24.98 -28.16
C SER D 310 -6.82 23.79 -27.81
N VAL D 311 -5.61 24.14 -27.37
CA VAL D 311 -4.60 23.19 -26.95
C VAL D 311 -4.10 23.65 -25.58
N GLN D 312 -4.40 22.87 -24.54
CA GLN D 312 -4.02 23.28 -23.19
C GLN D 312 -3.10 22.27 -22.53
N ALA D 313 -1.95 22.73 -22.08
CA ALA D 313 -1.02 21.88 -21.32
C ALA D 313 -1.60 21.75 -19.90
N ILE D 314 -1.61 20.54 -19.34
CA ILE D 314 -2.24 20.35 -18.02
C ILE D 314 -1.32 19.63 -17.05
N TYR D 315 -0.85 20.38 -16.05
CA TYR D 315 0.06 19.80 -15.06
C TYR D 315 -0.64 18.73 -14.21
N VAL D 316 0.12 17.72 -13.83
CA VAL D 316 -0.37 16.61 -13.01
C VAL D 316 0.53 16.49 -11.78
N PRO D 317 0.05 16.95 -10.65
CA PRO D 317 0.82 16.97 -9.43
C PRO D 317 1.19 15.56 -8.99
N ALA D 318 2.40 15.39 -8.50
CA ALA D 318 2.88 14.11 -8.01
C ALA D 318 2.70 12.98 -9.01
N ASP D 319 2.60 13.32 -10.30
CA ASP D 319 2.42 12.30 -11.32
C ASP D 319 1.14 11.49 -11.10
N ASP D 320 0.16 12.05 -10.40
CA ASP D 320 -1.08 11.28 -10.14
C ASP D 320 -2.28 11.86 -10.86
N LEU D 321 -2.70 11.24 -11.97
CA LEU D 321 -3.82 11.72 -12.75
C LEU D 321 -5.14 11.70 -12.00
N THR D 322 -5.19 11.03 -10.85
CA THR D 322 -6.42 11.05 -10.06
C THR D 322 -6.46 12.34 -9.22
N ASP D 323 -5.38 13.12 -9.23
CA ASP D 323 -5.39 14.41 -8.53
C ASP D 323 -6.57 15.24 -9.04
N PRO D 324 -7.32 15.80 -8.14
CA PRO D 324 -8.51 16.58 -8.42
C PRO D 324 -8.34 17.59 -9.54
N ALA D 325 -7.17 18.23 -9.65
CA ALA D 325 -6.99 19.24 -10.69
C ALA D 325 -7.09 18.62 -12.08
N PRO D 326 -6.16 17.75 -12.43
CA PRO D 326 -6.18 17.03 -13.68
C PRO D 326 -7.44 16.17 -13.82
N ALA D 327 -7.90 15.52 -12.75
CA ALA D 327 -9.06 14.64 -12.83
C ALA D 327 -10.34 15.36 -13.22
N THR D 328 -10.55 16.60 -12.78
CA THR D 328 -11.73 17.37 -13.13
C THR D 328 -11.57 17.99 -14.54
N THR D 329 -10.38 17.88 -15.12
CA THR D 329 -10.13 18.47 -16.43
C THR D 329 -10.49 17.57 -17.60
N PHE D 330 -10.45 16.24 -17.44
CA PHE D 330 -10.81 15.36 -18.55
C PHE D 330 -12.16 15.68 -19.16
N ALA D 331 -13.15 16.05 -18.34
CA ALA D 331 -14.50 16.28 -18.85
C ALA D 331 -14.64 17.45 -19.79
N HIS D 332 -13.71 18.39 -19.85
CA HIS D 332 -13.83 19.54 -20.72
C HIS D 332 -13.08 19.36 -22.04
N LEU D 333 -12.73 18.13 -22.41
CA LEU D 333 -11.94 17.93 -23.61
C LEU D 333 -12.54 17.02 -24.67
N ASP D 334 -12.03 17.19 -25.89
CA ASP D 334 -12.47 16.43 -27.04
C ASP D 334 -11.39 15.43 -27.44
N ALA D 335 -10.15 15.76 -27.08
CA ALA D 335 -9.02 14.88 -27.37
C ALA D 335 -7.99 14.97 -26.25
N THR D 336 -7.60 13.84 -25.67
CA THR D 336 -6.62 13.90 -24.57
C THR D 336 -5.31 13.24 -25.02
N THR D 337 -4.19 13.91 -24.82
CA THR D 337 -2.88 13.33 -25.06
C THR D 337 -2.19 13.14 -23.70
N VAL D 338 -2.12 11.91 -23.20
CA VAL D 338 -1.53 11.70 -21.86
C VAL D 338 -0.07 11.30 -21.93
N LEU D 339 0.77 12.07 -21.25
CA LEU D 339 2.22 11.86 -21.24
C LEU D 339 2.65 11.12 -19.97
N SER D 340 3.60 10.20 -20.09
CA SER D 340 4.03 9.42 -18.93
C SER D 340 5.53 9.45 -18.65
N ARG D 341 5.86 9.53 -17.36
CA ARG D 341 7.26 9.49 -16.94
C ARG D 341 7.85 8.11 -17.21
N ALA D 342 7.07 7.05 -16.98
CA ALA D 342 7.58 5.71 -17.21
C ALA D 342 8.04 5.56 -18.65
N ILE D 343 7.33 6.20 -19.58
CA ILE D 343 7.73 6.13 -20.97
C ILE D 343 8.88 7.08 -21.27
N ALA D 344 8.82 8.32 -20.78
CA ALA D 344 9.94 9.25 -21.04
C ALA D 344 11.27 8.68 -20.57
N GLU D 345 11.28 8.08 -19.39
CA GLU D 345 12.43 7.45 -18.79
C GLU D 345 13.10 6.43 -19.70
N LEU D 346 12.38 5.89 -20.68
CA LEU D 346 12.94 4.88 -21.56
C LEU D 346 13.55 5.47 -22.82
N GLY D 347 13.55 6.80 -22.93
CA GLY D 347 14.07 7.47 -24.10
C GLY D 347 12.98 7.61 -25.17
N ILE D 348 11.76 7.18 -24.82
CA ILE D 348 10.66 7.26 -25.78
C ILE D 348 10.00 8.64 -25.76
N TYR D 349 10.24 9.39 -26.83
CA TYR D 349 9.64 10.71 -27.03
C TYR D 349 8.93 10.78 -28.37
N PRO D 350 7.78 11.41 -28.41
CA PRO D 350 7.13 12.02 -27.26
C PRO D 350 6.65 10.95 -26.30
N ALA D 351 6.72 11.19 -25.00
CA ALA D 351 6.37 10.15 -24.02
C ALA D 351 4.87 9.94 -23.90
N VAL D 352 4.19 9.76 -25.02
CA VAL D 352 2.75 9.55 -25.02
C VAL D 352 2.37 8.14 -24.59
N ASP D 353 1.42 8.02 -23.68
CA ASP D 353 0.91 6.72 -23.25
C ASP D 353 -0.21 6.30 -24.22
N PRO D 354 0.09 5.31 -25.05
CA PRO D 354 -0.78 4.81 -26.09
C PRO D 354 -2.02 4.12 -25.55
N LEU D 355 -1.98 3.77 -24.28
CA LEU D 355 -3.12 3.12 -23.64
C LEU D 355 -3.86 4.05 -22.71
N ASP D 356 -3.62 5.36 -22.85
CA ASP D 356 -4.34 6.32 -22.02
C ASP D 356 -4.56 7.63 -22.74
N SER D 357 -4.54 7.61 -24.06
CA SER D 357 -4.79 8.83 -24.83
C SER D 357 -6.05 8.58 -25.65
N THR D 358 -6.95 9.55 -25.75
CA THR D 358 -8.18 9.30 -26.48
C THR D 358 -8.64 10.51 -27.29
N SER D 359 -9.58 10.23 -28.18
CA SER D 359 -10.16 11.20 -29.07
C SER D 359 -11.61 10.90 -29.39
N ARG D 360 -12.46 11.92 -29.33
CA ARG D 360 -13.88 11.76 -29.66
C ARG D 360 -14.07 11.40 -31.13
N ILE D 361 -13.08 11.68 -31.98
CA ILE D 361 -13.21 11.36 -33.39
C ILE D 361 -12.62 10.01 -33.77
N MET D 362 -12.06 9.27 -32.82
CA MET D 362 -11.58 7.92 -33.14
C MET D 362 -12.78 7.00 -33.29
N ASP D 363 -13.36 7.08 -34.48
CA ASP D 363 -14.57 6.33 -34.84
C ASP D 363 -14.46 6.00 -36.32
N PRO D 364 -14.70 4.77 -36.68
CA PRO D 364 -14.58 4.28 -38.04
C PRO D 364 -15.42 5.10 -39.01
N ASN D 365 -16.53 5.65 -38.52
CA ASN D 365 -17.42 6.45 -39.35
C ASN D 365 -16.87 7.84 -39.63
N ILE D 366 -15.87 8.26 -38.86
CA ILE D 366 -15.26 9.56 -39.02
C ILE D 366 -13.89 9.47 -39.67
N VAL D 367 -13.06 8.52 -39.24
CA VAL D 367 -11.72 8.41 -39.80
C VAL D 367 -11.56 7.26 -40.78
N GLY D 368 -12.59 6.44 -40.94
CA GLY D 368 -12.47 5.30 -41.87
C GLY D 368 -12.04 4.08 -41.06
N SER D 369 -12.55 2.91 -41.43
CA SER D 369 -12.25 1.70 -40.67
C SER D 369 -10.81 1.26 -40.81
N GLU D 370 -10.09 1.76 -41.83
CA GLU D 370 -8.67 1.38 -41.92
C GLU D 370 -7.91 2.11 -40.81
N HIS D 371 -8.18 3.40 -40.67
CA HIS D 371 -7.56 4.19 -39.63
C HIS D 371 -7.95 3.63 -38.26
N TYR D 372 -9.25 3.36 -38.11
CA TYR D 372 -9.75 2.84 -36.85
C TYR D 372 -9.14 1.50 -36.47
N ASP D 373 -9.11 0.55 -37.38
CA ASP D 373 -8.62 -0.79 -37.10
C ASP D 373 -7.14 -0.87 -36.75
N VAL D 374 -6.31 -0.11 -37.45
CA VAL D 374 -4.88 -0.11 -37.18
C VAL D 374 -4.63 0.47 -35.78
N ALA D 375 -5.22 1.62 -35.50
CA ALA D 375 -5.12 2.24 -34.17
C ALA D 375 -5.50 1.22 -33.11
N ARG D 376 -6.66 0.61 -33.32
CA ARG D 376 -7.20 -0.40 -32.41
C ARG D 376 -6.31 -1.63 -32.31
N GLY D 377 -5.68 -1.99 -33.43
CA GLY D 377 -4.76 -3.12 -33.46
C GLY D 377 -3.50 -2.77 -32.66
N VAL D 378 -3.00 -1.53 -32.83
CA VAL D 378 -1.83 -1.12 -32.06
C VAL D 378 -2.13 -1.17 -30.58
N GLN D 379 -3.33 -0.72 -30.19
CA GLN D 379 -3.65 -0.71 -28.77
C GLN D 379 -3.70 -2.10 -28.17
N LYS D 380 -4.25 -3.06 -28.90
CA LYS D 380 -4.35 -4.44 -28.47
C LYS D 380 -3.02 -5.15 -28.32
N ILE D 381 -2.10 -5.00 -29.26
CA ILE D 381 -0.81 -5.70 -29.13
C ILE D 381 -0.01 -5.11 -27.98
N LEU D 382 -0.24 -3.84 -27.66
CA LEU D 382 0.47 -3.19 -26.57
C LEU D 382 -0.09 -3.55 -25.21
N GLN D 383 -1.41 -3.60 -25.07
CA GLN D 383 -2.02 -3.96 -23.80
C GLN D 383 -1.69 -5.42 -23.45
N ASP D 384 -1.61 -6.23 -24.50
CA ASP D 384 -1.27 -7.64 -24.40
C ASP D 384 0.18 -7.82 -23.96
N TYR D 385 1.10 -7.03 -24.50
CA TYR D 385 2.50 -7.12 -24.07
C TYR D 385 2.59 -6.67 -22.61
N LYS D 386 1.95 -5.55 -22.31
CA LYS D 386 1.97 -4.96 -20.98
C LYS D 386 1.46 -5.96 -19.94
N SER D 387 0.37 -6.65 -20.25
CA SER D 387 -0.15 -7.69 -19.38
C SER D 387 0.82 -8.86 -19.28
N LEU D 388 1.68 -9.03 -20.29
CA LEU D 388 2.62 -10.13 -20.32
C LEU D 388 3.91 -9.86 -19.56
N GLN D 389 4.42 -8.64 -19.69
CA GLN D 389 5.67 -8.20 -19.16
C GLN D 389 6.12 -8.80 -17.85
N ASP D 390 5.35 -8.58 -16.79
CA ASP D 390 5.76 -9.03 -15.46
C ASP D 390 5.88 -10.53 -15.37
N ILE D 391 5.10 -11.26 -16.16
CA ILE D 391 5.16 -12.72 -16.14
C ILE D 391 6.48 -13.24 -16.69
N ILE D 392 6.85 -12.79 -17.87
CA ILE D 392 8.08 -13.25 -18.50
C ILE D 392 9.32 -12.74 -17.79
N ALA D 393 9.18 -11.63 -17.07
CA ALA D 393 10.31 -11.08 -16.30
C ALA D 393 10.66 -12.05 -15.17
N ILE D 394 9.76 -12.99 -14.90
CA ILE D 394 9.99 -13.97 -13.85
C ILE D 394 10.23 -15.36 -14.41
N LEU D 395 9.33 -15.86 -15.24
CA LEU D 395 9.47 -17.21 -15.79
C LEU D 395 10.30 -17.26 -17.07
N GLY D 396 10.73 -16.10 -17.57
CA GLY D 396 11.54 -16.08 -18.78
C GLY D 396 10.64 -16.16 -20.01
N MET D 397 11.24 -16.06 -21.18
CA MET D 397 10.55 -16.05 -22.45
C MET D 397 10.28 -17.44 -23.03
N ASP D 398 11.16 -18.37 -22.71
CA ASP D 398 11.10 -19.73 -23.25
C ASP D 398 9.74 -20.39 -23.14
N GLU D 399 8.93 -20.02 -22.16
CA GLU D 399 7.63 -20.64 -21.99
C GLU D 399 6.56 -20.08 -22.90
N LEU D 400 6.87 -19.03 -23.66
CA LEU D 400 5.90 -18.46 -24.59
C LEU D 400 5.89 -19.28 -25.88
N SER D 401 4.79 -19.23 -26.63
CA SER D 401 4.76 -19.93 -27.91
C SER D 401 5.47 -19.07 -28.96
N GLU D 402 5.77 -19.66 -30.10
CA GLU D 402 6.43 -18.92 -31.17
C GLU D 402 5.62 -17.71 -31.60
N GLU D 403 4.29 -17.79 -31.47
CA GLU D 403 3.41 -16.69 -31.83
C GLU D 403 3.28 -15.69 -30.67
N ASP D 404 3.25 -16.21 -29.46
CA ASP D 404 3.14 -15.38 -28.26
C ASP D 404 4.36 -14.48 -28.13
N LYS D 405 5.50 -14.97 -28.60
CA LYS D 405 6.74 -14.20 -28.52
C LYS D 405 6.96 -13.39 -29.78
N LEU D 406 6.17 -13.69 -30.81
CA LEU D 406 6.27 -12.92 -32.06
C LEU D 406 5.53 -11.60 -31.86
N THR D 407 4.57 -11.63 -30.93
CA THR D 407 3.83 -10.42 -30.58
C THR D 407 4.66 -9.59 -29.61
N VAL D 408 5.42 -10.27 -28.77
CA VAL D 408 6.33 -9.59 -27.84
C VAL D 408 7.33 -8.75 -28.63
N SER D 409 7.88 -9.31 -29.70
CA SER D 409 8.84 -8.60 -30.52
C SER D 409 8.21 -7.51 -31.38
N ARG D 410 7.00 -7.71 -31.85
CA ARG D 410 6.36 -6.67 -32.69
C ARG D 410 5.88 -5.55 -31.77
N ALA D 411 5.39 -5.96 -30.60
CA ALA D 411 4.93 -4.96 -29.62
C ALA D 411 6.06 -3.97 -29.34
N ARG D 412 7.26 -4.49 -29.11
CA ARG D 412 8.41 -3.64 -28.81
C ARG D 412 8.80 -2.78 -29.99
N LYS D 413 8.56 -3.32 -31.19
CA LYS D 413 8.89 -2.57 -32.41
C LYS D 413 7.91 -1.42 -32.58
N ILE D 414 6.63 -1.73 -32.39
CA ILE D 414 5.55 -0.75 -32.50
C ILE D 414 5.73 0.37 -31.49
N GLN D 415 6.09 -0.02 -30.26
CA GLN D 415 6.35 0.97 -29.20
C GLN D 415 7.47 1.91 -29.64
N ARG D 416 8.46 1.37 -30.33
CA ARG D 416 9.57 2.17 -30.85
C ARG D 416 9.20 3.00 -32.05
N PHE D 417 8.29 2.51 -32.89
CA PHE D 417 7.89 3.26 -34.08
C PHE D 417 6.99 4.43 -33.71
N LEU D 418 6.56 4.45 -32.44
CA LEU D 418 5.73 5.56 -31.95
C LEU D 418 6.59 6.75 -31.57
N SER D 419 7.87 6.50 -31.29
CA SER D 419 8.79 7.60 -30.96
C SER D 419 9.05 8.43 -32.23
N GLN D 420 9.51 9.66 -32.05
CA GLN D 420 9.69 10.55 -33.18
C GLN D 420 10.57 11.75 -32.87
N PRO D 421 11.50 12.04 -33.77
CA PRO D 421 12.40 13.18 -33.69
C PRO D 421 11.64 14.45 -34.01
N PHE D 422 11.42 15.29 -32.99
CA PHE D 422 10.70 16.55 -33.19
C PHE D 422 11.65 17.61 -33.73
N GLN D 423 11.14 18.42 -34.64
CA GLN D 423 11.92 19.51 -35.23
C GLN D 423 12.39 20.46 -34.13
N VAL D 424 11.42 20.84 -33.32
CA VAL D 424 11.60 21.72 -32.17
C VAL D 424 12.54 21.11 -31.14
N ALA D 425 12.77 19.79 -31.21
CA ALA D 425 13.56 19.11 -30.20
C ALA D 425 15.00 18.84 -30.57
N GLU D 426 15.46 19.34 -31.71
CA GLU D 426 16.82 19.09 -32.17
C GLU D 426 17.87 19.26 -31.10
N VAL D 427 17.78 20.29 -30.28
CA VAL D 427 18.73 20.52 -29.21
C VAL D 427 18.73 19.42 -28.15
N PHE D 428 17.82 18.46 -28.24
CA PHE D 428 17.76 17.41 -27.25
C PHE D 428 18.07 16.02 -27.82
N THR D 429 17.56 15.75 -29.01
CA THR D 429 17.71 14.44 -29.63
C THR D 429 19.03 14.32 -30.38
N GLY D 430 19.53 15.44 -30.87
CA GLY D 430 20.74 15.39 -31.72
C GLY D 430 20.32 14.80 -33.08
N HIS D 431 19.02 14.84 -33.38
CA HIS D 431 18.49 14.32 -34.61
C HIS D 431 17.71 15.39 -35.39
N LEU D 432 17.67 15.24 -36.70
CA LEU D 432 16.91 16.15 -37.56
C LEU D 432 15.42 15.87 -37.40
N GLY D 433 14.65 16.89 -37.08
CA GLY D 433 13.22 16.75 -36.87
C GLY D 433 12.52 16.04 -38.03
N LYS D 434 11.36 15.45 -37.77
CA LYS D 434 10.64 14.71 -38.78
C LYS D 434 9.13 14.90 -38.70
N LEU D 435 8.50 14.93 -39.86
CA LEU D 435 7.06 15.10 -39.99
C LEU D 435 6.47 13.98 -40.86
N VAL D 436 5.58 13.17 -40.32
CA VAL D 436 5.03 12.05 -41.06
C VAL D 436 3.57 12.22 -41.42
N PRO D 437 3.26 12.11 -42.70
CA PRO D 437 1.91 12.19 -43.24
C PRO D 437 1.02 11.11 -42.64
N LEU D 438 -0.26 11.39 -42.50
CA LEU D 438 -1.19 10.44 -41.91
C LEU D 438 -1.18 9.08 -42.59
N LYS D 439 -1.30 9.08 -43.91
CA LYS D 439 -1.32 7.85 -44.70
C LYS D 439 -0.09 6.99 -44.43
N GLU D 440 1.06 7.65 -44.31
CA GLU D 440 2.33 6.97 -44.06
C GLU D 440 2.35 6.34 -42.67
N THR D 441 1.70 7.01 -41.72
CA THR D 441 1.61 6.48 -40.36
C THR D 441 0.80 5.19 -40.37
N ILE D 442 -0.42 5.29 -40.88
CA ILE D 442 -1.30 4.12 -40.93
C ILE D 442 -0.60 2.95 -41.62
N LYS D 443 -0.03 3.22 -42.80
CA LYS D 443 0.65 2.19 -43.58
C LYS D 443 1.71 1.47 -42.75
N GLY D 444 2.66 2.26 -42.23
CA GLY D 444 3.75 1.76 -41.43
C GLY D 444 3.31 0.87 -40.28
N PHE D 445 2.40 1.38 -39.44
CA PHE D 445 1.94 0.59 -38.30
C PHE D 445 1.22 -0.66 -38.76
N GLN D 446 0.52 -0.55 -39.87
CA GLN D 446 -0.20 -1.68 -40.46
C GLN D 446 0.76 -2.81 -40.85
N GLN D 447 1.83 -2.44 -41.54
CA GLN D 447 2.81 -3.40 -41.99
C GLN D 447 3.48 -4.15 -40.84
N ILE D 448 3.80 -3.45 -39.76
CA ILE D 448 4.46 -4.12 -38.63
C ILE D 448 3.50 -5.12 -38.02
N LEU D 449 2.24 -4.71 -37.90
CA LEU D 449 1.20 -5.58 -37.35
C LEU D 449 1.04 -6.82 -38.22
N ALA D 450 1.19 -6.64 -39.53
CA ALA D 450 1.07 -7.73 -40.48
C ALA D 450 2.28 -8.63 -40.51
N GLY D 451 3.40 -8.23 -39.90
CA GLY D 451 4.60 -9.04 -39.83
C GLY D 451 5.64 -8.73 -40.88
N GLU D 452 5.36 -7.80 -41.77
CA GLU D 452 6.25 -7.44 -42.86
C GLU D 452 7.58 -6.87 -42.44
N TYR D 453 7.97 -6.98 -41.17
CA TYR D 453 9.24 -6.43 -40.73
C TYR D 453 9.86 -7.20 -39.58
N ASP D 454 9.34 -8.38 -39.31
CA ASP D 454 9.82 -9.23 -38.23
C ASP D 454 11.31 -9.56 -38.32
N HIS D 455 11.96 -9.25 -39.44
CA HIS D 455 13.36 -9.57 -39.63
C HIS D 455 14.27 -8.38 -39.36
N LEU D 456 13.69 -7.19 -39.25
CA LEU D 456 14.48 -6.00 -38.89
C LEU D 456 14.65 -5.98 -37.37
N PRO D 457 15.72 -5.41 -36.89
CA PRO D 457 16.01 -5.27 -35.47
C PRO D 457 15.23 -4.11 -34.87
N GLU D 458 14.83 -4.21 -33.61
CA GLU D 458 14.11 -3.22 -32.86
C GLU D 458 14.59 -1.77 -33.05
N GLN D 459 15.86 -1.55 -32.75
CA GLN D 459 16.43 -0.21 -32.82
C GLN D 459 16.25 0.45 -34.16
N ALA D 460 15.92 -0.30 -35.21
CA ALA D 460 15.70 0.33 -36.51
C ALA D 460 14.45 1.21 -36.45
N PHE D 461 13.50 0.82 -35.60
CA PHE D 461 12.25 1.54 -35.47
C PHE D 461 12.32 2.72 -34.52
N TYR D 462 13.38 2.81 -33.74
CA TYR D 462 13.53 3.84 -32.74
C TYR D 462 13.93 5.18 -33.32
N MET D 463 13.25 6.24 -32.89
CA MET D 463 13.52 7.59 -33.31
C MET D 463 13.71 7.76 -34.81
N VAL D 464 12.64 7.56 -35.57
CA VAL D 464 12.66 7.77 -37.02
C VAL D 464 11.33 8.39 -37.45
N GLY D 465 11.22 8.73 -38.73
CA GLY D 465 9.97 9.28 -39.25
C GLY D 465 9.12 8.15 -39.85
N PRO D 466 9.11 8.09 -41.16
CA PRO D 466 8.38 7.11 -41.94
C PRO D 466 9.05 5.74 -41.88
N ILE D 467 8.30 4.70 -42.20
CA ILE D 467 8.78 3.33 -42.12
C ILE D 467 9.97 3.06 -43.02
N GLU D 468 10.19 3.91 -44.03
CA GLU D 468 11.34 3.70 -44.92
C GLU D 468 12.65 3.91 -44.16
N GLU D 469 12.65 4.90 -43.28
CA GLU D 469 13.83 5.19 -42.48
C GLU D 469 14.17 4.06 -41.53
N ALA D 470 13.15 3.31 -41.12
CA ALA D 470 13.39 2.14 -40.26
C ALA D 470 14.21 1.11 -41.05
N VAL D 471 13.79 0.86 -42.28
CA VAL D 471 14.46 -0.06 -43.19
C VAL D 471 15.87 0.43 -43.47
N ALA D 472 16.02 1.74 -43.71
CA ALA D 472 17.31 2.32 -44.01
C ALA D 472 18.22 2.33 -42.79
N LYS D 473 17.65 2.55 -41.60
CA LYS D 473 18.48 2.54 -40.39
C LYS D 473 19.00 1.11 -40.17
N ALA D 474 18.11 0.14 -40.40
CA ALA D 474 18.47 -1.26 -40.26
C ALA D 474 19.65 -1.58 -41.17
N ASP D 475 19.64 -0.99 -42.36
CA ASP D 475 20.75 -1.18 -43.29
C ASP D 475 22.00 -0.51 -42.73
N LYS D 476 21.82 0.70 -42.20
CA LYS D 476 22.93 1.43 -41.61
C LYS D 476 23.46 0.70 -40.39
N LEU D 477 22.63 -0.14 -39.79
CA LEU D 477 23.02 -0.90 -38.61
C LEU D 477 23.72 -2.21 -38.96
N ALA D 478 23.33 -2.81 -40.09
CA ALA D 478 23.93 -4.08 -40.51
C ALA D 478 25.46 -3.94 -40.51
N GLU D 479 25.97 -3.10 -41.40
CA GLU D 479 27.38 -2.80 -41.49
C GLU D 479 27.60 -1.51 -42.29
N THR E 13 -42.71 19.93 28.91
CA THR E 13 -42.83 21.29 28.33
C THR E 13 -42.51 21.38 26.84
N THR E 14 -42.73 22.57 26.32
CA THR E 14 -42.58 22.88 24.91
C THR E 14 -41.43 23.83 24.62
N GLY E 15 -40.58 23.47 23.67
CA GLY E 15 -39.46 24.32 23.28
C GLY E 15 -39.70 24.89 21.89
N ARG E 16 -38.71 25.61 21.37
CA ARG E 16 -38.79 26.17 20.03
C ARG E 16 -37.54 25.87 19.20
N ILE E 17 -37.72 25.71 17.90
CA ILE E 17 -36.59 25.49 16.99
C ILE E 17 -35.75 26.77 16.92
N VAL E 18 -34.43 26.65 16.99
CA VAL E 18 -33.59 27.83 16.83
C VAL E 18 -32.64 27.65 15.65
N ALA E 19 -32.47 26.40 15.21
CA ALA E 19 -31.58 26.14 14.08
C ALA E 19 -31.88 24.81 13.38
N VAL E 20 -31.82 24.89 12.06
CA VAL E 20 -32.00 23.73 11.21
C VAL E 20 -30.85 23.63 10.21
N ILE E 21 -30.00 22.63 10.40
CA ILE E 21 -28.89 22.37 9.50
C ILE E 21 -28.94 20.92 9.06
N GLY E 22 -29.67 20.66 7.98
CA GLY E 22 -29.82 19.29 7.50
C GLY E 22 -30.58 18.45 8.53
N ALA E 23 -30.00 17.33 8.95
CA ALA E 23 -30.66 16.43 9.90
C ALA E 23 -30.33 16.76 11.35
N VAL E 24 -29.69 17.91 11.56
CA VAL E 24 -29.38 18.37 12.91
C VAL E 24 -30.25 19.58 13.26
N VAL E 25 -30.96 19.51 14.38
CA VAL E 25 -31.84 20.60 14.79
C VAL E 25 -31.56 21.05 16.21
N ASP E 26 -31.40 22.36 16.43
CA ASP E 26 -31.17 22.85 17.78
C ASP E 26 -32.49 23.36 18.36
N VAL E 27 -32.83 22.87 19.55
CA VAL E 27 -34.06 23.26 20.20
C VAL E 27 -33.81 23.95 21.53
N GLN E 28 -34.58 25.00 21.80
CA GLN E 28 -34.42 25.76 23.03
C GLN E 28 -35.66 25.65 23.91
N PHE E 29 -35.45 25.42 25.19
CA PHE E 29 -36.52 25.33 26.19
C PHE E 29 -36.25 26.33 27.31
N ASP E 30 -37.27 27.09 27.69
CA ASP E 30 -37.14 28.12 28.71
C ASP E 30 -37.10 27.56 30.13
N GLU E 31 -37.70 26.40 30.31
CA GLU E 31 -37.78 25.74 31.61
C GLU E 31 -36.79 24.60 31.72
N GLY E 32 -37.27 23.42 32.11
CA GLY E 32 -36.42 22.26 32.27
C GLY E 32 -36.08 21.59 30.93
N LEU E 33 -34.79 21.39 30.71
CA LEU E 33 -34.30 20.75 29.50
C LEU E 33 -34.53 19.23 29.54
N PRO E 34 -34.82 18.67 28.39
CA PRO E 34 -34.96 17.24 28.19
C PRO E 34 -33.58 16.60 28.22
N PRO E 35 -33.42 15.53 28.95
CA PRO E 35 -32.16 14.82 29.05
C PRO E 35 -31.72 14.28 27.69
N ILE E 36 -30.41 14.10 27.54
CA ILE E 36 -29.88 13.54 26.29
C ILE E 36 -30.56 12.19 26.05
N LEU E 37 -30.84 11.87 24.80
CA LEU E 37 -31.50 10.66 24.39
C LEU E 37 -33.02 10.73 24.47
N ASN E 38 -33.58 11.84 24.96
CA ASN E 38 -35.03 11.98 25.01
C ASN E 38 -35.58 12.23 23.60
N ALA E 39 -36.81 11.78 23.39
CA ALA E 39 -37.48 11.96 22.10
C ALA E 39 -38.30 13.24 22.12
N LEU E 40 -38.12 14.06 21.09
CA LEU E 40 -38.90 15.31 21.00
C LEU E 40 -39.90 15.21 19.85
N GLU E 41 -41.09 15.75 20.06
CA GLU E 41 -42.13 15.74 19.04
C GLU E 41 -42.34 17.13 18.44
N VAL E 42 -42.00 17.25 17.15
CA VAL E 42 -42.19 18.52 16.46
C VAL E 42 -43.66 18.75 16.15
N GLN E 43 -44.16 19.95 16.45
CA GLN E 43 -45.54 20.28 16.22
C GLN E 43 -45.76 20.95 14.87
N GLY E 44 -47.00 20.85 14.37
CA GLY E 44 -47.40 21.46 13.12
C GLY E 44 -46.88 20.76 11.89
N ARG E 45 -46.97 19.43 11.86
CA ARG E 45 -46.50 18.68 10.70
C ARG E 45 -47.46 17.59 10.27
N GLU E 46 -47.55 17.37 8.97
CA GLU E 46 -48.44 16.36 8.40
C GLU E 46 -48.12 14.98 9.00
N THR E 47 -46.84 14.63 8.95
CA THR E 47 -46.40 13.37 9.53
C THR E 47 -45.54 13.64 10.76
N ARG E 48 -45.52 12.66 11.65
CA ARG E 48 -44.80 12.74 12.91
C ARG E 48 -43.30 12.89 12.70
N LEU E 49 -42.77 14.00 13.22
CA LEU E 49 -41.33 14.24 13.17
C LEU E 49 -40.74 14.13 14.58
N VAL E 50 -39.80 13.24 14.78
CA VAL E 50 -39.16 13.00 16.06
C VAL E 50 -37.72 13.50 16.03
N LEU E 51 -37.27 14.01 17.16
CA LEU E 51 -35.92 14.50 17.33
C LEU E 51 -35.28 13.87 18.57
N GLU E 52 -34.16 13.19 18.36
CA GLU E 52 -33.48 12.59 19.51
C GLU E 52 -32.44 13.56 20.05
N VAL E 53 -32.51 13.88 21.33
CA VAL E 53 -31.54 14.81 21.91
C VAL E 53 -30.14 14.22 21.87
N ALA E 54 -29.16 15.01 21.46
CA ALA E 54 -27.78 14.51 21.42
C ALA E 54 -26.89 15.21 22.42
N GLN E 55 -26.99 16.53 22.55
CA GLN E 55 -26.15 17.24 23.51
C GLN E 55 -26.89 18.40 24.18
N HIS E 56 -26.28 18.88 25.25
CA HIS E 56 -26.74 20.11 25.91
C HIS E 56 -25.67 21.16 25.60
N LEU E 57 -26.01 22.08 24.71
CA LEU E 57 -25.12 23.12 24.24
C LEU E 57 -24.89 24.22 25.27
N GLY E 58 -25.83 24.37 26.19
CA GLY E 58 -25.73 25.49 27.15
C GLY E 58 -26.75 26.55 26.68
N GLU E 59 -27.03 27.55 27.51
CA GLU E 59 -28.00 28.58 27.13
C GLU E 59 -29.37 27.95 26.90
N SER E 60 -29.66 26.90 27.67
CA SER E 60 -30.92 26.20 27.61
C SER E 60 -31.26 25.63 26.25
N THR E 61 -30.24 25.35 25.43
CA THR E 61 -30.45 24.83 24.10
C THR E 61 -29.86 23.44 23.92
N VAL E 62 -30.64 22.54 23.34
CA VAL E 62 -30.18 21.19 23.09
C VAL E 62 -29.95 20.99 21.58
N ARG E 63 -29.11 20.03 21.24
CA ARG E 63 -28.86 19.70 19.84
C ARG E 63 -29.42 18.29 19.59
N THR E 64 -30.30 18.19 18.60
CA THR E 64 -30.95 16.91 18.35
C THR E 64 -30.62 16.33 16.99
N ILE E 65 -30.82 15.02 16.81
CA ILE E 65 -30.67 14.44 15.48
C ILE E 65 -32.06 14.00 15.00
N ALA E 66 -32.36 14.29 13.73
CA ALA E 66 -33.71 14.03 13.21
C ALA E 66 -33.97 12.63 12.72
N MET E 67 -35.20 12.13 12.99
CA MET E 67 -35.57 10.79 12.53
C MET E 67 -36.28 10.83 11.18
N ASP E 68 -36.53 11.99 10.61
CA ASP E 68 -37.13 12.09 9.28
C ASP E 68 -36.66 13.39 8.62
N GLY E 69 -37.16 13.71 7.44
CA GLY E 69 -36.75 14.93 6.72
C GLY E 69 -37.01 16.18 7.53
N THR E 70 -36.19 17.23 7.31
CA THR E 70 -36.36 18.48 8.04
C THR E 70 -36.81 19.62 7.14
N GLU E 71 -37.07 19.33 5.86
CA GLU E 71 -37.61 20.40 5.00
C GLU E 71 -38.89 20.96 5.63
N GLY E 72 -39.10 22.26 5.49
CA GLY E 72 -40.30 22.92 5.98
C GLY E 72 -40.21 23.43 7.40
N LEU E 73 -39.20 23.05 8.17
CA LEU E 73 -39.09 23.54 9.54
C LEU E 73 -38.79 25.05 9.52
N VAL E 74 -39.36 25.74 10.49
CA VAL E 74 -39.20 27.19 10.63
C VAL E 74 -38.58 27.52 11.99
N ARG E 75 -37.77 28.57 12.07
CA ARG E 75 -37.25 28.95 13.40
C ARG E 75 -38.41 29.52 14.20
N GLY E 76 -38.61 29.01 15.40
CA GLY E 76 -39.74 29.41 16.24
C GLY E 76 -40.69 28.24 16.44
N GLN E 77 -40.73 27.30 15.50
CA GLN E 77 -41.63 26.17 15.55
C GLN E 77 -41.56 25.41 16.87
N LYS E 78 -42.73 25.03 17.36
CA LYS E 78 -42.88 24.36 18.63
C LYS E 78 -42.52 22.88 18.61
N VAL E 79 -41.88 22.46 19.68
CA VAL E 79 -41.43 21.10 19.90
C VAL E 79 -41.82 20.64 21.32
N LEU E 80 -42.39 19.45 21.43
CA LEU E 80 -42.72 18.91 22.74
C LEU E 80 -41.71 17.84 23.18
N ASP E 81 -41.36 17.88 24.45
CA ASP E 81 -40.52 16.85 25.05
C ASP E 81 -41.43 15.71 25.50
N SER E 82 -41.29 14.52 24.90
CA SER E 82 -42.15 13.41 25.29
C SER E 82 -41.83 12.92 26.70
N GLY E 83 -40.73 13.35 27.30
CA GLY E 83 -40.35 12.97 28.63
C GLY E 83 -39.48 11.74 28.73
N ALA E 84 -39.18 11.12 27.59
CA ALA E 84 -38.35 9.92 27.57
C ALA E 84 -37.78 9.68 26.18
N PRO E 85 -36.90 8.70 26.08
CA PRO E 85 -36.34 8.25 24.83
C PRO E 85 -37.46 7.71 23.95
N ILE E 86 -37.16 7.41 22.70
CA ILE E 86 -38.14 6.87 21.77
C ILE E 86 -38.77 5.60 22.34
N ARG E 87 -40.10 5.56 22.31
CA ARG E 87 -40.86 4.43 22.80
C ARG E 87 -41.70 3.81 21.69
N ILE E 88 -41.62 2.49 21.61
CA ILE E 88 -42.33 1.75 20.57
C ILE E 88 -43.15 0.64 21.23
N PRO E 89 -44.17 0.19 20.55
CA PRO E 89 -45.02 -0.89 21.01
C PRO E 89 -44.21 -2.16 21.14
N VAL E 90 -44.39 -2.88 22.24
CA VAL E 90 -43.77 -4.19 22.40
C VAL E 90 -44.87 -5.18 22.83
N GLY E 91 -44.71 -6.45 22.49
CA GLY E 91 -45.73 -7.45 22.82
C GLY E 91 -46.05 -8.28 21.59
N PRO E 92 -46.83 -9.32 21.77
CA PRO E 92 -47.24 -10.25 20.74
C PRO E 92 -47.88 -9.61 19.52
N GLU E 93 -48.50 -8.44 19.67
CA GLU E 93 -49.16 -7.83 18.52
C GLU E 93 -48.17 -7.20 17.56
N THR E 94 -46.87 -7.35 17.80
CA THR E 94 -45.86 -6.87 16.88
C THR E 94 -45.51 -7.95 15.84
N LEU E 95 -45.79 -9.20 16.17
CA LEU E 95 -45.46 -10.31 15.29
C LEU E 95 -46.29 -10.26 14.01
N GLY E 96 -45.63 -10.38 12.87
CA GLY E 96 -46.27 -10.33 11.57
C GLY E 96 -46.44 -8.91 11.05
N ARG E 97 -46.18 -7.93 11.90
CA ARG E 97 -46.30 -6.53 11.54
C ARG E 97 -44.95 -5.94 11.12
N ILE E 98 -45.01 -4.82 10.39
CA ILE E 98 -43.78 -4.12 10.02
C ILE E 98 -43.78 -2.73 10.69
N MET E 99 -42.69 -2.41 11.36
CA MET E 99 -42.56 -1.18 12.13
C MET E 99 -41.33 -0.38 11.73
N ASN E 100 -41.26 0.90 12.09
CA ASN E 100 -40.07 1.72 11.78
C ASN E 100 -39.34 2.12 13.05
N VAL E 101 -38.33 2.99 12.99
CA VAL E 101 -37.57 3.35 14.16
C VAL E 101 -38.44 3.83 15.34
N ILE E 102 -39.49 4.59 15.01
CA ILE E 102 -40.28 5.20 16.08
C ILE E 102 -41.52 4.38 16.41
N GLY E 103 -41.55 3.12 15.96
CA GLY E 103 -42.60 2.20 16.30
C GLY E 103 -43.85 2.28 15.46
N GLU E 104 -43.98 3.28 14.59
CA GLU E 104 -45.16 3.37 13.75
C GLU E 104 -45.20 2.18 12.78
N PRO E 105 -46.39 1.66 12.56
CA PRO E 105 -46.63 0.60 11.60
C PRO E 105 -46.43 1.16 10.19
N ILE E 106 -45.72 0.44 9.32
CA ILE E 106 -45.51 0.93 7.96
C ILE E 106 -46.03 -0.12 6.96
N ASP E 107 -46.91 -0.99 7.45
CA ASP E 107 -47.48 -2.06 6.64
C ASP E 107 -48.91 -1.75 6.24
N GLU E 108 -49.41 -0.58 6.61
CA GLU E 108 -50.76 -0.15 6.27
C GLU E 108 -51.84 -1.06 6.83
N ARG E 109 -51.52 -1.79 7.91
CA ARG E 109 -52.52 -2.67 8.49
C ARG E 109 -53.12 -2.09 9.76
N GLY E 110 -52.94 -0.80 9.99
CA GLY E 110 -53.53 -0.14 11.15
C GLY E 110 -52.61 -0.12 12.35
N PRO E 111 -53.13 0.41 13.45
CA PRO E 111 -52.43 0.53 14.72
C PRO E 111 -51.89 -0.77 15.26
N ILE E 112 -50.78 -0.66 16.00
CA ILE E 112 -50.19 -1.83 16.66
C ILE E 112 -50.65 -1.83 18.11
N LYS E 113 -51.85 -2.34 18.32
CA LYS E 113 -52.56 -2.39 19.57
C LYS E 113 -51.91 -3.22 20.67
N THR E 114 -50.78 -2.76 21.20
CA THR E 114 -50.11 -3.48 22.27
C THR E 114 -50.58 -2.94 23.63
N LYS E 115 -50.31 -3.72 24.68
CA LYS E 115 -50.68 -3.28 26.03
C LYS E 115 -49.54 -2.45 26.62
N GLN E 116 -48.34 -2.65 26.08
CA GLN E 116 -47.17 -1.94 26.57
C GLN E 116 -46.34 -1.30 25.47
N PHE E 117 -45.51 -0.36 25.90
CA PHE E 117 -44.53 0.34 25.10
C PHE E 117 -43.18 0.25 25.84
N ALA E 118 -42.09 0.40 25.11
CA ALA E 118 -40.77 0.33 25.74
C ALA E 118 -39.80 1.29 25.07
N ALA E 119 -38.89 1.82 25.88
CA ALA E 119 -37.87 2.75 25.41
C ALA E 119 -36.83 2.00 24.59
N ILE E 120 -36.39 2.56 23.46
CA ILE E 120 -35.39 1.84 22.66
C ILE E 120 -33.99 1.96 23.23
N HIS E 121 -33.76 2.88 24.15
CA HIS E 121 -32.43 2.98 24.79
C HIS E 121 -32.49 2.28 26.15
N ALA E 122 -31.46 1.52 26.49
CA ALA E 122 -31.44 0.81 27.76
C ALA E 122 -30.04 0.33 28.13
N GLU E 123 -29.78 0.23 29.43
CA GLU E 123 -28.51 -0.28 29.93
C GLU E 123 -28.49 -1.80 29.71
N ALA E 124 -27.33 -2.38 29.44
CA ALA E 124 -27.26 -3.83 29.28
C ALA E 124 -27.45 -4.49 30.65
N PRO E 125 -27.92 -5.72 30.65
CA PRO E 125 -28.14 -6.49 31.86
C PRO E 125 -26.94 -6.42 32.78
N GLU E 126 -27.17 -6.34 34.08
CA GLU E 126 -26.09 -6.22 35.06
C GLU E 126 -25.30 -7.50 35.24
N PHE E 127 -24.13 -7.39 35.87
CA PHE E 127 -23.24 -8.52 36.08
C PHE E 127 -23.96 -9.68 36.77
N VAL E 128 -24.65 -9.40 37.87
CA VAL E 128 -25.37 -10.43 38.61
C VAL E 128 -26.53 -11.01 37.81
N GLU E 129 -27.02 -10.26 36.83
CA GLU E 129 -28.13 -10.73 36.01
C GLU E 129 -27.64 -11.69 34.92
N MET E 130 -26.33 -11.70 34.70
CA MET E 130 -25.73 -12.55 33.68
C MET E 130 -25.90 -14.03 34.03
N SER E 131 -25.89 -14.87 33.01
CA SER E 131 -25.93 -16.30 33.20
C SER E 131 -24.52 -16.88 32.98
N VAL E 132 -23.95 -17.45 34.02
CA VAL E 132 -22.60 -18.02 33.92
C VAL E 132 -22.61 -19.32 33.11
N GLU E 133 -23.76 -19.64 32.53
CA GLU E 133 -23.87 -20.85 31.74
C GLU E 133 -23.64 -20.63 30.25
N GLN E 134 -23.19 -21.68 29.59
CA GLN E 134 -22.97 -21.70 28.16
C GLN E 134 -23.68 -22.90 27.54
N GLU E 135 -24.85 -22.65 26.97
CA GLU E 135 -25.62 -23.71 26.34
C GLU E 135 -25.72 -23.48 24.83
N ILE E 136 -25.75 -24.58 24.08
CA ILE E 136 -25.92 -24.48 22.64
C ILE E 136 -27.39 -24.23 22.31
N LEU E 137 -27.64 -23.36 21.35
CA LEU E 137 -29.01 -23.12 20.88
C LEU E 137 -29.21 -24.01 19.64
N VAL E 138 -29.68 -25.22 19.87
CA VAL E 138 -29.89 -26.18 18.78
C VAL E 138 -30.72 -25.53 17.68
N THR E 139 -30.35 -25.78 16.43
CA THR E 139 -31.06 -25.18 15.30
C THR E 139 -31.80 -26.22 14.47
N GLY E 140 -31.44 -27.49 14.65
CA GLY E 140 -32.04 -28.53 13.82
C GLY E 140 -31.34 -28.58 12.46
N ILE E 141 -30.42 -27.66 12.24
CA ILE E 141 -29.64 -27.55 11.01
C ILE E 141 -28.31 -28.28 11.23
N LYS E 142 -28.11 -29.38 10.51
CA LYS E 142 -26.97 -30.25 10.68
C LYS E 142 -25.61 -29.59 10.58
N VAL E 143 -25.28 -28.91 9.48
CA VAL E 143 -23.97 -28.29 9.36
C VAL E 143 -23.66 -27.46 10.62
N VAL E 144 -24.63 -26.62 10.97
CA VAL E 144 -24.48 -25.71 12.10
C VAL E 144 -24.29 -26.42 13.42
N ASP E 145 -25.32 -27.13 13.86
CA ASP E 145 -25.31 -27.82 15.14
C ASP E 145 -24.06 -28.65 15.37
N LEU E 146 -23.69 -29.49 14.42
CA LEU E 146 -22.51 -30.32 14.58
C LEU E 146 -21.19 -29.53 14.55
N LEU E 147 -20.91 -28.86 13.44
CA LEU E 147 -19.64 -28.20 13.22
C LEU E 147 -19.43 -26.81 13.76
N ALA E 148 -20.42 -25.95 13.84
CA ALA E 148 -20.18 -24.57 14.30
C ALA E 148 -21.43 -24.04 15.01
N PRO E 149 -21.77 -24.69 16.10
CA PRO E 149 -22.96 -24.45 16.88
C PRO E 149 -23.14 -23.05 17.42
N TYR E 150 -24.40 -22.63 17.35
CA TYR E 150 -24.85 -21.35 17.88
C TYR E 150 -24.98 -21.48 19.40
N ALA E 151 -24.54 -20.45 20.11
CA ALA E 151 -24.60 -20.41 21.55
C ALA E 151 -25.73 -19.50 22.00
N LYS E 152 -26.48 -19.94 23.00
CA LYS E 152 -27.60 -19.13 23.48
C LYS E 152 -27.07 -17.83 24.07
N GLY E 153 -27.57 -16.71 23.57
CA GLY E 153 -27.13 -15.40 24.02
C GLY E 153 -25.91 -14.90 23.24
N GLY E 154 -25.41 -15.69 22.30
CA GLY E 154 -24.25 -15.32 21.52
C GLY E 154 -24.56 -14.59 20.22
N LYS E 155 -23.47 -14.21 19.53
CA LYS E 155 -23.54 -13.49 18.27
C LYS E 155 -22.97 -14.31 17.12
N ILE E 156 -23.73 -14.41 16.04
CA ILE E 156 -23.28 -15.14 14.87
C ILE E 156 -23.13 -14.18 13.69
N GLY E 157 -21.97 -14.23 13.06
CA GLY E 157 -21.69 -13.38 11.89
C GLY E 157 -22.02 -14.19 10.62
N LEU E 158 -22.98 -13.70 9.86
CA LEU E 158 -23.42 -14.37 8.63
C LEU E 158 -22.75 -13.74 7.42
N PHE E 159 -21.80 -14.48 6.84
CA PHE E 159 -21.06 -14.03 5.68
C PHE E 159 -21.63 -14.64 4.40
N GLY E 160 -21.43 -13.93 3.29
CA GLY E 160 -21.98 -14.37 2.01
C GLY E 160 -23.25 -13.56 1.72
N GLY E 161 -23.13 -12.65 0.76
CA GLY E 161 -24.25 -11.80 0.41
C GLY E 161 -25.38 -12.57 -0.28
N ALA E 162 -25.94 -11.97 -1.32
CA ALA E 162 -27.04 -12.59 -2.04
C ALA E 162 -26.57 -13.72 -2.95
N GLY E 163 -27.52 -14.53 -3.39
CA GLY E 163 -27.25 -15.64 -4.29
C GLY E 163 -26.83 -16.90 -3.56
N VAL E 164 -26.66 -16.86 -2.25
CA VAL E 164 -26.24 -18.07 -1.55
C VAL E 164 -27.25 -18.58 -0.54
N GLY E 165 -28.53 -18.35 -0.76
CA GLY E 165 -29.61 -18.84 0.06
C GLY E 165 -29.73 -18.22 1.44
N LYS E 166 -29.38 -16.95 1.58
CA LYS E 166 -29.49 -16.28 2.88
C LYS E 166 -30.93 -16.22 3.37
N THR E 167 -31.82 -15.61 2.58
CA THR E 167 -33.19 -15.41 3.02
C THR E 167 -33.87 -16.68 3.50
N VAL E 168 -33.55 -17.81 2.88
CA VAL E 168 -34.19 -19.08 3.26
C VAL E 168 -33.62 -19.60 4.56
N LEU E 169 -32.34 -19.32 4.79
CA LEU E 169 -31.67 -19.70 6.02
C LEU E 169 -32.29 -18.94 7.19
N ILE E 170 -32.53 -17.66 6.95
CA ILE E 170 -33.15 -16.79 7.96
C ILE E 170 -34.55 -17.30 8.31
N MET E 171 -35.39 -17.54 7.30
CA MET E 171 -36.73 -18.03 7.51
C MET E 171 -36.80 -19.36 8.24
N GLU E 172 -35.92 -20.28 7.88
CA GLU E 172 -35.89 -21.61 8.51
C GLU E 172 -35.43 -21.55 9.95
N LEU E 173 -34.46 -20.67 10.24
CA LEU E 173 -33.98 -20.52 11.61
C LEU E 173 -35.14 -20.02 12.49
N ILE E 174 -35.92 -19.12 11.89
CA ILE E 174 -37.11 -18.60 12.56
C ILE E 174 -38.02 -19.78 12.89
N ASN E 175 -38.54 -20.40 11.83
CA ASN E 175 -39.38 -21.57 11.96
C ASN E 175 -38.86 -22.54 13.02
N ASN E 176 -37.63 -23.01 12.86
CA ASN E 176 -37.04 -24.00 13.74
C ASN E 176 -36.96 -23.57 15.20
N VAL E 177 -36.60 -22.31 15.44
CA VAL E 177 -36.48 -21.86 16.83
C VAL E 177 -37.85 -21.83 17.48
N ALA E 178 -38.88 -21.55 16.68
CA ALA E 178 -40.25 -21.56 17.19
C ALA E 178 -40.68 -22.98 17.56
N LYS E 179 -40.34 -23.95 16.72
CA LYS E 179 -40.67 -25.34 17.01
C LYS E 179 -39.96 -25.87 18.26
N ALA E 180 -38.64 -25.88 18.21
CA ALA E 180 -37.80 -26.44 19.23
C ALA E 180 -37.52 -25.57 20.44
N HIS E 181 -37.99 -24.33 20.50
CA HIS E 181 -37.69 -23.53 21.69
C HIS E 181 -38.84 -22.66 22.15
N GLY E 182 -39.90 -22.55 21.35
CA GLY E 182 -41.04 -21.72 21.68
C GLY E 182 -40.68 -20.24 21.63
N GLY E 183 -39.48 -19.94 21.12
CA GLY E 183 -39.01 -18.56 21.03
C GLY E 183 -39.36 -17.94 19.67
N TYR E 184 -39.64 -16.65 19.68
CA TYR E 184 -39.99 -15.91 18.47
C TYR E 184 -38.74 -15.26 17.85
N SER E 185 -38.96 -14.53 16.76
CA SER E 185 -37.87 -13.85 16.10
C SER E 185 -38.16 -12.38 15.81
N VAL E 186 -37.10 -11.64 15.51
CA VAL E 186 -37.20 -10.24 15.16
C VAL E 186 -36.21 -9.91 14.04
N PHE E 187 -36.71 -9.36 12.93
CA PHE E 187 -35.84 -9.02 11.80
C PHE E 187 -35.64 -7.51 11.78
N ALA E 188 -34.40 -7.10 12.00
CA ALA E 188 -34.02 -5.69 11.99
C ALA E 188 -33.26 -5.39 10.69
N GLY E 189 -33.91 -4.73 9.74
CA GLY E 189 -33.28 -4.33 8.50
C GLY E 189 -32.68 -2.94 8.61
N VAL E 190 -31.38 -2.90 8.90
CA VAL E 190 -30.63 -1.64 9.00
C VAL E 190 -30.17 -1.23 7.61
N GLY E 191 -30.81 -0.24 7.01
CA GLY E 191 -30.47 0.20 5.66
C GLY E 191 -31.14 -0.72 4.64
N GLU E 192 -32.36 -1.18 4.96
CA GLU E 192 -33.12 -2.00 4.04
C GLU E 192 -33.38 -1.27 2.72
N ARG E 193 -33.17 -1.95 1.60
CA ARG E 193 -33.55 -1.36 0.30
C ARG E 193 -35.06 -1.61 0.16
N THR E 194 -35.84 -0.57 -0.07
CA THR E 194 -37.29 -0.74 -0.13
C THR E 194 -37.71 -1.91 -1.01
N ARG E 195 -37.11 -2.05 -2.18
CA ARG E 195 -37.48 -3.15 -3.07
C ARG E 195 -37.33 -4.49 -2.35
N GLU E 196 -36.19 -4.67 -1.70
CA GLU E 196 -35.90 -5.91 -0.97
C GLU E 196 -36.74 -6.08 0.29
N GLY E 197 -37.23 -4.99 0.85
CA GLY E 197 -38.08 -5.05 2.05
C GLY E 197 -39.46 -5.57 1.67
N ASN E 198 -39.94 -5.13 0.50
CA ASN E 198 -41.22 -5.56 -0.02
C ASN E 198 -41.16 -7.06 -0.34
N ASP E 199 -40.07 -7.50 -0.96
CA ASP E 199 -39.90 -8.90 -1.30
C ASP E 199 -39.71 -9.79 -0.09
N LEU E 200 -38.94 -9.35 0.89
CA LEU E 200 -38.75 -10.17 2.09
C LEU E 200 -40.10 -10.37 2.79
N TYR E 201 -40.91 -9.32 2.79
CA TYR E 201 -42.24 -9.36 3.40
C TYR E 201 -43.10 -10.43 2.74
N HIS E 202 -43.12 -10.45 1.41
CA HIS E 202 -43.94 -11.42 0.69
C HIS E 202 -43.39 -12.83 0.75
N GLU E 203 -42.08 -12.99 0.87
CA GLU E 203 -41.48 -14.31 0.98
C GLU E 203 -41.77 -14.96 2.33
N MET E 204 -41.91 -14.14 3.36
CA MET E 204 -42.18 -14.62 4.71
C MET E 204 -43.64 -15.03 4.83
N ILE E 205 -44.51 -14.25 4.19
CA ILE E 205 -45.94 -14.54 4.15
C ILE E 205 -46.16 -15.84 3.38
N GLU E 206 -45.47 -15.96 2.24
CA GLU E 206 -45.55 -17.14 1.41
C GLU E 206 -44.98 -18.38 2.10
N SER E 207 -43.97 -18.17 2.96
CA SER E 207 -43.35 -19.28 3.66
C SER E 207 -44.05 -19.62 4.96
N GLY E 208 -45.00 -18.78 5.39
CA GLY E 208 -45.74 -19.04 6.60
C GLY E 208 -45.21 -18.41 7.86
N VAL E 209 -43.90 -18.13 7.95
CA VAL E 209 -43.37 -17.53 9.18
C VAL E 209 -44.14 -16.26 9.52
N ILE E 210 -44.87 -15.74 8.54
CA ILE E 210 -45.75 -14.61 8.76
C ILE E 210 -47.16 -15.00 8.32
N ASN E 211 -48.16 -14.61 9.11
CA ASN E 211 -49.55 -14.93 8.82
C ASN E 211 -50.42 -13.68 9.02
N LEU E 212 -51.07 -13.23 7.95
CA LEU E 212 -51.90 -12.03 7.98
C LEU E 212 -53.32 -12.32 8.46
N LYS E 213 -53.63 -13.60 8.69
CA LYS E 213 -54.97 -13.99 9.12
C LYS E 213 -55.04 -14.21 10.62
N ASP E 214 -54.32 -15.20 11.13
CA ASP E 214 -54.35 -15.46 12.58
C ASP E 214 -53.15 -14.82 13.27
N ALA E 215 -53.08 -15.02 14.59
CA ALA E 215 -51.98 -14.49 15.39
C ALA E 215 -50.85 -15.51 15.51
N THR E 216 -50.65 -16.34 14.49
CA THR E 216 -49.58 -17.32 14.55
C THR E 216 -48.26 -16.81 13.99
N SER E 217 -48.15 -15.55 13.59
CA SER E 217 -46.88 -15.04 13.08
C SER E 217 -45.75 -15.27 14.07
N LYS E 218 -44.58 -15.67 13.58
CA LYS E 218 -43.42 -15.92 14.40
C LYS E 218 -42.37 -14.81 14.37
N VAL E 219 -42.47 -13.84 13.48
CA VAL E 219 -41.47 -12.79 13.39
C VAL E 219 -42.02 -11.37 13.35
N ALA E 220 -41.33 -10.48 14.08
CA ALA E 220 -41.64 -9.05 14.05
C ALA E 220 -40.59 -8.36 13.16
N LEU E 221 -41.01 -7.55 12.20
CA LEU E 221 -40.11 -6.85 11.31
C LEU E 221 -40.00 -5.37 11.68
N VAL E 222 -38.77 -4.86 11.60
CA VAL E 222 -38.48 -3.45 11.83
C VAL E 222 -37.55 -2.97 10.71
N TYR E 223 -37.97 -1.94 10.00
CA TYR E 223 -37.17 -1.41 8.91
C TYR E 223 -36.64 -0.01 9.15
N GLY E 224 -35.42 0.21 8.71
CA GLY E 224 -34.75 1.52 8.67
C GLY E 224 -34.28 1.66 7.20
N GLN E 225 -35.20 2.12 6.35
CA GLN E 225 -34.91 2.15 4.91
C GLN E 225 -33.74 3.03 4.56
N MET E 226 -33.03 2.70 3.49
CA MET E 226 -31.85 3.41 3.04
C MET E 226 -32.08 4.88 2.76
N ASN E 227 -33.30 5.26 2.43
CA ASN E 227 -33.63 6.65 2.13
C ASN E 227 -33.99 7.47 3.37
N GLU E 228 -33.88 6.91 4.57
CA GLU E 228 -34.13 7.71 5.79
C GLU E 228 -32.79 8.33 6.20
N PRO E 229 -32.81 9.41 6.94
CA PRO E 229 -31.62 10.10 7.41
C PRO E 229 -30.81 9.19 8.35
N PRO E 230 -29.55 9.49 8.55
CA PRO E 230 -28.61 8.73 9.33
C PRO E 230 -29.10 8.34 10.71
N GLY E 231 -29.74 9.24 11.43
CA GLY E 231 -30.21 8.99 12.79
C GLY E 231 -31.16 7.81 12.88
N ALA E 232 -32.13 7.73 11.98
CA ALA E 232 -33.06 6.60 11.96
C ALA E 232 -32.32 5.31 11.63
N ARG E 233 -31.48 5.33 10.58
CA ARG E 233 -30.73 4.13 10.27
C ARG E 233 -29.83 3.72 11.42
N ALA E 234 -29.40 4.68 12.25
CA ALA E 234 -28.54 4.34 13.37
C ALA E 234 -29.31 3.73 14.53
N ARG E 235 -30.55 4.17 14.74
CA ARG E 235 -31.36 3.67 15.84
C ARG E 235 -32.22 2.45 15.56
N VAL E 236 -32.50 2.08 14.30
CA VAL E 236 -33.38 0.96 14.06
C VAL E 236 -32.96 -0.33 14.77
N ALA E 237 -31.68 -0.67 14.78
CA ALA E 237 -31.27 -1.92 15.43
C ALA E 237 -31.74 -1.91 16.90
N LEU E 238 -31.70 -0.73 17.50
CA LEU E 238 -32.11 -0.61 18.90
C LEU E 238 -33.61 -0.92 18.98
N THR E 239 -34.37 -0.34 18.05
CA THR E 239 -35.81 -0.56 17.97
C THR E 239 -36.10 -2.06 17.94
N GLY E 240 -35.52 -2.75 16.95
CA GLY E 240 -35.73 -4.19 16.85
C GLY E 240 -35.15 -4.90 18.06
N LEU E 241 -34.13 -4.30 18.68
CA LEU E 241 -33.53 -4.99 19.84
C LEU E 241 -34.53 -4.94 21.01
N THR E 242 -35.20 -3.81 21.12
CA THR E 242 -36.18 -3.55 22.16
C THR E 242 -37.39 -4.46 22.02
N VAL E 243 -37.86 -4.66 20.79
CA VAL E 243 -39.00 -5.56 20.58
C VAL E 243 -38.63 -6.95 21.10
N ALA E 244 -37.40 -7.39 20.84
CA ALA E 244 -36.98 -8.73 21.23
C ALA E 244 -36.74 -8.86 22.73
N GLU E 245 -36.32 -7.77 23.37
CA GLU E 245 -36.08 -7.79 24.82
C GLU E 245 -37.41 -8.07 25.52
N TYR E 246 -38.50 -7.63 24.87
CA TYR E 246 -39.81 -7.91 25.43
C TYR E 246 -40.04 -9.41 25.59
N PHE E 247 -39.71 -10.19 24.57
CA PHE E 247 -39.96 -11.63 24.61
C PHE E 247 -39.06 -12.35 25.59
N ARG E 248 -37.84 -11.86 25.79
CA ARG E 248 -36.92 -12.47 26.74
C ARG E 248 -37.32 -12.18 28.19
N ASP E 249 -37.55 -10.91 28.49
CA ASP E 249 -37.82 -10.47 29.85
C ASP E 249 -39.24 -10.66 30.33
N GLN E 250 -40.23 -10.49 29.48
CA GLN E 250 -41.62 -10.59 29.90
C GLN E 250 -42.23 -11.95 29.65
N GLU E 251 -41.64 -12.75 28.77
CA GLU E 251 -42.21 -14.07 28.47
C GLU E 251 -41.17 -15.16 28.61
N GLY E 252 -40.02 -14.85 29.20
CA GLY E 252 -38.95 -15.77 29.45
C GLY E 252 -38.55 -16.61 28.26
N GLN E 253 -38.74 -16.10 27.05
CA GLN E 253 -38.42 -16.82 25.83
C GLN E 253 -36.96 -16.74 25.41
N ASP E 254 -36.60 -17.61 24.48
CA ASP E 254 -35.30 -17.61 23.82
C ASP E 254 -35.56 -17.07 22.40
N VAL E 255 -35.28 -15.78 22.27
CA VAL E 255 -35.55 -15.01 21.06
C VAL E 255 -34.43 -15.05 20.04
N LEU E 256 -34.81 -14.84 18.78
CA LEU E 256 -33.85 -14.74 17.68
C LEU E 256 -33.91 -13.31 17.14
N LEU E 257 -32.78 -12.61 17.08
CA LEU E 257 -32.75 -11.26 16.54
C LEU E 257 -31.84 -11.19 15.32
N PHE E 258 -32.41 -10.97 14.14
CA PHE E 258 -31.60 -10.85 12.93
C PHE E 258 -31.27 -9.38 12.68
N ILE E 259 -30.00 -9.08 12.39
CA ILE E 259 -29.59 -7.71 12.09
C ILE E 259 -28.91 -7.69 10.71
N ASP E 260 -29.64 -7.21 9.73
CA ASP E 260 -29.16 -7.13 8.35
C ASP E 260 -29.12 -5.67 7.93
N ASN E 261 -27.96 -5.09 7.85
CA ASN E 261 -26.64 -5.68 8.03
C ASN E 261 -25.86 -4.89 9.06
N ILE E 262 -25.04 -5.49 9.89
CA ILE E 262 -24.37 -4.77 10.98
C ILE E 262 -23.41 -3.70 10.53
N PHE E 263 -22.89 -3.79 9.30
CA PHE E 263 -21.97 -2.78 8.79
C PHE E 263 -22.70 -1.46 8.56
N ARG E 264 -23.95 -1.54 8.10
CA ARG E 264 -24.71 -0.30 7.83
C ARG E 264 -25.11 0.36 9.13
N PHE E 265 -25.08 -0.40 10.23
CA PHE E 265 -25.30 0.14 11.57
C PHE E 265 -24.11 1.04 11.91
N THR E 266 -22.91 0.55 11.63
CA THR E 266 -21.69 1.32 11.82
C THR E 266 -21.65 2.53 10.89
N GLN E 267 -22.03 2.40 9.63
CA GLN E 267 -21.99 3.56 8.75
C GLN E 267 -22.94 4.66 9.20
N ALA E 268 -24.15 4.28 9.58
CA ALA E 268 -25.11 5.29 10.06
C ALA E 268 -24.48 6.04 11.22
N GLY E 269 -23.97 5.32 12.20
CA GLY E 269 -23.31 5.94 13.35
C GLY E 269 -22.21 6.90 12.91
N SER E 270 -21.40 6.47 11.96
CA SER E 270 -20.32 7.27 11.41
C SER E 270 -20.87 8.57 10.83
N GLU E 271 -21.99 8.47 10.11
CA GLU E 271 -22.63 9.64 9.51
C GLU E 271 -23.19 10.58 10.56
N VAL E 272 -23.83 10.02 11.59
CA VAL E 272 -24.38 10.82 12.68
C VAL E 272 -23.24 11.57 13.38
N SER E 273 -22.15 10.85 13.63
CA SER E 273 -20.99 11.43 14.29
C SER E 273 -20.41 12.57 13.44
N ALA E 274 -20.37 12.34 12.13
CA ALA E 274 -19.85 13.35 11.22
C ALA E 274 -20.67 14.64 11.31
N LEU E 275 -21.98 14.48 11.30
CA LEU E 275 -22.90 15.60 11.37
C LEU E 275 -22.86 16.39 12.66
N LEU E 276 -22.52 15.76 13.78
CA LEU E 276 -22.45 16.48 15.05
C LEU E 276 -21.12 17.20 15.21
N GLY E 277 -20.29 17.16 14.18
CA GLY E 277 -19.01 17.85 14.19
C GLY E 277 -17.90 17.13 14.93
N ARG E 278 -18.08 15.86 15.26
CA ARG E 278 -17.05 15.10 15.94
C ARG E 278 -15.92 14.71 14.98
N ILE E 279 -14.70 14.91 15.44
CA ILE E 279 -13.52 14.55 14.66
C ILE E 279 -13.47 13.05 14.44
N PRO E 280 -13.35 12.63 13.20
CA PRO E 280 -13.29 11.26 12.77
C PRO E 280 -12.03 10.52 13.20
N SER E 281 -12.14 9.21 13.38
CA SER E 281 -11.06 8.33 13.79
C SER E 281 -10.37 7.65 12.61
N ALA E 282 -9.57 6.62 12.90
CA ALA E 282 -8.88 5.89 11.83
C ALA E 282 -9.83 5.45 10.73
N VAL E 283 -9.37 5.53 9.50
CA VAL E 283 -10.17 5.13 8.34
C VAL E 283 -11.49 5.86 8.26
N GLY E 284 -11.67 6.96 8.98
CA GLY E 284 -12.88 7.75 8.93
C GLY E 284 -14.06 7.35 9.75
N TYR E 285 -13.98 6.33 10.61
CA TYR E 285 -15.12 5.98 11.46
C TYR E 285 -15.26 6.91 12.65
N GLN E 286 -16.43 6.90 13.27
CA GLN E 286 -16.68 7.70 14.47
C GLN E 286 -15.69 7.32 15.57
N PRO E 287 -15.31 8.26 16.39
CA PRO E 287 -14.42 8.04 17.51
C PRO E 287 -15.03 7.04 18.49
N THR E 288 -16.35 7.03 18.54
CA THR E 288 -17.10 6.15 19.44
C THR E 288 -17.41 4.78 18.86
N LEU E 289 -16.74 4.42 17.77
CA LEU E 289 -16.96 3.14 17.10
C LEU E 289 -17.15 1.99 18.08
N ALA E 290 -16.23 1.78 19.01
CA ALA E 290 -16.34 0.64 19.92
C ALA E 290 -17.44 0.77 20.96
N THR E 291 -17.74 1.98 21.45
CA THR E 291 -18.83 2.09 22.43
C THR E 291 -20.21 2.06 21.81
N ASP E 292 -20.35 2.56 20.58
CA ASP E 292 -21.60 2.50 19.84
C ASP E 292 -21.98 1.02 19.63
N MET E 293 -20.95 0.25 19.28
CA MET E 293 -21.16 -1.18 19.04
C MET E 293 -21.42 -1.90 20.35
N GLY E 294 -20.69 -1.51 21.40
CA GLY E 294 -20.76 -2.14 22.70
C GLY E 294 -22.09 -1.91 23.41
N THR E 295 -22.52 -0.65 23.54
CA THR E 295 -23.77 -0.37 24.24
C THR E 295 -24.94 -1.08 23.59
N MET E 296 -24.77 -1.57 22.36
CA MET E 296 -25.84 -2.25 21.66
C MET E 296 -25.73 -3.76 21.79
N GLN E 297 -24.60 -4.32 21.40
CA GLN E 297 -24.36 -5.75 21.40
C GLN E 297 -24.52 -6.38 22.78
N GLU E 298 -24.09 -5.68 23.82
CA GLU E 298 -24.16 -6.20 25.17
C GLU E 298 -25.56 -6.46 25.66
N ARG E 299 -26.56 -5.86 25.03
CA ARG E 299 -27.96 -6.09 25.42
C ARG E 299 -28.42 -7.47 24.97
N ILE E 300 -27.67 -8.04 24.03
CA ILE E 300 -27.89 -9.38 23.50
C ILE E 300 -27.10 -10.40 24.31
N THR E 301 -27.78 -11.16 25.16
CA THR E 301 -27.19 -12.16 26.00
C THR E 301 -28.26 -13.09 26.61
N THR E 302 -27.73 -13.95 27.48
CA THR E 302 -28.53 -14.87 28.26
C THR E 302 -28.62 -14.34 29.69
N THR E 303 -29.83 -13.97 30.10
CA THR E 303 -30.05 -13.50 31.47
C THR E 303 -30.60 -14.67 32.26
N LYS E 304 -31.02 -14.45 33.50
CA LYS E 304 -31.61 -15.54 34.27
C LYS E 304 -32.97 -15.92 33.68
N LYS E 305 -33.66 -14.94 33.11
CA LYS E 305 -35.00 -15.12 32.59
C LYS E 305 -35.09 -15.74 31.20
N GLY E 306 -34.15 -15.45 30.31
CA GLY E 306 -34.22 -15.99 28.95
C GLY E 306 -33.01 -15.55 28.13
N SER E 307 -33.17 -15.52 26.80
CA SER E 307 -32.04 -15.12 25.97
C SER E 307 -32.42 -14.59 24.60
N ILE E 308 -31.56 -13.69 24.12
CA ILE E 308 -31.64 -13.15 22.78
C ILE E 308 -30.39 -13.65 22.02
N THR E 309 -30.62 -14.42 20.98
CA THR E 309 -29.50 -14.89 20.16
C THR E 309 -29.58 -14.07 18.87
N SER E 310 -28.43 -13.60 18.37
CA SER E 310 -28.42 -12.74 17.20
C SER E 310 -27.53 -13.23 16.06
N VAL E 311 -28.12 -13.26 14.88
CA VAL E 311 -27.44 -13.61 13.64
C VAL E 311 -27.27 -12.30 12.87
N GLN E 312 -26.04 -11.93 12.54
CA GLN E 312 -25.83 -10.63 11.90
C GLN E 312 -25.09 -10.70 10.58
N ALA E 313 -25.76 -10.26 9.52
CA ALA E 313 -25.17 -10.21 8.19
C ALA E 313 -24.02 -9.20 8.25
N ILE E 314 -22.84 -9.57 7.78
CA ILE E 314 -21.69 -8.69 7.85
C ILE E 314 -21.10 -8.40 6.47
N TYR E 315 -20.99 -7.13 6.16
CA TYR E 315 -20.36 -6.68 4.92
C TYR E 315 -18.92 -6.28 5.26
N VAL E 316 -17.94 -6.76 4.52
CA VAL E 316 -16.54 -6.49 4.79
C VAL E 316 -15.95 -5.52 3.79
N PRO E 317 -15.76 -4.28 4.18
CA PRO E 317 -15.24 -3.23 3.33
C PRO E 317 -13.92 -3.65 2.67
N ALA E 318 -13.83 -3.50 1.36
CA ALA E 318 -12.67 -3.85 0.57
C ALA E 318 -12.15 -5.24 0.86
N ASP E 319 -13.04 -6.15 1.24
CA ASP E 319 -12.62 -7.52 1.56
C ASP E 319 -11.50 -7.54 2.59
N ASP E 320 -11.38 -6.48 3.38
CA ASP E 320 -10.34 -6.38 4.40
C ASP E 320 -10.87 -6.67 5.80
N LEU E 321 -10.56 -7.85 6.32
CA LEU E 321 -11.01 -8.25 7.64
C LEU E 321 -10.40 -7.44 8.77
N THR E 322 -9.35 -6.67 8.46
CA THR E 322 -8.71 -5.84 9.47
C THR E 322 -9.31 -4.44 9.49
N ASP E 323 -10.20 -4.13 8.56
CA ASP E 323 -10.85 -2.80 8.57
C ASP E 323 -11.55 -2.65 9.91
N PRO E 324 -11.48 -1.46 10.48
CA PRO E 324 -12.03 -1.15 11.79
C PRO E 324 -13.44 -1.66 12.01
N ALA E 325 -14.32 -1.62 11.03
CA ALA E 325 -15.71 -2.04 11.17
C ALA E 325 -15.89 -3.52 11.49
N PRO E 326 -15.43 -4.41 10.64
CA PRO E 326 -15.49 -5.85 10.87
C PRO E 326 -14.60 -6.22 12.05
N ALA E 327 -13.48 -5.52 12.22
CA ALA E 327 -12.57 -5.81 13.33
C ALA E 327 -13.28 -5.59 14.66
N THR E 328 -14.03 -4.50 14.74
CA THR E 328 -14.78 -4.20 15.97
C THR E 328 -15.92 -5.19 16.16
N THR E 329 -16.57 -5.61 15.06
CA THR E 329 -17.68 -6.53 15.17
C THR E 329 -17.23 -7.91 15.66
N PHE E 330 -16.10 -8.40 15.20
CA PHE E 330 -15.56 -9.70 15.56
C PHE E 330 -15.35 -9.86 17.06
N ALA E 331 -15.10 -8.77 17.78
CA ALA E 331 -14.94 -8.85 19.23
C ALA E 331 -16.19 -9.37 19.92
N HIS E 332 -17.35 -9.35 19.24
CA HIS E 332 -18.59 -9.79 19.85
C HIS E 332 -19.15 -11.08 19.30
N LEU E 333 -18.64 -11.59 18.18
CA LEU E 333 -19.19 -12.80 17.57
C LEU E 333 -18.71 -14.06 18.26
N ASP E 334 -19.62 -15.01 18.45
CA ASP E 334 -19.30 -16.28 19.11
C ASP E 334 -19.13 -17.40 18.09
N ALA E 335 -19.56 -17.12 16.86
CA ALA E 335 -19.48 -18.09 15.78
C ALA E 335 -19.79 -17.41 14.46
N THR E 336 -19.52 -18.09 13.35
CA THR E 336 -19.83 -17.52 12.05
C THR E 336 -20.49 -18.58 11.17
N THR E 337 -21.29 -18.14 10.22
CA THR E 337 -21.91 -18.99 9.24
C THR E 337 -21.49 -18.45 7.86
N VAL E 338 -20.63 -19.16 7.16
CA VAL E 338 -20.18 -18.68 5.86
C VAL E 338 -20.91 -19.38 4.73
N LEU E 339 -21.68 -18.62 3.97
CA LEU E 339 -22.42 -19.14 2.82
C LEU E 339 -21.66 -18.84 1.53
N SER E 340 -21.41 -19.85 0.71
CA SER E 340 -20.63 -19.63 -0.50
C SER E 340 -21.25 -20.15 -1.79
N ARG E 341 -20.83 -19.53 -2.89
CA ARG E 341 -21.23 -19.93 -4.22
C ARG E 341 -20.62 -21.29 -4.56
N ALA E 342 -19.34 -21.45 -4.22
CA ALA E 342 -18.62 -22.68 -4.52
C ALA E 342 -19.40 -23.90 -4.03
N ILE E 343 -19.91 -23.80 -2.80
CA ILE E 343 -20.67 -24.92 -2.24
C ILE E 343 -22.04 -25.01 -2.85
N ALA E 344 -22.62 -23.86 -3.17
CA ALA E 344 -23.93 -23.83 -3.82
C ALA E 344 -23.84 -24.47 -5.20
N GLU E 345 -22.70 -24.31 -5.84
CA GLU E 345 -22.50 -24.85 -7.19
C GLU E 345 -22.22 -26.34 -7.16
N LEU E 346 -22.15 -26.89 -5.95
CA LEU E 346 -21.99 -28.33 -5.79
C LEU E 346 -23.32 -28.95 -5.34
N GLY E 347 -24.33 -28.10 -5.24
CA GLY E 347 -25.67 -28.50 -4.89
C GLY E 347 -25.90 -28.76 -3.41
N ILE E 348 -24.89 -28.50 -2.58
CA ILE E 348 -25.06 -28.72 -1.14
C ILE E 348 -25.73 -27.49 -0.52
N TYR E 349 -26.98 -27.71 -0.11
CA TYR E 349 -27.78 -26.69 0.53
C TYR E 349 -28.13 -27.16 1.94
N PRO E 350 -27.99 -26.29 2.91
CA PRO E 350 -27.56 -24.92 2.76
C PRO E 350 -26.10 -24.81 2.31
N ALA E 351 -25.78 -23.70 1.64
CA ALA E 351 -24.44 -23.49 1.10
C ALA E 351 -23.46 -23.04 2.17
N VAL E 352 -23.42 -23.78 3.27
CA VAL E 352 -22.51 -23.49 4.37
C VAL E 352 -21.13 -24.10 4.10
N ASP E 353 -20.08 -23.32 4.32
CA ASP E 353 -18.72 -23.84 4.18
C ASP E 353 -18.34 -24.51 5.50
N PRO E 354 -18.07 -25.80 5.43
CA PRO E 354 -17.84 -26.65 6.58
C PRO E 354 -16.52 -26.45 7.29
N LEU E 355 -15.57 -25.80 6.63
CA LEU E 355 -14.28 -25.53 7.26
C LEU E 355 -14.10 -24.05 7.54
N ASP E 356 -14.79 -23.20 6.77
CA ASP E 356 -14.70 -21.76 7.00
C ASP E 356 -15.58 -21.31 8.16
N SER E 357 -16.74 -21.92 8.33
CA SER E 357 -17.63 -21.60 9.44
C SER E 357 -17.07 -22.16 10.75
N THR E 358 -17.17 -21.40 11.83
CA THR E 358 -16.65 -21.86 13.11
C THR E 358 -17.49 -21.39 14.29
N SER E 359 -17.16 -21.88 15.48
CA SER E 359 -17.87 -21.52 16.69
C SER E 359 -16.96 -21.62 17.91
N ARG E 360 -17.01 -20.62 18.77
CA ARG E 360 -16.20 -20.59 19.98
C ARG E 360 -16.57 -21.73 20.93
N ILE E 361 -17.83 -22.15 20.89
CA ILE E 361 -18.30 -23.20 21.79
C ILE E 361 -17.99 -24.59 21.27
N MET E 362 -17.15 -24.68 20.24
CA MET E 362 -16.71 -25.99 19.76
C MET E 362 -15.57 -26.46 20.67
N ASP E 363 -15.95 -26.73 21.91
CA ASP E 363 -15.02 -27.15 22.96
C ASP E 363 -15.69 -28.21 23.83
N PRO E 364 -14.94 -29.24 24.16
CA PRO E 364 -15.36 -30.36 24.96
C PRO E 364 -15.98 -29.95 26.29
N ASN E 365 -15.39 -28.94 26.92
CA ASN E 365 -15.89 -28.46 28.21
C ASN E 365 -17.30 -27.88 28.07
N ILE E 366 -17.71 -27.56 26.86
CA ILE E 366 -19.02 -26.91 26.66
C ILE E 366 -20.03 -27.80 25.98
N VAL E 367 -19.75 -28.32 24.78
CA VAL E 367 -20.71 -29.16 24.09
C VAL E 367 -20.53 -30.62 24.39
N GLY E 368 -19.55 -30.96 25.23
CA GLY E 368 -19.30 -32.34 25.59
C GLY E 368 -18.25 -32.99 24.70
N SER E 369 -17.61 -34.00 25.26
CA SER E 369 -16.55 -34.74 24.58
C SER E 369 -17.04 -35.50 23.37
N GLU E 370 -18.25 -36.06 23.42
CA GLU E 370 -18.79 -36.81 22.29
C GLU E 370 -19.03 -35.89 21.10
N HIS E 371 -19.71 -34.78 21.33
CA HIS E 371 -19.98 -33.81 20.24
C HIS E 371 -18.65 -33.33 19.66
N TYR E 372 -17.74 -32.89 20.51
CA TYR E 372 -16.44 -32.39 20.08
C TYR E 372 -15.66 -33.38 19.23
N ASP E 373 -15.55 -34.63 19.69
CA ASP E 373 -14.77 -35.62 18.95
C ASP E 373 -15.35 -35.88 17.56
N VAL E 374 -16.67 -36.02 17.47
CA VAL E 374 -17.30 -36.26 16.18
C VAL E 374 -17.03 -35.08 15.23
N ALA E 375 -17.24 -33.87 15.73
CA ALA E 375 -17.00 -32.67 14.95
C ALA E 375 -15.58 -32.64 14.40
N ARG E 376 -14.61 -32.74 15.31
CA ARG E 376 -13.20 -32.72 14.94
C ARG E 376 -12.90 -33.77 13.88
N GLY E 377 -13.57 -34.91 13.98
CA GLY E 377 -13.37 -35.99 13.01
C GLY E 377 -13.80 -35.56 11.61
N VAL E 378 -15.01 -35.01 11.51
CA VAL E 378 -15.53 -34.55 10.22
C VAL E 378 -14.60 -33.49 9.62
N GLN E 379 -14.16 -32.54 10.43
CA GLN E 379 -13.25 -31.50 9.95
C GLN E 379 -11.98 -32.11 9.36
N LYS E 380 -11.38 -33.03 10.11
CA LYS E 380 -10.15 -33.67 9.67
C LYS E 380 -10.34 -34.41 8.35
N ILE E 381 -11.37 -35.26 8.30
CA ILE E 381 -11.62 -36.02 7.08
C ILE E 381 -11.91 -35.08 5.91
N LEU E 382 -12.54 -33.94 6.17
CA LEU E 382 -12.79 -32.98 5.08
C LEU E 382 -11.47 -32.34 4.65
N GLN E 383 -10.57 -32.19 5.61
CA GLN E 383 -9.25 -31.63 5.37
C GLN E 383 -8.40 -32.63 4.58
N ASP E 384 -8.41 -33.86 5.05
CA ASP E 384 -7.64 -34.92 4.41
C ASP E 384 -8.09 -35.15 2.97
N TYR E 385 -9.39 -34.98 2.76
CA TYR E 385 -9.95 -35.12 1.42
C TYR E 385 -9.46 -33.99 0.52
N LYS E 386 -9.42 -32.78 1.08
CA LYS E 386 -8.95 -31.61 0.33
C LYS E 386 -7.46 -31.72 0.03
N SER E 387 -6.74 -32.49 0.84
CA SER E 387 -5.31 -32.65 0.66
C SER E 387 -5.00 -33.69 -0.40
N LEU E 388 -5.95 -34.59 -0.64
CA LEU E 388 -5.78 -35.64 -1.63
C LEU E 388 -6.19 -35.19 -3.03
N GLN E 389 -6.84 -34.04 -3.12
CA GLN E 389 -7.29 -33.51 -4.41
C GLN E 389 -6.16 -33.46 -5.43
N ASP E 390 -4.95 -33.17 -4.98
CA ASP E 390 -3.78 -33.08 -5.85
C ASP E 390 -3.36 -34.44 -6.38
N ILE E 391 -3.08 -35.37 -5.47
CA ILE E 391 -2.63 -36.71 -5.82
C ILE E 391 -3.64 -37.44 -6.69
N ILE E 392 -4.92 -37.09 -6.56
CA ILE E 392 -5.95 -37.74 -7.36
C ILE E 392 -6.01 -37.14 -8.76
N ALA E 393 -6.06 -35.82 -8.83
CA ALA E 393 -6.14 -35.12 -10.10
C ALA E 393 -5.10 -35.66 -11.08
N ILE E 394 -3.86 -35.24 -10.90
CA ILE E 394 -2.77 -35.68 -11.78
C ILE E 394 -2.03 -36.84 -11.16
N LEU E 395 -2.46 -38.05 -11.53
CA LEU E 395 -1.89 -39.30 -11.06
C LEU E 395 -2.92 -40.43 -11.25
N GLY E 396 -4.09 -40.27 -10.64
CA GLY E 396 -5.14 -41.27 -10.76
C GLY E 396 -5.68 -41.72 -9.41
N MET E 397 -7.00 -41.96 -9.35
CA MET E 397 -7.63 -42.42 -8.13
C MET E 397 -7.25 -43.87 -7.82
N ASP E 398 -7.06 -44.65 -8.87
CA ASP E 398 -6.70 -46.05 -8.74
C ASP E 398 -5.26 -46.20 -8.25
N GLU E 399 -4.79 -45.22 -7.48
CA GLU E 399 -3.43 -45.27 -6.97
C GLU E 399 -3.35 -44.90 -5.49
N LEU E 400 -4.42 -44.35 -4.93
CA LEU E 400 -4.42 -43.99 -3.52
C LEU E 400 -4.39 -45.26 -2.67
N SER E 401 -3.80 -45.17 -1.48
CA SER E 401 -3.73 -46.34 -0.60
C SER E 401 -5.13 -46.66 -0.05
N GLU E 402 -5.35 -47.91 0.31
CA GLU E 402 -6.66 -48.33 0.83
C GLU E 402 -7.18 -47.35 1.87
N GLU E 403 -6.32 -46.87 2.75
CA GLU E 403 -6.74 -45.91 3.78
C GLU E 403 -7.26 -44.63 3.11
N ASP E 404 -6.48 -44.12 2.16
CA ASP E 404 -6.85 -42.90 1.45
C ASP E 404 -8.12 -43.08 0.64
N LYS E 405 -8.18 -44.15 -0.15
CA LYS E 405 -9.36 -44.42 -0.97
C LYS E 405 -10.64 -44.39 -0.13
N LEU E 406 -10.55 -44.94 1.08
CA LEU E 406 -11.70 -45.01 1.98
C LEU E 406 -12.03 -43.64 2.55
N THR E 407 -11.01 -42.85 2.86
CA THR E 407 -11.25 -41.52 3.41
C THR E 407 -11.89 -40.61 2.36
N VAL E 408 -11.78 -41.00 1.09
CA VAL E 408 -12.39 -40.22 0.01
C VAL E 408 -13.88 -40.57 -0.05
N SER E 409 -14.23 -41.82 0.21
CA SER E 409 -15.63 -42.24 0.17
C SER E 409 -16.38 -41.73 1.39
N ARG E 410 -15.77 -41.86 2.56
CA ARG E 410 -16.41 -41.37 3.79
C ARG E 410 -16.57 -39.85 3.73
N ALA E 411 -15.52 -39.16 3.28
CA ALA E 411 -15.56 -37.72 3.15
C ALA E 411 -16.70 -37.26 2.24
N ARG E 412 -16.76 -37.81 1.04
CA ARG E 412 -17.82 -37.43 0.10
C ARG E 412 -19.19 -37.71 0.72
N LYS E 413 -19.35 -38.86 1.36
CA LYS E 413 -20.61 -39.17 2.03
C LYS E 413 -20.85 -38.12 3.12
N ILE E 414 -19.80 -37.79 3.87
CA ILE E 414 -19.92 -36.79 4.93
C ILE E 414 -20.46 -35.47 4.38
N GLN E 415 -19.82 -34.97 3.33
CA GLN E 415 -20.23 -33.70 2.74
C GLN E 415 -21.64 -33.72 2.19
N ARG E 416 -22.17 -34.91 1.89
CA ARG E 416 -23.55 -35.01 1.41
C ARG E 416 -24.50 -35.01 2.61
N PHE E 417 -24.07 -35.67 3.68
CA PHE E 417 -24.91 -35.78 4.86
C PHE E 417 -25.05 -34.44 5.55
N LEU E 418 -24.21 -33.48 5.17
CA LEU E 418 -24.34 -32.12 5.72
C LEU E 418 -25.44 -31.37 4.99
N SER E 419 -25.91 -31.92 3.87
CA SER E 419 -27.01 -31.33 3.12
C SER E 419 -28.31 -31.48 3.92
N GLN E 420 -29.34 -30.72 3.57
CA GLN E 420 -30.60 -30.82 4.32
C GLN E 420 -31.70 -29.99 3.69
N PRO E 421 -32.83 -30.62 3.43
CA PRO E 421 -34.02 -29.99 2.89
C PRO E 421 -34.73 -29.18 3.97
N PHE E 422 -35.18 -27.98 3.62
CA PHE E 422 -35.84 -27.14 4.62
C PHE E 422 -37.35 -27.12 4.44
N GLN E 423 -38.07 -26.93 5.55
CA GLN E 423 -39.52 -26.85 5.49
C GLN E 423 -39.94 -25.58 4.74
N VAL E 424 -39.30 -24.48 5.13
CA VAL E 424 -39.56 -23.18 4.52
C VAL E 424 -39.59 -23.26 3.01
N ALA E 425 -38.80 -24.17 2.44
CA ALA E 425 -38.73 -24.33 0.99
C ALA E 425 -39.50 -25.53 0.49
N GLU E 426 -40.61 -25.87 1.15
CA GLU E 426 -41.45 -26.99 0.72
C GLU E 426 -42.34 -26.55 -0.44
N VAL E 427 -42.55 -25.25 -0.55
CA VAL E 427 -43.39 -24.68 -1.59
C VAL E 427 -42.67 -24.66 -2.93
N PHE E 428 -41.35 -24.71 -2.90
CA PHE E 428 -40.54 -24.65 -4.10
C PHE E 428 -39.92 -26.00 -4.47
N THR E 429 -39.67 -26.84 -3.47
CA THR E 429 -39.03 -28.12 -3.72
C THR E 429 -40.03 -29.27 -3.78
N GLY E 430 -41.16 -29.14 -3.07
CA GLY E 430 -42.15 -30.20 -3.05
C GLY E 430 -41.74 -31.29 -2.06
N HIS E 431 -40.53 -31.15 -1.51
CA HIS E 431 -40.01 -32.10 -0.53
C HIS E 431 -40.14 -31.61 0.89
N LEU E 432 -40.44 -32.51 1.82
CA LEU E 432 -40.62 -32.15 3.22
C LEU E 432 -39.31 -31.75 3.88
N GLY E 433 -39.35 -30.65 4.64
CA GLY E 433 -38.18 -30.16 5.34
C GLY E 433 -37.83 -31.03 6.53
N LYS E 434 -36.63 -30.84 7.09
CA LYS E 434 -36.20 -31.64 8.22
C LYS E 434 -35.60 -30.82 9.35
N LEU E 435 -36.01 -31.15 10.55
CA LEU E 435 -35.51 -30.58 11.81
C LEU E 435 -34.82 -31.75 12.55
N VAL E 436 -33.51 -31.84 12.38
CA VAL E 436 -32.74 -32.92 12.97
C VAL E 436 -32.23 -32.60 14.37
N PRO E 437 -32.70 -33.37 15.35
CA PRO E 437 -32.31 -33.25 16.73
C PRO E 437 -30.83 -33.54 16.90
N LEU E 438 -30.15 -32.72 17.70
CA LEU E 438 -28.73 -32.78 17.91
C LEU E 438 -28.15 -34.16 18.09
N LYS E 439 -28.70 -34.94 19.02
CA LYS E 439 -28.14 -36.28 19.25
C LYS E 439 -28.20 -37.12 17.99
N GLU E 440 -29.22 -36.90 17.16
CA GLU E 440 -29.31 -37.64 15.91
C GLU E 440 -28.20 -37.24 14.95
N THR E 441 -27.91 -35.94 14.92
CA THR E 441 -26.86 -35.41 14.06
C THR E 441 -25.50 -35.94 14.49
N ILE E 442 -25.17 -35.80 15.76
CA ILE E 442 -23.88 -36.27 16.28
C ILE E 442 -23.64 -37.73 15.92
N LYS E 443 -24.67 -38.55 16.06
CA LYS E 443 -24.59 -39.98 15.81
C LYS E 443 -24.51 -40.32 14.33
N GLY E 444 -25.34 -39.71 13.50
CA GLY E 444 -25.31 -39.95 12.06
C GLY E 444 -23.89 -39.92 11.52
N PHE E 445 -23.19 -38.80 11.73
CA PHE E 445 -21.82 -38.66 11.25
C PHE E 445 -20.87 -39.62 11.94
N GLN E 446 -21.12 -39.88 13.22
CA GLN E 446 -20.27 -40.81 13.98
C GLN E 446 -20.25 -42.17 13.31
N GLN E 447 -21.40 -42.56 12.78
CA GLN E 447 -21.53 -43.86 12.10
C GLN E 447 -20.83 -43.83 10.75
N ILE E 448 -20.93 -42.72 10.03
CA ILE E 448 -20.23 -42.61 8.75
C ILE E 448 -18.72 -42.70 9.01
N LEU E 449 -18.24 -41.87 9.93
CA LEU E 449 -16.81 -41.92 10.25
C LEU E 449 -16.43 -43.33 10.70
N ALA E 450 -17.27 -43.93 11.53
CA ALA E 450 -17.04 -45.29 12.01
C ALA E 450 -16.88 -46.26 10.86
N GLY E 451 -17.57 -45.97 9.75
CA GLY E 451 -17.52 -46.80 8.56
C GLY E 451 -18.69 -47.76 8.48
N GLU E 452 -19.71 -47.52 9.29
CA GLU E 452 -20.89 -48.38 9.34
C GLU E 452 -21.78 -48.21 8.12
N TYR E 453 -21.38 -47.39 7.16
CA TYR E 453 -22.19 -47.20 5.97
C TYR E 453 -21.36 -47.17 4.69
N ASP E 454 -20.17 -47.76 4.76
CA ASP E 454 -19.26 -47.83 3.61
C ASP E 454 -19.86 -48.68 2.49
N HIS E 455 -20.98 -49.34 2.76
CA HIS E 455 -21.60 -50.22 1.77
C HIS E 455 -22.77 -49.57 1.06
N LEU E 456 -22.83 -48.24 1.10
CA LEU E 456 -23.89 -47.49 0.45
C LEU E 456 -23.32 -46.42 -0.48
N PRO E 457 -24.11 -46.00 -1.45
CA PRO E 457 -23.78 -45.00 -2.44
C PRO E 457 -23.90 -43.57 -1.91
N GLU E 458 -22.98 -42.70 -2.29
CA GLU E 458 -22.98 -41.31 -1.84
C GLU E 458 -24.37 -40.69 -1.87
N GLN E 459 -25.00 -40.71 -3.04
CA GLN E 459 -26.29 -40.08 -3.22
C GLN E 459 -27.34 -40.51 -2.20
N ALA E 460 -27.01 -41.47 -1.35
CA ALA E 460 -27.96 -41.90 -0.33
C ALA E 460 -28.00 -40.90 0.82
N PHE E 461 -26.91 -40.17 1.02
CA PHE E 461 -26.85 -39.19 2.11
C PHE E 461 -27.12 -37.77 1.66
N TYR E 462 -27.36 -37.57 0.37
CA TYR E 462 -27.61 -36.23 -0.17
C TYR E 462 -29.04 -35.77 0.03
N MET E 463 -29.21 -34.64 0.71
CA MET E 463 -30.50 -34.04 0.96
C MET E 463 -31.47 -34.92 1.73
N VAL E 464 -31.17 -35.20 2.99
CA VAL E 464 -32.03 -35.98 3.85
C VAL E 464 -31.95 -35.44 5.29
N GLY E 465 -32.74 -36.03 6.18
CA GLY E 465 -32.74 -35.61 7.57
C GLY E 465 -31.81 -36.48 8.42
N PRO E 466 -32.40 -37.35 9.20
CA PRO E 466 -31.71 -38.29 10.06
C PRO E 466 -31.00 -39.37 9.27
N ILE E 467 -30.01 -40.00 9.89
CA ILE E 467 -29.22 -41.05 9.26
C ILE E 467 -30.08 -42.18 8.70
N GLU E 468 -31.17 -42.51 9.38
CA GLU E 468 -32.07 -43.57 8.93
C GLU E 468 -32.52 -43.27 7.49
N GLU E 469 -32.87 -42.00 7.26
CA GLU E 469 -33.32 -41.57 5.95
C GLU E 469 -32.26 -41.79 4.89
N ALA E 470 -31.01 -42.02 5.29
CA ALA E 470 -29.97 -42.30 4.30
C ALA E 470 -30.09 -43.77 3.88
N VAL E 471 -30.16 -44.64 4.88
CA VAL E 471 -30.29 -46.07 4.67
C VAL E 471 -31.52 -46.40 3.82
N ALA E 472 -32.60 -45.67 4.05
CA ALA E 472 -33.83 -45.90 3.29
C ALA E 472 -33.68 -45.47 1.84
N LYS E 473 -33.36 -44.19 1.64
CA LYS E 473 -33.19 -43.67 0.28
C LYS E 473 -32.35 -44.61 -0.57
N ALA E 474 -31.49 -45.38 0.08
CA ALA E 474 -30.63 -46.33 -0.60
C ALA E 474 -31.41 -47.49 -1.20
N ASP E 475 -32.35 -48.04 -0.43
CA ASP E 475 -33.16 -49.16 -0.88
C ASP E 475 -33.92 -48.85 -2.15
N LYS E 476 -34.46 -47.64 -2.25
CA LYS E 476 -35.21 -47.16 -3.39
C LYS E 476 -35.70 -48.26 -4.32
N LEU E 477 -34.98 -48.47 -5.40
CA LEU E 477 -35.26 -49.53 -6.37
C LEU E 477 -34.08 -50.51 -6.29
N ALA E 478 -32.91 -49.95 -6.59
CA ALA E 478 -31.66 -50.68 -6.51
C ALA E 478 -30.57 -49.81 -5.90
N THR F 13 8.64 38.79 42.53
CA THR F 13 7.24 38.90 43.01
C THR F 13 6.47 37.61 42.72
N THR F 14 5.23 37.55 43.21
CA THR F 14 4.42 36.36 43.02
C THR F 14 3.33 36.54 41.95
N GLY F 15 2.97 35.40 41.37
CA GLY F 15 1.92 35.32 40.36
C GLY F 15 0.92 34.25 40.82
N ARG F 16 -0.15 34.09 40.05
CA ARG F 16 -1.16 33.10 40.43
C ARG F 16 -1.62 32.26 39.25
N ILE F 17 -1.97 31.01 39.56
CA ILE F 17 -2.43 30.08 38.55
C ILE F 17 -3.84 30.46 38.09
N VAL F 18 -4.00 30.64 36.80
CA VAL F 18 -5.32 30.95 36.24
C VAL F 18 -5.88 29.75 35.49
N ALA F 19 -5.01 28.79 35.16
CA ALA F 19 -5.48 27.64 34.37
C ALA F 19 -4.54 26.46 34.44
N VAL F 20 -5.10 25.26 34.39
CA VAL F 20 -4.26 24.06 34.39
C VAL F 20 -4.83 23.00 33.45
N ILE F 21 -4.03 22.51 32.53
CA ILE F 21 -4.39 21.41 31.64
C ILE F 21 -3.17 20.49 31.47
N GLY F 22 -3.13 19.37 32.16
CA GLY F 22 -1.97 18.48 32.08
C GLY F 22 -0.71 19.23 32.52
N ALA F 23 0.36 19.14 31.74
CA ALA F 23 1.62 19.80 32.04
C ALA F 23 1.62 21.30 31.74
N VAL F 24 0.57 21.78 31.07
CA VAL F 24 0.50 23.20 30.74
C VAL F 24 -0.23 23.98 31.84
N VAL F 25 0.41 25.03 32.34
CA VAL F 25 -0.16 25.85 33.40
C VAL F 25 0.00 27.33 33.04
N ASP F 26 -1.09 28.09 33.20
CA ASP F 26 -1.04 29.53 32.93
C ASP F 26 -0.98 30.30 34.24
N VAL F 27 -0.14 31.33 34.28
CA VAL F 27 0.05 32.10 35.51
C VAL F 27 -0.01 33.60 35.26
N GLN F 28 -0.80 34.30 36.06
CA GLN F 28 -0.92 35.76 35.93
C GLN F 28 -0.03 36.49 36.92
N PHE F 29 0.66 37.51 36.44
CA PHE F 29 1.52 38.33 37.28
C PHE F 29 1.07 39.80 37.26
N ASP F 30 0.59 40.29 38.40
CA ASP F 30 0.15 41.68 38.48
C ASP F 30 1.32 42.65 38.34
N GLU F 31 2.49 42.23 38.83
CA GLU F 31 3.70 43.03 38.73
C GLU F 31 4.87 42.18 38.23
N GLY F 32 5.62 42.73 37.29
CA GLY F 32 6.80 42.09 36.75
C GLY F 32 6.59 40.72 36.15
N LEU F 33 6.50 40.68 34.82
CA LEU F 33 6.33 39.42 34.10
C LEU F 33 7.70 38.76 33.88
N PRO F 34 7.78 37.48 34.13
CA PRO F 34 8.98 36.68 33.98
C PRO F 34 9.18 36.29 32.52
N PRO F 35 10.39 36.50 32.02
CA PRO F 35 10.76 36.24 30.66
C PRO F 35 10.61 34.77 30.28
N ILE F 36 10.57 34.54 28.96
CA ILE F 36 10.50 33.19 28.43
C ILE F 36 11.71 32.41 28.96
N LEU F 37 11.53 31.15 29.27
CA LEU F 37 12.52 30.22 29.74
C LEU F 37 12.79 30.30 31.23
N ASN F 38 12.27 31.29 31.93
CA ASN F 38 12.50 31.39 33.38
C ASN F 38 11.84 30.25 34.15
N ALA F 39 12.45 29.88 35.27
CA ALA F 39 11.89 28.82 36.11
C ALA F 39 11.05 29.44 37.23
N LEU F 40 9.83 28.95 37.39
CA LEU F 40 8.96 29.41 38.46
C LEU F 40 8.77 28.29 39.48
N GLU F 41 8.61 28.65 40.74
CA GLU F 41 8.42 27.70 41.82
C GLU F 41 6.98 27.74 42.34
N VAL F 42 6.23 26.67 42.22
CA VAL F 42 4.85 26.66 42.73
C VAL F 42 4.82 26.52 44.25
N GLN F 43 4.02 27.36 44.92
CA GLN F 43 3.92 27.30 46.37
C GLN F 43 2.90 26.28 46.83
N GLY F 44 3.05 25.82 48.06
CA GLY F 44 2.13 24.89 48.68
C GLY F 44 2.31 23.45 48.23
N ARG F 45 3.48 23.10 47.73
CA ARG F 45 3.74 21.74 47.26
C ARG F 45 4.70 21.00 48.18
N GLU F 46 4.44 19.70 48.36
CA GLU F 46 5.31 18.90 49.24
C GLU F 46 6.67 18.71 48.62
N THR F 47 6.74 18.59 47.30
CA THR F 47 8.02 18.47 46.61
C THR F 47 8.13 19.52 45.52
N ARG F 48 9.36 19.95 45.25
CA ARG F 48 9.61 21.02 44.29
C ARG F 48 8.92 20.83 42.96
N LEU F 49 8.02 21.76 42.62
CA LEU F 49 7.32 21.72 41.34
C LEU F 49 7.70 22.94 40.51
N VAL F 50 8.47 22.72 39.45
CA VAL F 50 8.93 23.82 38.60
C VAL F 50 8.06 24.00 37.37
N LEU F 51 7.82 25.25 37.01
CA LEU F 51 7.10 25.62 35.80
C LEU F 51 8.07 26.45 34.93
N GLU F 52 8.21 26.07 33.66
CA GLU F 52 9.09 26.81 32.76
C GLU F 52 8.27 27.68 31.81
N VAL F 53 8.51 28.99 31.84
CA VAL F 53 7.77 29.91 31.01
C VAL F 53 7.98 29.60 29.52
N ALA F 54 6.88 29.38 28.79
CA ALA F 54 6.99 29.10 27.36
C ALA F 54 6.64 30.34 26.53
N GLN F 55 5.66 31.11 26.99
CA GLN F 55 5.26 32.29 26.21
C GLN F 55 4.46 33.31 26.99
N HIS F 56 4.45 34.53 26.46
CA HIS F 56 3.67 35.63 27.06
C HIS F 56 2.36 35.74 26.28
N LEU F 57 1.29 35.26 26.88
CA LEU F 57 -0.02 35.20 26.25
C LEU F 57 -0.68 36.55 26.05
N GLY F 58 -0.28 37.52 26.87
CA GLY F 58 -0.91 38.82 26.87
C GLY F 58 -1.68 38.97 28.21
N GLU F 59 -2.19 40.17 28.45
CA GLU F 59 -2.92 40.43 29.68
C GLU F 59 -2.18 39.93 30.91
N SER F 60 -0.90 40.27 31.01
CA SER F 60 -0.05 39.94 32.13
C SER F 60 -0.03 38.45 32.47
N THR F 61 -0.35 37.60 31.51
CA THR F 61 -0.39 36.16 31.76
C THR F 61 0.68 35.42 30.99
N VAL F 62 1.24 34.36 31.58
CA VAL F 62 2.23 33.55 30.88
C VAL F 62 1.80 32.09 30.84
N ARG F 63 2.17 31.41 29.75
CA ARG F 63 1.93 29.99 29.59
C ARG F 63 3.25 29.25 29.88
N THR F 64 3.16 28.23 30.72
CA THR F 64 4.33 27.49 31.18
C THR F 64 4.18 25.98 31.07
N ILE F 65 5.30 25.28 31.21
CA ILE F 65 5.33 23.83 31.16
C ILE F 65 5.86 23.29 32.48
N ALA F 66 5.07 22.45 33.14
CA ALA F 66 5.46 21.87 34.42
C ALA F 66 6.50 20.76 34.25
N MET F 67 7.42 20.68 35.21
CA MET F 67 8.47 19.69 35.23
C MET F 67 8.09 18.49 36.09
N ASP F 68 6.85 18.42 36.55
CA ASP F 68 6.38 17.30 37.37
C ASP F 68 4.85 17.32 37.41
N GLY F 69 4.24 16.35 38.06
CA GLY F 69 2.81 16.19 38.16
C GLY F 69 2.08 17.47 38.53
N THR F 70 0.94 17.73 37.90
CA THR F 70 0.15 18.91 38.22
C THR F 70 -1.09 18.56 39.05
N GLU F 71 -1.23 17.31 39.44
CA GLU F 71 -2.38 16.94 40.28
C GLU F 71 -2.29 17.74 41.58
N GLY F 72 -3.43 18.20 42.10
CA GLY F 72 -3.46 18.95 43.33
C GLY F 72 -3.34 20.46 43.15
N LEU F 73 -3.04 20.96 41.95
CA LEU F 73 -2.94 22.41 41.77
C LEU F 73 -4.36 23.00 41.77
N VAL F 74 -4.47 24.20 42.34
CA VAL F 74 -5.76 24.88 42.44
C VAL F 74 -5.66 26.27 41.80
N ARG F 75 -6.75 26.71 41.18
CA ARG F 75 -6.78 28.05 40.60
C ARG F 75 -6.59 29.04 41.75
N GLY F 76 -5.60 29.92 41.65
CA GLY F 76 -5.29 30.88 42.70
C GLY F 76 -3.97 30.57 43.39
N GLN F 77 -3.49 29.34 43.29
CA GLN F 77 -2.24 28.94 43.93
C GLN F 77 -1.10 29.88 43.56
N LYS F 78 -0.25 30.17 44.54
CA LYS F 78 0.84 31.11 44.34
C LYS F 78 2.03 30.48 43.62
N VAL F 79 2.62 31.28 42.74
CA VAL F 79 3.79 30.93 41.96
C VAL F 79 4.87 32.01 42.05
N LEU F 80 6.11 31.57 42.26
CA LEU F 80 7.23 32.47 42.44
C LEU F 80 8.19 32.48 41.26
N ASP F 81 8.67 33.67 40.89
CA ASP F 81 9.65 33.76 39.80
C ASP F 81 11.04 33.55 40.41
N SER F 82 11.77 32.56 39.95
CA SER F 82 13.10 32.29 40.51
C SER F 82 14.14 33.26 39.97
N GLY F 83 13.80 34.01 38.92
CA GLY F 83 14.68 34.99 38.34
C GLY F 83 15.64 34.49 37.28
N ALA F 84 15.48 33.24 36.86
CA ALA F 84 16.37 32.64 35.87
C ALA F 84 15.81 31.29 35.43
N PRO F 85 16.38 30.73 34.40
CA PRO F 85 16.01 29.43 33.89
C PRO F 85 16.40 28.34 34.88
N ILE F 86 15.91 27.13 34.65
CA ILE F 86 16.28 26.02 35.53
C ILE F 86 17.81 25.94 35.60
N ARG F 87 18.34 25.91 36.82
CA ARG F 87 19.78 25.81 37.02
C ARG F 87 20.11 24.53 37.78
N ILE F 88 21.14 23.81 37.32
CA ILE F 88 21.51 22.57 38.00
C ILE F 88 22.99 22.54 38.36
N PRO F 89 23.36 21.62 39.22
CA PRO F 89 24.72 21.38 39.65
C PRO F 89 25.59 20.84 38.52
N VAL F 90 26.83 21.33 38.47
CA VAL F 90 27.81 20.89 37.49
C VAL F 90 29.20 20.87 38.12
N GLY F 91 30.05 19.97 37.63
CA GLY F 91 31.39 19.84 38.16
C GLY F 91 31.67 18.41 38.62
N PRO F 92 32.81 18.21 39.23
CA PRO F 92 33.27 16.94 39.73
C PRO F 92 32.30 16.30 40.70
N GLU F 93 31.43 17.08 41.31
CA GLU F 93 30.47 16.61 42.28
C GLU F 93 29.32 15.82 41.66
N THR F 94 29.10 15.95 40.37
CA THR F 94 28.04 15.19 39.70
C THR F 94 28.46 13.76 39.45
N LEU F 95 29.75 13.48 39.44
CA LEU F 95 30.25 12.14 39.17
C LEU F 95 29.86 11.12 40.23
N GLY F 96 29.29 10.01 39.77
CA GLY F 96 28.88 8.92 40.64
C GLY F 96 27.49 9.15 41.25
N ARG F 97 26.95 10.33 40.97
CA ARG F 97 25.66 10.73 41.47
C ARG F 97 24.58 10.56 40.39
N ILE F 98 23.31 10.48 40.79
CA ILE F 98 22.21 10.42 39.86
C ILE F 98 21.30 11.64 40.09
N MET F 99 21.00 12.43 39.07
CA MET F 99 20.13 13.58 39.23
C MET F 99 18.92 13.52 38.28
N ASN F 100 17.92 14.35 38.56
CA ASN F 100 16.73 14.41 37.70
C ASN F 100 16.76 15.68 36.85
N VAL F 101 15.72 15.94 36.08
CA VAL F 101 15.61 17.10 35.23
C VAL F 101 16.07 18.41 35.90
N ILE F 102 15.62 18.63 37.13
CA ILE F 102 15.91 19.89 37.81
C ILE F 102 17.10 19.85 38.75
N GLY F 103 18.07 18.97 38.55
CA GLY F 103 19.28 18.93 39.34
C GLY F 103 19.21 18.30 40.71
N GLU F 104 18.09 17.72 41.10
CA GLU F 104 17.97 17.10 42.41
C GLU F 104 18.48 15.67 42.42
N PRO F 105 19.16 15.31 43.48
CA PRO F 105 19.71 13.98 43.70
C PRO F 105 18.57 12.97 43.77
N ILE F 106 18.70 11.82 43.14
CA ILE F 106 17.63 10.82 43.20
C ILE F 106 18.20 9.44 43.50
N ASP F 107 19.35 9.45 44.14
CA ASP F 107 20.09 8.27 44.54
C ASP F 107 20.10 8.13 46.07
N GLU F 108 19.40 9.01 46.75
CA GLU F 108 19.31 9.01 48.20
C GLU F 108 20.66 9.10 48.88
N ARG F 109 21.59 9.87 48.30
CA ARG F 109 22.91 10.00 48.91
C ARG F 109 23.18 11.39 49.43
N GLY F 110 22.15 12.21 49.57
CA GLY F 110 22.34 13.55 50.11
C GLY F 110 22.57 14.59 49.02
N PRO F 111 22.77 15.83 49.43
CA PRO F 111 22.94 16.96 48.56
C PRO F 111 24.19 16.91 47.69
N ILE F 112 24.04 17.43 46.47
CA ILE F 112 25.22 17.54 45.59
C ILE F 112 25.85 18.91 45.87
N LYS F 113 26.95 18.91 46.61
CA LYS F 113 27.61 20.12 47.04
C LYS F 113 28.59 20.69 46.04
N THR F 114 28.09 21.27 44.95
CA THR F 114 28.98 21.83 43.93
C THR F 114 29.22 23.32 44.22
N LYS F 115 30.25 23.87 43.58
CA LYS F 115 30.53 25.29 43.71
C LYS F 115 29.91 26.02 42.50
N GLN F 116 29.46 25.23 41.54
CA GLN F 116 28.91 25.80 40.32
C GLN F 116 27.55 25.25 39.92
N PHE F 117 26.71 26.14 39.42
CA PHE F 117 25.42 25.79 38.87
C PHE F 117 25.37 26.30 37.43
N ALA F 118 24.50 25.73 36.62
CA ALA F 118 24.37 26.20 35.24
C ALA F 118 22.93 26.01 34.79
N ALA F 119 22.51 26.92 33.94
CA ALA F 119 21.18 26.90 33.33
C ALA F 119 21.15 25.81 32.28
N ILE F 120 20.08 25.03 32.20
CA ILE F 120 19.99 23.96 31.20
C ILE F 120 19.69 24.50 29.81
N HIS F 121 19.44 25.81 29.73
CA HIS F 121 19.24 26.46 28.44
C HIS F 121 20.49 27.32 28.15
N ALA F 122 20.86 27.42 26.90
CA ALA F 122 22.01 28.22 26.50
C ALA F 122 22.13 28.21 24.97
N GLU F 123 22.76 29.24 24.42
CA GLU F 123 22.97 29.32 22.98
C GLU F 123 24.02 28.28 22.56
N ALA F 124 23.84 27.70 21.39
CA ALA F 124 24.80 26.74 20.86
C ALA F 124 26.09 27.44 20.47
N PRO F 125 27.19 26.74 20.55
CA PRO F 125 28.50 27.26 20.16
C PRO F 125 28.42 27.95 18.80
N GLU F 126 29.22 28.99 18.61
CA GLU F 126 29.20 29.76 17.38
C GLU F 126 30.01 29.11 16.26
N PHE F 127 29.77 29.56 15.03
CA PHE F 127 30.47 29.06 13.87
C PHE F 127 31.98 29.12 14.05
N VAL F 128 32.49 30.24 14.57
CA VAL F 128 33.92 30.39 14.79
C VAL F 128 34.46 29.41 15.82
N GLU F 129 33.59 28.75 16.58
CA GLU F 129 34.05 27.80 17.58
C GLU F 129 34.05 26.36 17.08
N MET F 130 33.57 26.12 15.86
CA MET F 130 33.53 24.77 15.33
C MET F 130 34.95 24.24 15.08
N SER F 131 35.10 22.94 15.18
CA SER F 131 36.35 22.24 14.95
C SER F 131 36.31 21.46 13.64
N VAL F 132 37.42 21.32 12.92
CA VAL F 132 37.40 20.59 11.67
C VAL F 132 38.36 19.41 11.64
N GLU F 133 38.90 19.02 12.79
CA GLU F 133 39.80 17.87 12.84
C GLU F 133 39.03 16.56 12.78
N GLN F 134 39.40 15.69 11.85
CA GLN F 134 38.74 14.41 11.66
C GLN F 134 39.66 13.23 12.00
N GLU F 135 39.35 12.50 13.05
CA GLU F 135 40.18 11.36 13.49
C GLU F 135 39.30 10.18 13.85
N ILE F 136 39.63 8.99 13.35
CA ILE F 136 38.80 7.83 13.60
C ILE F 136 38.79 7.39 15.06
N LEU F 137 37.73 6.72 15.46
CA LEU F 137 37.52 6.13 16.76
C LEU F 137 37.13 4.65 16.55
N VAL F 138 38.09 3.77 16.69
CA VAL F 138 37.91 2.34 16.46
C VAL F 138 37.13 1.69 17.59
N THR F 139 36.00 1.09 17.27
CA THR F 139 35.12 0.49 18.25
C THR F 139 35.40 -0.99 18.48
N GLY F 140 35.96 -1.68 17.50
CA GLY F 140 36.20 -3.11 17.66
C GLY F 140 35.00 -3.90 17.14
N ILE F 141 34.01 -3.16 16.64
CA ILE F 141 32.84 -3.77 16.01
C ILE F 141 33.06 -3.70 14.50
N LYS F 142 33.12 -4.86 13.85
CA LYS F 142 33.41 -4.99 12.44
C LYS F 142 32.58 -4.13 11.51
N VAL F 143 31.25 -4.21 11.53
CA VAL F 143 30.42 -3.47 10.60
C VAL F 143 30.73 -1.96 10.65
N VAL F 144 30.73 -1.45 11.87
CA VAL F 144 30.95 -0.05 12.12
C VAL F 144 32.34 0.40 11.69
N ASP F 145 33.38 -0.26 12.17
CA ASP F 145 34.74 0.15 11.80
C ASP F 145 34.97 0.12 10.31
N LEU F 146 34.49 -0.94 9.63
CA LEU F 146 34.69 -1.06 8.20
C LEU F 146 33.89 -0.08 7.35
N LEU F 147 32.56 -0.16 7.43
CA LEU F 147 31.65 0.56 6.60
C LEU F 147 31.30 1.98 6.93
N ALA F 148 31.16 2.33 8.20
CA ALA F 148 30.76 3.69 8.61
C ALA F 148 31.41 4.03 9.94
N PRO F 149 32.71 4.22 9.94
CA PRO F 149 33.50 4.46 11.13
C PRO F 149 33.08 5.66 11.94
N TYR F 150 33.20 5.53 13.26
CA TYR F 150 32.89 6.59 14.21
C TYR F 150 34.11 7.53 14.30
N ALA F 151 33.93 8.76 14.74
CA ALA F 151 35.04 9.69 14.82
C ALA F 151 35.20 10.25 16.24
N LYS F 152 36.44 10.40 16.66
CA LYS F 152 36.69 11.00 17.98
C LYS F 152 36.03 12.37 18.06
N GLY F 153 35.20 12.60 19.08
CA GLY F 153 34.52 13.87 19.23
C GLY F 153 33.44 14.12 18.19
N GLY F 154 33.00 13.07 17.50
CA GLY F 154 31.95 13.24 16.49
C GLY F 154 30.58 12.87 17.08
N LYS F 155 29.54 13.08 16.29
CA LYS F 155 28.18 12.73 16.71
C LYS F 155 27.77 11.41 16.09
N ILE F 156 27.42 10.46 16.93
CA ILE F 156 27.01 9.13 16.50
C ILE F 156 25.54 8.89 16.81
N GLY F 157 24.78 8.39 15.84
CA GLY F 157 23.38 8.09 16.04
C GLY F 157 23.05 6.62 15.80
N LEU F 158 22.29 6.00 16.69
CA LEU F 158 21.89 4.60 16.55
C LEU F 158 20.38 4.49 16.32
N PHE F 159 19.95 4.35 15.08
CA PHE F 159 18.53 4.23 14.76
C PHE F 159 18.01 2.82 14.93
N GLY F 160 16.79 2.67 15.45
CA GLY F 160 16.23 1.31 15.54
C GLY F 160 14.78 1.29 15.94
N GLY F 161 14.05 0.35 15.36
CA GLY F 161 12.65 0.12 15.70
C GLY F 161 12.56 -0.65 17.02
N ALA F 162 11.37 -1.00 17.46
CA ALA F 162 11.20 -1.61 18.77
C ALA F 162 11.93 -2.93 18.97
N GLY F 163 12.72 -2.98 20.05
CA GLY F 163 13.46 -4.18 20.43
C GLY F 163 14.37 -4.71 19.34
N VAL F 164 15.01 -3.83 18.57
CA VAL F 164 15.93 -4.29 17.52
C VAL F 164 17.37 -4.30 17.99
N GLY F 165 17.66 -3.66 19.13
CA GLY F 165 18.98 -3.65 19.72
C GLY F 165 19.65 -2.34 20.03
N LYS F 166 18.94 -1.22 20.09
CA LYS F 166 19.59 0.05 20.39
C LYS F 166 20.31 0.06 21.72
N THR F 167 19.63 -0.38 22.78
CA THR F 167 20.24 -0.34 24.11
C THR F 167 21.43 -1.26 24.22
N VAL F 168 21.32 -2.49 23.74
CA VAL F 168 22.43 -3.43 23.78
C VAL F 168 23.65 -2.80 23.12
N LEU F 169 23.43 -2.13 21.99
CA LEU F 169 24.53 -1.51 21.25
C LEU F 169 25.20 -0.38 22.02
N ILE F 170 24.39 0.51 22.60
CA ILE F 170 24.97 1.63 23.33
C ILE F 170 25.73 1.13 24.55
N MET F 171 25.23 0.04 25.14
CA MET F 171 25.90 -0.55 26.30
C MET F 171 27.23 -1.18 25.90
N GLU F 172 27.24 -1.88 24.76
CA GLU F 172 28.50 -2.44 24.29
C GLU F 172 29.50 -1.32 24.04
N LEU F 173 29.01 -0.19 23.49
CA LEU F 173 29.88 0.94 23.22
C LEU F 173 30.41 1.55 24.50
N ILE F 174 29.60 1.57 25.56
CA ILE F 174 30.06 2.09 26.85
C ILE F 174 31.16 1.15 27.35
N ASN F 175 30.91 -0.13 27.19
CA ASN F 175 31.84 -1.17 27.59
C ASN F 175 33.14 -1.13 26.79
N ASN F 176 33.08 -0.74 25.52
CA ASN F 176 34.27 -0.74 24.69
C ASN F 176 34.97 0.61 24.60
N VAL F 177 34.31 1.70 24.94
CA VAL F 177 34.95 3.01 24.81
C VAL F 177 35.03 3.75 26.13
N ALA F 178 33.91 3.88 26.84
CA ALA F 178 33.86 4.60 28.10
C ALA F 178 34.82 4.06 29.14
N LYS F 179 34.90 2.74 29.27
CA LYS F 179 35.80 2.13 30.26
C LYS F 179 37.26 2.49 30.02
N ALA F 180 37.69 2.37 28.77
CA ALA F 180 39.07 2.67 28.40
C ALA F 180 39.23 4.15 28.06
N HIS F 181 38.46 4.99 28.77
CA HIS F 181 38.53 6.43 28.53
C HIS F 181 39.11 7.14 29.75
N GLY F 182 40.06 8.04 29.48
CA GLY F 182 40.70 8.78 30.55
C GLY F 182 39.75 9.76 31.22
N GLY F 183 38.94 10.46 30.42
CA GLY F 183 38.04 11.48 30.89
C GLY F 183 36.78 11.02 31.57
N TYR F 184 35.79 11.90 31.59
CA TYR F 184 34.51 11.62 32.22
C TYR F 184 33.44 11.30 31.18
N SER F 185 32.36 10.69 31.68
CA SER F 185 31.23 10.36 30.85
C SER F 185 29.94 10.83 31.55
N VAL F 186 28.96 11.09 30.69
CA VAL F 186 27.63 11.46 31.11
C VAL F 186 26.64 10.51 30.41
N PHE F 187 25.80 9.85 31.19
CA PHE F 187 24.76 8.99 30.62
C PHE F 187 23.41 9.66 30.94
N ALA F 188 22.58 9.84 29.92
CA ALA F 188 21.28 10.46 30.09
C ALA F 188 20.15 9.51 29.73
N GLY F 189 19.38 9.06 30.72
CA GLY F 189 18.20 8.25 30.40
C GLY F 189 17.04 9.21 30.12
N VAL F 190 16.49 9.18 28.93
CA VAL F 190 15.38 10.02 28.51
C VAL F 190 14.19 9.20 28.06
N GLY F 191 13.11 9.20 28.82
CA GLY F 191 11.91 8.46 28.46
C GLY F 191 12.11 6.97 28.25
N GLU F 192 13.04 6.33 28.95
CA GLU F 192 13.22 4.88 28.78
C GLU F 192 12.90 4.12 30.04
N ARG F 193 13.38 2.90 30.23
CA ARG F 193 13.00 2.10 31.38
C ARG F 193 13.78 2.41 32.66
N THR F 194 13.03 2.65 33.73
CA THR F 194 13.60 2.89 35.05
C THR F 194 14.48 1.73 35.51
N ARG F 195 13.99 0.50 35.37
CA ARG F 195 14.80 -0.63 35.84
C ARG F 195 16.08 -0.79 35.03
N GLU F 196 16.09 -0.25 33.80
CA GLU F 196 17.32 -0.24 33.00
C GLU F 196 18.30 0.73 33.66
N GLY F 197 17.74 1.74 34.33
CA GLY F 197 18.53 2.71 35.07
C GLY F 197 19.09 2.03 36.33
N ASN F 198 18.29 1.16 36.93
CA ASN F 198 18.73 0.44 38.13
C ASN F 198 19.81 -0.58 37.78
N ASP F 199 19.66 -1.23 36.63
CA ASP F 199 20.67 -2.20 36.19
C ASP F 199 21.99 -1.47 35.88
N LEU F 200 21.86 -0.34 35.18
CA LEU F 200 23.04 0.40 34.78
C LEU F 200 23.82 0.90 35.99
N TYR F 201 23.05 1.46 36.93
CA TYR F 201 23.63 1.96 38.16
C TYR F 201 24.37 0.86 38.90
N HIS F 202 23.74 -0.30 39.06
CA HIS F 202 24.43 -1.38 39.78
C HIS F 202 25.57 -1.99 39.00
N GLU F 203 25.47 -1.98 37.68
CA GLU F 203 26.53 -2.52 36.84
C GLU F 203 27.78 -1.64 36.94
N MET F 204 27.60 -0.33 36.93
CA MET F 204 28.74 0.59 37.02
C MET F 204 29.40 0.56 38.39
N ILE F 205 28.64 0.27 39.45
CA ILE F 205 29.25 0.17 40.78
C ILE F 205 30.13 -1.08 40.83
N GLU F 206 29.57 -2.17 40.30
CA GLU F 206 30.27 -3.43 40.24
C GLU F 206 31.61 -3.27 39.52
N SER F 207 31.61 -2.58 38.38
CA SER F 207 32.83 -2.43 37.60
C SER F 207 33.74 -1.33 38.12
N GLY F 208 33.31 -0.57 39.11
CA GLY F 208 34.12 0.49 39.66
C GLY F 208 34.10 1.80 38.91
N VAL F 209 33.39 1.94 37.79
CA VAL F 209 33.37 3.26 37.13
C VAL F 209 32.60 4.25 38.00
N ILE F 210 31.76 3.70 38.87
CA ILE F 210 31.07 4.48 39.89
C ILE F 210 31.52 3.97 41.26
N ASN F 211 31.90 4.87 42.13
CA ASN F 211 32.37 4.51 43.47
C ASN F 211 31.67 5.35 44.52
N LEU F 212 31.01 4.67 45.46
CA LEU F 212 30.27 5.36 46.51
C LEU F 212 31.10 5.59 47.76
N LYS F 213 32.40 5.27 47.72
CA LYS F 213 33.23 5.39 48.91
C LYS F 213 34.39 6.36 48.71
N ASP F 214 34.81 6.54 47.46
CA ASP F 214 35.90 7.48 47.18
C ASP F 214 35.45 8.49 46.14
N ALA F 215 36.39 9.23 45.58
CA ALA F 215 36.06 10.22 44.55
C ALA F 215 36.57 9.78 43.18
N THR F 216 36.64 8.47 42.96
CA THR F 216 37.14 7.95 41.69
C THR F 216 36.06 7.77 40.63
N SER F 217 34.79 8.02 40.94
CA SER F 217 33.74 7.86 39.93
C SER F 217 34.13 8.55 38.62
N LYS F 218 33.75 7.96 37.50
CA LYS F 218 34.08 8.53 36.20
C LYS F 218 32.82 8.88 35.40
N VAL F 219 31.64 8.49 35.90
CA VAL F 219 30.42 8.75 35.18
C VAL F 219 29.40 9.54 36.00
N ALA F 220 28.71 10.47 35.34
CA ALA F 220 27.65 11.25 35.98
C ALA F 220 26.31 10.81 35.39
N LEU F 221 25.31 10.55 36.23
CA LEU F 221 24.03 10.08 35.71
C LEU F 221 22.92 11.12 35.80
N VAL F 222 22.09 11.16 34.75
CA VAL F 222 20.91 12.02 34.69
C VAL F 222 19.73 11.20 34.16
N TYR F 223 18.62 11.11 34.89
CA TYR F 223 17.50 10.31 34.48
C TYR F 223 16.14 11.00 34.57
N GLY F 224 15.35 10.84 33.52
CA GLY F 224 13.97 11.31 33.42
C GLY F 224 13.27 10.27 32.51
N GLN F 225 12.85 9.17 33.12
CA GLN F 225 12.34 8.04 32.37
C GLN F 225 10.87 8.05 31.99
N MET F 226 10.40 6.94 31.39
CA MET F 226 9.04 6.85 30.89
C MET F 226 7.97 6.91 31.96
N ASN F 227 8.33 7.11 33.22
CA ASN F 227 7.35 7.26 34.30
C ASN F 227 7.07 8.76 34.53
N GLU F 228 7.89 9.61 33.94
CA GLU F 228 7.76 11.04 34.04
C GLU F 228 6.78 11.68 33.07
N PRO F 229 6.18 12.78 33.50
CA PRO F 229 5.29 13.61 32.71
C PRO F 229 6.07 14.30 31.60
N PRO F 230 5.40 14.71 30.54
CA PRO F 230 5.95 15.27 29.34
C PRO F 230 7.00 16.35 29.50
N GLY F 231 6.73 17.35 30.33
CA GLY F 231 7.66 18.46 30.49
C GLY F 231 9.03 17.98 30.94
N ALA F 232 9.03 17.01 31.87
CA ALA F 232 10.30 16.51 32.39
C ALA F 232 11.09 15.79 31.30
N ARG F 233 10.41 14.87 30.61
CA ARG F 233 11.03 14.12 29.52
C ARG F 233 11.46 15.06 28.40
N ALA F 234 10.78 16.19 28.27
CA ALA F 234 11.13 17.10 27.17
C ALA F 234 12.38 17.91 27.52
N ARG F 235 12.79 17.86 28.79
CA ARG F 235 13.94 18.64 29.22
C ARG F 235 15.10 17.86 29.79
N VAL F 236 14.98 16.59 30.15
CA VAL F 236 16.06 15.84 30.74
C VAL F 236 17.32 15.82 29.87
N ALA F 237 17.13 15.84 28.55
CA ALA F 237 18.30 15.79 27.66
C ALA F 237 19.09 17.08 27.79
N LEU F 238 18.37 18.19 27.95
CA LEU F 238 19.05 19.48 28.13
C LEU F 238 19.88 19.41 29.41
N THR F 239 19.29 18.82 30.44
CA THR F 239 19.96 18.67 31.73
C THR F 239 21.24 17.85 31.60
N GLY F 240 21.12 16.70 30.92
CA GLY F 240 22.25 15.80 30.72
C GLY F 240 23.38 16.49 29.95
N LEU F 241 23.01 17.07 28.81
CA LEU F 241 24.00 17.74 27.98
C LEU F 241 24.60 18.95 28.67
N THR F 242 23.90 19.53 29.62
CA THR F 242 24.44 20.69 30.36
C THR F 242 25.58 20.25 31.27
N VAL F 243 25.45 19.05 31.84
CA VAL F 243 26.52 18.50 32.68
C VAL F 243 27.76 18.23 31.82
N ALA F 244 27.52 17.76 30.59
CA ALA F 244 28.60 17.42 29.68
C ALA F 244 29.29 18.67 29.14
N GLU F 245 28.55 19.77 29.01
CA GLU F 245 29.10 21.02 28.50
C GLU F 245 30.17 21.53 29.47
N TYR F 246 29.90 21.36 30.76
CA TYR F 246 30.85 21.77 31.78
C TYR F 246 32.16 21.02 31.61
N PHE F 247 32.08 19.70 31.56
CA PHE F 247 33.32 18.92 31.42
C PHE F 247 34.04 19.26 30.13
N ARG F 248 33.25 19.59 29.10
CA ARG F 248 33.86 19.93 27.82
C ARG F 248 34.73 21.17 27.92
N ASP F 249 34.21 22.25 28.50
CA ASP F 249 34.93 23.50 28.58
C ASP F 249 35.68 23.71 29.89
N GLN F 250 34.88 23.80 30.96
CA GLN F 250 35.37 24.09 32.29
C GLN F 250 36.36 23.07 32.82
N GLU F 251 37.04 22.39 31.91
CA GLU F 251 38.09 21.45 32.27
C GLU F 251 39.00 21.20 31.07
N GLY F 252 38.53 21.60 29.89
CA GLY F 252 39.29 21.44 28.66
C GLY F 252 39.79 20.00 28.52
N GLN F 253 38.88 19.07 28.28
CA GLN F 253 39.25 17.67 28.14
C GLN F 253 38.31 16.95 27.17
N ASP F 254 38.37 15.62 27.21
CA ASP F 254 37.52 14.80 26.35
C ASP F 254 36.37 14.21 27.15
N VAL F 255 35.17 14.38 26.61
CA VAL F 255 33.98 13.90 27.30
C VAL F 255 33.18 12.96 26.41
N LEU F 256 32.61 11.94 27.05
CA LEU F 256 31.71 11.02 26.34
C LEU F 256 30.28 11.30 26.81
N LEU F 257 29.35 11.41 25.88
CA LEU F 257 27.95 11.65 26.25
C LEU F 257 27.08 10.56 25.62
N PHE F 258 26.40 9.80 26.45
CA PHE F 258 25.54 8.71 25.98
C PHE F 258 24.10 9.06 26.32
N ILE F 259 23.20 8.88 25.35
CA ILE F 259 21.80 9.21 25.53
C ILE F 259 20.86 8.14 24.96
N ASP F 260 20.05 7.57 25.82
CA ASP F 260 19.04 6.58 25.41
C ASP F 260 17.72 7.05 26.03
N ASN F 261 16.81 7.59 25.27
CA ASN F 261 16.76 7.66 23.82
C ASN F 261 16.35 9.07 23.38
N ILE F 262 17.11 9.76 22.53
CA ILE F 262 16.77 11.14 22.19
C ILE F 262 15.44 11.30 21.50
N PHE F 263 14.91 10.25 20.86
CA PHE F 263 13.57 10.35 20.27
C PHE F 263 12.57 10.84 21.30
N ARG F 264 12.64 10.27 22.51
CA ARG F 264 11.70 10.62 23.57
C ARG F 264 11.59 12.12 23.82
N PHE F 265 12.60 12.89 23.39
CA PHE F 265 12.59 14.35 23.52
C PHE F 265 11.49 14.93 22.62
N THR F 266 11.50 14.48 21.37
CA THR F 266 10.54 14.93 20.37
C THR F 266 9.14 14.43 20.67
N GLN F 267 9.03 13.23 21.22
CA GLN F 267 7.72 12.68 21.55
C GLN F 267 7.09 13.47 22.69
N ALA F 268 7.88 13.74 23.72
CA ALA F 268 7.38 14.50 24.87
C ALA F 268 6.88 15.88 24.43
N GLY F 269 7.63 16.50 23.52
CA GLY F 269 7.31 17.82 23.01
C GLY F 269 6.00 17.78 22.22
N SER F 270 5.76 16.64 21.58
CA SER F 270 4.55 16.41 20.83
C SER F 270 3.33 16.38 21.75
N GLU F 271 3.53 15.93 22.99
CA GLU F 271 2.48 15.82 23.98
C GLU F 271 2.02 17.17 24.51
N VAL F 272 2.95 18.07 24.81
CA VAL F 272 2.61 19.39 25.29
C VAL F 272 2.15 20.29 24.14
N SER F 273 2.74 20.13 22.97
CA SER F 273 2.38 20.96 21.82
C SER F 273 0.87 20.88 21.61
N ALA F 274 0.36 19.66 21.80
CA ALA F 274 -1.08 19.42 21.67
C ALA F 274 -1.86 20.26 22.67
N LEU F 275 -1.16 20.83 23.66
CA LEU F 275 -1.82 21.64 24.67
C LEU F 275 -1.35 23.09 24.68
N LEU F 276 -0.38 23.45 23.84
CA LEU F 276 0.14 24.82 23.86
C LEU F 276 -0.61 25.70 22.86
N GLY F 277 -1.58 25.11 22.16
CA GLY F 277 -2.36 25.83 21.18
C GLY F 277 -1.87 25.76 19.76
N ARG F 278 -0.77 25.07 19.46
CA ARG F 278 -0.23 25.01 18.11
C ARG F 278 -1.10 24.21 17.14
N ILE F 279 -1.18 24.70 15.90
CA ILE F 279 -1.81 23.90 14.84
C ILE F 279 -0.80 22.80 14.49
N PRO F 280 -1.25 21.57 14.49
CA PRO F 280 -0.45 20.40 14.22
C PRO F 280 0.19 20.39 12.85
N SER F 281 1.33 19.72 12.77
CA SER F 281 2.06 19.52 11.51
C SER F 281 1.88 18.08 11.08
N ALA F 282 2.68 17.58 10.16
CA ALA F 282 2.50 16.22 9.64
C ALA F 282 2.55 15.14 10.72
N VAL F 283 1.67 14.15 10.58
CA VAL F 283 1.61 13.02 11.50
C VAL F 283 1.36 13.46 12.93
N GLY F 284 0.75 14.63 13.10
CA GLY F 284 0.39 15.13 14.42
C GLY F 284 1.53 15.74 15.20
N TYR F 285 2.73 15.83 14.64
CA TYR F 285 3.84 16.43 15.37
C TYR F 285 3.70 17.95 15.48
N GLN F 286 4.37 18.50 16.47
CA GLN F 286 4.50 19.93 16.69
C GLN F 286 5.14 20.56 15.46
N PRO F 287 4.72 21.74 15.08
CA PRO F 287 5.20 22.47 13.93
C PRO F 287 6.66 22.90 14.09
N THR F 288 7.10 22.98 15.32
CA THR F 288 8.44 23.39 15.69
C THR F 288 9.40 22.22 15.80
N LEU F 289 8.98 21.05 15.34
CA LEU F 289 9.80 19.85 15.48
C LEU F 289 11.28 20.07 15.15
N ALA F 290 11.56 20.56 13.94
CA ALA F 290 12.92 20.74 13.47
C ALA F 290 13.69 21.77 14.26
N THR F 291 13.07 22.89 14.63
CA THR F 291 13.80 23.91 15.38
C THR F 291 13.97 23.53 16.84
N ASP F 292 12.98 22.85 17.41
CA ASP F 292 13.13 22.36 18.78
C ASP F 292 14.36 21.45 18.83
N MET F 293 14.44 20.53 17.87
CA MET F 293 15.58 19.60 17.81
C MET F 293 16.88 20.34 17.55
N GLY F 294 16.85 21.31 16.65
CA GLY F 294 18.01 22.11 16.30
C GLY F 294 18.64 22.85 17.47
N THR F 295 17.88 23.63 18.24
CA THR F 295 18.50 24.36 19.34
C THR F 295 19.04 23.41 20.41
N MET F 296 18.61 22.16 20.42
CA MET F 296 19.11 21.20 21.39
C MET F 296 20.33 20.45 20.88
N GLN F 297 20.21 19.87 19.68
CA GLN F 297 21.31 19.12 19.09
C GLN F 297 22.57 19.96 18.92
N GLU F 298 22.43 21.22 18.49
CA GLU F 298 23.60 22.05 18.22
C GLU F 298 24.45 22.32 19.44
N ARG F 299 23.97 21.97 20.62
CA ARG F 299 24.75 22.12 21.84
C ARG F 299 25.53 20.84 22.09
N ILE F 300 25.02 19.73 21.55
CA ILE F 300 25.73 18.45 21.70
C ILE F 300 26.86 18.43 20.67
N THR F 301 27.99 19.05 21.03
CA THR F 301 29.06 19.12 20.03
C THR F 301 30.43 19.42 20.61
N THR F 302 31.40 19.03 19.82
CA THR F 302 32.82 19.32 20.04
C THR F 302 33.07 20.76 19.60
N THR F 303 33.87 21.49 20.36
CA THR F 303 34.26 22.85 19.99
C THR F 303 35.79 22.94 20.01
N LYS F 304 36.34 24.12 19.73
CA LYS F 304 37.80 24.25 19.75
C LYS F 304 38.31 24.21 21.20
N LYS F 305 37.39 24.37 22.14
CA LYS F 305 37.73 24.37 23.56
C LYS F 305 37.82 22.97 24.13
N GLY F 306 37.06 22.03 23.59
CA GLY F 306 37.08 20.65 24.12
C GLY F 306 36.21 19.75 23.25
N SER F 307 36.37 18.43 23.42
CA SER F 307 35.58 17.54 22.58
C SER F 307 34.60 16.71 23.38
N ILE F 308 33.48 16.46 22.71
CA ILE F 308 32.39 15.61 23.17
C ILE F 308 32.18 14.52 22.11
N THR F 309 32.33 13.28 22.51
CA THR F 309 32.02 12.15 21.63
C THR F 309 30.63 11.69 22.07
N SER F 310 29.62 11.93 21.24
CA SER F 310 28.25 11.61 21.63
C SER F 310 27.65 10.41 20.90
N VAL F 311 26.90 9.62 21.67
CA VAL F 311 26.22 8.44 21.14
C VAL F 311 24.74 8.51 21.55
N GLN F 312 23.89 8.75 20.56
CA GLN F 312 22.47 8.89 20.80
C GLN F 312 21.62 7.78 20.18
N ALA F 313 20.91 7.05 21.04
CA ALA F 313 19.98 6.03 20.57
C ALA F 313 18.71 6.74 20.05
N ILE F 314 18.26 6.36 18.86
CA ILE F 314 17.14 7.02 18.21
C ILE F 314 16.06 6.03 17.80
N TYR F 315 14.93 6.11 18.50
CA TYR F 315 13.79 5.23 18.23
C TYR F 315 13.12 5.58 16.91
N VAL F 316 12.59 4.57 16.23
CA VAL F 316 11.93 4.76 14.93
C VAL F 316 10.50 4.24 14.97
N PRO F 317 9.55 5.14 15.13
CA PRO F 317 8.14 4.85 15.19
C PRO F 317 7.67 3.90 14.09
N ALA F 318 7.00 2.82 14.47
CA ALA F 318 6.48 1.85 13.51
C ALA F 318 7.51 1.37 12.50
N ASP F 319 8.79 1.49 12.81
CA ASP F 319 9.83 1.04 11.89
C ASP F 319 9.85 1.90 10.62
N ASP F 320 9.31 3.11 10.69
CA ASP F 320 9.28 4.00 9.52
C ASP F 320 10.34 5.09 9.60
N LEU F 321 11.45 4.93 8.87
CA LEU F 321 12.52 5.91 8.89
C LEU F 321 12.14 7.24 8.26
N THR F 322 11.00 7.30 7.58
CA THR F 322 10.56 8.57 6.98
C THR F 322 9.71 9.32 8.00
N ASP F 323 9.50 8.69 9.16
CA ASP F 323 8.78 9.42 10.23
C ASP F 323 9.58 10.69 10.50
N PRO F 324 8.91 11.80 10.62
CA PRO F 324 9.51 13.11 10.82
C PRO F 324 10.56 13.13 11.90
N ALA F 325 10.36 12.42 13.02
CA ALA F 325 11.34 12.44 14.12
C ALA F 325 12.71 11.98 13.67
N PRO F 326 12.87 10.72 13.30
CA PRO F 326 14.09 10.16 12.78
C PRO F 326 14.60 10.88 11.53
N ALA F 327 13.71 11.14 10.59
CA ALA F 327 14.13 11.75 9.32
C ALA F 327 14.80 13.09 9.54
N THR F 328 14.37 13.81 10.57
CA THR F 328 14.96 15.11 10.86
C THR F 328 16.26 14.93 11.64
N THR F 329 16.45 13.78 12.28
CA THR F 329 17.67 13.54 13.06
C THR F 329 18.90 13.26 12.21
N PHE F 330 18.73 12.66 11.04
CA PHE F 330 19.89 12.33 10.22
C PHE F 330 20.82 13.54 10.05
N ALA F 331 20.27 14.71 9.83
CA ALA F 331 21.04 15.90 9.56
C ALA F 331 21.98 16.30 10.68
N HIS F 332 21.81 15.69 11.87
CA HIS F 332 22.63 16.08 13.02
C HIS F 332 23.77 15.14 13.32
N LEU F 333 23.95 14.10 12.51
CA LEU F 333 24.94 13.09 12.82
C LEU F 333 26.19 13.04 11.95
N ASP F 334 27.31 12.63 12.56
CA ASP F 334 28.56 12.45 11.82
C ASP F 334 28.70 11.01 11.36
N ALA F 335 28.11 10.09 12.11
CA ALA F 335 28.04 8.68 11.74
C ALA F 335 26.63 8.17 12.06
N THR F 336 26.09 7.32 11.20
CA THR F 336 24.74 6.81 11.46
C THR F 336 24.77 5.27 11.42
N THR F 337 24.31 4.64 12.48
CA THR F 337 24.23 3.18 12.54
C THR F 337 22.72 2.84 12.52
N VAL F 338 22.20 2.40 11.37
CA VAL F 338 20.79 2.08 11.26
C VAL F 338 20.51 0.60 11.54
N LEU F 339 19.80 0.30 12.62
CA LEU F 339 19.48 -1.11 12.90
C LEU F 339 18.31 -1.57 12.07
N SER F 340 18.33 -2.85 11.68
CA SER F 340 17.25 -3.37 10.83
C SER F 340 16.54 -4.55 11.46
N ARG F 341 15.20 -4.53 11.41
CA ARG F 341 14.42 -5.62 11.97
C ARG F 341 14.58 -6.90 11.15
N ALA F 342 14.67 -6.76 9.84
CA ALA F 342 14.81 -7.92 8.97
C ALA F 342 16.17 -8.58 9.17
N ILE F 343 17.20 -7.79 9.49
CA ILE F 343 18.52 -8.36 9.75
C ILE F 343 18.50 -9.12 11.06
N ALA F 344 18.00 -8.50 12.12
CA ALA F 344 17.95 -9.14 13.43
C ALA F 344 17.19 -10.46 13.37
N GLU F 345 16.11 -10.50 12.58
CA GLU F 345 15.33 -11.74 12.47
C GLU F 345 16.11 -12.84 11.78
N LEU F 346 17.17 -12.47 11.06
CA LEU F 346 18.01 -13.46 10.40
C LEU F 346 19.05 -14.00 11.39
N GLY F 347 19.04 -13.46 12.59
CA GLY F 347 19.95 -13.87 13.65
C GLY F 347 21.24 -13.06 13.64
N ILE F 348 21.36 -12.13 12.71
CA ILE F 348 22.58 -11.35 12.58
C ILE F 348 22.59 -10.13 13.48
N TYR F 349 23.48 -10.17 14.47
CA TYR F 349 23.66 -9.07 15.41
C TYR F 349 25.11 -8.61 15.39
N PRO F 350 25.36 -7.34 15.58
CA PRO F 350 24.35 -6.30 15.70
C PRO F 350 23.55 -6.18 14.41
N ALA F 351 22.26 -5.85 14.48
CA ALA F 351 21.41 -5.80 13.30
C ALA F 351 21.62 -4.59 12.43
N VAL F 352 22.86 -4.24 12.13
CA VAL F 352 23.20 -3.07 11.35
C VAL F 352 23.01 -3.24 9.84
N ASP F 353 22.23 -2.36 9.23
CA ASP F 353 22.05 -2.38 7.77
C ASP F 353 23.31 -1.78 7.14
N PRO F 354 24.09 -2.60 6.48
CA PRO F 354 25.38 -2.25 5.93
C PRO F 354 25.31 -1.27 4.77
N LEU F 355 24.12 -1.11 4.20
CA LEU F 355 23.92 -0.22 3.06
C LEU F 355 23.18 1.06 3.42
N ASP F 356 22.72 1.20 4.64
CA ASP F 356 21.96 2.39 5.06
C ASP F 356 22.63 3.08 6.23
N SER F 357 23.83 2.63 6.56
CA SER F 357 24.66 3.19 7.61
C SER F 357 25.82 3.97 6.96
N THR F 358 26.04 5.20 7.36
CA THR F 358 27.04 6.06 6.76
C THR F 358 27.93 6.79 7.75
N SER F 359 29.05 7.30 7.24
CA SER F 359 29.99 8.07 8.05
C SER F 359 30.64 9.16 7.21
N ARG F 360 30.71 10.37 7.77
CA ARG F 360 31.32 11.49 7.05
C ARG F 360 32.83 11.31 6.98
N ILE F 361 33.32 10.25 7.60
CA ILE F 361 34.75 9.94 7.70
C ILE F 361 35.18 8.90 6.68
N MET F 362 34.22 8.26 6.00
CA MET F 362 34.56 7.27 4.99
C MET F 362 35.08 8.00 3.75
N ASP F 363 36.36 8.33 3.82
CA ASP F 363 37.10 9.07 2.81
C ASP F 363 38.54 8.54 2.77
N PRO F 364 39.00 8.20 1.59
CA PRO F 364 40.32 7.67 1.32
C PRO F 364 41.42 8.49 1.99
N ASN F 365 41.27 9.81 1.98
CA ASN F 365 42.27 10.67 2.60
C ASN F 365 42.21 10.64 4.10
N ILE F 366 41.21 9.96 4.67
CA ILE F 366 41.11 9.90 6.13
C ILE F 366 41.41 8.51 6.65
N VAL F 367 40.79 7.49 6.05
CA VAL F 367 40.99 6.12 6.52
C VAL F 367 42.00 5.34 5.69
N GLY F 368 42.43 5.90 4.57
CA GLY F 368 43.41 5.21 3.72
C GLY F 368 42.70 4.52 2.55
N SER F 369 43.40 4.34 1.44
CA SER F 369 42.78 3.73 0.27
C SER F 369 42.46 2.26 0.43
N GLU F 370 43.24 1.51 1.20
CA GLU F 370 42.92 0.08 1.37
C GLU F 370 41.60 -0.06 2.11
N HIS F 371 41.50 0.59 3.26
CA HIS F 371 40.26 0.58 4.05
C HIS F 371 39.10 1.08 3.19
N TYR F 372 39.34 2.21 2.51
CA TYR F 372 38.31 2.78 1.65
C TYR F 372 37.84 1.80 0.60
N ASP F 373 38.76 1.17 -0.13
CA ASP F 373 38.40 0.25 -1.20
C ASP F 373 37.72 -1.02 -0.72
N VAL F 374 38.12 -1.54 0.45
CA VAL F 374 37.47 -2.75 0.97
C VAL F 374 36.03 -2.45 1.35
N ALA F 375 35.77 -1.27 1.90
CA ALA F 375 34.38 -0.92 2.24
C ALA F 375 33.53 -0.80 0.97
N ARG F 376 33.99 -0.03 0.00
CA ARG F 376 33.23 0.10 -1.25
C ARG F 376 32.97 -1.26 -1.87
N GLY F 377 33.93 -2.16 -1.75
CA GLY F 377 33.82 -3.50 -2.31
C GLY F 377 32.72 -4.33 -1.66
N VAL F 378 32.68 -4.33 -0.34
CA VAL F 378 31.66 -5.02 0.43
C VAL F 378 30.27 -4.48 0.07
N GLN F 379 30.14 -3.16 0.09
CA GLN F 379 28.85 -2.55 -0.22
C GLN F 379 28.46 -2.85 -1.66
N LYS F 380 29.44 -2.92 -2.55
CA LYS F 380 29.10 -3.25 -3.94
C LYS F 380 28.51 -4.65 -4.07
N ILE F 381 29.12 -5.64 -3.47
CA ILE F 381 28.59 -7.01 -3.59
C ILE F 381 27.27 -7.18 -2.85
N LEU F 382 27.08 -6.45 -1.76
CA LEU F 382 25.83 -6.50 -1.01
C LEU F 382 24.70 -5.91 -1.84
N GLN F 383 24.98 -4.80 -2.51
CA GLN F 383 23.97 -4.19 -3.37
C GLN F 383 23.66 -5.08 -4.55
N ASP F 384 24.68 -5.71 -5.15
CA ASP F 384 24.39 -6.60 -6.29
C ASP F 384 23.52 -7.76 -5.83
N TYR F 385 23.84 -8.30 -4.64
CA TYR F 385 23.03 -9.41 -4.13
C TYR F 385 21.59 -8.92 -3.92
N LYS F 386 21.47 -7.72 -3.37
CA LYS F 386 20.16 -7.12 -3.14
C LYS F 386 19.36 -7.05 -4.42
N SER F 387 19.98 -6.59 -5.50
CA SER F 387 19.29 -6.45 -6.77
C SER F 387 18.81 -7.79 -7.30
N LEU F 388 19.44 -8.87 -6.86
CA LEU F 388 19.05 -10.21 -7.29
C LEU F 388 17.90 -10.77 -6.46
N GLN F 389 17.95 -10.58 -5.15
CA GLN F 389 16.97 -11.08 -4.21
C GLN F 389 15.55 -11.08 -4.74
N ASP F 390 15.21 -10.16 -5.63
CA ASP F 390 13.85 -10.09 -6.17
C ASP F 390 13.52 -11.30 -7.04
N ILE F 391 14.50 -11.74 -7.82
CA ILE F 391 14.34 -12.86 -8.74
C ILE F 391 14.48 -14.19 -8.00
N ILE F 392 15.18 -14.16 -6.87
CA ILE F 392 15.40 -15.31 -6.02
C ILE F 392 14.16 -15.64 -5.18
N ALA F 393 13.37 -14.61 -4.89
CA ALA F 393 12.18 -14.76 -4.06
C ALA F 393 11.18 -15.75 -4.65
N ILE F 394 11.04 -15.76 -5.98
CA ILE F 394 10.11 -16.67 -6.62
C ILE F 394 10.79 -17.97 -7.02
N LEU F 395 11.72 -17.89 -7.97
CA LEU F 395 12.41 -19.05 -8.50
C LEU F 395 13.51 -19.57 -7.61
N GLY F 396 14.18 -18.70 -6.87
CA GLY F 396 15.26 -19.15 -5.99
C GLY F 396 16.63 -19.01 -6.64
N MET F 397 17.64 -19.50 -5.95
CA MET F 397 19.03 -19.42 -6.37
C MET F 397 19.40 -20.37 -7.50
N ASP F 398 18.76 -21.53 -7.55
CA ASP F 398 19.04 -22.53 -8.55
C ASP F 398 18.85 -22.05 -9.99
N GLU F 399 18.18 -20.93 -10.17
CA GLU F 399 17.89 -20.41 -11.51
C GLU F 399 18.85 -19.31 -11.93
N LEU F 400 19.83 -18.99 -11.09
CA LEU F 400 20.77 -17.92 -11.39
C LEU F 400 21.91 -18.37 -12.30
N SER F 401 22.51 -17.40 -12.99
CA SER F 401 23.66 -17.70 -13.85
C SER F 401 24.81 -18.17 -12.94
N GLU F 402 25.65 -19.07 -13.45
CA GLU F 402 26.74 -19.59 -12.64
C GLU F 402 27.59 -18.46 -12.07
N GLU F 403 27.40 -17.25 -12.58
CA GLU F 403 28.14 -16.09 -12.11
C GLU F 403 27.42 -15.39 -10.96
N ASP F 404 26.11 -15.20 -11.10
CA ASP F 404 25.31 -14.55 -10.05
C ASP F 404 25.28 -15.45 -8.81
N LYS F 405 25.42 -16.76 -9.04
CA LYS F 405 25.45 -17.70 -7.92
C LYS F 405 26.68 -17.36 -7.06
N LEU F 406 27.72 -16.91 -7.75
CA LEU F 406 28.96 -16.57 -7.09
C LEU F 406 28.86 -15.30 -6.26
N THR F 407 28.22 -14.25 -6.81
CA THR F 407 28.12 -13.03 -6.00
C THR F 407 27.23 -13.34 -4.80
N VAL F 408 26.17 -14.12 -5.03
CA VAL F 408 25.28 -14.53 -3.95
C VAL F 408 26.09 -15.17 -2.83
N SER F 409 26.89 -16.16 -3.19
CA SER F 409 27.67 -16.90 -2.21
C SER F 409 28.59 -16.02 -1.38
N ARG F 410 29.41 -15.19 -2.03
CA ARG F 410 30.33 -14.33 -1.29
C ARG F 410 29.56 -13.31 -0.46
N ALA F 411 28.48 -12.80 -1.04
CA ALA F 411 27.66 -11.82 -0.35
C ALA F 411 27.13 -12.41 0.96
N ARG F 412 26.53 -13.59 0.87
CA ARG F 412 25.98 -14.24 2.07
C ARG F 412 27.06 -14.52 3.11
N LYS F 413 28.28 -14.79 2.67
CA LYS F 413 29.36 -15.04 3.63
C LYS F 413 29.78 -13.72 4.27
N ILE F 414 29.74 -12.66 3.49
CA ILE F 414 30.06 -11.32 4.00
C ILE F 414 29.01 -10.83 4.98
N GLN F 415 27.73 -11.07 4.70
CA GLN F 415 26.66 -10.65 5.60
C GLN F 415 26.85 -11.24 7.00
N ARG F 416 27.34 -12.48 7.06
CA ARG F 416 27.52 -13.17 8.33
C ARG F 416 28.81 -12.77 9.02
N PHE F 417 29.81 -12.39 8.22
CA PHE F 417 31.08 -12.01 8.82
C PHE F 417 30.95 -10.63 9.45
N LEU F 418 29.91 -9.90 9.05
CA LEU F 418 29.65 -8.60 9.66
C LEU F 418 29.05 -8.81 11.07
N SER F 419 28.52 -10.02 11.29
CA SER F 419 27.91 -10.33 12.59
C SER F 419 28.99 -10.56 13.64
N GLN F 420 28.65 -10.43 14.91
CA GLN F 420 29.69 -10.56 15.95
C GLN F 420 29.08 -10.64 17.34
N PRO F 421 29.60 -11.51 18.16
CA PRO F 421 29.18 -11.72 19.53
C PRO F 421 29.64 -10.58 20.42
N PHE F 422 28.73 -10.04 21.22
CA PHE F 422 29.09 -8.92 22.09
C PHE F 422 29.44 -9.40 23.49
N GLN F 423 30.32 -8.65 24.15
CA GLN F 423 30.72 -9.02 25.51
C GLN F 423 29.54 -8.80 26.47
N VAL F 424 28.84 -7.70 26.23
CA VAL F 424 27.70 -7.31 27.05
C VAL F 424 26.48 -8.18 26.87
N ALA F 425 26.46 -9.08 25.90
CA ALA F 425 25.32 -9.95 25.66
C ALA F 425 25.64 -11.38 26.11
N GLU F 426 26.87 -11.59 26.53
CA GLU F 426 27.32 -12.89 27.01
C GLU F 426 26.33 -13.49 28.00
N VAL F 427 25.86 -12.65 28.93
CA VAL F 427 24.93 -13.08 29.96
C VAL F 427 23.72 -13.78 29.41
N PHE F 428 23.38 -13.60 28.13
CA PHE F 428 22.21 -14.34 27.62
C PHE F 428 22.51 -15.18 26.40
N THR F 429 23.52 -14.85 25.61
CA THR F 429 23.83 -15.66 24.43
C THR F 429 24.60 -16.92 24.81
N GLY F 430 25.50 -16.76 25.78
CA GLY F 430 26.34 -17.88 26.21
C GLY F 430 27.63 -17.94 25.39
N HIS F 431 27.86 -16.92 24.56
CA HIS F 431 29.07 -16.88 23.74
C HIS F 431 29.99 -15.75 24.19
N LEU F 432 31.27 -16.06 24.32
CA LEU F 432 32.25 -15.04 24.69
C LEU F 432 32.18 -13.89 23.69
N GLY F 433 32.18 -12.66 24.19
CA GLY F 433 32.11 -11.49 23.31
C GLY F 433 33.45 -11.34 22.59
N LYS F 434 33.47 -10.60 21.50
CA LYS F 434 34.67 -10.42 20.71
C LYS F 434 34.92 -8.97 20.32
N LEU F 435 36.21 -8.63 20.23
CA LEU F 435 36.66 -7.32 19.79
C LEU F 435 37.78 -7.48 18.76
N VAL F 436 37.46 -7.18 17.52
CA VAL F 436 38.37 -7.31 16.39
C VAL F 436 39.02 -5.99 16.00
N PRO F 437 40.32 -5.97 15.96
CA PRO F 437 41.12 -4.82 15.59
C PRO F 437 40.90 -4.43 14.13
N LEU F 438 40.83 -3.14 13.86
CA LEU F 438 40.58 -2.61 12.53
C LEU F 438 41.42 -3.25 11.45
N LYS F 439 42.70 -3.49 11.69
CA LYS F 439 43.56 -4.10 10.67
C LYS F 439 43.06 -5.51 10.33
N GLU F 440 42.57 -6.21 11.34
CA GLU F 440 42.06 -7.56 11.18
C GLU F 440 40.73 -7.57 10.44
N THR F 441 39.99 -6.49 10.58
CA THR F 441 38.68 -6.36 9.93
C THR F 441 38.85 -6.13 8.43
N ILE F 442 39.72 -5.22 8.03
CA ILE F 442 39.95 -4.97 6.62
C ILE F 442 40.38 -6.26 5.91
N LYS F 443 41.39 -6.90 6.48
CA LYS F 443 41.97 -8.11 5.90
C LYS F 443 40.90 -9.18 5.66
N GLY F 444 40.23 -9.59 6.73
CA GLY F 444 39.17 -10.57 6.63
C GLY F 444 38.25 -10.27 5.45
N PHE F 445 37.73 -9.05 5.37
CA PHE F 445 36.84 -8.69 4.26
C PHE F 445 37.51 -8.71 2.92
N GLN F 446 38.80 -8.41 2.83
CA GLN F 446 39.55 -8.47 1.58
C GLN F 446 39.59 -9.93 1.07
N GLN F 447 39.95 -10.83 1.97
CA GLN F 447 40.06 -12.24 1.63
C GLN F 447 38.76 -12.80 1.10
N ILE F 448 37.62 -12.48 1.72
CA ILE F 448 36.34 -12.99 1.24
C ILE F 448 36.10 -12.47 -0.18
N LEU F 449 36.33 -11.17 -0.38
CA LEU F 449 36.13 -10.53 -1.67
C LEU F 449 37.03 -11.14 -2.74
N ALA F 450 38.25 -11.51 -2.37
CA ALA F 450 39.20 -12.08 -3.31
C ALA F 450 38.93 -13.54 -3.60
N GLY F 451 38.02 -14.17 -2.85
CA GLY F 451 37.63 -15.53 -3.09
C GLY F 451 38.35 -16.58 -2.29
N GLU F 452 39.29 -16.18 -1.46
CA GLU F 452 40.09 -17.10 -0.66
C GLU F 452 39.28 -18.04 0.22
N TYR F 453 37.96 -17.88 0.32
CA TYR F 453 37.18 -18.75 1.19
C TYR F 453 35.91 -19.25 0.53
N ASP F 454 35.89 -19.20 -0.80
CA ASP F 454 34.73 -19.70 -1.54
C ASP F 454 34.47 -21.16 -1.19
N HIS F 455 35.49 -21.83 -0.64
CA HIS F 455 35.35 -23.24 -0.31
C HIS F 455 34.90 -23.46 1.13
N LEU F 456 34.77 -22.37 1.89
CA LEU F 456 34.28 -22.48 3.27
C LEU F 456 32.77 -22.28 3.30
N PRO F 457 32.10 -23.03 4.15
CA PRO F 457 30.65 -22.98 4.32
C PRO F 457 30.23 -21.70 5.04
N GLU F 458 29.10 -21.13 4.62
CA GLU F 458 28.56 -19.92 5.19
C GLU F 458 28.61 -19.90 6.72
N GLN F 459 27.99 -20.90 7.32
CA GLN F 459 27.84 -20.96 8.77
C GLN F 459 29.16 -20.76 9.48
N ALA F 460 30.27 -21.02 8.80
CA ALA F 460 31.58 -20.81 9.42
C ALA F 460 31.84 -19.34 9.74
N PHE F 461 31.20 -18.44 9.01
CA PHE F 461 31.46 -17.01 9.16
C PHE F 461 30.55 -16.31 10.16
N TYR F 462 29.45 -16.94 10.52
CA TYR F 462 28.45 -16.38 11.42
C TYR F 462 28.84 -16.35 12.89
N MET F 463 28.70 -15.17 13.49
CA MET F 463 28.96 -14.93 14.89
C MET F 463 30.37 -15.28 15.36
N VAL F 464 31.40 -14.76 14.67
CA VAL F 464 32.77 -14.95 15.10
C VAL F 464 33.48 -13.59 15.18
N GLY F 465 34.73 -13.61 15.62
CA GLY F 465 35.54 -12.39 15.69
C GLY F 465 36.33 -12.20 14.39
N PRO F 466 37.60 -12.51 14.44
CA PRO F 466 38.52 -12.40 13.32
C PRO F 466 38.38 -13.57 12.35
N ILE F 467 38.92 -13.41 11.15
CA ILE F 467 38.87 -14.41 10.10
C ILE F 467 39.32 -15.79 10.52
N GLU F 468 40.40 -15.87 11.31
CA GLU F 468 40.92 -17.16 11.75
C GLU F 468 39.86 -18.00 12.43
N GLU F 469 38.96 -17.36 13.16
CA GLU F 469 37.90 -18.08 13.85
C GLU F 469 36.91 -18.68 12.88
N ALA F 470 36.77 -18.06 11.70
CA ALA F 470 35.87 -18.60 10.68
C ALA F 470 36.40 -19.92 10.15
N VAL F 471 37.68 -19.96 9.81
CA VAL F 471 38.30 -21.17 9.30
C VAL F 471 38.24 -22.28 10.34
N ALA F 472 38.63 -21.94 11.57
CA ALA F 472 38.60 -22.91 12.66
C ALA F 472 37.21 -23.54 12.77
N LYS F 473 36.19 -22.70 12.75
CA LYS F 473 34.81 -23.15 12.85
C LYS F 473 34.45 -24.03 11.65
N ALA F 474 34.98 -23.67 10.49
CA ALA F 474 34.74 -24.46 9.27
C ALA F 474 35.35 -25.85 9.40
N ASP F 475 36.25 -26.00 10.36
CA ASP F 475 36.91 -27.28 10.62
C ASP F 475 36.09 -28.10 11.62
N LYS F 476 35.66 -27.44 12.70
CA LYS F 476 34.84 -28.11 13.71
C LYS F 476 33.56 -28.62 13.03
N LEU F 477 33.50 -28.41 11.73
CA LEU F 477 32.37 -28.84 10.92
C LEU F 477 32.70 -30.15 10.20
N ALA F 478 32.88 -31.19 11.03
CA ALA F 478 33.19 -32.53 10.57
C ALA F 478 32.18 -33.52 11.16
N ALA G 1 5.19 2.04 -2.15
CA ALA G 1 3.92 1.42 -1.71
C ALA G 1 2.72 2.20 -2.22
N THR G 2 2.37 1.98 -3.48
CA THR G 2 1.19 2.62 -4.07
C THR G 2 0.13 1.57 -4.36
N LEU G 3 -1.08 1.83 -3.89
CA LEU G 3 -2.19 0.90 -4.11
C LEU G 3 -2.24 0.48 -5.57
N LYS G 4 -1.65 1.30 -6.44
CA LYS G 4 -1.61 1.01 -7.87
C LYS G 4 -0.56 -0.08 -8.14
N ASP G 5 0.68 0.23 -7.72
CA ASP G 5 1.78 -0.69 -7.87
C ASP G 5 1.50 -2.00 -7.13
N ILE G 6 1.14 -1.90 -5.86
CA ILE G 6 0.84 -3.11 -5.08
C ILE G 6 -0.11 -4.00 -5.90
N THR G 7 -1.13 -3.38 -6.48
CA THR G 7 -2.11 -4.10 -7.28
C THR G 7 -1.47 -4.67 -8.54
N ARG G 8 -0.57 -3.91 -9.15
CA ARG G 8 0.14 -4.36 -10.34
C ARG G 8 0.92 -5.63 -10.03
N ARG G 9 1.62 -5.63 -8.89
CA ARG G 9 2.40 -6.78 -8.46
C ARG G 9 1.52 -7.98 -8.14
N LEU G 10 0.45 -7.76 -7.37
CA LEU G 10 -0.45 -8.87 -7.04
C LEU G 10 -0.94 -9.52 -8.34
N LYS G 11 -1.29 -8.69 -9.31
CA LYS G 11 -1.80 -9.16 -10.59
C LYS G 11 -0.85 -10.18 -11.21
N SER G 12 0.42 -9.81 -11.31
CA SER G 12 1.38 -10.68 -11.97
C SER G 12 1.82 -11.86 -11.14
N ILE G 13 1.67 -11.79 -9.82
CA ILE G 13 2.08 -12.91 -8.97
C ILE G 13 0.98 -13.96 -8.87
N LYS G 14 -0.27 -13.53 -8.97
CA LYS G 14 -1.38 -14.48 -8.92
C LYS G 14 -1.33 -15.37 -10.16
N ASN G 15 -0.91 -14.80 -11.29
CA ASN G 15 -0.77 -15.58 -12.52
C ASN G 15 0.42 -16.53 -12.41
N ILE G 16 1.54 -15.98 -11.95
CA ILE G 16 2.74 -16.81 -11.76
C ILE G 16 2.41 -18.02 -10.92
N GLN G 17 1.81 -17.78 -9.77
CA GLN G 17 1.41 -18.87 -8.88
C GLN G 17 0.56 -19.89 -9.63
N LYS G 18 -0.37 -19.39 -10.46
CA LYS G 18 -1.24 -20.29 -11.21
C LYS G 18 -0.46 -21.10 -12.24
N ILE G 19 0.31 -20.44 -13.09
CA ILE G 19 1.10 -21.13 -14.09
C ILE G 19 2.14 -22.03 -13.42
N THR G 20 2.64 -21.60 -12.27
CA THR G 20 3.67 -22.37 -11.56
C THR G 20 3.13 -23.60 -10.87
N LYS G 21 1.91 -23.57 -10.37
CA LYS G 21 1.30 -24.74 -9.73
C LYS G 21 0.98 -25.79 -10.81
N SER G 22 0.58 -25.28 -11.97
CA SER G 22 0.27 -26.12 -13.11
C SER G 22 1.51 -26.92 -13.55
N MET G 23 2.59 -26.16 -13.77
CA MET G 23 3.84 -26.77 -14.19
C MET G 23 4.31 -27.81 -13.19
N LYS G 24 4.00 -27.61 -11.91
CA LYS G 24 4.41 -28.59 -10.91
C LYS G 24 3.70 -29.93 -11.12
N MET G 25 2.38 -29.86 -11.27
CA MET G 25 1.58 -31.06 -11.42
C MET G 25 1.90 -31.83 -12.69
N VAL G 26 2.10 -31.10 -13.79
CA VAL G 26 2.48 -31.73 -15.05
C VAL G 26 3.77 -32.52 -14.84
N ALA G 27 4.75 -31.87 -14.24
CA ALA G 27 6.05 -32.48 -13.94
C ALA G 27 5.90 -33.74 -13.08
N ALA G 28 5.21 -33.63 -11.95
CA ALA G 28 5.02 -34.77 -11.06
C ALA G 28 4.39 -35.96 -11.79
N ALA G 29 3.66 -35.70 -12.86
CA ALA G 29 3.06 -36.77 -13.65
C ALA G 29 4.14 -37.40 -14.55
N LYS G 30 4.87 -36.50 -15.22
CA LYS G 30 5.97 -36.93 -16.09
C LYS G 30 7.00 -37.69 -15.24
N TYR G 31 7.24 -37.17 -14.04
CA TYR G 31 8.17 -37.79 -13.12
C TYR G 31 7.73 -39.21 -12.73
N ALA G 32 6.47 -39.34 -12.32
CA ALA G 32 5.92 -40.61 -11.88
C ALA G 32 6.15 -41.71 -12.91
N ARG G 33 5.82 -41.38 -14.16
CA ARG G 33 5.99 -42.32 -15.27
C ARG G 33 7.48 -42.59 -15.48
N ALA G 34 8.29 -41.54 -15.40
CA ALA G 34 9.72 -41.64 -15.59
C ALA G 34 10.40 -42.48 -14.51
N GLU G 35 10.00 -42.30 -13.26
CA GLU G 35 10.56 -43.06 -12.15
C GLU G 35 10.39 -44.56 -12.38
N ARG G 36 9.22 -44.94 -12.90
CA ARG G 36 8.93 -46.35 -13.13
C ARG G 36 9.71 -46.92 -14.29
N GLU G 37 9.59 -46.32 -15.48
CA GLU G 37 10.32 -46.82 -16.65
C GLU G 37 11.82 -46.88 -16.35
N LEU G 38 12.26 -46.15 -15.34
CA LEU G 38 13.66 -46.13 -14.95
C LEU G 38 14.11 -47.41 -14.26
N LYS G 39 13.17 -48.13 -13.65
CA LYS G 39 13.53 -49.37 -12.96
C LYS G 39 14.25 -50.34 -13.89
N PRO G 40 13.59 -50.76 -14.95
CA PRO G 40 14.13 -51.65 -15.95
C PRO G 40 15.37 -51.07 -16.62
N ALA G 41 15.30 -49.81 -17.01
CA ALA G 41 16.39 -49.13 -17.69
C ALA G 41 17.70 -49.30 -16.95
N ARG G 42 17.69 -49.05 -15.64
CA ARG G 42 18.92 -49.20 -14.84
C ARG G 42 19.48 -50.62 -15.01
N VAL G 43 18.66 -51.60 -14.63
CA VAL G 43 19.09 -53.00 -14.76
C VAL G 43 19.67 -53.21 -16.15
N TYR G 44 18.97 -52.71 -17.17
CA TYR G 44 19.45 -52.86 -18.55
C TYR G 44 20.75 -52.13 -18.77
N GLY G 45 20.82 -50.86 -18.41
CA GLY G 45 22.01 -50.03 -18.56
C GLY G 45 23.17 -50.52 -17.71
N VAL G 46 22.89 -50.95 -16.50
CA VAL G 46 23.92 -51.47 -15.59
C VAL G 46 24.45 -52.77 -16.20
N GLY G 47 23.54 -53.48 -16.86
CA GLY G 47 23.93 -54.71 -17.57
C GLY G 47 24.93 -54.36 -18.66
N SER G 48 24.61 -53.37 -19.49
CA SER G 48 25.52 -52.96 -20.56
C SER G 48 26.90 -52.66 -19.99
N LEU G 49 26.93 -52.10 -18.80
CA LEU G 49 28.18 -51.75 -18.13
C LEU G 49 28.81 -52.98 -17.50
N ALA G 50 28.06 -54.07 -17.49
CA ALA G 50 28.57 -55.34 -16.95
C ALA G 50 29.38 -56.05 -18.03
N LEU G 51 30.68 -55.83 -17.98
CA LEU G 51 31.68 -56.36 -18.86
C LEU G 51 32.99 -55.60 -18.59
N TYR G 52 32.79 -54.32 -18.53
CA TYR G 52 33.89 -53.38 -18.36
C TYR G 52 34.32 -53.25 -16.91
N GLU G 53 33.37 -53.17 -15.98
CA GLU G 53 33.79 -53.10 -14.57
C GLU G 53 34.20 -54.51 -14.13
N LYS G 54 33.43 -55.49 -14.61
CA LYS G 54 33.73 -56.88 -14.31
C LYS G 54 35.07 -57.27 -14.90
N ALA G 55 35.68 -56.35 -15.65
CA ALA G 55 36.98 -56.59 -16.27
C ALA G 55 37.57 -55.33 -16.89
N ASP G 56 38.72 -54.90 -16.39
CA ASP G 56 39.42 -53.71 -16.77
C ASP G 56 39.37 -53.29 -18.24
N ILE G 57 39.52 -51.98 -18.38
CA ILE G 57 39.62 -51.25 -19.62
C ILE G 57 40.19 -49.86 -19.31
N LYS G 58 41.32 -49.54 -19.92
CA LYS G 58 41.98 -48.25 -19.74
C LYS G 58 42.16 -47.57 -21.09
N THR G 59 43.34 -47.15 -21.50
CA THR G 59 43.52 -46.51 -22.80
C THR G 59 44.93 -45.97 -23.00
N PRO G 60 45.57 -46.38 -24.08
CA PRO G 60 46.88 -45.90 -24.49
C PRO G 60 46.77 -44.48 -25.06
N GLU G 61 47.87 -43.93 -25.52
CA GLU G 61 47.95 -42.61 -26.10
C GLU G 61 49.41 -42.10 -26.05
N LEU G 67 35.76 -37.10 -26.95
CA LEU G 67 34.32 -36.86 -27.07
C LEU G 67 33.69 -36.70 -25.69
N ILE G 68 33.26 -35.50 -25.36
CA ILE G 68 32.54 -35.29 -24.09
C ILE G 68 31.05 -35.19 -24.44
N ILE G 69 30.23 -36.09 -23.93
CA ILE G 69 28.80 -36.05 -24.21
C ILE G 69 28.03 -35.56 -22.98
N GLY G 70 27.35 -34.44 -23.12
CA GLY G 70 26.54 -33.88 -22.03
C GLY G 70 25.06 -34.05 -22.34
N VAL G 71 24.33 -34.62 -21.39
CA VAL G 71 22.90 -34.85 -21.59
C VAL G 71 22.05 -34.11 -20.56
N SER G 72 20.98 -33.50 -21.04
CA SER G 72 20.01 -32.80 -20.21
C SER G 72 18.68 -32.66 -20.95
N SER G 73 18.35 -31.47 -21.43
CA SER G 73 17.12 -31.24 -22.16
C SER G 73 17.07 -29.83 -22.78
N ASP G 74 15.89 -29.44 -23.24
CA ASP G 74 15.68 -28.14 -23.84
C ASP G 74 14.97 -27.17 -22.90
N ARG G 75 14.20 -27.69 -21.95
CA ARG G 75 13.41 -26.86 -21.06
C ARG G 75 14.13 -26.53 -19.76
N GLY G 76 14.05 -25.26 -19.36
CA GLY G 76 14.65 -24.81 -18.10
C GLY G 76 13.61 -24.92 -16.98
N LEU G 77 13.81 -24.14 -15.92
CA LEU G 77 12.89 -24.15 -14.78
C LEU G 77 12.90 -25.51 -14.09
N CYS G 78 14.10 -26.05 -13.94
CA CYS G 78 14.28 -27.35 -13.28
C CYS G 78 15.52 -27.29 -12.40
N GLY G 79 15.62 -26.17 -11.68
CA GLY G 79 16.71 -25.94 -10.76
C GLY G 79 18.05 -25.86 -11.49
N ALA G 80 18.97 -26.75 -11.12
CA ALA G 80 20.30 -26.74 -11.69
C ALA G 80 20.61 -27.96 -12.55
N ILE G 81 19.62 -28.55 -13.20
CA ILE G 81 19.86 -29.72 -14.04
C ILE G 81 20.94 -29.45 -15.08
N HIS G 82 20.75 -28.40 -15.86
CA HIS G 82 21.69 -28.08 -16.94
C HIS G 82 23.01 -27.53 -16.42
N SER G 83 22.96 -26.52 -15.57
CA SER G 83 24.19 -25.91 -15.07
C SER G 83 25.14 -26.97 -14.50
N SER G 84 24.62 -27.99 -13.83
CA SER G 84 25.45 -29.02 -13.25
C SER G 84 26.27 -29.76 -14.31
N VAL G 85 25.59 -30.36 -15.30
CA VAL G 85 26.36 -31.08 -16.33
C VAL G 85 27.33 -30.14 -17.02
N ALA G 86 26.87 -28.95 -17.37
CA ALA G 86 27.72 -27.95 -18.01
C ALA G 86 28.95 -27.68 -17.16
N LYS G 87 28.73 -27.39 -15.89
CA LYS G 87 29.83 -27.13 -14.96
C LYS G 87 30.88 -28.22 -15.04
N GLN G 88 30.47 -29.48 -14.96
CA GLN G 88 31.41 -30.60 -15.02
C GLN G 88 31.98 -30.79 -16.42
N MET G 89 31.22 -30.35 -17.42
CA MET G 89 31.63 -30.46 -18.80
C MET G 89 32.81 -29.53 -19.10
N LYS G 90 32.73 -28.30 -18.57
CA LYS G 90 33.82 -27.35 -18.79
C LYS G 90 35.08 -27.87 -18.07
N SER G 91 34.87 -28.38 -16.87
CA SER G 91 35.93 -28.92 -16.05
C SER G 91 36.79 -29.93 -16.81
N GLU G 92 36.13 -30.87 -17.49
CA GLU G 92 36.87 -31.88 -18.25
C GLU G 92 37.63 -31.24 -19.40
N ALA G 93 36.91 -30.61 -20.31
CA ALA G 93 37.52 -29.95 -21.46
C ALA G 93 38.79 -29.20 -21.09
N ALA G 94 38.82 -28.67 -19.87
CA ALA G 94 39.98 -27.93 -19.39
C ALA G 94 41.11 -28.89 -19.02
N ASN G 95 40.87 -29.72 -18.01
CA ASN G 95 41.86 -30.68 -17.54
C ASN G 95 42.48 -31.47 -18.68
N LEU G 96 41.82 -31.50 -19.84
CA LEU G 96 42.34 -32.22 -20.99
C LEU G 96 42.81 -31.28 -22.08
N LYS G 101 45.86 -34.33 -25.17
CA LYS G 101 44.62 -35.05 -25.53
C LYS G 101 43.66 -34.10 -26.22
N GLU G 102 43.05 -34.52 -27.33
CA GLU G 102 42.19 -33.63 -28.10
C GLU G 102 40.81 -33.47 -27.48
N VAL G 103 40.13 -32.38 -27.81
CA VAL G 103 38.82 -32.08 -27.27
C VAL G 103 37.75 -31.91 -28.34
N LYS G 104 36.69 -32.68 -28.20
CA LYS G 104 35.52 -32.59 -29.06
C LYS G 104 34.27 -32.94 -28.24
N ILE G 105 33.16 -32.25 -28.49
CA ILE G 105 31.98 -32.39 -27.65
C ILE G 105 30.65 -32.54 -28.37
N ILE G 106 29.69 -33.11 -27.67
CA ILE G 106 28.32 -33.28 -28.11
C ILE G 106 27.34 -32.94 -26.99
N GLY G 107 26.26 -32.22 -27.31
CA GLY G 107 25.27 -31.87 -26.31
C GLY G 107 23.87 -32.32 -26.73
N VAL G 108 23.24 -33.14 -25.89
CA VAL G 108 21.88 -33.61 -26.18
C VAL G 108 20.93 -32.79 -25.31
N GLY G 109 20.09 -31.99 -25.95
CA GLY G 109 19.20 -31.06 -25.25
C GLY G 109 19.72 -29.63 -25.49
N ASP G 110 18.94 -28.83 -26.17
CA ASP G 110 19.33 -27.48 -26.55
C ASP G 110 20.01 -26.69 -25.46
N LYS G 111 19.57 -26.83 -24.22
CA LYS G 111 20.15 -26.11 -23.09
C LYS G 111 21.65 -26.23 -22.99
N ILE G 112 22.21 -27.41 -23.25
CA ILE G 112 23.65 -27.60 -23.19
C ILE G 112 24.35 -26.80 -24.28
N ARG G 113 23.71 -26.81 -25.46
CA ARG G 113 24.21 -26.09 -26.63
C ARG G 113 24.09 -24.59 -26.43
N SER G 114 23.39 -24.15 -25.39
CA SER G 114 23.27 -22.71 -25.15
C SER G 114 24.12 -22.29 -23.96
N ILE G 115 24.42 -23.25 -23.08
CA ILE G 115 25.18 -22.98 -21.87
C ILE G 115 26.67 -23.22 -22.02
N LEU G 116 27.14 -24.46 -21.95
CA LEU G 116 28.59 -24.69 -22.08
C LEU G 116 29.00 -24.43 -23.52
N HIS G 117 28.27 -23.51 -24.15
CA HIS G 117 28.44 -23.21 -25.53
C HIS G 117 29.52 -22.25 -25.96
N ARG G 118 29.17 -20.97 -26.10
CA ARG G 118 29.95 -19.97 -26.81
C ARG G 118 31.43 -20.22 -26.73
N THR G 119 31.92 -20.22 -25.51
CA THR G 119 33.30 -20.54 -25.19
C THR G 119 33.81 -21.76 -25.96
N HIS G 120 32.92 -22.70 -26.27
CA HIS G 120 33.25 -23.91 -26.98
C HIS G 120 32.32 -24.28 -28.12
N SER G 121 32.15 -23.40 -29.10
CA SER G 121 31.36 -23.72 -30.29
C SER G 121 32.30 -24.43 -31.29
N ASP G 122 33.45 -23.76 -31.42
CA ASP G 122 34.52 -24.26 -32.29
C ASP G 122 35.04 -25.56 -31.67
N GLN G 123 34.22 -26.09 -30.77
CA GLN G 123 34.51 -27.34 -30.08
C GLN G 123 33.23 -28.18 -29.99
N PHE G 124 32.52 -28.22 -31.11
CA PHE G 124 31.27 -28.95 -31.23
C PHE G 124 31.35 -29.98 -32.35
N LEU G 125 30.49 -30.98 -32.28
CA LEU G 125 30.47 -32.03 -33.31
C LEU G 125 29.03 -32.15 -33.83
N VAL G 126 28.10 -32.15 -32.88
CA VAL G 126 26.67 -32.21 -33.10
C VAL G 126 25.94 -31.70 -31.85
N THR G 127 24.64 -31.53 -32.00
CA THR G 127 23.78 -31.09 -30.89
C THR G 127 22.40 -31.64 -31.15
N PHE G 128 21.61 -31.89 -30.11
CA PHE G 128 20.30 -32.49 -30.31
C PHE G 128 19.17 -31.69 -29.69
N LYS G 129 18.03 -31.74 -30.37
CA LYS G 129 16.83 -30.98 -29.98
C LYS G 129 15.66 -31.93 -29.82
N GLU G 130 14.55 -31.47 -29.25
CA GLU G 130 13.39 -32.34 -29.04
C GLU G 130 13.68 -33.40 -27.99
N VAL G 131 14.34 -32.96 -26.92
CA VAL G 131 14.69 -33.83 -25.80
C VAL G 131 14.02 -33.40 -24.52
N GLY G 132 13.20 -34.25 -23.91
CA GLY G 132 12.59 -33.92 -22.63
C GLY G 132 11.08 -33.81 -22.66
N ARG G 133 10.50 -33.28 -23.72
CA ARG G 133 9.05 -33.13 -23.81
C ARG G 133 8.37 -34.50 -23.81
N ARG G 134 8.79 -35.35 -24.73
CA ARG G 134 8.29 -36.73 -24.79
C ARG G 134 9.37 -37.64 -24.19
N PRO G 135 8.97 -38.65 -23.49
CA PRO G 135 9.86 -39.60 -22.84
C PRO G 135 10.86 -40.18 -23.83
N PRO G 136 12.10 -40.25 -23.41
CA PRO G 136 13.21 -40.76 -24.21
C PRO G 136 13.02 -42.22 -24.58
N THR G 137 13.61 -42.63 -25.69
CA THR G 137 13.49 -43.99 -26.19
C THR G 137 14.84 -44.57 -26.59
N PHE G 138 14.89 -45.90 -26.68
CA PHE G 138 16.10 -46.54 -27.18
C PHE G 138 16.39 -45.94 -28.57
N GLY G 139 15.27 -45.75 -29.27
CA GLY G 139 15.26 -45.16 -30.60
C GLY G 139 16.00 -43.84 -30.66
N ASP G 140 15.80 -42.98 -29.66
CA ASP G 140 16.52 -41.69 -29.66
C ASP G 140 18.01 -41.95 -29.42
N ALA G 141 18.29 -42.90 -28.52
CA ALA G 141 19.68 -43.24 -28.22
C ALA G 141 20.38 -43.77 -29.47
N SER G 142 19.65 -44.52 -30.29
CA SER G 142 20.23 -45.09 -31.51
C SER G 142 20.52 -43.98 -32.52
N VAL G 143 19.73 -42.93 -32.49
CA VAL G 143 19.98 -41.80 -33.39
C VAL G 143 21.26 -41.09 -32.97
N ILE G 144 21.42 -40.91 -31.66
CA ILE G 144 22.62 -40.27 -31.13
C ILE G 144 23.86 -41.10 -31.48
N ALA G 145 23.77 -42.40 -31.25
CA ALA G 145 24.87 -43.30 -31.55
C ALA G 145 25.19 -43.26 -33.05
N LEU G 146 24.17 -43.47 -33.86
CA LEU G 146 24.34 -43.42 -35.31
C LEU G 146 25.01 -42.12 -35.75
N GLU G 147 24.45 -41.01 -35.31
CA GLU G 147 24.98 -39.70 -35.66
C GLU G 147 26.46 -39.57 -35.34
N LEU G 148 26.92 -40.26 -34.31
CA LEU G 148 28.31 -40.24 -33.90
C LEU G 148 29.16 -41.14 -34.80
N LEU G 149 28.72 -42.40 -34.96
CA LEU G 149 29.45 -43.34 -35.80
C LEU G 149 29.60 -42.77 -37.21
N ASN G 150 28.60 -42.03 -37.65
CA ASN G 150 28.63 -41.41 -38.97
C ASN G 150 29.35 -40.07 -38.92
N SER G 151 30.15 -39.86 -37.87
CA SER G 151 30.92 -38.63 -37.74
C SER G 151 32.40 -38.93 -38.03
N GLY G 152 33.14 -37.92 -38.45
CA GLY G 152 34.54 -38.11 -38.76
C GLY G 152 35.43 -38.09 -37.52
N TYR G 153 34.84 -38.20 -36.34
CA TYR G 153 35.65 -38.17 -35.12
C TYR G 153 36.01 -39.57 -34.63
N GLU G 154 37.21 -40.02 -34.99
CA GLU G 154 37.67 -41.33 -34.54
C GLU G 154 38.10 -41.24 -33.09
N PHE G 155 37.13 -40.89 -32.24
CA PHE G 155 37.39 -40.74 -30.81
C PHE G 155 38.08 -41.98 -30.25
N ASP G 156 39.09 -41.75 -29.43
CA ASP G 156 39.83 -42.86 -28.81
C ASP G 156 39.22 -43.20 -27.46
N GLU G 157 38.69 -42.16 -26.81
CA GLU G 157 38.03 -42.30 -25.53
C GLU G 157 37.06 -41.12 -25.34
N GLY G 158 35.89 -41.42 -24.79
CA GLY G 158 34.90 -40.38 -24.55
C GLY G 158 34.26 -40.57 -23.18
N SER G 159 33.58 -39.54 -22.71
CA SER G 159 32.87 -39.62 -21.44
C SER G 159 31.44 -39.13 -21.64
N ILE G 160 30.52 -39.65 -20.85
CA ILE G 160 29.13 -39.21 -20.94
C ILE G 160 28.72 -38.64 -19.58
N ILE G 161 28.31 -37.38 -19.59
CA ILE G 161 27.95 -36.65 -18.38
C ILE G 161 26.45 -36.40 -18.30
N PHE G 162 25.83 -36.87 -17.22
CA PHE G 162 24.39 -36.73 -17.02
C PHE G 162 24.00 -36.70 -15.55
N ASN G 163 22.71 -36.54 -15.27
CA ASN G 163 22.24 -36.52 -13.90
C ASN G 163 21.57 -37.83 -13.48
N ARG G 164 22.25 -38.50 -12.56
CA ARG G 164 21.80 -39.76 -11.98
C ARG G 164 20.79 -39.53 -10.84
N PHE G 165 19.57 -39.94 -11.06
CA PHE G 165 18.50 -39.82 -10.07
C PHE G 165 18.84 -40.50 -8.76
N ARG G 166 18.32 -39.97 -7.65
CA ARG G 166 18.53 -40.55 -6.34
C ARG G 166 17.26 -40.47 -5.50
N SER G 167 16.47 -39.42 -5.75
CA SER G 167 15.21 -39.17 -5.06
C SER G 167 14.60 -37.85 -5.56
N VAL G 168 13.33 -37.62 -5.31
CA VAL G 168 12.68 -36.40 -5.76
C VAL G 168 13.41 -35.13 -5.33
N ILE G 169 14.23 -35.23 -4.28
CA ILE G 169 14.92 -34.04 -3.78
C ILE G 169 16.42 -34.13 -3.94
N SER G 170 16.89 -35.02 -4.81
CA SER G 170 18.33 -35.11 -5.02
C SER G 170 18.70 -35.91 -6.26
N TYR G 171 19.80 -35.50 -6.87
CA TYR G 171 20.39 -36.16 -8.02
C TYR G 171 21.89 -35.88 -7.99
N LYS G 172 22.67 -36.59 -8.79
CA LYS G 172 24.12 -36.34 -8.80
C LYS G 172 24.65 -36.38 -10.22
N THR G 173 25.31 -35.30 -10.64
CA THR G 173 25.91 -35.29 -11.98
C THR G 173 27.04 -36.31 -12.02
N GLU G 174 26.95 -37.28 -12.94
CA GLU G 174 27.97 -38.32 -13.01
C GLU G 174 28.56 -38.45 -14.41
N GLU G 175 29.67 -39.19 -14.48
CA GLU G 175 30.38 -39.45 -15.72
C GLU G 175 30.54 -40.95 -15.96
N LYS G 176 30.46 -41.34 -17.22
CA LYS G 176 30.63 -42.72 -17.64
C LYS G 176 31.59 -42.75 -18.84
N PRO G 177 32.59 -43.60 -18.76
CA PRO G 177 33.60 -43.75 -19.77
C PRO G 177 33.06 -44.41 -21.03
N ILE G 178 33.51 -43.93 -22.18
CA ILE G 178 33.11 -44.52 -23.45
C ILE G 178 34.35 -45.08 -24.15
N PHE G 179 34.84 -46.21 -23.63
CA PHE G 179 35.99 -46.86 -24.23
C PHE G 179 35.53 -47.45 -25.58
N SER G 180 34.45 -46.90 -26.11
CA SER G 180 33.90 -47.44 -27.36
C SER G 180 35.02 -47.70 -28.36
N LEU G 181 36.19 -47.09 -28.14
CA LEU G 181 37.30 -47.36 -29.07
C LEU G 181 37.38 -48.87 -29.31
N ASP G 182 36.93 -49.28 -30.50
CA ASP G 182 36.98 -50.70 -30.84
C ASP G 182 38.43 -51.14 -30.69
N THR G 183 39.30 -50.15 -30.85
CA THR G 183 40.74 -50.33 -30.73
C THR G 183 41.13 -50.62 -29.28
N ILE G 184 40.58 -49.86 -28.34
CA ILE G 184 40.91 -50.06 -26.93
C ILE G 184 40.37 -51.40 -26.43
N SER G 185 39.20 -51.81 -26.90
CA SER G 185 38.64 -53.09 -26.49
C SER G 185 39.50 -54.25 -27.00
N SER G 186 40.70 -53.91 -27.44
CA SER G 186 41.67 -54.89 -27.92
C SER G 186 42.95 -54.82 -27.09
N ALA G 187 42.77 -54.88 -25.78
CA ALA G 187 43.88 -54.83 -24.83
C ALA G 187 44.09 -56.17 -24.15
N GLU G 188 45.11 -56.26 -23.31
CA GLU G 188 45.43 -57.50 -22.62
C GLU G 188 44.24 -58.07 -21.87
N SER G 189 43.62 -57.28 -21.00
CA SER G 189 42.49 -57.75 -20.21
C SER G 189 41.46 -58.47 -21.06
N MET G 190 41.41 -58.16 -22.36
CA MET G 190 40.42 -58.79 -23.23
C MET G 190 40.92 -60.10 -23.81
N SER G 191 42.01 -60.63 -23.27
CA SER G 191 42.56 -61.90 -23.71
C SER G 191 41.84 -63.06 -23.03
N ILE G 192 41.16 -62.73 -21.93
CA ILE G 192 40.41 -63.71 -21.15
C ILE G 192 39.23 -64.25 -21.97
N TYR G 193 38.65 -63.37 -22.78
CA TYR G 193 37.53 -63.71 -23.64
C TYR G 193 38.06 -64.03 -25.04
N ASP G 194 38.07 -65.31 -25.41
CA ASP G 194 38.57 -65.69 -26.73
C ASP G 194 37.42 -66.11 -27.64
N ASP G 195 37.73 -66.33 -28.91
CA ASP G 195 36.74 -66.72 -29.91
C ASP G 195 35.91 -65.47 -30.25
N ILE G 196 36.63 -64.36 -30.40
CA ILE G 196 36.06 -63.07 -30.69
C ILE G 196 36.64 -62.48 -31.98
N ASP G 197 35.84 -62.48 -33.04
CA ASP G 197 36.28 -61.90 -34.30
C ASP G 197 36.63 -60.43 -34.08
N ALA G 198 37.67 -59.95 -34.75
CA ALA G 198 38.05 -58.55 -34.60
C ALA G 198 36.87 -57.64 -34.95
N ASP G 199 35.92 -58.18 -35.72
CA ASP G 199 34.77 -57.39 -36.12
C ASP G 199 33.46 -57.82 -35.49
N VAL G 200 33.50 -58.78 -34.57
CA VAL G 200 32.25 -59.12 -33.85
C VAL G 200 32.09 -58.04 -32.77
N LEU G 201 33.25 -57.57 -32.31
CA LEU G 201 33.33 -56.49 -31.34
C LEU G 201 32.70 -55.22 -31.95
N ARG G 202 33.06 -54.96 -33.20
CA ARG G 202 32.53 -53.80 -33.92
C ARG G 202 31.03 -53.70 -33.68
N ASN G 203 30.37 -54.86 -33.74
CA ASN G 203 28.92 -54.88 -33.49
C ASN G 203 28.66 -54.72 -31.99
N TYR G 204 29.44 -55.41 -31.19
CA TYR G 204 29.31 -55.37 -29.74
C TYR G 204 29.45 -53.95 -29.20
N GLN G 205 30.50 -53.26 -29.61
CA GLN G 205 30.75 -51.89 -29.18
C GLN G 205 29.66 -50.94 -29.63
N GLU G 206 29.29 -51.01 -30.91
CA GLU G 206 28.24 -50.15 -31.43
C GLU G 206 27.01 -50.24 -30.53
N TYR G 207 26.64 -51.50 -30.24
CA TYR G 207 25.47 -51.77 -29.42
C TYR G 207 25.59 -51.18 -28.03
N SER G 208 26.69 -51.49 -27.35
CA SER G 208 26.90 -51.02 -25.98
C SER G 208 27.01 -49.50 -25.97
N LEU G 209 27.24 -48.90 -27.11
CA LEU G 209 27.28 -47.43 -27.21
C LEU G 209 25.86 -46.87 -27.14
N ALA G 210 24.92 -47.54 -27.78
CA ALA G 210 23.53 -47.10 -27.75
C ALA G 210 22.91 -47.34 -26.38
N ASN G 211 23.36 -48.42 -25.74
CA ASN G 211 22.85 -48.77 -24.42
C ASN G 211 23.23 -47.72 -23.38
N ILE G 212 24.48 -47.27 -23.44
CA ILE G 212 24.96 -46.27 -22.50
C ILE G 212 24.32 -44.91 -22.74
N ILE G 213 24.09 -44.53 -24.00
CA ILE G 213 23.42 -43.25 -24.28
C ILE G 213 21.98 -43.32 -23.79
N TYR G 214 21.34 -44.47 -24.02
CA TYR G 214 19.97 -44.67 -23.58
C TYR G 214 19.85 -44.55 -22.06
N TYR G 215 20.72 -45.24 -21.35
CA TYR G 215 20.73 -45.24 -19.89
C TYR G 215 20.80 -43.81 -19.34
N SER G 216 21.82 -43.07 -19.77
CA SER G 216 22.01 -41.71 -19.31
C SER G 216 20.74 -40.89 -19.55
N LEU G 217 20.14 -41.12 -20.70
CA LEU G 217 18.93 -40.45 -21.16
C LEU G 217 17.74 -40.75 -20.25
N LYS G 218 17.62 -42.01 -19.86
CA LYS G 218 16.53 -42.46 -18.99
C LYS G 218 16.71 -41.98 -17.56
N GLU G 219 17.95 -41.77 -17.14
CA GLU G 219 18.24 -41.25 -15.80
C GLU G 219 17.94 -39.75 -15.76
N SER G 220 18.38 -39.08 -16.82
CA SER G 220 18.24 -37.64 -17.00
C SER G 220 16.82 -37.14 -16.88
N THR G 221 15.87 -37.66 -17.65
CA THR G 221 14.50 -37.18 -17.57
C THR G 221 13.87 -37.43 -16.20
N THR G 222 14.31 -38.47 -15.50
CA THR G 222 13.78 -38.73 -14.16
C THR G 222 14.27 -37.64 -13.19
N SER G 223 15.55 -37.30 -13.32
CA SER G 223 16.13 -36.23 -12.50
C SER G 223 15.48 -34.89 -12.85
N GLU G 224 15.30 -34.64 -14.13
CA GLU G 224 14.74 -33.41 -14.65
C GLU G 224 13.29 -33.17 -14.24
N GLN G 225 12.45 -34.18 -14.37
CA GLN G 225 11.04 -34.04 -14.02
C GLN G 225 10.82 -33.95 -12.52
N SER G 226 11.74 -34.52 -11.74
CA SER G 226 11.60 -34.47 -10.29
C SER G 226 12.13 -33.14 -9.76
N ALA G 227 13.04 -32.54 -10.50
CA ALA G 227 13.62 -31.25 -10.10
C ALA G 227 12.73 -30.11 -10.56
N ARG G 228 12.07 -30.25 -11.70
CA ARG G 228 11.13 -29.23 -12.16
C ARG G 228 9.92 -29.24 -11.22
N MET G 229 9.51 -30.43 -10.81
CA MET G 229 8.40 -30.59 -9.88
C MET G 229 8.73 -29.87 -8.59
N THR G 230 9.92 -30.18 -8.06
CA THR G 230 10.36 -29.56 -6.81
C THR G 230 10.49 -28.05 -6.97
N ALA G 231 11.20 -27.60 -8.00
CA ALA G 231 11.39 -26.17 -8.22
C ALA G 231 10.07 -25.43 -8.38
N MET G 232 9.09 -26.05 -9.03
CA MET G 232 7.79 -25.41 -9.24
C MET G 232 6.90 -25.48 -8.02
N ASP G 233 7.19 -26.42 -7.12
CA ASP G 233 6.45 -26.52 -5.86
C ASP G 233 6.83 -25.26 -5.05
N ASN G 234 8.13 -25.11 -4.86
CA ASN G 234 8.68 -23.95 -4.16
C ASN G 234 8.21 -22.64 -4.77
N ALA G 235 8.53 -22.43 -6.05
CA ALA G 235 8.09 -21.21 -6.72
C ALA G 235 6.64 -20.91 -6.39
N SER G 236 5.75 -21.90 -6.54
CA SER G 236 4.33 -21.68 -6.30
C SER G 236 4.05 -21.30 -4.85
N LYS G 237 4.75 -21.94 -3.92
CA LYS G 237 4.57 -21.65 -2.50
C LYS G 237 5.14 -20.29 -2.16
N ASN G 238 6.24 -19.89 -2.79
CA ASN G 238 6.78 -18.55 -2.55
C ASN G 238 5.79 -17.51 -3.04
N ALA G 239 5.29 -17.72 -4.26
CA ALA G 239 4.30 -16.84 -4.85
C ALA G 239 3.15 -16.58 -3.87
N SER G 240 2.47 -17.64 -3.44
CA SER G 240 1.34 -17.53 -2.53
C SER G 240 1.66 -16.72 -1.27
N GLU G 241 2.83 -17.00 -0.71
CA GLU G 241 3.31 -16.27 0.47
C GLU G 241 3.45 -14.80 0.10
N MET G 242 4.08 -14.54 -1.04
CA MET G 242 4.22 -13.16 -1.52
C MET G 242 2.83 -12.52 -1.65
N ILE G 243 1.89 -13.30 -2.18
CA ILE G 243 0.52 -12.83 -2.37
C ILE G 243 -0.09 -12.41 -1.04
N ASP G 244 0.06 -13.27 -0.05
CA ASP G 244 -0.51 -13.03 1.27
C ASP G 244 0.07 -11.78 1.91
N LYS G 245 1.34 -11.54 1.70
CA LYS G 245 2.03 -10.39 2.25
C LYS G 245 1.65 -9.10 1.52
N LEU G 246 1.70 -9.08 0.20
CA LEU G 246 1.32 -7.88 -0.55
C LEU G 246 -0.11 -7.46 -0.19
N THR G 247 -0.99 -8.44 -0.06
CA THR G 247 -2.38 -8.16 0.27
C THR G 247 -2.48 -7.43 1.60
N LEU G 248 -1.77 -7.97 2.59
CA LEU G 248 -1.78 -7.34 3.93
C LEU G 248 -1.10 -5.99 3.87
N THR G 249 -0.09 -5.86 3.02
CA THR G 249 0.56 -4.54 2.87
C THR G 249 -0.42 -3.58 2.21
N PHE G 250 -1.20 -4.11 1.28
CA PHE G 250 -2.19 -3.30 0.58
C PHE G 250 -3.22 -2.71 1.55
N ASN G 251 -3.76 -3.52 2.45
CA ASN G 251 -4.77 -3.04 3.38
C ASN G 251 -4.21 -2.03 4.36
N ARG G 252 -3.02 -2.27 4.90
CA ARG G 252 -2.39 -1.28 5.78
C ARG G 252 -2.28 0.06 5.07
N THR G 253 -1.78 0.03 3.84
CA THR G 253 -1.64 1.25 3.05
C THR G 253 -2.98 1.89 2.77
N ARG G 254 -3.97 1.08 2.40
CA ARG G 254 -5.30 1.59 2.12
C ARG G 254 -5.86 2.33 3.32
N GLN G 255 -5.69 1.75 4.52
CA GLN G 255 -6.22 2.40 5.72
C GLN G 255 -5.50 3.68 6.05
N ALA G 256 -4.18 3.70 5.88
CA ALA G 256 -3.38 4.88 6.22
C ALA G 256 -3.65 6.03 5.27
N VAL G 257 -3.84 5.76 3.98
CA VAL G 257 -4.16 6.87 3.06
C VAL G 257 -5.44 7.58 3.49
N ILE G 258 -6.51 6.84 3.77
CA ILE G 258 -7.77 7.45 4.18
C ILE G 258 -7.59 8.26 5.45
N THR G 259 -7.05 7.63 6.49
CA THR G 259 -6.75 8.31 7.74
C THR G 259 -5.90 9.56 7.46
N LYS G 260 -4.83 9.35 6.69
CA LYS G 260 -3.94 10.47 6.40
C LYS G 260 -4.68 11.60 5.67
N GLU G 261 -5.43 11.25 4.63
CA GLU G 261 -6.14 12.27 3.87
C GLU G 261 -7.18 12.97 4.76
N LEU G 262 -7.79 12.25 5.69
CA LEU G 262 -8.81 12.86 6.55
C LEU G 262 -8.24 13.78 7.61
N ILE G 263 -7.13 13.40 8.25
CA ILE G 263 -6.51 14.28 9.25
C ILE G 263 -6.12 15.60 8.58
N GLU G 264 -5.68 15.53 7.33
CA GLU G 264 -5.26 16.71 6.58
C GLU G 264 -6.41 17.68 6.40
N ILE G 265 -7.60 17.16 6.11
CA ILE G 265 -8.80 17.98 5.95
C ILE G 265 -9.19 18.64 7.27
N ILE G 266 -9.18 17.85 8.34
CA ILE G 266 -9.52 18.33 9.67
C ILE G 266 -8.57 19.44 10.11
N SER G 267 -7.28 19.22 9.92
CA SER G 267 -6.30 20.25 10.31
C SER G 267 -6.62 21.59 9.64
N GLY G 268 -6.86 21.56 8.34
CA GLY G 268 -7.15 22.78 7.60
C GLY G 268 -8.42 23.45 8.12
N ALA G 269 -9.45 22.65 8.36
CA ALA G 269 -10.74 23.14 8.82
C ALA G 269 -10.70 23.75 10.22
N ALA G 270 -9.93 23.17 11.11
CA ALA G 270 -9.82 23.60 12.50
C ALA G 270 -9.05 24.91 12.63
N ALA G 271 -8.10 25.10 11.73
CA ALA G 271 -7.26 26.29 11.77
C ALA G 271 -8.05 27.57 11.50
N LEU G 272 -9.16 27.45 10.78
CA LEU G 272 -9.96 28.62 10.42
C LEU G 272 -10.53 29.32 11.64
N GLN H 15 26.01 -72.53 -9.83
CA GLN H 15 25.08 -71.37 -9.81
C GLN H 15 25.65 -70.17 -10.58
N MET H 16 24.88 -69.66 -11.53
CA MET H 16 25.27 -68.50 -12.31
C MET H 16 24.23 -67.39 -12.15
N SER H 17 24.69 -66.15 -12.03
CA SER H 17 23.73 -65.04 -11.92
C SER H 17 23.38 -64.56 -13.33
N PHE H 18 22.16 -64.87 -13.75
CA PHE H 18 21.71 -64.52 -15.09
C PHE H 18 20.80 -63.29 -15.10
N THR H 19 21.18 -62.33 -15.95
CA THR H 19 20.39 -61.12 -16.11
C THR H 19 19.93 -61.01 -17.57
N PHE H 20 18.63 -60.96 -17.77
CA PHE H 20 18.07 -60.88 -19.13
C PHE H 20 17.02 -59.77 -19.18
N ALA H 21 17.25 -58.80 -20.07
CA ALA H 21 16.33 -57.68 -20.18
C ALA H 21 16.44 -56.90 -21.48
N SER H 22 15.42 -56.08 -21.70
CA SER H 22 15.33 -55.15 -22.82
C SER H 22 15.24 -53.74 -22.23
N PRO H 23 15.45 -52.72 -23.04
CA PRO H 23 15.39 -51.34 -22.60
C PRO H 23 14.17 -51.12 -21.72
N THR H 24 13.04 -51.71 -22.12
CA THR H 24 11.79 -51.56 -21.42
C THR H 24 11.50 -52.61 -20.36
N GLN H 25 11.61 -53.90 -20.67
CA GLN H 25 11.28 -54.93 -19.69
C GLN H 25 12.50 -55.72 -19.21
N VAL H 26 12.42 -56.19 -17.98
CA VAL H 26 13.45 -57.02 -17.37
C VAL H 26 12.86 -58.38 -17.03
N PHE H 27 13.52 -59.45 -17.45
CA PHE H 27 13.01 -60.80 -17.20
C PHE H 27 13.74 -61.51 -16.08
N PHE H 28 15.06 -61.43 -16.08
CA PHE H 28 15.85 -62.05 -15.03
C PHE H 28 16.90 -61.07 -14.49
N ASN H 29 17.07 -61.07 -13.17
CA ASN H 29 18.05 -60.20 -12.55
C ASN H 29 18.86 -60.97 -11.52
N SER H 30 20.07 -61.38 -11.93
CA SER H 30 20.95 -62.13 -11.03
C SER H 30 20.26 -63.40 -10.54
N ALA H 31 19.55 -64.07 -11.44
CA ALA H 31 18.84 -65.30 -11.11
C ALA H 31 19.73 -66.52 -11.29
N ASN H 32 19.61 -67.47 -10.38
CA ASN H 32 20.41 -68.69 -10.43
C ASN H 32 19.75 -69.73 -11.35
N VAL H 33 20.06 -69.63 -12.64
CA VAL H 33 19.51 -70.54 -13.65
C VAL H 33 20.55 -71.61 -13.98
N ARG H 34 20.11 -72.81 -14.37
CA ARG H 34 21.08 -73.86 -14.68
C ARG H 34 21.62 -73.73 -16.09
N GLN H 35 20.87 -73.15 -17.02
CA GLN H 35 21.35 -72.98 -18.38
C GLN H 35 20.47 -72.06 -19.22
N VAL H 36 21.06 -71.48 -20.26
CA VAL H 36 20.37 -70.56 -21.17
C VAL H 36 20.83 -70.77 -22.61
N ASP H 37 19.89 -70.76 -23.54
CA ASP H 37 20.20 -70.92 -24.97
C ASP H 37 19.95 -69.62 -25.72
N VAL H 38 20.98 -69.05 -26.33
CA VAL H 38 20.86 -67.76 -27.01
C VAL H 38 21.30 -67.77 -28.46
N PRO H 39 20.53 -67.13 -29.32
CA PRO H 39 20.76 -67.00 -30.73
C PRO H 39 21.81 -65.93 -31.06
N THR H 40 22.93 -66.35 -31.62
CA THR H 40 24.02 -65.44 -31.98
C THR H 40 24.24 -65.40 -33.48
N GLN H 41 25.07 -64.46 -33.92
CA GLN H 41 25.41 -64.32 -35.32
C GLN H 41 26.06 -65.60 -35.86
N THR H 42 26.66 -66.34 -34.94
CA THR H 42 27.35 -67.57 -35.31
C THR H 42 26.78 -68.79 -34.57
N GLY H 43 25.56 -69.17 -34.92
CA GLY H 43 24.91 -70.33 -34.31
C GLY H 43 24.06 -69.96 -33.11
N ALA H 44 23.96 -70.89 -32.16
CA ALA H 44 23.18 -70.69 -30.95
C ALA H 44 23.89 -71.26 -29.72
N PHE H 45 24.78 -70.46 -29.16
CA PHE H 45 25.56 -70.85 -28.00
C PHE H 45 24.71 -71.19 -26.79
N GLY H 46 25.14 -72.20 -26.04
CA GLY H 46 24.42 -72.63 -24.83
C GLY H 46 25.29 -72.40 -23.60
N ILE H 47 25.10 -71.24 -22.96
CA ILE H 47 25.86 -70.88 -21.79
C ILE H 47 25.48 -71.77 -20.59
N LEU H 48 26.49 -72.39 -20.00
CA LEU H 48 26.27 -73.26 -18.83
C LEU H 48 26.79 -72.58 -17.57
N ALA H 49 26.31 -73.00 -16.42
CA ALA H 49 26.71 -72.42 -15.14
C ALA H 49 28.21 -72.13 -15.11
N ALA H 50 28.98 -72.89 -15.89
CA ALA H 50 30.42 -72.69 -15.95
C ALA H 50 30.92 -72.74 -17.39
N HIS H 51 30.95 -71.59 -18.04
CA HIS H 51 31.39 -71.49 -19.44
C HIS H 51 32.53 -70.48 -19.56
N VAL H 52 33.41 -70.67 -20.53
CA VAL H 52 34.52 -69.74 -20.72
C VAL H 52 34.02 -68.38 -21.17
N PRO H 53 34.64 -67.33 -20.66
CA PRO H 53 34.32 -65.95 -20.97
C PRO H 53 34.19 -65.71 -22.47
N THR H 54 33.23 -64.87 -22.85
CA THR H 54 32.99 -64.59 -24.27
C THR H 54 32.04 -63.41 -24.47
N LEU H 55 32.06 -62.86 -25.67
CA LEU H 55 31.19 -61.75 -26.05
C LEU H 55 30.55 -62.06 -27.41
N GLN H 56 29.24 -61.84 -27.53
CA GLN H 56 28.57 -62.10 -28.79
C GLN H 56 27.34 -61.23 -29.03
N VAL H 57 27.16 -60.93 -30.31
CA VAL H 57 26.03 -60.12 -30.80
C VAL H 57 24.87 -61.01 -31.16
N LEU H 58 23.65 -60.57 -30.85
CA LEU H 58 22.47 -61.39 -31.09
C LEU H 58 22.01 -61.38 -32.55
N ARG H 59 21.01 -62.23 -32.78
CA ARG H 59 20.40 -62.48 -34.07
C ARG H 59 18.94 -62.86 -33.79
N PRO H 60 18.04 -62.46 -34.64
CA PRO H 60 16.62 -62.78 -34.50
C PRO H 60 16.47 -64.28 -34.27
N GLY H 61 15.96 -64.66 -33.10
CA GLY H 61 15.81 -66.07 -32.78
C GLY H 61 15.04 -66.32 -31.49
N LEU H 62 15.50 -67.31 -30.72
CA LEU H 62 14.86 -67.72 -29.49
C LEU H 62 15.81 -67.87 -28.30
N VAL H 63 15.30 -67.51 -27.13
CA VAL H 63 16.03 -67.65 -25.88
C VAL H 63 15.34 -68.71 -25.02
N VAL H 64 16.14 -69.64 -24.50
CA VAL H 64 15.63 -70.73 -23.67
C VAL H 64 16.28 -70.70 -22.30
N VAL H 65 15.48 -70.51 -21.25
CA VAL H 65 16.01 -70.42 -19.90
C VAL H 65 15.64 -71.62 -19.04
N HIS H 66 16.55 -72.58 -18.94
CA HIS H 66 16.34 -73.77 -18.12
C HIS H 66 16.38 -73.40 -16.63
N ALA H 67 15.20 -73.12 -16.06
CA ALA H 67 15.11 -72.73 -14.67
C ALA H 67 15.60 -73.81 -13.72
N GLU H 68 15.67 -73.47 -12.44
CA GLU H 68 16.11 -74.37 -11.40
C GLU H 68 15.22 -75.61 -11.30
N ASP H 69 14.02 -75.54 -11.88
CA ASP H 69 13.06 -76.62 -11.73
C ASP H 69 12.37 -77.15 -12.96
N GLY H 70 13.10 -77.64 -13.95
CA GLY H 70 12.49 -78.28 -15.10
C GLY H 70 11.83 -77.36 -16.12
N THR H 71 10.66 -77.80 -16.60
CA THR H 71 9.90 -77.13 -17.62
C THR H 71 10.31 -75.66 -17.81
N THR H 72 11.28 -75.51 -18.69
CA THR H 72 11.91 -74.27 -19.10
C THR H 72 10.93 -73.24 -19.63
N SER H 73 11.36 -71.98 -19.62
CA SER H 73 10.59 -70.87 -20.15
C SER H 73 11.19 -70.37 -21.46
N LYS H 74 10.33 -70.00 -22.40
CA LYS H 74 10.77 -69.54 -23.70
C LYS H 74 10.56 -68.03 -23.89
N TYR H 75 11.36 -67.47 -24.79
CA TYR H 75 11.32 -66.05 -25.10
C TYR H 75 11.79 -65.82 -26.54
N PHE H 76 11.38 -64.71 -27.12
CA PHE H 76 11.80 -64.36 -28.47
C PHE H 76 12.60 -63.05 -28.44
N VAL H 77 13.71 -63.04 -29.17
CA VAL H 77 14.58 -61.87 -29.20
C VAL H 77 14.81 -61.39 -30.62
N SER H 78 14.85 -60.07 -30.80
CA SER H 78 15.06 -59.47 -32.10
C SER H 78 16.54 -59.26 -32.39
N SER H 79 17.29 -58.94 -31.34
CA SER H 79 18.72 -58.66 -31.47
C SER H 79 19.28 -58.16 -30.14
N GLY H 80 20.52 -57.69 -30.14
CA GLY H 80 21.11 -57.19 -28.91
C GLY H 80 22.46 -57.82 -28.62
N SER H 81 22.71 -58.14 -27.34
CA SER H 81 23.97 -58.74 -26.95
C SER H 81 23.84 -59.71 -25.80
N VAL H 82 24.89 -60.51 -25.63
CA VAL H 82 24.99 -61.49 -24.54
C VAL H 82 26.43 -61.47 -24.01
N THR H 83 26.60 -61.66 -22.71
CA THR H 83 27.95 -61.60 -22.14
C THR H 83 28.15 -62.62 -21.04
N VAL H 84 29.31 -63.26 -21.09
CA VAL H 84 29.72 -64.26 -20.10
C VAL H 84 31.09 -63.85 -19.56
N ASN H 85 31.20 -63.58 -18.27
CA ASN H 85 32.44 -63.06 -17.71
C ASN H 85 33.27 -64.09 -16.96
N ALA H 86 34.43 -63.65 -16.45
CA ALA H 86 35.32 -64.54 -15.69
C ALA H 86 34.52 -65.19 -14.56
N ASP H 87 33.77 -64.35 -13.85
CA ASP H 87 32.87 -64.82 -12.79
C ASP H 87 31.66 -65.44 -13.49
N SER H 88 30.91 -66.28 -12.79
CA SER H 88 29.77 -66.94 -13.42
C SER H 88 28.60 -65.99 -13.63
N SER H 89 28.90 -64.77 -14.07
CA SER H 89 27.83 -63.81 -14.33
C SER H 89 27.58 -63.66 -15.84
N VAL H 90 26.31 -63.74 -16.21
CA VAL H 90 25.88 -63.61 -17.59
C VAL H 90 24.80 -62.55 -17.69
N GLN H 91 24.80 -61.81 -18.80
CA GLN H 91 23.79 -60.79 -19.04
C GLN H 91 23.35 -60.77 -20.50
N LEU H 92 22.05 -60.99 -20.72
CA LEU H 92 21.50 -60.97 -22.08
C LEU H 92 20.68 -59.69 -22.25
N LEU H 93 21.00 -58.92 -23.28
CA LEU H 93 20.33 -57.65 -23.51
C LEU H 93 19.76 -57.52 -24.92
N ALA H 94 18.45 -57.61 -25.04
CA ALA H 94 17.79 -57.53 -26.34
C ALA H 94 17.09 -56.19 -26.56
N GLU H 95 17.24 -55.59 -27.73
CA GLU H 95 16.55 -54.31 -27.98
C GLU H 95 15.06 -54.52 -27.72
N GLU H 96 14.59 -55.72 -28.03
CA GLU H 96 13.22 -56.13 -27.79
C GLU H 96 13.16 -57.64 -27.58
N ALA H 97 12.52 -58.05 -26.50
CA ALA H 97 12.39 -59.46 -26.16
C ALA H 97 10.99 -59.75 -25.65
N VAL H 98 10.28 -60.65 -26.30
CA VAL H 98 8.91 -60.97 -25.91
C VAL H 98 8.69 -62.47 -25.81
N THR H 99 7.74 -62.87 -24.98
CA THR H 99 7.40 -64.29 -24.87
C THR H 99 6.53 -64.65 -26.08
N LEU H 100 6.64 -65.88 -26.56
CA LEU H 100 5.84 -66.28 -27.74
C LEU H 100 4.36 -66.00 -27.49
N ASP H 101 3.99 -66.09 -26.21
CA ASP H 101 2.63 -65.85 -25.76
C ASP H 101 1.98 -64.64 -26.40
N MET H 102 2.76 -63.67 -26.85
CA MET H 102 2.20 -62.45 -27.42
C MET H 102 2.52 -62.21 -28.88
N LEU H 103 2.79 -63.27 -29.65
CA LEU H 103 3.11 -63.11 -31.06
C LEU H 103 2.09 -63.77 -31.98
N ASP H 104 1.64 -63.04 -32.99
CA ASP H 104 0.68 -63.55 -33.96
C ASP H 104 1.40 -64.13 -35.17
N LEU H 105 1.35 -65.45 -35.32
CA LEU H 105 1.99 -66.13 -36.44
C LEU H 105 1.45 -65.62 -37.78
N GLY H 106 0.13 -65.56 -37.88
CA GLY H 106 -0.52 -65.10 -39.09
C GLY H 106 0.13 -63.86 -39.67
N ALA H 107 0.43 -62.89 -38.83
CA ALA H 107 1.05 -61.64 -39.27
C ALA H 107 2.43 -61.88 -39.87
N ALA H 108 3.29 -62.55 -39.10
CA ALA H 108 4.64 -62.85 -39.56
C ALA H 108 4.65 -63.31 -41.01
N LYS H 109 3.86 -64.33 -41.31
CA LYS H 109 3.75 -64.83 -42.68
C LYS H 109 3.51 -63.66 -43.63
N ALA H 110 2.39 -62.98 -43.41
CA ALA H 110 2.02 -61.84 -44.24
C ALA H 110 3.21 -60.89 -44.40
N ASN H 111 4.04 -60.82 -43.37
CA ASN H 111 5.21 -59.94 -43.38
C ASN H 111 6.37 -60.49 -44.17
N LEU H 112 6.65 -61.78 -44.05
CA LEU H 112 7.77 -62.37 -44.79
C LEU H 112 7.50 -62.28 -46.30
N GLU H 113 6.21 -62.36 -46.65
CA GLU H 113 5.81 -62.26 -48.05
C GLU H 113 6.21 -60.90 -48.63
N LYS H 114 5.66 -59.85 -48.05
CA LYS H 114 5.93 -58.49 -48.50
C LYS H 114 7.42 -58.24 -48.67
N ALA H 115 8.21 -58.56 -47.65
CA ALA H 115 9.65 -58.36 -47.69
C ALA H 115 10.29 -58.99 -48.91
N GLN H 116 10.07 -60.29 -49.09
CA GLN H 116 10.63 -61.00 -50.24
C GLN H 116 10.18 -60.38 -51.55
N SER H 117 9.10 -59.61 -51.50
CA SER H 117 8.56 -58.96 -52.69
C SER H 117 9.34 -57.67 -52.99
N GLU H 118 9.56 -56.86 -51.95
CA GLU H 118 10.30 -55.62 -52.11
C GLU H 118 11.71 -55.90 -52.62
N LEU H 119 12.32 -56.94 -52.08
CA LEU H 119 13.67 -57.34 -52.47
C LEU H 119 13.75 -57.56 -53.99
N LEU H 120 12.71 -58.17 -54.53
CA LEU H 120 12.61 -58.43 -55.95
C LEU H 120 12.50 -57.15 -56.76
N GLY H 121 12.24 -56.03 -56.08
CA GLY H 121 12.11 -54.75 -56.75
C GLY H 121 13.19 -53.76 -56.35
N ALA H 122 14.22 -54.23 -55.66
CA ALA H 122 15.30 -53.36 -55.21
C ALA H 122 16.65 -53.69 -55.83
N ALA H 123 17.33 -52.65 -56.29
CA ALA H 123 18.65 -52.78 -56.91
C ALA H 123 19.71 -52.17 -55.98
N ASP H 124 19.29 -51.14 -55.27
CA ASP H 124 20.14 -50.43 -54.32
C ASP H 124 20.66 -51.38 -53.26
N GLU H 125 21.97 -51.59 -53.26
CA GLU H 125 22.63 -52.45 -52.29
C GLU H 125 22.16 -52.19 -50.87
N ALA H 126 22.25 -50.93 -50.43
CA ALA H 126 21.84 -50.57 -49.08
C ALA H 126 20.36 -50.90 -48.84
N THR H 127 19.52 -50.51 -49.80
CA THR H 127 18.09 -50.78 -49.69
C THR H 127 17.85 -52.27 -49.48
N ARG H 128 18.52 -53.07 -50.31
CA ARG H 128 18.42 -54.51 -50.24
C ARG H 128 18.79 -55.03 -48.86
N ALA H 129 19.88 -54.51 -48.33
CA ALA H 129 20.35 -54.93 -47.01
C ALA H 129 19.21 -54.76 -45.98
N GLU H 130 18.59 -53.59 -46.01
CA GLU H 130 17.50 -53.30 -45.09
C GLU H 130 16.34 -54.25 -45.28
N ILE H 131 16.11 -54.68 -46.51
CA ILE H 131 15.04 -55.64 -46.78
C ILE H 131 15.48 -57.04 -46.32
N GLN H 132 16.67 -57.45 -46.74
CA GLN H 132 17.22 -58.74 -46.37
C GLN H 132 17.10 -58.98 -44.87
N ILE H 133 17.62 -58.02 -44.09
CA ILE H 133 17.56 -58.11 -42.64
C ILE H 133 16.14 -58.33 -42.14
N ARG H 134 15.20 -57.58 -42.71
CA ARG H 134 13.79 -57.71 -42.33
C ARG H 134 13.31 -59.13 -42.59
N ILE H 135 13.64 -59.64 -43.78
CA ILE H 135 13.27 -61.00 -44.16
C ILE H 135 13.76 -61.98 -43.09
N GLU H 136 15.05 -61.89 -42.77
CA GLU H 136 15.66 -62.76 -41.78
C GLU H 136 14.88 -62.76 -40.46
N ALA H 137 14.54 -61.57 -39.98
CA ALA H 137 13.81 -61.44 -38.72
C ALA H 137 12.44 -62.11 -38.81
N ASN H 138 11.61 -61.64 -39.74
CA ASN H 138 10.27 -62.20 -39.90
C ASN H 138 10.34 -63.71 -40.11
N GLU H 139 11.32 -64.16 -40.88
CA GLU H 139 11.48 -65.60 -41.12
C GLU H 139 11.69 -66.32 -39.80
N ALA H 140 12.61 -65.80 -39.01
CA ALA H 140 12.93 -66.36 -37.70
C ALA H 140 11.70 -66.43 -36.80
N LEU H 141 10.65 -65.68 -37.17
CA LEU H 141 9.43 -65.67 -36.38
C LEU H 141 8.65 -66.95 -36.49
N VAL H 142 8.78 -67.65 -37.61
CA VAL H 142 8.06 -68.90 -37.83
C VAL H 142 8.43 -69.99 -36.84
N LYS H 143 9.71 -70.11 -36.53
CA LYS H 143 10.30 -71.10 -35.68
C LYS H 143 9.58 -71.55 -34.44
N ALA H 144 9.28 -70.67 -33.49
CA ALA H 144 8.63 -71.11 -32.25
C ALA H 144 7.11 -70.91 -32.31
N LEU H 145 6.68 -70.31 -33.40
CA LEU H 145 5.25 -70.03 -33.60
C LEU H 145 4.57 -71.16 -34.37
N VAL I 1 32.47 -60.97 -42.44
CA VAL I 1 31.60 -59.78 -42.68
C VAL I 1 30.16 -60.21 -42.99
N ALA I 2 29.21 -59.36 -42.65
CA ALA I 2 27.80 -59.64 -42.92
C ALA I 2 27.35 -58.85 -44.15
N TYR I 3 26.17 -59.18 -44.68
CA TYR I 3 25.68 -58.49 -45.86
C TYR I 3 25.40 -57.03 -45.57
N TRP I 4 24.79 -56.76 -44.41
CA TRP I 4 24.46 -55.40 -44.03
C TRP I 4 25.72 -54.55 -43.91
N ARG I 5 26.79 -55.10 -43.34
CA ARG I 5 28.06 -54.38 -43.33
C ARG I 5 28.55 -54.38 -44.78
N GLN I 6 29.56 -53.61 -45.13
CA GLN I 6 30.02 -53.59 -46.53
C GLN I 6 28.98 -52.88 -47.39
N ALA I 7 27.72 -52.96 -46.95
CA ALA I 7 26.63 -52.28 -47.64
C ALA I 7 26.41 -50.89 -47.03
N GLY I 8 27.22 -50.60 -46.01
CA GLY I 8 27.15 -49.33 -45.33
C GLY I 8 26.41 -49.40 -44.00
N LEU I 9 25.61 -50.44 -43.78
CA LEU I 9 24.84 -50.54 -42.55
C LEU I 9 25.71 -50.94 -41.36
N SER I 10 25.28 -50.49 -40.19
CA SER I 10 25.93 -50.80 -38.93
C SER I 10 25.03 -51.74 -38.11
N TYR I 11 25.46 -52.16 -36.93
CA TYR I 11 24.68 -53.08 -36.13
C TYR I 11 23.49 -52.50 -35.41
N ILE I 12 23.61 -51.29 -34.87
CA ILE I 12 22.49 -50.65 -34.17
C ILE I 12 21.29 -50.57 -35.13
N ARG I 13 21.65 -50.28 -36.37
CA ARG I 13 20.71 -50.14 -37.47
C ARG I 13 20.06 -51.47 -37.81
N TYR I 14 20.82 -52.54 -37.66
CA TYR I 14 20.32 -53.90 -37.85
C TYR I 14 19.35 -54.23 -36.72
N SER I 15 19.79 -53.96 -35.49
CA SER I 15 18.98 -54.20 -34.30
C SER I 15 17.67 -53.42 -34.39
N GLN I 16 17.77 -52.23 -34.93
CA GLN I 16 16.65 -51.33 -35.17
C GLN I 16 15.58 -52.05 -36.00
N ILE I 17 16.00 -52.51 -37.17
CA ILE I 17 15.15 -53.24 -38.09
C ILE I 17 14.59 -54.51 -37.44
N CYS I 18 15.47 -55.29 -36.82
CA CYS I 18 15.04 -56.53 -36.17
C CYS I 18 14.01 -56.27 -35.10
N ALA I 19 14.26 -55.28 -34.24
CA ALA I 19 13.34 -54.96 -33.15
C ALA I 19 11.98 -54.50 -33.67
N LYS I 20 12.01 -53.71 -34.75
CA LYS I 20 10.75 -53.22 -35.32
C LYS I 20 9.93 -54.37 -35.89
N ALA I 21 10.60 -55.30 -36.57
CA ALA I 21 9.93 -56.45 -37.14
C ALA I 21 9.13 -57.19 -36.07
N VAL I 22 9.79 -57.55 -34.98
CA VAL I 22 9.13 -58.23 -33.87
C VAL I 22 7.89 -57.47 -33.42
N ARG I 23 7.94 -56.14 -33.47
CA ARG I 23 6.81 -55.30 -33.08
C ARG I 23 5.62 -55.52 -34.02
N ASP I 24 5.86 -55.27 -35.30
CA ASP I 24 4.83 -55.40 -36.31
C ASP I 24 4.20 -56.80 -36.28
N ALA I 25 4.88 -57.75 -35.66
CA ALA I 25 4.40 -59.11 -35.58
C ALA I 25 3.71 -59.41 -34.25
N LEU I 26 3.25 -58.37 -33.57
CA LEU I 26 2.53 -58.55 -32.30
C LEU I 26 1.03 -58.58 -32.57
N LYS I 27 0.23 -58.47 -31.51
CA LYS I 27 -1.23 -58.45 -31.68
C LYS I 27 -1.85 -57.39 -30.77
N THR I 28 -2.76 -56.59 -31.34
CA THR I 28 -3.40 -55.53 -30.56
C THR I 28 -3.93 -56.09 -29.24
N GLU I 29 -3.19 -55.80 -28.20
CA GLU I 29 -3.40 -56.25 -26.83
C GLU I 29 -2.03 -56.11 -26.15
N PHE I 30 -1.05 -55.93 -27.03
CA PHE I 30 0.35 -55.74 -26.71
C PHE I 30 0.94 -54.72 -27.70
N LYS I 31 0.16 -54.40 -28.72
CA LYS I 31 0.56 -53.47 -29.76
C LYS I 31 0.54 -52.04 -29.24
N ALA I 32 -0.16 -51.84 -28.12
CA ALA I 32 -0.25 -50.50 -27.52
C ALA I 32 1.11 -50.01 -27.05
N ASN I 33 1.78 -50.82 -26.24
CA ASN I 33 3.09 -50.47 -25.70
C ASN I 33 4.07 -50.07 -26.79
N ALA I 34 3.86 -50.59 -28.00
CA ALA I 34 4.76 -50.27 -29.12
C ALA I 34 4.99 -48.77 -29.23
N MET I 35 3.94 -48.00 -29.00
CA MET I 35 4.01 -46.54 -29.09
C MET I 35 4.77 -45.97 -27.89
N LYS I 36 4.45 -46.46 -26.70
CA LYS I 36 5.09 -45.99 -25.48
C LYS I 36 6.58 -46.35 -25.48
N THR I 37 7.10 -46.52 -26.69
CA THR I 37 8.49 -46.86 -26.93
C THR I 37 8.80 -46.60 -28.40
N SER I 38 9.97 -46.99 -28.88
CA SER I 38 10.33 -46.77 -30.29
C SER I 38 9.98 -45.37 -30.77
N GLY I 39 10.39 -44.35 -30.02
CA GLY I 39 10.11 -42.98 -30.38
C GLY I 39 11.01 -42.50 -31.51
N SER I 40 11.04 -41.19 -31.73
CA SER I 40 11.86 -40.59 -32.79
C SER I 40 11.94 -39.08 -32.58
N THR I 41 11.61 -38.64 -31.37
CA THR I 41 11.59 -37.23 -31.05
C THR I 41 12.90 -36.54 -31.38
N ILE I 42 14.01 -37.06 -30.88
CA ILE I 42 15.33 -36.49 -31.10
C ILE I 42 15.47 -35.83 -32.46
N LYS I 43 16.17 -34.70 -32.49
CA LYS I 43 16.41 -33.93 -33.71
C LYS I 43 17.87 -33.52 -33.81
N ILE I 44 18.43 -33.64 -35.00
CA ILE I 44 19.82 -33.31 -35.28
C ILE I 44 20.04 -31.80 -35.41
N VAL I 45 21.18 -31.35 -34.89
CA VAL I 45 21.59 -29.95 -35.01
C VAL I 45 23.07 -29.94 -35.43
N LYS I 46 23.30 -30.10 -36.73
CA LYS I 46 24.62 -30.18 -37.29
C LYS I 46 25.10 -28.89 -37.91
N VAL I 47 26.19 -28.34 -37.37
CA VAL I 47 26.74 -27.09 -37.88
C VAL I 47 28.27 -27.10 -37.80
#